data_3FZJ
#
_entry.id   3FZJ
#
_cell.length_a   204.370
_cell.length_b   204.370
_cell.length_c   336.210
_cell.angle_alpha   90.000
_cell.angle_beta   90.000
_cell.angle_gamma   90.000
#
_symmetry.space_group_name_H-M   'P 41 21 2'
#
_entity_poly.entity_id   1
_entity_poly.type   'polypeptide(L)'
_entity_poly.pdbx_seq_one_letter_code
;MLKLQTLQALICIEEVGSLRAAAQLLHLSQPALSAAIQQLEDELKAPLLVRTKRGVSLTSFGQAFMKHARLIVTESRRAQ
EEIGQLRGRWEGHITFAASPAIALAALPLALASFAREFPDVTVNVRDGMYPAVSPQLRDGTLDFALTAAHKHDIDTDLEA
QPLYVSDVVIVGQRQHPMANATRLAELQECRWAFSSAPRGPGAIIRNAFARYGLPEPKLGLVCESFLALPGVVAHSDLLT
TMPRTLYERNAFKDQLCSIPLQDALPNPTIYVLRRHDLPVTPAAAGLIRWIQHHALQTGHHHHHH
;
_entity_poly.pdbx_strand_id   A,B,C,D,E,F,G,H,I,J
#
# COMPACT_ATOMS: atom_id res chain seq x y z
CA MET A 1 48.59 10.66 -4.39
C MET A 1 47.45 9.70 -4.73
N LEU A 2 47.68 8.90 -5.77
CA LEU A 2 46.72 7.87 -6.16
C LEU A 2 46.42 6.96 -4.98
N LYS A 3 45.13 6.70 -4.74
CA LYS A 3 44.70 5.93 -3.57
C LYS A 3 45.33 4.56 -3.55
N LEU A 4 45.49 3.91 -4.70
CA LEU A 4 46.14 2.61 -4.73
C LEU A 4 47.61 2.67 -4.31
N GLN A 5 48.33 3.75 -4.67
CA GLN A 5 49.70 3.92 -4.17
C GLN A 5 49.72 4.05 -2.65
N THR A 6 48.78 4.82 -2.11
CA THR A 6 48.69 5.02 -0.65
C THR A 6 48.36 3.70 0.06
N LEU A 7 47.44 2.94 -0.53
CA LEU A 7 47.04 1.66 0.08
C LEU A 7 48.22 0.67 0.06
N GLN A 8 48.93 0.59 -1.07
CA GLN A 8 50.11 -0.28 -1.19
C GLN A 8 51.18 0.15 -0.17
N ALA A 9 51.32 1.44 0.01
CA ALA A 9 52.26 1.99 1.00
C ALA A 9 51.84 1.60 2.43
N LEU A 10 50.54 1.67 2.71
CA LEU A 10 50.04 1.31 4.02
C LEU A 10 50.29 -0.16 4.32
N ILE A 11 50.07 -1.02 3.32
CA ILE A 11 50.43 -2.42 3.47
C ILE A 11 51.93 -2.58 3.83
N CYS A 12 52.78 -1.84 3.14
CA CYS A 12 54.23 -1.91 3.36
C CYS A 12 54.59 -1.41 4.77
N ILE A 13 53.88 -0.37 5.22
CA ILE A 13 54.12 0.21 6.55
C ILE A 13 53.84 -0.82 7.64
N GLU A 14 52.75 -1.55 7.48
CA GLU A 14 52.44 -2.61 8.42
C GLU A 14 53.58 -3.64 8.47
N GLU A 15 54.20 -3.89 7.32
CA GLU A 15 55.25 -4.91 7.23
C GLU A 15 56.58 -4.41 7.79
N VAL A 16 56.99 -3.19 7.43
CA VAL A 16 58.35 -2.69 7.78
C VAL A 16 58.40 -1.74 9.01
N GLY A 17 57.23 -1.27 9.45
CA GLY A 17 57.12 -0.48 10.71
C GLY A 17 57.52 0.99 10.66
N SER A 18 57.53 1.58 9.46
CA SER A 18 58.09 2.91 9.23
C SER A 18 57.41 3.46 7.98
N LEU A 19 56.83 4.65 8.05
CA LEU A 19 56.33 5.34 6.84
C LEU A 19 57.51 5.70 5.92
N ARG A 20 58.57 6.24 6.50
CA ARG A 20 59.74 6.65 5.71
C ARG A 20 60.42 5.49 4.99
N ALA A 21 60.60 4.36 5.69
CA ALA A 21 61.20 3.20 5.03
C ALA A 21 60.29 2.69 3.92
N ALA A 22 58.97 2.67 4.16
CA ALA A 22 58.05 2.18 3.15
C ALA A 22 58.09 3.10 1.92
N ALA A 23 58.10 4.42 2.13
CA ALA A 23 58.27 5.36 1.03
C ALA A 23 59.56 5.09 0.23
N GLN A 24 60.67 4.87 0.94
CA GLN A 24 61.95 4.67 0.24
C GLN A 24 61.91 3.42 -0.63
N LEU A 25 61.34 2.35 -0.06
CA LEU A 25 61.29 1.02 -0.67
C LEU A 25 60.43 1.09 -1.94
N LEU A 26 59.32 1.80 -1.84
CA LEU A 26 58.39 1.94 -2.97
C LEU A 26 58.71 3.08 -3.95
N HIS A 27 59.83 3.76 -3.70
CA HIS A 27 60.23 4.92 -4.49
C HIS A 27 59.15 6.01 -4.51
N LEU A 28 58.58 6.31 -3.36
CA LEU A 28 57.63 7.41 -3.22
C LEU A 28 58.29 8.52 -2.41
N SER A 29 57.87 9.76 -2.66
CA SER A 29 58.27 10.88 -1.84
C SER A 29 57.78 10.71 -0.39
N GLN A 30 58.69 10.80 0.57
CA GLN A 30 58.33 10.68 1.99
C GLN A 30 57.31 11.75 2.42
N PRO A 31 57.60 13.04 2.20
CA PRO A 31 56.59 14.06 2.50
C PRO A 31 55.28 13.88 1.70
N ALA A 32 55.36 13.47 0.42
CA ALA A 32 54.12 13.19 -0.34
C ALA A 32 53.28 12.07 0.30
N LEU A 33 53.95 10.96 0.67
CA LEU A 33 53.23 9.84 1.28
C LEU A 33 52.67 10.26 2.64
N SER A 34 53.45 11.02 3.41
CA SER A 34 52.94 11.52 4.68
C SER A 34 51.63 12.33 4.50
N ALA A 35 51.64 13.27 3.54
CA ALA A 35 50.47 14.12 3.27
C ALA A 35 49.26 13.30 2.79
N ALA A 36 49.53 12.29 1.96
CA ALA A 36 48.49 11.41 1.42
C ALA A 36 47.77 10.59 2.52
N ILE A 37 48.57 10.12 3.49
CA ILE A 37 48.01 9.33 4.59
C ILE A 37 47.20 10.25 5.51
N GLN A 38 47.74 11.43 5.78
CA GLN A 38 46.97 12.44 6.53
C GLN A 38 45.62 12.73 5.84
N GLN A 39 45.64 12.90 4.53
CA GLN A 39 44.40 13.23 3.83
C GLN A 39 43.39 12.09 3.95
N LEU A 40 43.89 10.86 3.86
CA LEU A 40 43.03 9.69 4.02
C LEU A 40 42.41 9.62 5.44
N GLU A 41 43.26 9.83 6.45
CA GLU A 41 42.78 9.86 7.83
C GLU A 41 41.69 10.95 8.02
N ASP A 42 41.89 12.13 7.42
CA ASP A 42 40.86 13.18 7.49
C ASP A 42 39.54 12.75 6.86
N GLU A 43 39.61 12.09 5.71
CA GLU A 43 38.42 11.60 5.03
C GLU A 43 37.70 10.53 5.82
N LEU A 44 38.46 9.61 6.42
CA LEU A 44 37.90 8.54 7.24
C LEU A 44 37.45 9.00 8.62
N LYS A 45 37.88 10.19 9.01
CA LYS A 45 37.69 10.74 10.36
C LYS A 45 38.25 9.83 11.47
N ALA A 46 39.37 9.15 11.18
CA ALA A 46 40.11 8.40 12.22
C ALA A 46 41.56 8.18 11.78
N PRO A 47 42.48 8.07 12.75
CA PRO A 47 43.88 7.82 12.42
C PRO A 47 44.07 6.35 12.10
N LEU A 48 44.93 6.11 11.11
CA LEU A 48 45.29 4.74 10.71
C LEU A 48 46.59 4.27 11.40
N LEU A 49 47.39 5.22 11.83
CA LEU A 49 48.73 4.96 12.34
C LEU A 49 48.91 5.59 13.72
N VAL A 50 49.73 4.96 14.54
CA VAL A 50 50.16 5.54 15.82
C VAL A 50 51.66 5.40 15.88
N ARG A 51 52.32 6.46 16.35
CA ARG A 51 53.77 6.50 16.46
C ARG A 51 54.22 5.69 17.65
N THR A 52 55.32 4.97 17.43
CA THR A 52 56.00 4.21 18.45
C THR A 52 57.47 4.65 18.47
N LYS A 53 58.22 4.18 19.46
CA LYS A 53 59.65 4.46 19.49
C LYS A 53 60.30 3.77 18.29
N ARG A 54 59.75 2.58 17.94
CA ARG A 54 60.19 1.77 16.80
C ARG A 54 60.01 2.47 15.45
N GLY A 55 58.81 3.00 15.23
CA GLY A 55 58.46 3.74 14.01
C GLY A 55 56.96 4.05 14.07
N VAL A 56 56.16 3.26 13.34
CA VAL A 56 54.68 3.35 13.45
C VAL A 56 54.03 1.97 13.50
N SER A 57 52.84 1.92 14.12
CA SER A 57 51.94 0.75 14.07
C SER A 57 50.56 1.17 13.58
N LEU A 58 49.75 0.20 13.15
CA LEU A 58 48.36 0.46 12.80
C LEU A 58 47.57 0.67 14.09
N THR A 59 46.62 1.59 14.06
CA THR A 59 45.61 1.74 15.13
C THR A 59 44.56 0.63 14.99
N SER A 60 43.61 0.56 15.95
CA SER A 60 42.45 -0.33 15.80
C SER A 60 41.71 0.00 14.50
N PHE A 61 41.57 1.28 14.20
CA PHE A 61 40.91 1.69 12.96
C PHE A 61 41.71 1.20 11.76
N GLY A 62 43.04 1.33 11.82
CA GLY A 62 43.93 0.93 10.74
C GLY A 62 43.90 -0.59 10.50
N GLN A 63 43.78 -1.38 11.57
CA GLN A 63 43.67 -2.81 11.43
C GLN A 63 42.38 -3.21 10.70
N ALA A 64 41.24 -2.58 11.07
CA ALA A 64 39.97 -2.78 10.36
C ALA A 64 40.08 -2.36 8.89
N PHE A 65 40.64 -1.16 8.68
CA PHE A 65 40.75 -0.59 7.35
C PHE A 65 41.66 -1.47 6.47
N MET A 66 42.73 -1.99 7.04
CA MET A 66 43.69 -2.80 6.29
C MET A 66 43.09 -4.04 5.68
N LYS A 67 42.09 -4.63 6.34
CA LYS A 67 41.43 -5.78 5.72
C LYS A 67 40.84 -5.42 4.36
N HIS A 68 40.19 -4.26 4.29
CA HIS A 68 39.66 -3.73 3.05
C HIS A 68 40.80 -3.32 2.09
N ALA A 69 41.84 -2.65 2.61
CA ALA A 69 42.97 -2.20 1.75
C ALA A 69 43.59 -3.37 0.99
N ARG A 70 43.80 -4.48 1.70
CA ARG A 70 44.39 -5.67 1.07
C ARG A 70 43.49 -6.23 0.00
N LEU A 71 42.17 -6.27 0.27
CA LEU A 71 41.21 -6.74 -0.75
C LEU A 71 41.25 -5.85 -2.00
N ILE A 72 41.32 -4.55 -1.78
CA ILE A 72 41.30 -3.57 -2.87
C ILE A 72 42.60 -3.65 -3.69
N VAL A 73 43.74 -3.75 -3.01
CA VAL A 73 45.03 -3.88 -3.71
C VAL A 73 45.11 -5.17 -4.54
N THR A 74 44.70 -6.27 -3.92
CA THR A 74 44.62 -7.58 -4.61
C THR A 74 43.68 -7.53 -5.80
N GLU A 75 42.52 -6.89 -5.62
CA GLU A 75 41.54 -6.82 -6.68
C GLU A 75 42.05 -6.01 -7.87
N SER A 76 42.78 -4.94 -7.60
CA SER A 76 43.33 -4.13 -8.67
C SER A 76 44.36 -4.92 -9.43
N ARG A 77 45.18 -5.70 -8.73
CA ARG A 77 46.20 -6.53 -9.41
C ARG A 77 45.51 -7.63 -10.23
N ARG A 78 44.48 -8.26 -9.65
CA ARG A 78 43.70 -9.26 -10.39
C ARG A 78 43.04 -8.70 -11.66
N ALA A 79 42.48 -7.49 -11.56
CA ALA A 79 41.90 -6.80 -12.71
C ALA A 79 42.97 -6.60 -13.79
N GLN A 80 44.14 -6.08 -13.38
CA GLN A 80 45.24 -5.82 -14.34
C GLN A 80 45.73 -7.14 -14.97
N GLU A 81 45.84 -8.19 -14.16
CA GLU A 81 46.22 -9.52 -14.69
C GLU A 81 45.23 -10.06 -15.71
N GLU A 82 43.94 -9.96 -15.39
CA GLU A 82 42.89 -10.48 -16.26
C GLU A 82 42.88 -9.69 -17.57
N ILE A 83 42.91 -8.36 -17.47
CA ILE A 83 42.94 -7.52 -18.67
C ILE A 83 44.19 -7.82 -19.50
N GLY A 84 45.33 -7.98 -18.83
CA GLY A 84 46.56 -8.36 -19.52
C GLY A 84 46.39 -9.66 -20.26
N GLN A 85 45.74 -10.64 -19.63
CA GLN A 85 45.53 -11.94 -20.26
C GLN A 85 44.61 -11.83 -21.47
N LEU A 86 43.52 -11.09 -21.31
CA LEU A 86 42.56 -10.91 -22.39
C LEU A 86 43.14 -10.07 -23.53
N ARG A 87 43.80 -8.98 -23.17
CA ARG A 87 44.43 -8.11 -24.16
C ARG A 87 45.52 -8.85 -24.91
N GLY A 88 46.33 -9.62 -24.19
CA GLY A 88 47.41 -10.40 -24.81
C GLY A 88 46.95 -11.34 -25.90
N ARG A 89 45.82 -11.99 -25.67
CA ARG A 89 45.25 -12.89 -26.67
C ARG A 89 44.67 -12.15 -27.88
N TRP A 90 44.09 -10.99 -27.61
CA TRP A 90 43.56 -10.09 -28.64
C TRP A 90 44.66 -9.52 -29.52
N GLU A 91 45.64 -8.89 -28.88
CA GLU A 91 46.79 -8.27 -29.57
C GLU A 91 47.70 -9.32 -30.22
N GLY A 92 46.02 -11.33 -31.94
CA GLY A 92 46.94 -12.24 -32.65
C GLY A 92 46.47 -12.72 -34.03
N HIS A 93 45.26 -12.33 -34.43
CA HIS A 93 44.62 -12.84 -35.66
C HIS A 93 43.82 -11.75 -36.36
N ILE A 94 43.86 -11.81 -37.69
CA ILE A 94 43.05 -10.94 -38.50
C ILE A 94 42.49 -11.84 -39.58
N THR A 95 41.19 -11.74 -39.83
CA THR A 95 40.64 -12.31 -41.04
C THR A 95 39.80 -11.32 -41.84
N PHE A 96 40.13 -11.21 -43.11
CA PHE A 96 39.48 -10.23 -43.95
C PHE A 96 39.35 -10.73 -45.40
N ALA A 97 38.53 -10.02 -46.15
CA ALA A 97 38.32 -10.27 -47.58
C ALA A 97 38.80 -9.11 -48.42
N ALA A 98 39.24 -9.39 -49.64
CA ALA A 98 39.78 -8.35 -50.51
C ALA A 98 39.33 -8.56 -51.97
N SER A 99 39.03 -7.46 -52.67
CA SER A 99 38.70 -7.51 -54.10
C SER A 99 39.98 -7.55 -54.97
N PRO A 100 39.83 -7.94 -56.25
CA PRO A 100 41.00 -8.19 -57.10
C PRO A 100 41.97 -7.00 -57.20
N ALA A 101 41.49 -5.77 -57.33
CA ALA A 101 42.40 -4.62 -57.52
C ALA A 101 43.30 -4.42 -56.29
N ILE A 102 42.71 -4.64 -55.11
CA ILE A 102 43.44 -4.61 -53.85
C ILE A 102 44.39 -5.81 -53.77
N ALA A 103 43.85 -7.00 -54.00
CA ALA A 103 44.65 -8.25 -53.90
C ALA A 103 45.90 -8.26 -54.78
N LEU A 104 45.83 -7.62 -55.95
CA LEU A 104 46.93 -7.69 -56.91
C LEU A 104 47.99 -6.61 -56.85
N ALA A 105 47.65 -5.45 -56.31
CA ALA A 105 48.59 -4.33 -56.31
C ALA A 105 48.91 -3.89 -54.90
N ALA A 106 47.86 -3.52 -54.16
CA ALA A 106 48.08 -3.02 -52.79
C ALA A 106 48.54 -4.11 -51.81
N LEU A 107 47.83 -5.26 -51.80
CA LEU A 107 48.03 -6.25 -50.72
C LEU A 107 49.43 -6.80 -50.60
N PRO A 108 50.07 -7.21 -51.72
CA PRO A 108 51.37 -7.86 -51.52
C PRO A 108 52.42 -6.97 -50.86
N LEU A 109 52.46 -5.69 -51.27
CA LEU A 109 53.40 -4.76 -50.65
C LEU A 109 52.96 -4.42 -49.24
N ALA A 110 51.64 -4.28 -49.04
CA ALA A 110 51.11 -3.99 -47.70
C ALA A 110 51.33 -5.12 -46.69
N LEU A 111 51.13 -6.37 -47.12
CA LEU A 111 51.34 -7.51 -46.23
C LEU A 111 52.79 -7.63 -45.78
N ALA A 112 53.73 -7.33 -46.68
CA ALA A 112 55.15 -7.43 -46.36
C ALA A 112 55.56 -6.37 -45.33
N SER A 113 55.11 -5.13 -45.54
CA SER A 113 55.33 -4.05 -44.57
C SER A 113 54.66 -4.35 -43.25
N PHE A 114 53.40 -4.79 -43.31
CA PHE A 114 52.64 -5.12 -42.10
C PHE A 114 53.38 -6.14 -41.23
N ALA A 115 53.84 -7.22 -41.85
CA ALA A 115 54.48 -8.35 -41.18
C ALA A 115 55.79 -7.98 -40.49
N ARG A 116 56.46 -6.93 -41.00
CA ARG A 116 57.67 -6.42 -40.36
C ARG A 116 57.30 -5.73 -39.06
N GLU A 117 56.20 -4.99 -39.09
CA GLU A 117 55.71 -4.26 -37.92
C GLU A 117 54.98 -5.15 -36.91
N PHE A 118 54.21 -6.12 -37.41
CA PHE A 118 53.41 -7.00 -36.56
C PHE A 118 53.78 -8.44 -36.81
N PRO A 119 55.02 -8.82 -36.40
CA PRO A 119 55.57 -10.14 -36.70
C PRO A 119 54.80 -11.32 -36.12
N ASP A 120 54.01 -11.09 -35.08
CA ASP A 120 53.31 -12.18 -34.38
C ASP A 120 51.80 -12.28 -34.66
N VAL A 121 51.32 -11.65 -35.73
CA VAL A 121 49.90 -11.69 -36.05
C VAL A 121 49.67 -12.66 -37.20
N THR A 122 48.71 -13.56 -37.04
CA THR A 122 48.33 -14.46 -38.13
C THR A 122 47.26 -13.77 -38.97
N VAL A 123 47.52 -13.62 -40.27
CA VAL A 123 46.54 -13.03 -41.17
C VAL A 123 45.91 -14.10 -42.05
N ASN A 124 44.59 -14.02 -42.19
CA ASN A 124 43.82 -14.93 -43.02
C ASN A 124 43.11 -14.09 -44.06
N VAL A 125 43.54 -14.23 -45.32
CA VAL A 125 42.95 -13.42 -46.38
C VAL A 125 42.21 -14.28 -47.42
N ARG A 126 41.04 -13.80 -47.79
CA ARG A 126 40.22 -14.49 -48.78
C ARG A 126 39.68 -13.49 -49.79
N ASP A 127 39.14 -14.00 -50.89
CA ASP A 127 38.42 -13.21 -51.85
C ASP A 127 37.06 -12.89 -51.23
N GLY A 128 36.51 -11.75 -51.61
CA GLY A 128 35.18 -11.39 -51.15
C GLY A 128 34.68 -10.19 -51.89
N MET A 129 33.35 -10.13 -52.03
CA MET A 129 32.70 -9.02 -52.66
C MET A 129 31.43 -8.67 -51.87
N TYR A 130 31.05 -7.39 -51.90
CA TYR A 130 29.80 -6.94 -51.29
C TYR A 130 28.70 -7.13 -52.33
N PRO A 131 27.48 -7.52 -51.90
CA PRO A 131 27.00 -7.75 -50.52
C PRO A 131 27.18 -9.17 -49.97
N ALA A 132 27.84 -10.05 -50.73
CA ALA A 132 28.12 -11.40 -50.26
C ALA A 132 28.80 -11.41 -48.89
N VAL A 133 29.76 -10.52 -48.69
CA VAL A 133 30.50 -10.45 -47.41
C VAL A 133 29.65 -9.95 -46.21
N SER A 134 28.50 -9.35 -46.50
CA SER A 134 27.69 -8.69 -45.46
C SER A 134 27.31 -9.61 -44.27
N PRO A 135 26.69 -10.79 -44.52
CA PRO A 135 26.33 -11.67 -43.39
C PRO A 135 27.52 -12.15 -42.58
N GLN A 136 28.69 -12.22 -43.22
CA GLN A 136 29.92 -12.65 -42.56
C GLN A 136 30.55 -11.51 -41.76
N LEU A 137 30.47 -10.28 -42.29
CA LEU A 137 30.83 -9.08 -41.53
C LEU A 137 29.95 -8.95 -40.30
N ARG A 138 28.64 -9.18 -40.48
CA ARG A 138 27.67 -9.01 -39.40
C ARG A 138 27.75 -10.07 -38.30
N ASP A 139 27.97 -11.33 -38.67
CA ASP A 139 28.09 -12.37 -37.64
C ASP A 139 29.47 -12.39 -36.95
N GLY A 140 30.43 -11.66 -37.53
CA GLY A 140 31.74 -11.48 -36.91
C GLY A 140 32.81 -12.44 -37.38
N THR A 141 32.46 -13.33 -38.31
CA THR A 141 33.44 -14.25 -38.88
C THR A 141 34.47 -13.56 -39.78
N LEU A 142 34.12 -12.41 -40.35
CA LEU A 142 35.05 -11.60 -41.13
C LEU A 142 35.23 -10.27 -40.39
N ASP A 143 36.48 -9.92 -40.06
CA ASP A 143 36.77 -8.64 -39.36
C ASP A 143 36.49 -7.41 -40.24
N PHE A 144 37.04 -7.41 -41.44
CA PHE A 144 36.73 -6.35 -42.38
C PHE A 144 36.76 -6.90 -43.78
N ALA A 145 36.24 -6.11 -44.72
CA ALA A 145 36.36 -6.44 -46.14
C ALA A 145 36.80 -5.23 -46.95
N LEU A 146 37.61 -5.48 -47.96
CA LEU A 146 38.05 -4.42 -48.87
C LEU A 146 37.42 -4.69 -50.21
N THR A 147 36.39 -3.93 -50.54
CA THR A 147 35.54 -4.28 -51.67
C THR A 147 34.87 -3.04 -52.26
N ALA A 148 34.52 -3.12 -53.55
CA ALA A 148 33.69 -2.10 -54.15
C ALA A 148 32.28 -2.13 -53.53
N ALA A 149 31.69 -0.95 -53.40
CA ALA A 149 30.31 -0.85 -52.99
C ALA A 149 29.80 0.51 -53.42
N HIS A 150 28.47 0.66 -53.40
CA HIS A 150 27.84 1.92 -53.69
C HIS A 150 27.43 2.50 -52.36
N LYS A 151 27.96 3.68 -52.07
CA LYS A 151 27.79 4.35 -50.77
C LYS A 151 26.37 4.22 -50.20
N HIS A 152 25.36 4.55 -51.02
CA HIS A 152 23.96 4.59 -50.58
C HIS A 152 23.32 3.22 -50.37
N ASP A 153 24.00 2.16 -50.80
CA ASP A 153 23.46 0.80 -50.69
C ASP A 153 23.99 0.00 -49.50
N ILE A 154 24.97 0.56 -48.79
CA ILE A 154 25.64 -0.19 -47.73
C ILE A 154 24.77 -0.30 -46.48
N ASP A 155 24.65 -1.52 -45.95
CA ASP A 155 23.93 -1.82 -44.72
C ASP A 155 24.22 -0.78 -43.63
N THR A 156 23.18 -0.34 -42.93
CA THR A 156 23.30 0.60 -41.80
C THR A 156 24.20 0.07 -40.67
N ASP A 157 24.26 -1.26 -40.55
CA ASP A 157 25.14 -1.94 -39.60
C ASP A 157 26.65 -1.72 -39.88
N LEU A 158 26.98 -1.27 -41.08
CA LEU A 158 28.37 -1.24 -41.50
C LEU A 158 28.95 0.17 -41.57
N GLU A 159 30.20 0.30 -41.14
CA GLU A 159 31.03 1.46 -41.41
C GLU A 159 31.71 1.29 -42.79
N ALA A 160 31.81 2.37 -43.56
CA ALA A 160 32.53 2.33 -44.85
C ALA A 160 33.51 3.50 -45.03
N GLN A 161 34.78 3.18 -45.20
CA GLN A 161 35.87 4.15 -45.34
C GLN A 161 36.55 4.01 -46.73
N PRO A 162 36.47 5.06 -47.58
CA PRO A 162 37.04 4.94 -48.92
C PRO A 162 38.54 4.58 -48.92
N LEU A 163 38.92 3.69 -49.83
CA LEU A 163 40.29 3.20 -49.92
C LEU A 163 40.97 3.53 -51.25
N TYR A 164 40.25 3.30 -52.33
CA TYR A 164 40.84 3.48 -53.65
C TYR A 164 39.72 3.77 -54.63
N VAL A 165 39.96 4.70 -55.55
CA VAL A 165 39.03 4.91 -56.65
C VAL A 165 39.57 4.12 -57.85
N SER A 166 38.86 3.06 -58.21
CA SER A 166 39.32 2.11 -59.20
C SER A 166 38.87 2.51 -60.61
N ASP A 167 39.42 1.84 -61.63
CA ASP A 167 39.05 2.02 -63.04
C ASP A 167 38.46 0.69 -63.51
N VAL A 168 37.45 0.76 -64.38
CA VAL A 168 36.90 -0.40 -65.08
C VAL A 168 37.38 -0.30 -66.52
N VAL A 169 37.83 -1.42 -67.06
CA VAL A 169 38.25 -1.42 -68.48
C VAL A 169 37.49 -2.50 -69.18
N ILE A 170 37.19 -2.25 -70.46
CA ILE A 170 36.60 -3.27 -71.31
C ILE A 170 37.75 -3.99 -71.99
N VAL A 171 37.72 -5.32 -71.98
CA VAL A 171 38.83 -6.10 -72.47
C VAL A 171 38.34 -7.18 -73.41
N GLY A 172 39.10 -7.43 -74.46
CA GLY A 172 38.85 -8.60 -75.33
C GLY A 172 40.18 -9.19 -75.76
N GLN A 173 40.11 -10.27 -76.52
CA GLN A 173 41.33 -10.87 -77.06
C GLN A 173 42.05 -9.84 -77.95
N ARG A 174 43.36 -10.02 -78.10
CA ARG A 174 44.27 -9.07 -78.76
C ARG A 174 43.79 -8.65 -80.15
N GLN A 175 43.24 -9.61 -80.89
CA GLN A 175 42.78 -9.37 -82.25
C GLN A 175 41.29 -9.13 -82.38
N HIS A 176 40.59 -8.76 -81.30
CA HIS A 176 39.14 -8.65 -81.34
C HIS A 176 38.74 -7.69 -82.46
N PRO A 177 37.67 -8.03 -83.21
CA PRO A 177 37.25 -7.16 -84.32
C PRO A 177 36.93 -5.72 -83.89
N MET A 178 36.51 -5.55 -82.64
CA MET A 178 36.10 -4.24 -82.13
C MET A 178 37.20 -3.53 -81.31
N ALA A 179 38.43 -4.00 -81.42
CA ALA A 179 39.56 -3.47 -80.61
C ALA A 179 39.79 -1.97 -80.75
N ASN A 180 39.41 -1.42 -81.90
CA ASN A 180 39.59 -0.01 -82.20
C ASN A 180 38.34 0.82 -81.96
N ALA A 181 37.30 0.23 -81.38
CA ALA A 181 36.04 0.99 -81.16
C ALA A 181 36.24 2.26 -80.32
N THR A 182 35.44 3.28 -80.60
CA THR A 182 35.50 4.53 -79.86
C THR A 182 34.26 4.72 -79.00
N ARG A 183 33.15 4.11 -79.39
CA ARG A 183 31.88 4.33 -78.66
C ARG A 183 31.26 3.03 -78.16
N LEU A 184 30.62 3.09 -77.00
CA LEU A 184 29.95 1.90 -76.42
C LEU A 184 28.90 1.33 -77.38
N ALA A 185 28.17 2.21 -78.07
CA ALA A 185 27.16 1.76 -79.04
C ALA A 185 27.74 0.80 -80.08
N GLU A 186 29.02 0.97 -80.41
CA GLU A 186 29.68 0.07 -81.37
C GLU A 186 29.81 -1.36 -80.89
N LEU A 187 29.64 -1.56 -79.59
CA LEU A 187 29.79 -2.88 -79.00
C LEU A 187 28.43 -3.50 -78.72
N GLN A 188 27.34 -2.83 -79.10
CA GLN A 188 26.02 -3.22 -78.57
C GLN A 188 25.55 -4.60 -78.95
N GLU A 189 26.16 -5.15 -79.99
CA GLU A 189 25.83 -6.48 -80.44
C GLU A 189 26.85 -7.54 -80.03
N CYS A 190 27.95 -7.13 -79.38
CA CYS A 190 28.97 -8.10 -78.93
C CYS A 190 28.40 -9.00 -77.87
N ARG A 191 29.03 -10.15 -77.66
CA ARG A 191 28.63 -11.01 -76.55
C ARG A 191 29.59 -10.81 -75.38
N TRP A 192 29.03 -10.85 -74.17
CA TRP A 192 29.74 -10.49 -72.95
C TRP A 192 29.94 -11.65 -71.99
N ALA A 193 31.13 -11.70 -71.40
CA ALA A 193 31.37 -12.46 -70.17
C ALA A 193 30.99 -11.52 -69.01
N PHE A 194 29.84 -11.78 -68.38
CA PHE A 194 29.35 -10.96 -67.27
C PHE A 194 30.24 -11.24 -66.08
N SER A 195 30.95 -10.22 -65.60
CA SER A 195 31.83 -10.39 -64.47
C SER A 195 31.19 -9.90 -63.16
N SER A 196 31.81 -10.23 -62.03
CA SER A 196 31.19 -9.99 -60.72
C SER A 196 31.19 -8.50 -60.38
N ALA A 197 30.16 -8.05 -59.70
CA ALA A 197 30.02 -6.64 -59.30
C ALA A 197 29.03 -6.59 -58.15
N PRO A 198 29.12 -5.54 -57.30
CA PRO A 198 28.20 -5.40 -56.16
C PRO A 198 26.71 -5.59 -56.52
N ARG A 199 26.26 -5.10 -57.67
CA ARG A 199 24.83 -5.22 -58.01
C ARG A 199 24.46 -6.50 -58.78
N GLY A 200 25.43 -7.40 -58.92
CA GLY A 200 25.20 -8.69 -59.55
C GLY A 200 26.08 -8.86 -60.79
N PRO A 201 26.16 -10.09 -61.31
CA PRO A 201 27.01 -10.35 -62.48
C PRO A 201 26.62 -9.48 -63.66
N GLY A 202 27.62 -8.87 -64.28
CA GLY A 202 27.40 -7.99 -65.43
C GLY A 202 26.75 -6.66 -65.10
N ALA A 203 26.58 -6.32 -63.82
CA ALA A 203 25.84 -5.06 -63.51
C ALA A 203 26.49 -3.84 -64.11
N ILE A 204 27.83 -3.82 -64.16
CA ILE A 204 28.51 -2.63 -64.70
C ILE A 204 28.22 -2.38 -66.18
N ILE A 205 28.37 -3.42 -67.00
CA ILE A 205 28.14 -3.23 -68.41
C ILE A 205 26.65 -3.07 -68.71
N ARG A 206 25.78 -3.71 -67.91
CA ARG A 206 24.32 -3.55 -68.10
C ARG A 206 23.91 -2.12 -67.78
N ASN A 207 24.43 -1.60 -66.67
CA ASN A 207 24.13 -0.24 -66.32
C ASN A 207 24.74 0.82 -67.24
N ALA A 208 25.91 0.52 -67.80
CA ALA A 208 26.53 1.40 -68.79
C ALA A 208 25.70 1.40 -70.08
N PHE A 209 25.33 0.21 -70.57
CA PHE A 209 24.47 0.14 -71.75
C PHE A 209 23.20 0.95 -71.47
N ALA A 210 22.60 0.76 -70.30
CA ALA A 210 21.34 1.48 -70.04
C ALA A 210 21.51 3.02 -70.08
N ARG A 211 22.54 3.53 -69.41
CA ARG A 211 22.72 4.99 -69.32
C ARG A 211 23.02 5.60 -70.68
N TYR A 212 23.68 4.82 -71.56
CA TYR A 212 24.04 5.30 -72.89
C TYR A 212 22.91 5.08 -73.91
N GLY A 213 21.72 4.71 -73.40
CA GLY A 213 20.53 4.58 -74.22
C GLY A 213 20.45 3.31 -75.08
N LEU A 214 21.25 2.31 -74.73
CA LEU A 214 21.31 1.03 -75.49
C LEU A 214 20.41 -0.04 -74.88
N PRO A 215 20.07 -1.09 -75.66
CA PRO A 215 19.34 -2.23 -75.14
C PRO A 215 20.18 -3.01 -74.10
N GLU A 216 19.64 -4.06 -73.52
CA GLU A 216 20.44 -4.93 -72.63
C GLU A 216 21.63 -5.49 -73.41
N PRO A 217 22.83 -5.57 -72.79
CA PRO A 217 23.95 -6.26 -73.47
C PRO A 217 23.65 -7.74 -73.62
N LYS A 218 24.23 -8.35 -74.65
CA LYS A 218 23.96 -9.76 -74.94
C LYS A 218 24.82 -10.62 -74.07
N LEU A 219 24.17 -11.54 -73.37
CA LEU A 219 24.87 -12.43 -72.46
C LEU A 219 25.53 -13.60 -73.19
N GLY A 220 26.86 -13.65 -73.09
CA GLY A 220 27.65 -14.76 -73.63
C GLY A 220 27.84 -15.82 -72.58
N LEU A 221 28.38 -15.42 -71.43
CA LEU A 221 28.39 -16.29 -70.28
C LEU A 221 28.55 -15.47 -69.01
N VAL A 222 28.37 -16.14 -67.89
CA VAL A 222 28.59 -15.49 -66.60
C VAL A 222 29.89 -16.08 -66.02
N CYS A 223 30.87 -15.22 -65.74
CA CYS A 223 32.12 -15.70 -65.13
C CYS A 223 32.37 -14.96 -63.83
N GLU A 224 31.98 -15.56 -62.71
CA GLU A 224 32.11 -14.90 -61.42
C GLU A 224 33.54 -14.94 -60.90
N SER A 225 34.36 -15.83 -61.47
CA SER A 225 35.76 -15.98 -61.08
C SER A 225 36.68 -14.98 -61.80
N PHE A 226 37.26 -14.05 -61.07
CA PHE A 226 38.25 -13.16 -61.70
C PHE A 226 39.55 -13.88 -62.01
N LEU A 227 39.82 -14.98 -61.31
CA LEU A 227 41.00 -15.76 -61.63
C LEU A 227 40.88 -16.31 -63.06
N ALA A 228 39.68 -16.82 -63.38
CA ALA A 228 39.43 -17.52 -64.66
C ALA A 228 39.20 -16.51 -65.78
N LEU A 229 38.71 -15.33 -65.43
CA LEU A 229 38.21 -14.39 -66.46
C LEU A 229 39.22 -14.02 -67.61
N PRO A 230 40.45 -13.56 -67.27
CA PRO A 230 41.35 -13.14 -68.38
C PRO A 230 41.59 -14.27 -69.43
N GLY A 231 41.88 -15.47 -68.96
CA GLY A 231 42.07 -16.62 -69.87
C GLY A 231 40.83 -16.99 -70.70
N VAL A 232 39.65 -16.98 -70.07
CA VAL A 232 38.37 -17.28 -70.77
C VAL A 232 38.18 -16.29 -71.94
N VAL A 233 38.38 -15.02 -71.64
CA VAL A 233 38.34 -13.97 -72.65
C VAL A 233 39.46 -14.12 -73.70
N ALA A 234 40.68 -14.46 -73.27
CA ALA A 234 41.81 -14.56 -74.20
C ALA A 234 41.52 -15.62 -75.27
N HIS A 235 40.74 -16.63 -74.90
CA HIS A 235 40.46 -17.75 -75.79
C HIS A 235 39.05 -17.76 -76.38
N SER A 236 38.44 -16.57 -76.42
CA SER A 236 37.12 -16.40 -77.02
C SER A 236 36.98 -15.05 -77.75
N ASP A 237 35.78 -14.76 -78.26
CA ASP A 237 35.49 -13.44 -78.82
C ASP A 237 34.62 -12.62 -77.84
N LEU A 238 34.50 -13.07 -76.60
CA LEU A 238 33.70 -12.35 -75.62
C LEU A 238 34.44 -11.10 -75.20
N LEU A 239 33.67 -10.06 -74.93
CA LEU A 239 34.19 -8.90 -74.21
C LEU A 239 33.80 -9.01 -72.74
N THR A 240 34.59 -8.34 -71.90
CA THR A 240 34.21 -8.28 -70.49
C THR A 240 34.55 -6.92 -69.92
N THR A 241 34.15 -6.69 -68.67
CA THR A 241 34.73 -5.55 -67.96
C THR A 241 35.51 -6.13 -66.79
N MET A 242 36.59 -5.45 -66.43
CA MET A 242 37.41 -5.87 -65.28
C MET A 242 38.12 -4.66 -64.72
N PRO A 243 38.53 -4.72 -63.45
CA PRO A 243 39.38 -3.65 -62.90
C PRO A 243 40.65 -3.52 -63.71
N ARG A 244 41.14 -2.28 -63.88
CA ARG A 244 42.36 -2.04 -64.63
C ARG A 244 43.55 -2.78 -64.05
N THR A 245 43.59 -2.89 -62.72
CA THR A 245 44.63 -3.67 -62.07
C THR A 245 44.69 -5.11 -62.56
N LEU A 246 43.51 -5.73 -62.73
CA LEU A 246 43.48 -7.12 -63.26
C LEU A 246 43.97 -7.17 -64.72
N TYR A 247 43.59 -6.18 -65.50
CA TYR A 247 44.06 -6.08 -66.87
C TYR A 247 45.60 -5.99 -66.94
N GLU A 248 46.20 -5.23 -66.01
CA GLU A 248 47.63 -5.07 -65.96
C GLU A 248 48.35 -6.27 -65.39
N ARG A 249 47.65 -7.08 -64.58
CA ARG A 249 48.28 -8.13 -63.81
C ARG A 249 47.50 -9.44 -63.94
N ASN A 250 47.73 -10.12 -65.05
CA ASN A 250 47.09 -11.44 -65.26
C ASN A 250 48.03 -12.29 -66.13
N ALA A 251 47.76 -13.58 -66.25
CA ALA A 251 48.69 -14.47 -66.96
C ALA A 251 48.56 -14.44 -68.48
N PHE A 252 47.58 -13.70 -68.98
CA PHE A 252 47.25 -13.72 -70.39
C PHE A 252 47.43 -12.35 -71.05
N LYS A 253 48.33 -11.54 -70.49
CA LYS A 253 48.50 -10.14 -70.96
C LYS A 253 48.84 -10.04 -72.44
N ASP A 254 49.73 -10.91 -72.90
CA ASP A 254 50.12 -10.94 -74.31
C ASP A 254 48.95 -11.24 -75.26
N GLN A 255 47.84 -11.76 -74.74
CA GLN A 255 46.73 -12.19 -75.57
C GLN A 255 45.47 -11.32 -75.46
N LEU A 256 45.59 -10.18 -74.76
CA LEU A 256 44.45 -9.35 -74.44
C LEU A 256 44.74 -7.89 -74.81
N CYS A 257 43.70 -7.16 -75.17
CA CYS A 257 43.82 -5.74 -75.38
C CYS A 257 42.62 -5.07 -74.79
N SER A 258 42.86 -4.01 -74.03
CA SER A 258 41.73 -3.17 -73.58
C SER A 258 41.24 -2.36 -74.78
N ILE A 259 39.98 -1.97 -74.73
CA ILE A 259 39.36 -1.15 -75.77
C ILE A 259 39.07 0.21 -75.13
N PRO A 260 39.95 1.19 -75.39
CA PRO A 260 39.85 2.51 -74.79
C PRO A 260 38.77 3.42 -75.41
N LEU A 261 37.52 3.22 -74.99
CA LEU A 261 36.40 4.01 -75.51
C LEU A 261 36.51 5.48 -75.10
N GLN A 262 36.05 6.37 -75.97
CA GLN A 262 35.84 7.76 -75.55
C GLN A 262 34.59 7.94 -74.66
N ASP A 263 33.74 6.92 -74.58
CA ASP A 263 32.61 6.95 -73.65
C ASP A 263 33.09 6.52 -72.28
N ALA A 264 32.85 7.35 -71.26
CA ALA A 264 33.38 7.06 -69.95
C ALA A 264 32.65 5.91 -69.27
N LEU A 265 33.39 5.08 -68.53
CA LEU A 265 32.83 4.05 -67.64
C LEU A 265 33.01 4.53 -66.21
N PRO A 266 32.25 3.93 -65.25
CA PRO A 266 32.35 4.35 -63.86
C PRO A 266 33.69 4.00 -63.21
N ASN A 267 33.96 4.66 -62.09
CA ASN A 267 35.16 4.37 -61.35
C ASN A 267 34.69 3.89 -60.00
N PRO A 268 34.55 2.55 -59.81
CA PRO A 268 34.00 2.07 -58.57
C PRO A 268 34.94 2.38 -57.40
N THR A 269 34.34 2.87 -56.31
CA THR A 269 35.09 3.13 -55.08
C THR A 269 35.21 1.88 -54.26
N ILE A 270 36.45 1.53 -53.97
CA ILE A 270 36.76 0.43 -53.07
C ILE A 270 36.77 0.94 -51.62
N TYR A 271 36.01 0.29 -50.74
CA TYR A 271 35.88 0.70 -49.34
C TYR A 271 36.43 -0.34 -48.40
N VAL A 272 36.85 0.13 -47.23
CA VAL A 272 37.03 -0.73 -46.06
C VAL A 272 35.66 -0.82 -45.37
N LEU A 273 35.08 -2.03 -45.35
CA LEU A 273 33.77 -2.25 -44.73
C LEU A 273 33.90 -3.07 -43.46
N ARG A 274 33.08 -2.77 -42.45
CA ARG A 274 33.05 -3.52 -41.19
C ARG A 274 31.87 -3.08 -40.31
N ARG A 275 31.57 -3.87 -39.30
CA ARG A 275 30.50 -3.49 -38.36
C ARG A 275 30.93 -2.28 -37.55
N HIS A 276 30.10 -1.24 -37.49
CA HIS A 276 30.49 -0.04 -36.72
C HIS A 276 30.57 -0.26 -35.20
N ASP A 277 29.70 -1.14 -34.68
CA ASP A 277 29.65 -1.41 -33.25
C ASP A 277 30.88 -2.19 -32.72
N LEU A 278 31.63 -2.82 -33.61
CA LEU A 278 32.65 -3.81 -33.27
C LEU A 278 34.06 -3.20 -33.13
N PRO A 279 34.69 -3.33 -31.95
CA PRO A 279 36.05 -2.83 -31.71
C PRO A 279 37.10 -3.43 -32.65
N VAL A 280 38.11 -2.63 -33.02
CA VAL A 280 39.12 -3.02 -34.01
C VAL A 280 40.47 -3.22 -33.32
N THR A 281 41.14 -4.35 -33.59
CA THR A 281 42.45 -4.59 -32.98
C THR A 281 43.49 -3.57 -33.52
N PRO A 282 44.55 -3.29 -32.73
CA PRO A 282 45.67 -2.49 -33.23
C PRO A 282 46.27 -3.02 -34.54
N ALA A 283 46.43 -4.34 -34.65
CA ALA A 283 47.02 -4.96 -35.82
C ALA A 283 46.12 -4.75 -37.04
N ALA A 284 44.81 -4.92 -36.86
CA ALA A 284 43.87 -4.70 -37.96
C ALA A 284 43.95 -3.24 -38.38
N ALA A 285 43.96 -2.34 -37.41
CA ALA A 285 44.17 -0.93 -37.71
C ALA A 285 45.48 -0.71 -38.50
N GLY A 286 46.55 -1.35 -38.04
CA GLY A 286 47.86 -1.21 -38.70
C GLY A 286 47.88 -1.76 -40.12
N LEU A 287 47.22 -2.89 -40.32
CA LEU A 287 47.13 -3.46 -41.68
C LEU A 287 46.36 -2.54 -42.63
N ILE A 288 45.28 -1.96 -42.14
CA ILE A 288 44.47 -1.08 -42.96
C ILE A 288 45.30 0.16 -43.30
N ARG A 289 46.08 0.65 -42.34
CA ARG A 289 46.98 1.76 -42.62
C ARG A 289 47.98 1.42 -43.74
N TRP A 290 48.60 0.24 -43.64
CA TRP A 290 49.53 -0.21 -44.69
C TRP A 290 48.88 -0.39 -46.05
N ILE A 291 47.66 -0.94 -46.07
CA ILE A 291 46.89 -1.09 -47.32
C ILE A 291 46.58 0.29 -47.92
N GLN A 292 46.13 1.23 -47.08
CA GLN A 292 45.90 2.61 -47.50
C GLN A 292 47.19 3.23 -48.10
N HIS A 293 48.32 3.03 -47.42
CA HIS A 293 49.60 3.58 -47.90
C HIS A 293 49.94 3.11 -49.31
N HIS A 294 49.71 1.82 -49.57
CA HIS A 294 50.00 1.25 -50.86
C HIS A 294 48.84 1.35 -51.87
N ALA A 295 47.73 1.99 -51.50
CA ALA A 295 46.60 2.17 -52.44
C ALA A 295 46.47 3.62 -52.95
N LEU A 296 47.59 4.18 -53.35
CA LEU A 296 47.67 5.52 -53.92
C LEU A 296 48.88 5.53 -54.84
N MET B 1 47.38 3.47 -13.39
CA MET B 1 46.69 3.03 -12.16
C MET B 1 45.23 3.46 -12.18
N LEU B 2 44.34 2.57 -11.76
CA LEU B 2 42.91 2.84 -11.68
C LEU B 2 42.54 3.99 -10.73
N LYS B 3 41.50 4.74 -11.09
CA LYS B 3 40.95 5.82 -10.26
C LYS B 3 39.50 5.48 -9.85
N LEU B 4 39.23 5.47 -8.53
CA LEU B 4 37.94 5.01 -7.98
C LEU B 4 36.72 5.73 -8.55
N GLN B 5 36.81 7.05 -8.68
CA GLN B 5 35.72 7.85 -9.25
C GLN B 5 35.38 7.38 -10.67
N THR B 6 36.39 7.01 -11.44
CA THR B 6 36.14 6.55 -12.81
C THR B 6 35.43 5.21 -12.81
N LEU B 7 35.77 4.34 -11.86
CA LEU B 7 35.07 3.05 -11.76
C LEU B 7 33.58 3.27 -11.52
N GLN B 8 33.28 4.16 -10.60
CA GLN B 8 31.90 4.49 -10.28
C GLN B 8 31.20 5.05 -11.52
N ALA B 9 31.91 5.87 -12.27
CA ALA B 9 31.35 6.46 -13.49
C ALA B 9 31.01 5.39 -14.53
N LEU B 10 31.90 4.41 -14.65
CA LEU B 10 31.68 3.30 -15.58
C LEU B 10 30.47 2.45 -15.21
N ILE B 11 30.33 2.18 -13.91
CA ILE B 11 29.15 1.48 -13.42
C ILE B 11 27.87 2.24 -13.75
N CYS B 12 27.89 3.56 -13.51
CA CYS B 12 26.74 4.40 -13.88
C CYS B 12 26.46 4.35 -15.38
N ILE B 13 27.50 4.42 -16.20
CA ILE B 13 27.35 4.33 -17.66
C ILE B 13 26.64 3.03 -18.05
N GLU B 14 27.11 1.93 -17.48
CA GLU B 14 26.53 0.60 -17.71
C GLU B 14 25.05 0.53 -17.29
N GLU B 15 24.73 1.13 -16.16
CA GLU B 15 23.35 1.16 -15.66
C GLU B 15 22.37 1.82 -16.63
N VAL B 16 22.79 2.91 -17.26
CA VAL B 16 21.88 3.75 -18.05
C VAL B 16 22.07 3.67 -19.57
N GLY B 17 23.21 3.14 -20.01
CA GLY B 17 23.46 2.84 -21.42
C GLY B 17 23.83 3.99 -22.35
N SER B 18 24.07 5.17 -21.80
CA SER B 18 24.48 6.32 -22.60
C SER B 18 25.52 7.16 -21.86
N LEU B 19 26.41 7.80 -22.61
CA LEU B 19 27.34 8.76 -22.00
C LEU B 19 26.56 9.99 -21.51
N ARG B 20 25.72 10.54 -22.40
CA ARG B 20 24.90 11.72 -22.08
C ARG B 20 24.00 11.50 -20.87
N ALA B 21 23.36 10.33 -20.80
CA ALA B 21 22.47 9.98 -19.70
C ALA B 21 23.22 9.83 -18.37
N ALA B 22 24.42 9.23 -18.45
CA ALA B 22 25.26 9.05 -17.27
C ALA B 22 25.80 10.40 -16.78
N ALA B 23 26.33 11.21 -17.69
CA ALA B 23 26.85 12.53 -17.37
C ALA B 23 25.85 13.37 -16.57
N GLN B 24 24.58 13.31 -16.95
CA GLN B 24 23.50 14.02 -16.26
C GLN B 24 23.42 13.58 -14.79
N LEU B 25 23.43 12.27 -14.58
CA LEU B 25 23.32 11.68 -13.25
C LEU B 25 24.50 12.03 -12.35
N LEU B 26 25.71 12.06 -12.91
CA LEU B 26 26.92 12.31 -12.15
C LEU B 26 27.27 13.80 -12.02
N HIS B 27 26.38 14.66 -12.53
CA HIS B 27 26.59 16.11 -12.49
C HIS B 27 27.92 16.50 -13.14
N LEU B 28 28.13 16.04 -14.37
CA LEU B 28 29.39 16.29 -15.06
C LEU B 28 29.18 16.66 -16.52
N SER B 29 30.15 17.40 -17.06
CA SER B 29 30.18 17.73 -18.48
C SER B 29 30.20 16.48 -19.35
N GLN B 30 29.37 16.52 -20.38
CA GLN B 30 29.26 15.43 -21.37
C GLN B 30 30.60 15.00 -21.99
N PRO B 31 31.53 15.95 -22.23
CA PRO B 31 32.90 15.57 -22.56
C PRO B 31 33.78 15.18 -21.36
N ALA B 32 33.52 15.77 -20.19
CA ALA B 32 34.34 15.48 -19.01
C ALA B 32 34.29 14.00 -18.64
N LEU B 33 33.09 13.42 -18.73
CA LEU B 33 32.92 11.98 -18.53
C LEU B 33 33.80 11.19 -19.51
N SER B 34 33.73 11.55 -20.79
CA SER B 34 34.57 10.90 -21.81
C SER B 34 36.07 10.98 -21.50
N ALA B 35 36.54 12.17 -21.11
CA ALA B 35 37.94 12.35 -20.69
C ALA B 35 38.36 11.29 -19.66
N ALA B 36 37.55 11.12 -18.62
CA ALA B 36 37.81 10.17 -17.54
C ALA B 36 37.79 8.72 -18.05
N ILE B 37 36.76 8.38 -18.82
CA ILE B 37 36.67 7.03 -19.38
C ILE B 37 37.82 6.76 -20.34
N GLN B 38 38.09 7.72 -21.24
CA GLN B 38 39.19 7.60 -22.19
C GLN B 38 40.53 7.44 -21.46
N GLN B 39 40.66 8.07 -20.29
CA GLN B 39 41.85 7.94 -19.45
C GLN B 39 42.03 6.51 -18.98
N LEU B 40 40.93 5.92 -18.52
CA LEU B 40 40.96 4.53 -18.09
C LEU B 40 41.28 3.58 -19.25
N GLU B 41 40.68 3.84 -20.41
CA GLU B 41 40.91 3.00 -21.58
C GLU B 41 42.34 3.17 -22.11
N ASP B 42 42.79 4.42 -22.21
CA ASP B 42 44.13 4.72 -22.77
C ASP B 42 45.16 3.97 -21.97
N GLU B 43 45.00 3.99 -20.66
CA GLU B 43 45.95 3.32 -19.80
C GLU B 43 45.87 1.81 -19.80
N LEU B 44 44.65 1.25 -19.71
CA LEU B 44 44.44 -0.20 -19.85
C LEU B 44 44.87 -0.70 -21.21
N LYS B 45 45.04 0.26 -22.13
CA LYS B 45 45.31 -0.01 -23.55
C LYS B 45 44.27 -0.97 -24.13
N ALA B 46 43.02 -0.81 -23.68
CA ALA B 46 41.91 -1.62 -24.17
C ALA B 46 40.65 -0.79 -24.15
N PRO B 47 39.85 -0.86 -25.23
CA PRO B 47 38.55 -0.18 -25.28
C PRO B 47 37.54 -0.85 -24.33
N LEU B 48 36.84 -0.07 -23.52
CA LEU B 48 35.84 -0.61 -22.57
C LEU B 48 34.43 -0.46 -23.07
N LEU B 49 34.22 0.55 -23.91
CA LEU B 49 32.91 0.89 -24.43
C LEU B 49 32.89 0.91 -25.95
N VAL B 50 31.71 0.66 -26.50
CA VAL B 50 31.46 0.82 -27.94
C VAL B 50 30.18 1.61 -28.15
N ARG B 51 30.25 2.58 -29.06
CA ARG B 51 29.07 3.34 -29.48
C ARG B 51 28.08 2.42 -30.20
N THR B 52 26.86 2.37 -29.70
CA THR B 52 25.76 1.64 -30.37
C THR B 52 24.68 2.64 -30.83
N LYS B 53 23.67 2.15 -31.52
CA LYS B 53 22.53 2.98 -31.89
C LYS B 53 21.83 3.51 -30.63
N ARG B 54 21.76 2.67 -29.60
CA ARG B 54 21.07 3.01 -28.37
C ARG B 54 21.96 3.72 -27.32
N GLY B 55 23.23 3.92 -27.64
CA GLY B 55 24.14 4.67 -26.76
C GLY B 55 25.54 4.09 -26.75
N VAL B 56 25.92 3.54 -25.61
CA VAL B 56 27.15 2.75 -25.50
C VAL B 56 26.88 1.39 -24.91
N SER B 57 27.73 0.44 -25.27
CA SER B 57 27.69 -0.90 -24.71
C SER B 57 29.12 -1.26 -24.28
N LEU B 58 29.26 -2.17 -23.33
CA LEU B 58 30.60 -2.65 -22.96
C LEU B 58 31.16 -3.57 -24.01
N THR B 59 32.44 -3.40 -24.32
CA THR B 59 33.19 -4.36 -25.11
C THR B 59 33.37 -5.63 -24.28
N SER B 60 33.96 -6.67 -24.87
CA SER B 60 34.37 -7.87 -24.14
C SER B 60 35.26 -7.48 -22.96
N PHE B 61 36.20 -6.56 -23.19
CA PHE B 61 37.09 -6.10 -22.12
C PHE B 61 36.28 -5.42 -21.01
N GLY B 62 35.35 -4.55 -21.39
CA GLY B 62 34.43 -3.90 -20.44
C GLY B 62 33.59 -4.84 -19.59
N GLN B 63 33.04 -5.88 -20.22
CA GLN B 63 32.24 -6.85 -19.48
C GLN B 63 33.08 -7.57 -18.44
N ALA B 64 34.28 -8.01 -18.84
CA ALA B 64 35.22 -8.67 -17.93
C ALA B 64 35.64 -7.76 -16.77
N PHE B 65 35.89 -6.50 -17.09
CA PHE B 65 36.32 -5.50 -16.11
C PHE B 65 35.24 -5.14 -15.07
N MET B 66 33.97 -5.16 -15.48
CA MET B 66 32.87 -4.77 -14.61
C MET B 66 32.79 -5.54 -13.30
N LYS B 67 33.02 -6.85 -13.31
CA LYS B 67 32.90 -7.63 -12.06
C LYS B 67 33.92 -7.12 -11.05
N HIS B 68 35.14 -6.81 -11.54
CA HIS B 68 36.18 -6.23 -10.69
C HIS B 68 35.84 -4.81 -10.24
N ALA B 69 35.37 -3.96 -11.17
CA ALA B 69 34.94 -2.60 -10.83
C ALA B 69 33.90 -2.57 -9.71
N ARG B 70 32.88 -3.42 -9.84
CA ARG B 70 31.79 -3.49 -8.87
C ARG B 70 32.29 -3.93 -7.50
N LEU B 71 33.16 -4.93 -7.45
CA LEU B 71 33.69 -5.40 -6.14
C LEU B 71 34.53 -4.30 -5.50
N ILE B 72 35.40 -3.69 -6.30
CA ILE B 72 36.20 -2.55 -5.80
C ILE B 72 35.34 -1.41 -5.25
N VAL B 73 34.37 -0.96 -6.02
CA VAL B 73 33.49 0.12 -5.57
C VAL B 73 32.66 -0.26 -4.34
N THR B 74 32.04 -1.44 -4.36
CA THR B 74 31.20 -1.85 -3.23
C THR B 74 32.03 -2.12 -1.94
N GLU B 75 33.21 -2.72 -2.10
CA GLU B 75 34.14 -2.90 -0.95
C GLU B 75 34.60 -1.57 -0.39
N SER B 76 34.90 -0.59 -1.25
CA SER B 76 35.28 0.74 -0.79
C SER B 76 34.14 1.36 0.04
N ARG B 77 32.90 1.20 -0.42
CA ARG B 77 31.76 1.73 0.30
C ARG B 77 31.55 0.98 1.62
N ARG B 78 31.64 -0.35 1.59
CA ARG B 78 31.53 -1.12 2.85
C ARG B 78 32.63 -0.78 3.86
N ALA B 79 33.86 -0.53 3.38
CA ALA B 79 34.96 -0.11 4.24
C ALA B 79 34.57 1.15 5.03
N GLN B 80 34.08 2.16 4.30
CA GLN B 80 33.67 3.44 4.90
C GLN B 80 32.51 3.24 5.87
N GLU B 81 31.53 2.44 5.46
CA GLU B 81 30.33 2.23 6.29
C GLU B 81 30.69 1.52 7.58
N GLU B 82 31.54 0.50 7.48
CA GLU B 82 31.98 -0.21 8.65
C GLU B 82 32.68 0.71 9.65
N ILE B 83 33.59 1.53 9.15
CA ILE B 83 34.29 2.49 10.05
C ILE B 83 33.32 3.40 10.80
N GLY B 84 32.31 3.91 10.07
CA GLY B 84 31.25 4.70 10.69
C GLY B 84 30.52 3.91 11.77
N GLN B 85 30.17 2.67 11.46
CA GLN B 85 29.47 1.83 12.43
C GLN B 85 30.33 1.54 13.66
N LEU B 86 31.63 1.34 13.46
CA LEU B 86 32.52 1.10 14.59
C LEU B 86 32.63 2.33 15.51
N ARG B 87 32.30 3.51 14.96
CA ARG B 87 32.21 4.73 15.79
C ARG B 87 30.80 5.02 16.29
N GLY B 88 29.88 4.10 16.05
CA GLY B 88 28.49 4.22 16.52
C GLY B 88 27.62 5.11 15.65
N ARG B 89 28.09 5.40 14.43
CA ARG B 89 27.26 6.03 13.40
C ARG B 89 26.68 4.91 12.55
N TRP B 90 25.46 4.48 12.92
CA TRP B 90 24.83 3.31 12.33
C TRP B 90 24.07 3.73 11.08
N GLU B 91 24.84 3.99 10.03
CA GLU B 91 24.31 4.32 8.75
C GLU B 91 24.98 3.40 7.77
N GLY B 92 24.88 3.10 6.57
CA GLY B 92 25.39 2.21 5.54
C GLY B 92 24.26 1.49 4.86
N HIS B 93 24.63 0.49 4.07
CA HIS B 93 23.68 -0.22 3.23
C HIS B 93 23.97 -1.69 3.41
N ILE B 94 22.91 -2.48 3.40
CA ILE B 94 23.05 -3.91 3.35
C ILE B 94 22.08 -4.38 2.26
N THR B 95 22.59 -5.21 1.34
CA THR B 95 21.72 -5.77 0.30
C THR B 95 21.79 -7.27 0.39
N PHE B 96 20.65 -7.96 0.47
CA PHE B 96 20.66 -9.40 0.66
C PHE B 96 19.44 -10.09 -0.01
N ALA B 97 19.53 -11.40 -0.22
CA ALA B 97 18.46 -12.16 -0.87
C ALA B 97 17.93 -13.17 0.13
N ALA B 98 16.64 -13.52 0.03
CA ALA B 98 16.08 -14.53 0.92
C ALA B 98 15.16 -15.50 0.19
N SER B 99 15.12 -16.73 0.71
CA SER B 99 14.23 -17.82 0.25
C SER B 99 12.84 -17.73 0.91
N PRO B 100 11.84 -18.46 0.39
CA PRO B 100 10.45 -18.30 0.86
C PRO B 100 10.22 -18.61 2.32
N ALA B 101 10.77 -19.70 2.85
CA ALA B 101 10.55 -20.00 4.27
C ALA B 101 11.06 -18.88 5.20
N ILE B 102 12.23 -18.37 4.89
CA ILE B 102 12.83 -17.25 5.63
C ILE B 102 12.00 -15.97 5.46
N ALA B 103 11.65 -15.63 4.22
CA ALA B 103 10.97 -14.38 3.90
C ALA B 103 9.62 -14.28 4.60
N LEU B 104 8.95 -15.42 4.79
CA LEU B 104 7.59 -15.43 5.33
C LEU B 104 7.46 -15.57 6.83
N ALA B 105 8.54 -15.95 7.51
CA ALA B 105 8.41 -16.22 8.92
C ALA B 105 9.47 -15.43 9.67
N ALA B 106 10.74 -15.78 9.46
CA ALA B 106 11.85 -15.13 10.20
C ALA B 106 12.07 -13.67 9.81
N LEU B 107 11.95 -13.37 8.52
CA LEU B 107 12.35 -12.07 8.04
C LEU B 107 11.54 -10.86 8.56
N PRO B 108 10.18 -10.94 8.60
CA PRO B 108 9.42 -9.78 9.10
C PRO B 108 9.80 -9.41 10.53
N LEU B 109 9.97 -10.44 11.38
CA LEU B 109 10.36 -10.21 12.76
C LEU B 109 11.81 -9.72 12.86
N ALA B 110 12.69 -10.30 12.06
CA ALA B 110 14.12 -9.94 12.14
C ALA B 110 14.37 -8.53 11.64
N LEU B 111 13.70 -8.15 10.54
CA LEU B 111 13.92 -6.79 10.03
C LEU B 111 13.40 -5.75 11.01
N ALA B 112 12.25 -6.03 11.63
CA ALA B 112 11.68 -5.15 12.66
C ALA B 112 12.67 -5.00 13.82
N SER B 113 13.26 -6.12 14.26
CA SER B 113 14.22 -6.08 15.39
C SER B 113 15.49 -5.33 15.03
N PHE B 114 16.01 -5.63 13.85
CA PHE B 114 17.18 -4.95 13.33
C PHE B 114 16.95 -3.44 13.20
N ALA B 115 15.80 -3.05 12.67
CA ALA B 115 15.49 -1.62 12.49
C ALA B 115 15.40 -0.85 13.82
N ARG B 116 14.87 -1.51 14.86
CA ARG B 116 14.87 -0.92 16.21
C ARG B 116 16.29 -0.69 16.73
N GLU B 117 17.20 -1.62 16.48
CA GLU B 117 18.57 -1.49 16.97
C GLU B 117 19.45 -0.59 16.09
N PHE B 118 19.25 -0.65 14.76
CA PHE B 118 20.10 0.12 13.84
C PHE B 118 19.18 0.90 12.89
N PRO B 119 18.52 1.95 13.42
CA PRO B 119 17.53 2.70 12.65
C PRO B 119 18.03 3.40 11.40
N ASP B 120 19.32 3.71 11.31
CA ASP B 120 19.83 4.50 10.18
C ASP B 120 20.55 3.68 9.07
N VAL B 121 20.52 2.35 9.16
CA VAL B 121 21.10 1.51 8.10
C VAL B 121 20.03 1.24 7.05
N THR B 122 20.41 1.34 5.78
CA THR B 122 19.48 1.12 4.67
C THR B 122 19.58 -0.31 4.19
N VAL B 123 18.45 -1.03 4.25
CA VAL B 123 18.42 -2.45 3.95
C VAL B 123 17.64 -2.63 2.66
N ASN B 124 18.16 -3.48 1.78
CA ASN B 124 17.52 -3.80 0.50
C ASN B 124 17.34 -5.33 0.45
N VAL B 125 16.09 -5.79 0.42
CA VAL B 125 15.86 -7.23 0.39
C VAL B 125 15.24 -7.68 -0.93
N ARG B 126 15.73 -8.79 -1.44
CA ARG B 126 15.20 -9.32 -2.67
C ARG B 126 15.00 -10.81 -2.54
N ASP B 127 14.29 -11.41 -3.50
CA ASP B 127 14.26 -12.87 -3.62
C ASP B 127 15.57 -13.36 -4.19
N GLY B 128 15.95 -14.57 -3.82
CA GLY B 128 17.12 -15.15 -4.46
C GLY B 128 17.33 -16.58 -4.03
N MET B 129 17.99 -17.33 -4.91
CA MET B 129 18.30 -18.72 -4.66
C MET B 129 19.70 -19.08 -5.15
N TYR B 130 20.37 -19.99 -4.46
CA TYR B 130 21.63 -20.58 -4.94
C TYR B 130 21.31 -21.56 -6.05
N PRO B 131 22.12 -21.60 -7.12
CA PRO B 131 23.36 -20.84 -7.39
C PRO B 131 23.19 -19.54 -8.14
N ALA B 132 21.95 -19.14 -8.45
CA ALA B 132 21.74 -17.88 -9.20
C ALA B 132 22.41 -16.68 -8.51
N VAL B 133 22.43 -16.71 -7.17
CA VAL B 133 22.99 -15.58 -6.42
C VAL B 133 24.52 -15.48 -6.48
N SER B 134 25.21 -16.53 -6.94
CA SER B 134 26.68 -16.62 -6.76
C SER B 134 27.47 -15.45 -7.38
N PRO B 135 27.13 -15.05 -8.61
CA PRO B 135 27.90 -13.95 -9.23
C PRO B 135 27.77 -12.60 -8.50
N GLN B 136 26.60 -12.36 -7.91
CA GLN B 136 26.33 -11.15 -7.12
C GLN B 136 26.98 -11.21 -5.73
N LEU B 137 27.10 -12.40 -5.15
CA LEU B 137 27.97 -12.53 -3.98
C LEU B 137 29.45 -12.23 -4.39
N ARG B 138 29.88 -12.71 -5.55
CA ARG B 138 31.31 -12.57 -5.90
C ARG B 138 31.72 -11.16 -6.27
N ASP B 139 30.80 -10.40 -6.87
CA ASP B 139 31.14 -9.03 -7.31
C ASP B 139 30.79 -7.98 -6.26
N GLY B 140 30.31 -8.46 -5.09
CA GLY B 140 29.99 -7.59 -3.93
C GLY B 140 28.68 -6.82 -3.98
N THR B 141 27.87 -7.03 -5.03
CA THR B 141 26.57 -6.34 -5.12
C THR B 141 25.48 -6.92 -4.18
N LEU B 142 25.65 -8.18 -3.78
CA LEU B 142 24.77 -8.84 -2.80
C LEU B 142 25.66 -9.19 -1.60
N ASP B 143 25.31 -8.71 -0.40
CA ASP B 143 26.17 -8.95 0.77
C ASP B 143 26.06 -10.35 1.36
N PHE B 144 24.87 -10.94 1.25
CA PHE B 144 24.70 -12.33 1.61
C PHE B 144 23.39 -12.85 1.03
N ALA B 145 23.27 -14.18 0.95
CA ALA B 145 21.99 -14.80 0.54
C ALA B 145 21.55 -15.85 1.54
N LEU B 146 20.26 -15.86 1.86
CA LEU B 146 19.70 -16.84 2.79
C LEU B 146 18.94 -17.84 1.95
N THR B 147 19.55 -19.00 1.72
CA THR B 147 19.03 -19.84 0.65
C THR B 147 19.32 -21.27 0.97
N ALA B 148 18.49 -22.19 0.46
CA ALA B 148 18.85 -23.60 0.53
C ALA B 148 20.06 -23.88 -0.35
N ALA B 149 20.83 -24.90 0.03
CA ALA B 149 21.99 -25.35 -0.73
C ALA B 149 22.39 -26.71 -0.18
N HIS B 150 23.13 -27.46 -0.98
CA HIS B 150 23.70 -28.71 -0.52
C HIS B 150 25.15 -28.43 -0.15
N LYS B 151 25.42 -28.60 1.15
CA LYS B 151 26.75 -28.49 1.77
C LYS B 151 27.89 -28.79 0.79
N HIS B 152 27.90 -30.01 0.28
CA HIS B 152 29.02 -30.51 -0.52
C HIS B 152 29.21 -29.82 -1.87
N ASP B 153 28.15 -29.24 -2.39
CA ASP B 153 28.13 -28.66 -3.73
C ASP B 153 28.81 -27.30 -3.78
N ILE B 154 28.63 -26.52 -2.71
CA ILE B 154 28.92 -25.07 -2.69
C ILE B 154 30.35 -24.76 -3.12
N ASP B 155 30.49 -23.81 -4.02
CA ASP B 155 31.79 -23.38 -4.53
C ASP B 155 32.74 -23.01 -3.39
N THR B 156 34.01 -23.33 -3.60
CA THR B 156 35.02 -23.22 -2.55
C THR B 156 35.32 -21.79 -2.02
N ASP B 157 35.05 -20.77 -2.83
CA ASP B 157 35.28 -19.39 -2.43
C ASP B 157 34.10 -18.80 -1.64
N LEU B 158 33.04 -19.60 -1.47
CA LEU B 158 31.87 -19.22 -0.69
C LEU B 158 31.89 -19.84 0.71
N GLU B 159 31.30 -19.14 1.66
CA GLU B 159 31.17 -19.60 3.03
C GLU B 159 29.67 -19.86 3.25
N ALA B 160 29.33 -20.91 3.98
CA ALA B 160 27.91 -21.27 4.19
C ALA B 160 27.65 -21.55 5.66
N GLN B 161 26.93 -20.68 6.35
CA GLN B 161 26.60 -20.93 7.75
C GLN B 161 25.16 -21.39 7.91
N PRO B 162 24.94 -22.54 8.57
CA PRO B 162 23.56 -23.08 8.64
C PRO B 162 22.60 -22.12 9.34
N LEU B 163 21.40 -21.95 8.81
CA LEU B 163 20.42 -21.00 9.35
C LEU B 163 19.14 -21.71 9.83
N TYR B 164 18.60 -22.61 9.02
CA TYR B 164 17.29 -23.20 9.35
C TYR B 164 17.16 -24.55 8.65
N VAL B 165 16.61 -25.56 9.31
CA VAL B 165 16.31 -26.81 8.59
C VAL B 165 14.82 -26.80 8.24
N SER B 166 14.51 -26.69 6.94
CA SER B 166 13.11 -26.55 6.52
C SER B 166 12.40 -27.92 6.41
N ASP B 167 11.09 -27.89 6.13
CA ASP B 167 10.21 -29.05 6.05
C ASP B 167 9.54 -28.90 4.69
N VAL B 168 9.53 -29.97 3.90
CA VAL B 168 8.90 -29.98 2.58
C VAL B 168 7.57 -30.73 2.75
N VAL B 169 6.48 -30.19 2.20
CA VAL B 169 5.21 -30.93 2.12
C VAL B 169 4.74 -30.96 0.69
N ILE B 170 3.90 -31.95 0.39
CA ILE B 170 3.30 -32.04 -0.92
C ILE B 170 1.88 -31.51 -0.76
N VAL B 171 1.49 -30.64 -1.68
CA VAL B 171 0.26 -29.88 -1.54
C VAL B 171 -0.58 -30.01 -2.81
N GLY B 172 -1.90 -30.15 -2.65
CA GLY B 172 -2.83 -30.06 -3.80
C GLY B 172 -4.07 -29.24 -3.45
N GLN B 173 -4.97 -29.04 -4.41
CA GLN B 173 -6.24 -28.35 -4.07
C GLN B 173 -6.99 -29.17 -3.02
N ARG B 174 -7.86 -28.52 -2.24
CA ARG B 174 -8.57 -29.18 -1.12
C ARG B 174 -9.32 -30.48 -1.45
N GLN B 175 -9.86 -30.55 -2.66
CA GLN B 175 -10.73 -31.67 -3.06
C GLN B 175 -10.01 -32.51 -4.11
N HIS B 176 -8.68 -32.49 -4.07
CA HIS B 176 -7.85 -33.24 -5.01
C HIS B 176 -8.21 -34.73 -4.97
N PRO B 177 -8.22 -35.41 -6.15
CA PRO B 177 -8.45 -36.87 -6.20
C PRO B 177 -7.61 -37.66 -5.21
N MET B 178 -6.36 -37.23 -5.03
CA MET B 178 -5.42 -37.90 -4.13
C MET B 178 -5.24 -37.19 -2.79
N ALA B 179 -6.21 -36.36 -2.39
CA ALA B 179 -6.11 -35.60 -1.13
C ALA B 179 -5.88 -36.51 0.09
N ASN B 180 -6.42 -37.73 0.02
CA ASN B 180 -6.35 -38.69 1.13
C ASN B 180 -5.26 -39.75 0.99
N ALA B 181 -4.33 -39.55 0.04
CA ALA B 181 -3.23 -40.50 -0.18
C ALA B 181 -2.24 -40.49 0.97
N THR B 182 -1.64 -41.65 1.24
CA THR B 182 -0.65 -41.73 2.34
C THR B 182 0.71 -42.25 1.86
N ARG B 183 0.83 -42.62 0.59
CA ARG B 183 2.12 -43.13 0.05
C ARG B 183 2.49 -42.42 -1.22
N LEU B 184 3.77 -42.10 -1.37
CA LEU B 184 4.24 -41.42 -2.59
C LEU B 184 3.89 -42.18 -3.88
N ALA B 185 3.95 -43.51 -3.83
CA ALA B 185 3.57 -44.34 -5.00
C ALA B 185 2.15 -44.03 -5.52
N GLU B 186 1.24 -43.64 -4.64
CA GLU B 186 -0.14 -43.36 -5.05
C GLU B 186 -0.25 -42.11 -5.93
N LEU B 187 0.82 -41.30 -5.92
CA LEU B 187 0.88 -40.06 -6.66
C LEU B 187 1.59 -40.20 -8.01
N GLN B 188 2.02 -41.42 -8.37
CA GLN B 188 2.87 -41.63 -9.56
C GLN B 188 2.33 -41.05 -10.86
N GLU B 189 1.01 -41.06 -11.00
CA GLU B 189 0.36 -40.64 -12.25
C GLU B 189 -0.11 -39.21 -12.22
N CYS B 190 0.08 -38.53 -11.08
CA CYS B 190 -0.33 -37.14 -10.93
C CYS B 190 0.58 -36.26 -11.74
N ARG B 191 0.09 -35.07 -12.08
CA ARG B 191 0.88 -34.04 -12.74
C ARG B 191 1.34 -33.00 -11.72
N TRP B 192 2.56 -32.51 -11.91
CA TRP B 192 3.26 -31.69 -10.93
C TRP B 192 3.57 -30.30 -11.46
N ALA B 193 3.39 -29.32 -10.60
CA ALA B 193 4.01 -28.02 -10.79
C ALA B 193 5.39 -28.08 -10.16
N PHE B 194 6.41 -28.10 -11.01
CA PHE B 194 7.81 -28.17 -10.58
C PHE B 194 8.18 -26.82 -10.01
N SER B 195 8.53 -26.83 -8.74
CA SER B 195 8.87 -25.60 -8.06
C SER B 195 10.39 -25.47 -8.00
N SER B 196 10.88 -24.27 -7.69
CA SER B 196 12.33 -23.97 -7.71
C SER B 196 13.13 -24.66 -6.62
N ALA B 197 14.38 -25.03 -6.93
CA ALA B 197 15.27 -25.72 -5.98
C ALA B 197 16.70 -25.52 -6.44
N PRO B 198 17.69 -25.57 -5.51
CA PRO B 198 19.09 -25.34 -5.88
C PRO B 198 19.53 -26.20 -7.07
N ARG B 199 19.08 -27.45 -7.10
CA ARG B 199 19.46 -28.36 -8.17
C ARG B 199 18.58 -28.25 -9.43
N GLY B 200 17.69 -27.25 -9.45
CA GLY B 200 16.83 -26.97 -10.61
C GLY B 200 15.37 -27.24 -10.34
N PRO B 201 14.47 -26.78 -11.24
CA PRO B 201 13.02 -26.89 -11.02
C PRO B 201 12.60 -28.35 -10.86
N GLY B 202 11.80 -28.60 -9.86
CA GLY B 202 11.29 -29.97 -9.64
C GLY B 202 12.29 -30.92 -9.02
N ALA B 203 13.49 -30.45 -8.67
CA ALA B 203 14.55 -31.38 -8.19
C ALA B 203 14.13 -32.19 -6.95
N ILE B 204 13.38 -31.58 -6.04
CA ILE B 204 12.98 -32.29 -4.84
C ILE B 204 12.02 -33.43 -5.13
N ILE B 205 10.96 -33.16 -5.88
CA ILE B 205 10.05 -34.27 -6.22
C ILE B 205 10.72 -35.32 -7.14
N ARG B 206 11.57 -34.89 -8.09
CA ARG B 206 12.29 -35.85 -8.94
C ARG B 206 13.18 -36.77 -8.12
N ASN B 207 13.89 -36.18 -7.16
CA ASN B 207 14.80 -36.95 -6.34
C ASN B 207 14.08 -37.83 -5.33
N ALA B 208 12.91 -37.38 -4.85
CA ALA B 208 12.08 -38.22 -3.97
C ALA B 208 11.48 -39.41 -4.75
N PHE B 209 10.91 -39.13 -5.93
CA PHE B 209 10.39 -40.23 -6.76
C PHE B 209 11.53 -41.22 -6.99
N ALA B 210 12.72 -40.71 -7.34
CA ALA B 210 13.86 -41.60 -7.63
C ALA B 210 14.16 -42.55 -6.45
N ARG B 211 14.34 -41.95 -5.27
CA ARG B 211 14.76 -42.73 -4.09
C ARG B 211 13.73 -43.78 -3.66
N TYR B 212 12.44 -43.48 -3.91
CA TYR B 212 11.33 -44.40 -3.61
C TYR B 212 11.05 -45.40 -4.72
N GLY B 213 11.94 -45.46 -5.70
CA GLY B 213 11.88 -46.54 -6.70
C GLY B 213 10.84 -46.28 -7.77
N LEU B 214 10.43 -45.03 -7.90
CA LEU B 214 9.35 -44.65 -8.82
C LEU B 214 9.96 -44.12 -10.11
N PRO B 215 9.17 -44.12 -11.20
CA PRO B 215 9.63 -43.45 -12.42
C PRO B 215 9.71 -41.92 -12.25
N GLU B 216 10.15 -41.20 -13.27
CA GLU B 216 10.15 -39.73 -13.23
C GLU B 216 8.75 -39.20 -12.98
N PRO B 217 8.61 -38.14 -12.15
CA PRO B 217 7.28 -37.54 -11.99
C PRO B 217 6.84 -36.84 -13.27
N LYS B 218 5.53 -36.80 -13.48
CA LYS B 218 4.99 -36.24 -14.70
C LYS B 218 4.98 -34.73 -14.57
N LEU B 219 5.66 -34.05 -15.49
CA LEU B 219 5.72 -32.60 -15.47
C LEU B 219 4.42 -32.01 -15.97
N GLY B 220 3.75 -31.22 -15.11
CA GLY B 220 2.57 -30.48 -15.51
C GLY B 220 2.97 -29.10 -16.01
N LEU B 221 3.72 -28.37 -15.20
CA LEU B 221 4.34 -27.12 -15.59
C LEU B 221 5.49 -26.77 -14.67
N VAL B 222 6.28 -25.76 -15.05
CA VAL B 222 7.37 -25.29 -14.21
C VAL B 222 6.93 -23.92 -13.67
N CYS B 223 6.93 -23.77 -12.35
CA CYS B 223 6.51 -22.48 -11.82
C CYS B 223 7.65 -22.02 -10.95
N GLU B 224 8.47 -21.08 -11.45
CA GLU B 224 9.64 -20.65 -10.71
C GLU B 224 9.29 -19.67 -9.57
N SER B 225 8.10 -19.12 -9.65
CA SER B 225 7.63 -18.10 -8.74
C SER B 225 6.93 -18.74 -7.54
N PHE B 226 7.52 -18.66 -6.34
CA PHE B 226 6.75 -19.11 -5.17
C PHE B 226 5.55 -18.22 -4.83
N LEU B 227 5.57 -16.98 -5.32
CA LEU B 227 4.42 -16.11 -5.13
C LEU B 227 3.21 -16.68 -5.86
N ALA B 228 3.42 -17.12 -7.11
CA ALA B 228 2.32 -17.64 -7.93
C ALA B 228 1.90 -19.07 -7.56
N LEU B 229 2.82 -19.82 -6.97
CA LEU B 229 2.63 -21.27 -6.89
C LEU B 229 1.32 -21.71 -6.16
N PRO B 230 1.05 -21.15 -4.97
CA PRO B 230 -0.11 -21.70 -4.25
C PRO B 230 -1.43 -21.50 -5.02
N GLY B 231 -1.62 -20.33 -5.59
CA GLY B 231 -2.82 -20.08 -6.40
C GLY B 231 -2.92 -20.96 -7.62
N VAL B 232 -1.78 -21.24 -8.25
CA VAL B 232 -1.76 -22.12 -9.43
C VAL B 232 -2.25 -23.53 -9.07
N VAL B 233 -1.78 -24.04 -7.94
CA VAL B 233 -2.17 -25.34 -7.43
C VAL B 233 -3.66 -25.34 -7.01
N ALA B 234 -4.07 -24.25 -6.36
CA ALA B 234 -5.43 -24.16 -5.81
C ALA B 234 -6.50 -24.26 -6.91
N HIS B 235 -6.15 -23.79 -8.10
CA HIS B 235 -7.11 -23.72 -9.19
C HIS B 235 -6.83 -24.75 -10.28
N SER B 236 -6.17 -25.82 -9.91
CA SER B 236 -5.92 -26.91 -10.85
C SER B 236 -5.88 -28.23 -10.08
N ASP B 237 -5.51 -29.31 -10.78
CA ASP B 237 -5.25 -30.58 -10.13
C ASP B 237 -3.74 -30.88 -10.04
N LEU B 238 -2.90 -29.85 -10.26
CA LEU B 238 -1.45 -30.04 -10.09
C LEU B 238 -1.09 -30.22 -8.61
N LEU B 239 -0.15 -31.13 -8.36
CA LEU B 239 0.51 -31.23 -7.05
C LEU B 239 1.85 -30.49 -7.09
N THR B 240 2.32 -30.04 -5.93
CA THR B 240 3.65 -29.45 -5.89
C THR B 240 4.34 -29.80 -4.60
N THR B 241 5.64 -29.50 -4.49
CA THR B 241 6.27 -29.47 -3.18
C THR B 241 6.48 -28.01 -2.79
N MET B 242 6.30 -27.73 -1.52
CA MET B 242 6.67 -26.40 -1.06
C MET B 242 7.16 -26.46 0.38
N PRO B 243 7.91 -25.43 0.82
CA PRO B 243 8.26 -25.38 2.23
C PRO B 243 6.98 -25.37 3.06
N ARG B 244 6.96 -26.05 4.20
CA ARG B 244 5.76 -26.04 5.06
C ARG B 244 5.37 -24.60 5.41
N THR B 245 6.38 -23.73 5.63
CA THR B 245 6.12 -22.31 5.89
C THR B 245 5.21 -21.64 4.82
N LEU B 246 5.49 -21.93 3.55
CA LEU B 246 4.65 -21.43 2.47
C LEU B 246 3.24 -22.05 2.49
N TYR B 247 3.16 -23.35 2.79
CA TYR B 247 1.85 -24.01 2.89
C TYR B 247 0.99 -23.33 3.96
N GLU B 248 1.61 -22.97 5.07
CA GLU B 248 0.91 -22.32 6.18
C GLU B 248 0.63 -20.84 5.92
N ARG B 249 1.44 -20.20 5.08
CA ARG B 249 1.32 -18.77 4.85
C ARG B 249 1.21 -18.42 3.38
N ASN B 250 0.01 -18.55 2.85
CA ASN B 250 -0.26 -18.11 1.49
C ASN B 250 -1.73 -17.69 1.41
N ALA B 251 -2.10 -17.07 0.29
CA ALA B 251 -3.42 -16.47 0.11
C ALA B 251 -4.54 -17.46 -0.21
N PHE B 252 -4.19 -18.73 -0.40
CA PHE B 252 -5.12 -19.76 -0.89
C PHE B 252 -5.27 -20.94 0.07
N LYS B 253 -4.95 -20.70 1.34
CA LYS B 253 -5.03 -21.73 2.38
C LYS B 253 -6.32 -22.55 2.43
N ASP B 254 -7.47 -21.86 2.39
CA ASP B 254 -8.77 -22.52 2.43
C ASP B 254 -9.07 -23.42 1.25
N GLN B 255 -8.29 -23.28 0.18
CA GLN B 255 -8.48 -24.03 -1.04
C GLN B 255 -7.42 -25.10 -1.28
N LEU B 256 -6.54 -25.30 -0.29
CA LEU B 256 -5.39 -26.18 -0.42
C LEU B 256 -5.34 -27.18 0.73
N CYS B 257 -4.71 -28.33 0.50
CA CYS B 257 -4.55 -29.32 1.57
C CYS B 257 -3.22 -30.01 1.37
N SER B 258 -2.48 -30.23 2.45
CA SER B 258 -1.28 -31.05 2.33
C SER B 258 -1.68 -32.51 2.30
N ILE B 259 -0.96 -33.30 1.52
CA ILE B 259 -1.28 -34.72 1.41
C ILE B 259 -0.68 -35.44 2.59
N PRO B 260 -1.48 -36.25 3.32
CA PRO B 260 -0.99 -36.78 4.61
C PRO B 260 -0.07 -38.02 4.40
N LEU B 261 1.01 -37.83 3.65
CA LEU B 261 1.92 -38.94 3.33
C LEU B 261 2.65 -39.49 4.55
N GLN B 262 2.78 -40.82 4.59
CA GLN B 262 3.58 -41.48 5.60
C GLN B 262 4.94 -41.95 5.04
N ASP B 263 5.28 -41.46 3.85
CA ASP B 263 6.62 -41.60 3.30
C ASP B 263 7.37 -40.30 3.66
N ALA B 264 8.56 -40.43 4.24
CA ALA B 264 9.33 -39.23 4.61
C ALA B 264 9.84 -38.42 3.41
N LEU B 265 9.75 -37.08 3.52
CA LEU B 265 10.26 -36.15 2.50
C LEU B 265 11.52 -35.43 3.03
N PRO B 266 12.37 -34.87 2.14
CA PRO B 266 13.62 -34.23 2.62
C PRO B 266 13.39 -33.00 3.47
N ASN B 267 14.44 -32.57 4.18
CA ASN B 267 14.41 -31.35 4.98
C ASN B 267 15.59 -30.45 4.56
N PRO B 268 15.39 -29.59 3.53
CA PRO B 268 16.52 -28.81 2.99
C PRO B 268 17.06 -27.86 4.03
N THR B 269 18.38 -27.74 4.10
CA THR B 269 19.01 -26.79 4.99
C THR B 269 19.14 -25.43 4.30
N ILE B 270 18.69 -24.41 4.99
CA ILE B 270 18.84 -23.03 4.53
C ILE B 270 20.12 -22.47 5.15
N TYR B 271 20.97 -21.81 4.36
CA TYR B 271 22.27 -21.29 4.85
C TYR B 271 22.33 -19.79 4.65
N VAL B 272 23.20 -19.14 5.42
CA VAL B 272 23.68 -17.80 5.08
C VAL B 272 24.91 -17.98 4.18
N LEU B 273 24.81 -17.57 2.93
CA LEU B 273 25.93 -17.72 2.00
C LEU B 273 26.59 -16.38 1.75
N ARG B 274 27.94 -16.36 1.76
CA ARG B 274 28.70 -15.14 1.42
C ARG B 274 29.96 -15.49 0.64
N ARG B 275 30.60 -14.49 0.04
CA ARG B 275 31.95 -14.66 -0.50
C ARG B 275 32.89 -14.60 0.70
N HIS B 276 33.62 -15.69 0.94
CA HIS B 276 34.36 -15.87 2.18
C HIS B 276 35.43 -14.79 2.49
N ASP B 277 36.17 -14.37 1.48
CA ASP B 277 37.31 -13.46 1.72
C ASP B 277 36.87 -12.00 1.92
N LEU B 278 35.58 -11.71 1.76
CA LEU B 278 35.12 -10.34 2.01
C LEU B 278 34.81 -10.17 3.49
N PRO B 279 35.36 -9.13 4.12
CA PRO B 279 35.10 -8.90 5.55
C PRO B 279 33.68 -8.41 5.81
N VAL B 280 32.92 -9.09 6.66
CA VAL B 280 31.50 -8.72 6.90
C VAL B 280 31.45 -7.38 7.64
N THR B 281 30.59 -6.48 7.18
CA THR B 281 30.48 -5.21 7.86
C THR B 281 29.79 -5.46 9.21
N PRO B 282 30.12 -4.63 10.21
CA PRO B 282 29.46 -4.74 11.52
C PRO B 282 27.91 -4.73 11.39
N ALA B 283 27.38 -3.84 10.53
CA ALA B 283 25.92 -3.73 10.33
C ALA B 283 25.32 -5.03 9.75
N ALA B 284 25.98 -5.56 8.72
CA ALA B 284 25.51 -6.84 8.12
C ALA B 284 25.55 -7.98 9.13
N ALA B 285 26.63 -8.05 9.93
CA ALA B 285 26.74 -9.07 10.97
C ALA B 285 25.55 -8.95 11.96
N GLY B 286 25.17 -7.72 12.27
CA GLY B 286 24.03 -7.48 13.20
C GLY B 286 22.72 -7.97 12.61
N LEU B 287 22.52 -7.71 11.34
CA LEU B 287 21.29 -8.18 10.67
C LEU B 287 21.28 -9.72 10.64
N ILE B 288 22.41 -10.32 10.32
CA ILE B 288 22.50 -11.79 10.28
C ILE B 288 22.17 -12.39 11.68
N ARG B 289 22.71 -11.76 12.72
CA ARG B 289 22.36 -12.17 14.09
C ARG B 289 20.85 -12.17 14.35
N TRP B 290 20.16 -11.14 13.92
CA TRP B 290 18.69 -11.06 14.14
C TRP B 290 17.92 -12.11 13.34
N ILE B 291 18.38 -12.35 12.11
CA ILE B 291 17.79 -13.40 11.28
C ILE B 291 17.96 -14.80 11.92
N GLN B 292 19.18 -15.10 12.38
CA GLN B 292 19.42 -16.35 13.10
C GLN B 292 18.51 -16.47 14.35
N HIS B 293 18.35 -15.38 15.07
CA HIS B 293 17.52 -15.36 16.28
C HIS B 293 16.09 -15.78 15.98
N HIS B 294 15.58 -15.30 14.87
CA HIS B 294 14.19 -15.54 14.56
C HIS B 294 13.97 -16.81 13.79
N ALA B 295 15.04 -17.42 13.28
CA ALA B 295 14.99 -18.70 12.55
C ALA B 295 15.21 -19.94 13.45
N LEU B 296 14.75 -19.84 14.69
CA LEU B 296 14.82 -20.96 15.64
C LEU B 296 13.55 -21.07 16.48
CA MET C 1 -5.03 -31.20 -61.26
C MET C 1 -3.69 -30.66 -60.74
N LEU C 2 -3.54 -30.73 -59.42
CA LEU C 2 -2.27 -30.33 -58.78
C LEU C 2 -1.11 -31.10 -59.39
N LYS C 3 -0.04 -30.40 -59.76
CA LYS C 3 1.11 -31.01 -60.45
C LYS C 3 1.68 -32.16 -59.65
N LEU C 4 1.75 -32.02 -58.33
CA LEU C 4 2.27 -33.12 -57.53
C LEU C 4 1.40 -34.38 -57.58
N GLN C 5 0.07 -34.22 -57.67
CA GLN C 5 -0.81 -35.37 -57.87
C GLN C 5 -0.53 -36.05 -59.20
N THR C 6 -0.35 -35.25 -60.25
CA THR C 6 -0.05 -35.76 -61.60
C THR C 6 1.31 -36.49 -61.61
N LEU C 7 2.30 -35.91 -60.93
CA LEU C 7 3.64 -36.53 -60.89
C LEU C 7 3.57 -37.86 -60.14
N GLN C 8 2.91 -37.88 -58.99
CA GLN C 8 2.74 -39.12 -58.21
C GLN C 8 2.01 -40.18 -59.04
N ALA C 9 1.02 -39.75 -59.81
CA ALA C 9 0.29 -40.65 -60.71
C ALA C 9 1.20 -41.21 -61.80
N LEU C 10 2.06 -40.35 -62.36
CA LEU C 10 2.99 -40.77 -63.39
C LEU C 10 3.97 -41.80 -62.86
N ILE C 11 4.46 -41.58 -61.64
CA ILE C 11 5.29 -42.59 -61.01
C ILE C 11 4.54 -43.94 -60.90
N CYS C 12 3.27 -43.88 -60.51
CA CYS C 12 2.46 -45.10 -60.34
C CYS C 12 2.23 -45.79 -61.69
N ILE C 13 2.05 -44.98 -62.74
CA ILE C 13 1.83 -45.50 -64.10
C ILE C 13 3.02 -46.31 -64.56
N GLU C 14 4.22 -45.78 -64.30
CA GLU C 14 5.43 -46.52 -64.63
C GLU C 14 5.46 -47.87 -63.93
N GLU C 15 4.93 -47.90 -62.70
CA GLU C 15 4.98 -49.13 -61.90
C GLU C 15 3.90 -50.14 -62.32
N VAL C 16 2.66 -49.68 -62.53
CA VAL C 16 1.53 -50.59 -62.78
C VAL C 16 1.14 -50.76 -64.27
N GLY C 17 1.66 -49.89 -65.13
CA GLY C 17 1.48 -50.01 -66.60
C GLY C 17 0.15 -49.58 -67.20
N SER C 18 -0.59 -48.73 -66.47
CA SER C 18 -1.97 -48.38 -66.82
C SER C 18 -2.25 -47.03 -66.19
N LEU C 19 -2.73 -46.07 -66.97
CA LEU C 19 -3.22 -44.80 -66.40
C LEU C 19 -4.48 -45.05 -65.55
N ARG C 20 -5.40 -45.85 -66.07
CA ARG C 20 -6.65 -46.14 -65.36
C ARG C 20 -6.44 -46.86 -64.04
N ALA C 21 -5.55 -47.86 -64.02
CA ALA C 21 -5.27 -48.55 -62.76
C ALA C 21 -4.61 -47.61 -61.78
N ALA C 22 -3.69 -46.75 -62.25
CA ALA C 22 -3.00 -45.83 -61.36
C ALA C 22 -4.00 -44.84 -60.77
N ALA C 23 -4.92 -44.31 -61.60
CA ALA C 23 -5.99 -43.46 -61.09
C ALA C 23 -6.83 -44.17 -60.02
N GLN C 24 -7.20 -45.42 -60.26
CA GLN C 24 -8.06 -46.13 -59.30
C GLN C 24 -7.35 -46.29 -57.95
N LEU C 25 -6.07 -46.66 -58.03
CA LEU C 25 -5.23 -46.97 -56.86
C LEU C 25 -5.06 -45.71 -56.01
N LEU C 26 -4.84 -44.59 -56.69
CA LEU C 26 -4.64 -43.29 -56.02
C LEU C 26 -5.92 -42.52 -55.68
N HIS C 27 -7.07 -43.14 -55.99
CA HIS C 27 -8.37 -42.49 -55.81
C HIS C 27 -8.47 -41.16 -56.56
N LEU C 28 -8.02 -41.15 -57.81
CA LEU C 28 -8.17 -39.98 -58.68
C LEU C 28 -9.18 -40.31 -59.76
N SER C 29 -9.87 -39.29 -60.25
CA SER C 29 -10.73 -39.43 -61.41
C SER C 29 -9.91 -39.84 -62.66
N GLN C 30 -10.31 -40.92 -63.31
CA GLN C 30 -9.61 -41.39 -64.52
C GLN C 30 -9.62 -40.32 -65.64
N PRO C 31 -10.80 -39.82 -66.03
CA PRO C 31 -10.82 -38.72 -67.01
C PRO C 31 -10.07 -37.45 -66.53
N ALA C 32 -10.14 -37.10 -65.23
CA ALA C 32 -9.34 -35.97 -64.72
C ALA C 32 -7.82 -36.20 -64.89
N LEU C 33 -7.37 -37.40 -64.51
CA LEU C 33 -5.93 -37.70 -64.61
C LEU C 33 -5.52 -37.72 -66.09
N SER C 34 -6.37 -38.30 -66.94
CA SER C 34 -6.07 -38.29 -68.38
C SER C 34 -5.88 -36.84 -68.91
N ALA C 35 -6.80 -35.95 -68.55
CA ALA C 35 -6.73 -34.55 -69.01
C ALA C 35 -5.50 -33.83 -68.46
N ALA C 36 -5.15 -34.12 -67.21
CA ALA C 36 -3.99 -33.52 -66.54
C ALA C 36 -2.66 -33.91 -67.21
N ILE C 37 -2.56 -35.17 -67.62
CA ILE C 37 -1.36 -35.66 -68.29
C ILE C 37 -1.26 -35.06 -69.68
N GLN C 38 -2.39 -35.02 -70.38
CA GLN C 38 -2.44 -34.32 -71.67
C GLN C 38 -1.95 -32.86 -71.54
N GLN C 39 -2.43 -32.17 -70.51
CA GLN C 39 -2.05 -30.77 -70.35
C GLN C 39 -0.55 -30.63 -70.11
N LEU C 40 -0.02 -31.55 -69.32
CA LEU C 40 1.42 -31.55 -69.06
C LEU C 40 2.24 -31.81 -70.35
N GLU C 41 1.82 -32.82 -71.12
CA GLU C 41 2.46 -33.10 -72.40
C GLU C 41 2.41 -31.86 -73.34
N ASP C 42 1.28 -31.15 -73.38
CA ASP C 42 1.20 -29.91 -74.17
C ASP C 42 2.19 -28.85 -73.73
N GLU C 43 2.32 -28.69 -72.41
CA GLU C 43 3.26 -27.72 -71.85
C GLU C 43 4.70 -28.09 -72.14
N LEU C 44 5.03 -29.36 -72.03
CA LEU C 44 6.39 -29.87 -72.30
C LEU C 44 6.70 -29.96 -73.80
N LYS C 45 5.66 -29.88 -74.63
CA LYS C 45 5.74 -30.12 -76.08
C LYS C 45 6.33 -31.50 -76.43
N ALA C 46 6.03 -32.52 -75.61
CA ALA C 46 6.36 -33.92 -75.95
C ALA C 46 5.48 -34.88 -75.17
N PRO C 47 5.22 -36.07 -75.72
CA PRO C 47 4.41 -37.07 -75.01
C PRO C 47 5.27 -37.77 -73.98
N LEU C 48 4.65 -38.04 -72.84
CA LEU C 48 5.29 -38.79 -71.76
C LEU C 48 4.98 -40.29 -71.81
N LEU C 49 3.90 -40.63 -72.47
CA LEU C 49 3.36 -41.98 -72.49
C LEU C 49 3.14 -42.46 -73.91
N VAL C 50 3.29 -43.77 -74.12
CA VAL C 50 2.92 -44.39 -75.39
C VAL C 50 2.07 -45.61 -75.04
N ARG C 51 1.02 -45.81 -75.83
CA ARG C 51 0.08 -46.90 -75.62
C ARG C 51 0.69 -48.18 -76.12
N THR C 52 0.45 -49.24 -75.34
CA THR C 52 0.82 -50.60 -75.68
C THR C 52 -0.43 -51.47 -75.60
N LYS C 53 -0.31 -52.72 -76.04
CA LYS C 53 -1.43 -53.66 -75.89
C LYS C 53 -1.65 -53.90 -74.40
N ARG C 54 -0.54 -53.90 -73.64
CA ARG C 54 -0.52 -54.08 -72.18
C ARG C 54 -1.28 -52.97 -71.43
N GLY C 55 -0.94 -51.71 -71.76
CA GLY C 55 -1.56 -50.52 -71.18
C GLY C 55 -0.81 -49.30 -71.70
N VAL C 56 0.08 -48.74 -70.88
CA VAL C 56 0.99 -47.66 -71.33
C VAL C 56 2.42 -47.87 -70.82
N SER C 57 3.38 -47.32 -71.57
CA SER C 57 4.78 -47.19 -71.16
C SER C 57 5.24 -45.75 -71.26
N LEU C 58 6.34 -45.42 -70.59
CA LEU C 58 6.96 -44.10 -70.72
C LEU C 58 7.65 -44.02 -72.08
N THR C 59 7.58 -42.87 -72.72
CA THR C 59 8.40 -42.56 -73.92
C THR C 59 9.85 -42.25 -73.47
N SER C 60 10.74 -42.04 -74.44
CA SER C 60 12.10 -41.55 -74.14
C SER C 60 12.00 -40.23 -73.36
N PHE C 61 11.08 -39.36 -73.78
CA PHE C 61 10.90 -38.10 -73.07
C PHE C 61 10.42 -38.35 -71.65
N GLY C 62 9.48 -39.30 -71.48
CA GLY C 62 8.93 -39.64 -70.18
C GLY C 62 9.97 -40.23 -69.24
N GLN C 63 10.90 -41.02 -69.77
CA GLN C 63 11.96 -41.57 -68.96
C GLN C 63 12.89 -40.46 -68.44
N ALA C 64 13.26 -39.51 -69.30
CA ALA C 64 14.05 -38.33 -68.88
C ALA C 64 13.28 -37.50 -67.83
N PHE C 65 12.01 -37.24 -68.13
CA PHE C 65 11.17 -36.42 -67.26
C PHE C 65 11.00 -37.10 -65.90
N MET C 66 10.84 -38.42 -65.89
CA MET C 66 10.61 -39.15 -64.64
C MET C 66 11.74 -39.02 -63.64
N LYS C 67 12.97 -38.88 -64.12
CA LYS C 67 14.07 -38.66 -63.18
C LYS C 67 13.84 -37.40 -62.34
N HIS C 68 13.39 -36.33 -63.00
CA HIS C 68 13.02 -35.09 -62.34
C HIS C 68 11.76 -35.29 -61.48
N ALA C 69 10.74 -35.97 -62.03
CA ALA C 69 9.47 -36.18 -61.28
C ALA C 69 9.71 -36.84 -59.92
N ARG C 70 10.57 -37.87 -59.92
CA ARG C 70 10.89 -38.58 -58.68
C ARG C 70 11.59 -37.68 -57.70
N LEU C 71 12.53 -36.85 -58.19
CA LEU C 71 13.21 -35.90 -57.31
C LEU C 71 12.22 -34.90 -56.68
N ILE C 72 11.31 -34.42 -57.50
CA ILE C 72 10.33 -33.42 -57.08
C ILE C 72 9.33 -34.04 -56.06
N VAL C 73 8.85 -35.24 -56.34
CA VAL C 73 7.93 -35.92 -55.40
C VAL C 73 8.60 -36.22 -54.06
N THR C 74 9.82 -36.73 -54.12
CA THR C 74 10.63 -36.98 -52.90
C THR C 74 10.90 -35.70 -52.13
N GLU C 75 11.22 -34.63 -52.85
CA GLU C 75 11.52 -33.36 -52.20
C GLU C 75 10.30 -32.78 -51.48
N SER C 76 9.13 -32.94 -52.09
CA SER C 76 7.91 -32.44 -51.49
C SER C 76 7.63 -33.22 -50.21
N ARG C 77 7.85 -34.54 -50.24
CA ARG C 77 7.62 -35.35 -49.05
C ARG C 77 8.64 -34.99 -47.96
N ARG C 78 9.90 -34.81 -48.35
CA ARG C 78 10.93 -34.38 -47.40
C ARG C 78 10.62 -33.03 -46.76
N ALA C 79 10.13 -32.07 -47.57
CA ALA C 79 9.70 -30.77 -47.06
C ALA C 79 8.59 -30.94 -46.02
N GLN C 80 7.58 -31.74 -46.36
CA GLN C 80 6.44 -31.98 -45.45
C GLN C 80 6.91 -32.67 -44.16
N GLU C 81 7.81 -33.65 -44.31
CA GLU C 81 8.39 -34.32 -43.12
C GLU C 81 9.15 -33.37 -42.21
N GLU C 82 9.99 -32.53 -42.80
CA GLU C 82 10.82 -31.59 -42.04
C GLU C 82 9.92 -30.58 -41.33
N ILE C 83 8.96 -30.00 -42.07
CA ILE C 83 8.02 -29.06 -41.47
C ILE C 83 7.21 -29.73 -40.34
N GLY C 84 6.78 -30.96 -40.58
CA GLY C 84 6.08 -31.73 -39.56
C GLY C 84 6.95 -31.87 -38.32
N GLN C 85 8.22 -32.16 -38.52
CA GLN C 85 9.13 -32.35 -37.39
C GLN C 85 9.33 -31.04 -36.62
N LEU C 86 9.54 -29.95 -37.36
CA LEU C 86 9.73 -28.65 -36.73
C LEU C 86 8.47 -28.13 -36.07
N ARG C 87 7.35 -28.25 -36.78
CA ARG C 87 6.05 -27.83 -36.24
C ARG C 87 5.70 -28.64 -34.99
N GLY C 88 5.92 -29.96 -35.05
CA GLY C 88 5.63 -30.83 -33.92
C GLY C 88 6.32 -30.43 -32.63
N ARG C 89 7.59 -30.02 -32.73
CA ARG C 89 8.34 -29.56 -31.57
C ARG C 89 7.86 -28.20 -31.06
N TRP C 90 7.46 -27.34 -31.98
CA TRP C 90 6.89 -26.03 -31.67
C TRP C 90 5.53 -26.14 -30.98
N GLU C 91 4.61 -26.87 -31.61
CA GLU C 91 3.26 -27.09 -31.09
C GLU C 91 3.26 -27.95 -29.84
N GLY C 92 5.11 -26.73 -28.64
CA GLY C 92 4.92 -27.53 -27.41
C GLY C 92 5.31 -26.86 -26.09
N HIS C 93 5.84 -25.63 -26.17
CA HIS C 93 6.39 -24.92 -25.01
C HIS C 93 6.10 -23.44 -25.07
N ILE C 94 5.86 -22.88 -23.90
CA ILE C 94 5.70 -21.45 -23.76
C ILE C 94 6.49 -21.09 -22.52
N THR C 95 7.30 -20.04 -22.61
CA THR C 95 7.84 -19.44 -21.41
C THR C 95 7.63 -17.93 -21.36
N PHE C 96 7.07 -17.50 -20.24
CA PHE C 96 6.72 -16.11 -20.10
C PHE C 96 6.85 -15.64 -18.65
N ALA C 97 6.82 -14.32 -18.50
CA ALA C 97 6.87 -13.66 -17.18
C ALA C 97 5.58 -12.92 -16.91
N ALA C 98 5.21 -12.80 -15.62
CA ALA C 98 3.96 -12.15 -15.25
C ALA C 98 4.14 -11.30 -13.99
N SER C 99 3.48 -10.14 -13.96
CA SER C 99 3.46 -9.28 -12.77
C SER C 99 2.41 -9.75 -11.74
N PRO C 100 2.54 -9.28 -10.48
CA PRO C 100 1.69 -9.81 -9.40
C PRO C 100 0.19 -9.73 -9.66
N ALA C 101 -0.32 -8.63 -10.22
CA ALA C 101 -1.78 -8.49 -10.40
C ALA C 101 -2.32 -9.55 -11.38
N ILE C 102 -1.53 -9.83 -12.41
CA ILE C 102 -1.82 -10.89 -13.36
C ILE C 102 -1.67 -12.25 -12.69
N ALA C 103 -0.53 -12.49 -12.05
CA ALA C 103 -0.24 -13.78 -11.39
C ALA C 103 -1.29 -14.22 -10.38
N LEU C 104 -1.91 -13.25 -9.68
CA LEU C 104 -2.84 -13.58 -8.60
C LEU C 104 -4.31 -13.70 -8.94
N ALA C 105 -4.74 -13.04 -10.01
CA ALA C 105 -6.17 -13.03 -10.34
C ALA C 105 -6.40 -13.65 -11.70
N ALA C 106 -5.77 -13.08 -12.71
CA ALA C 106 -6.00 -13.59 -14.08
C ALA C 106 -5.40 -14.97 -14.33
N LEU C 107 -4.13 -15.16 -13.96
CA LEU C 107 -3.40 -16.37 -14.38
C LEU C 107 -3.99 -17.70 -13.95
N PRO C 108 -4.40 -17.83 -12.67
CA PRO C 108 -4.85 -19.17 -12.28
C PRO C 108 -6.07 -19.66 -13.05
N LEU C 109 -7.04 -18.77 -13.27
CA LEU C 109 -8.21 -19.14 -14.04
C LEU C 109 -7.85 -19.32 -15.52
N ALA C 110 -6.96 -18.44 -16.01
CA ALA C 110 -6.53 -18.54 -17.41
C ALA C 110 -5.72 -19.82 -17.72
N LEU C 111 -4.81 -20.20 -16.81
CA LEU C 111 -4.04 -21.42 -17.01
C LEU C 111 -4.91 -22.67 -17.05
N ALA C 112 -5.95 -22.71 -16.22
CA ALA C 112 -6.85 -23.86 -16.17
C ALA C 112 -7.63 -24.01 -17.47
N SER C 113 -8.19 -22.89 -17.94
CA SER C 113 -8.89 -22.87 -19.23
C SER C 113 -7.95 -23.21 -20.38
N PHE C 114 -6.77 -22.59 -20.37
CA PHE C 114 -5.77 -22.83 -21.42
C PHE C 114 -5.45 -24.34 -21.54
N ALA C 115 -5.17 -24.97 -20.41
CA ALA C 115 -4.74 -26.37 -20.34
C ALA C 115 -5.80 -27.34 -20.85
N ARG C 116 -7.06 -26.95 -20.75
CA ARG C 116 -8.15 -27.77 -21.30
C ARG C 116 -8.10 -27.73 -22.81
N GLU C 117 -7.82 -26.55 -23.35
CA GLU C 117 -7.73 -26.36 -24.80
C GLU C 117 -6.42 -26.84 -25.41
N PHE C 118 -5.30 -26.66 -24.68
CA PHE C 118 -3.98 -27.02 -25.17
C PHE C 118 -3.32 -27.99 -24.21
N PRO C 119 -3.87 -29.23 -24.14
CA PRO C 119 -3.45 -30.21 -23.15
C PRO C 119 -1.98 -30.66 -23.27
N ASP C 120 -1.37 -30.48 -24.44
CA ASP C 120 0.00 -30.96 -24.67
C ASP C 120 1.09 -29.87 -24.69
N VAL C 121 0.80 -28.69 -24.16
CA VAL C 121 1.79 -27.61 -24.14
C VAL C 121 2.38 -27.49 -22.74
N THR C 122 3.70 -27.44 -22.66
CA THR C 122 4.36 -27.20 -21.38
C THR C 122 4.50 -25.69 -21.19
N VAL C 123 3.96 -25.17 -20.09
CA VAL C 123 4.09 -23.76 -19.79
C VAL C 123 5.09 -23.53 -18.65
N ASN C 124 5.94 -22.54 -18.83
CA ASN C 124 6.95 -22.17 -17.86
C ASN C 124 6.69 -20.71 -17.48
N VAL C 125 6.23 -20.50 -16.26
CA VAL C 125 5.90 -19.14 -15.83
C VAL C 125 6.80 -18.66 -14.68
N ARG C 126 7.25 -17.42 -14.82
CA ARG C 126 8.10 -16.81 -13.82
C ARG C 126 7.62 -15.39 -13.52
N ASP C 127 8.13 -14.82 -12.43
CA ASP C 127 7.93 -13.42 -12.13
C ASP C 127 8.81 -12.62 -13.08
N GLY C 128 8.36 -11.41 -13.39
CA GLY C 128 9.17 -10.54 -14.22
C GLY C 128 8.57 -9.15 -14.25
N MET C 129 9.45 -8.17 -14.42
CA MET C 129 9.05 -6.79 -14.52
C MET C 129 9.87 -6.12 -15.62
N TYR C 130 9.28 -5.11 -16.25
CA TYR C 130 9.98 -4.30 -17.24
C TYR C 130 10.70 -3.18 -16.48
N PRO C 131 11.92 -2.79 -16.92
CA PRO C 131 12.68 -3.24 -18.10
C PRO C 131 13.61 -4.44 -17.89
N ALA C 132 13.59 -5.04 -16.69
CA ALA C 132 14.39 -6.23 -16.41
C ALA C 132 14.18 -7.33 -17.45
N VAL C 133 12.92 -7.55 -17.84
CA VAL C 133 12.61 -8.60 -18.83
C VAL C 133 13.10 -8.31 -20.26
N SER C 134 13.48 -7.05 -20.53
CA SER C 134 13.80 -6.62 -21.89
C SER C 134 14.92 -7.45 -22.57
N PRO C 135 16.12 -7.59 -21.94
CA PRO C 135 17.19 -8.38 -22.57
C PRO C 135 16.80 -9.84 -22.80
N GLN C 136 15.90 -10.36 -21.98
CA GLN C 136 15.43 -11.75 -22.11
C GLN C 136 14.38 -11.88 -23.20
N LEU C 137 13.50 -10.87 -23.33
CA LEU C 137 12.59 -10.78 -24.47
C LEU C 137 13.36 -10.68 -25.76
N ARG C 138 14.41 -9.86 -25.77
CA ARG C 138 15.21 -9.61 -26.98
C ARG C 138 16.07 -10.79 -27.42
N ASP C 139 16.70 -11.49 -26.47
CA ASP C 139 17.51 -12.65 -26.85
C ASP C 139 16.67 -13.91 -27.17
N GLY C 140 15.38 -13.87 -26.81
CA GLY C 140 14.45 -14.93 -27.16
C GLY C 140 14.23 -15.99 -26.10
N THR C 141 14.90 -15.82 -24.95
CA THR C 141 14.71 -16.75 -23.84
C THR C 141 13.33 -16.62 -23.17
N LEU C 142 12.71 -15.45 -23.29
CA LEU C 142 11.35 -15.25 -22.80
C LEU C 142 10.46 -14.95 -24.01
N ASP C 143 9.40 -15.73 -24.21
CA ASP C 143 8.47 -15.52 -25.35
C ASP C 143 7.67 -14.21 -25.22
N PHE C 144 7.04 -14.02 -24.07
CA PHE C 144 6.37 -12.76 -23.81
C PHE C 144 6.45 -12.44 -22.35
N ALA C 145 6.10 -11.20 -22.00
CA ALA C 145 5.97 -10.81 -20.60
C ALA C 145 4.68 -10.02 -20.38
N LEU C 146 4.07 -10.24 -19.23
CA LEU C 146 2.87 -9.50 -18.84
C LEU C 146 3.24 -8.61 -17.69
N THR C 147 3.40 -7.32 -17.96
CA THR C 147 4.03 -6.43 -16.99
C THR C 147 3.55 -4.99 -17.19
N ALA C 148 3.61 -4.21 -16.12
CA ALA C 148 3.40 -2.78 -16.24
C ALA C 148 4.55 -2.13 -17.04
N ALA C 149 4.21 -1.13 -17.83
CA ALA C 149 5.21 -0.33 -18.50
C ALA C 149 4.57 1.00 -18.86
N HIS C 150 5.42 1.96 -19.21
CA HIS C 150 4.96 3.25 -19.68
C HIS C 150 5.13 3.25 -21.19
N LYS C 151 4.02 3.44 -21.88
CA LYS C 151 3.94 3.33 -23.33
C LYS C 151 5.15 3.94 -24.05
N HIS C 152 5.48 5.19 -23.70
CA HIS C 152 6.54 5.94 -24.38
C HIS C 152 7.97 5.47 -24.06
N ASP C 153 8.12 4.62 -23.05
CA ASP C 153 9.43 4.13 -22.63
C ASP C 153 9.82 2.76 -23.18
N ILE C 154 8.89 2.09 -23.85
CA ILE C 154 9.12 0.73 -24.28
C ILE C 154 10.06 0.67 -25.49
N ASP C 155 11.06 -0.21 -25.40
CA ASP C 155 12.01 -0.47 -26.47
C ASP C 155 11.32 -0.58 -27.84
N THR C 156 11.91 0.04 -28.86
CA THR C 156 11.40 -0.02 -30.24
C THR C 156 11.34 -1.44 -30.78
N ASP C 157 12.21 -2.31 -30.27
CA ASP C 157 12.23 -3.75 -30.58
C ASP C 157 10.95 -4.49 -30.14
N LEU C 158 10.18 -3.90 -29.25
CA LEU C 158 9.07 -4.62 -28.62
C LEU C 158 7.70 -4.16 -29.10
N GLU C 159 6.81 -5.12 -29.28
CA GLU C 159 5.38 -4.88 -29.42
C GLU C 159 4.75 -4.80 -28.02
N ALA C 160 3.80 -3.87 -27.82
CA ALA C 160 3.07 -3.78 -26.55
C ALA C 160 1.54 -3.67 -26.74
N GLN C 161 0.81 -4.63 -26.19
CA GLN C 161 -0.64 -4.74 -26.30
C GLN C 161 -1.30 -4.62 -24.90
N PRO C 162 -2.12 -3.57 -24.66
CA PRO C 162 -2.72 -3.39 -23.34
C PRO C 162 -3.53 -4.61 -22.87
N LEU C 163 -3.39 -4.95 -21.60
CA LEU C 163 -4.05 -6.11 -21.03
C LEU C 163 -5.02 -5.76 -19.89
N TYR C 164 -4.56 -4.91 -18.98
CA TYR C 164 -5.36 -4.58 -17.82
C TYR C 164 -4.95 -3.21 -17.33
N VAL C 165 -5.91 -2.39 -16.92
CA VAL C 165 -5.61 -1.14 -16.24
C VAL C 165 -5.70 -1.40 -14.74
N SER C 166 -4.55 -1.37 -14.09
CA SER C 166 -4.44 -1.76 -12.69
C SER C 166 -4.65 -0.56 -11.76
N ASP C 167 -4.79 -0.84 -10.46
CA ASP C 167 -4.93 0.17 -9.40
C ASP C 167 -3.69 0.01 -8.50
N VAL C 168 -3.20 1.14 -7.98
CA VAL C 168 -2.16 1.18 -6.95
C VAL C 168 -2.84 1.57 -5.66
N VAL C 169 -2.53 0.87 -4.58
CA VAL C 169 -3.10 1.25 -3.28
C VAL C 169 -1.97 1.46 -2.32
N ILE C 170 -2.16 2.40 -1.40
CA ILE C 170 -1.21 2.62 -0.31
C ILE C 170 -1.70 1.74 0.84
N VAL C 171 -0.78 0.99 1.45
CA VAL C 171 -1.13 0.02 2.46
C VAL C 171 -0.24 0.17 3.67
N GLY C 172 -0.83 0.01 4.84
CA GLY C 172 -0.03 -0.10 6.09
C GLY C 172 -0.66 -1.13 7.00
N GLN C 173 -0.05 -1.34 8.15
CA GLN C 173 -0.61 -2.26 9.13
C GLN C 173 -1.99 -1.73 9.58
N ARG C 174 -2.84 -2.65 10.05
CA ARG C 174 -4.24 -2.39 10.35
C ARG C 174 -4.46 -1.18 11.26
N GLN C 175 -3.56 -1.02 12.23
CA GLN C 175 -3.66 0.05 13.21
C GLN C 175 -2.77 1.25 12.91
N HIS C 176 -2.32 1.43 11.66
CA HIS C 176 -1.36 2.49 11.34
C HIS C 176 -1.94 3.83 11.80
N PRO C 177 -1.10 4.70 12.39
CA PRO C 177 -1.60 6.01 12.85
C PRO C 177 -2.25 6.84 11.75
N MET C 178 -1.82 6.65 10.51
CA MET C 178 -2.31 7.43 9.38
C MET C 178 -3.41 6.73 8.56
N ALA C 179 -4.00 5.68 9.13
CA ALA C 179 -5.00 4.85 8.41
C ALA C 179 -6.21 5.63 7.89
N ASN C 180 -6.52 6.73 8.54
CA ASN C 180 -7.66 7.58 8.17
C ASN C 180 -7.29 8.77 7.34
N ALA C 181 -6.03 8.87 6.90
CA ALA C 181 -5.60 10.04 6.11
C ALA C 181 -6.44 10.25 4.84
N THR C 182 -6.60 11.51 4.44
CA THR C 182 -7.33 11.84 3.24
C THR C 182 -6.42 12.37 2.15
N ARG C 183 -5.28 12.96 2.55
CA ARG C 183 -4.38 13.59 1.57
C ARG C 183 -2.97 13.03 1.61
N LEU C 184 -2.33 12.95 0.45
CA LEU C 184 -0.94 12.44 0.38
C LEU C 184 0.02 13.25 1.25
N ALA C 185 -0.19 14.58 1.29
CA ALA C 185 0.64 15.45 2.14
C ALA C 185 0.67 14.99 3.59
N GLU C 186 -0.43 14.38 4.06
CA GLU C 186 -0.47 13.87 5.44
C GLU C 186 0.49 12.74 5.71
N LEU C 187 1.00 12.13 4.64
CA LEU C 187 1.90 10.98 4.77
C LEU C 187 3.34 11.40 4.55
N GLN C 188 3.59 12.71 4.35
CA GLN C 188 4.89 13.12 3.80
C GLN C 188 6.09 12.81 4.67
N GLU C 189 5.82 12.57 5.94
CA GLU C 189 6.86 12.23 6.90
C GLU C 189 6.91 10.75 7.24
N CYS C 190 5.99 9.94 6.70
CA CYS C 190 6.00 8.49 6.97
C CYS C 190 7.21 7.85 6.36
N ARG C 191 7.58 6.67 6.84
CA ARG C 191 8.65 5.92 6.20
C ARG C 191 8.06 4.86 5.29
N TRP C 192 8.72 4.64 4.15
CA TRP C 192 8.22 3.80 3.08
C TRP C 192 9.04 2.56 2.82
N ALA C 193 8.34 1.45 2.57
CA ALA C 193 8.91 0.28 1.93
C ALA C 193 8.77 0.53 0.41
N PHE C 194 9.90 0.86 -0.25
CA PHE C 194 9.91 1.14 -1.68
C PHE C 194 9.70 -0.18 -2.41
N SER C 195 8.60 -0.27 -3.15
CA SER C 195 8.29 -1.50 -3.87
C SER C 195 8.68 -1.40 -5.36
N SER C 196 8.69 -2.54 -6.06
CA SER C 196 9.22 -2.59 -7.42
C SER C 196 8.28 -1.88 -8.40
N ALA C 197 8.85 -1.24 -9.41
CA ALA C 197 8.09 -0.53 -10.43
C ALA C 197 8.97 -0.38 -11.64
N PRO C 198 8.37 -0.23 -12.85
CA PRO C 198 9.16 -0.06 -14.08
C PRO C 198 10.28 1.00 -13.98
N ARG C 199 10.04 2.12 -13.30
CA ARG C 199 11.08 3.16 -13.24
C ARG C 199 12.06 3.02 -12.07
N GLY C 200 11.95 1.93 -11.34
CA GLY C 200 12.84 1.62 -10.23
C GLY C 200 12.10 1.53 -8.92
N PRO C 201 12.77 1.00 -7.88
CA PRO C 201 12.11 0.82 -6.57
C PRO C 201 11.57 2.14 -6.04
N GLY C 202 10.33 2.12 -5.59
CA GLY C 202 9.67 3.30 -5.05
C GLY C 202 9.30 4.35 -6.08
N ALA C 203 9.45 4.07 -7.38
CA ALA C 203 9.19 5.15 -8.37
C ALA C 203 7.77 5.69 -8.29
N ILE C 204 6.80 4.83 -7.99
CA ILE C 204 5.40 5.31 -7.94
C ILE C 204 5.15 6.34 -6.83
N ILE C 205 5.60 6.04 -5.62
CA ILE C 205 5.36 6.95 -4.54
C ILE C 205 6.26 8.18 -4.65
N ARG C 206 7.46 8.02 -5.22
CA ARG C 206 8.36 9.17 -5.42
C ARG C 206 7.76 10.12 -6.44
N ASN C 207 7.25 9.56 -7.53
CA ASN C 207 6.61 10.39 -8.54
C ASN C 207 5.30 11.02 -8.10
N ALA C 208 4.55 10.32 -7.25
CA ALA C 208 3.32 10.89 -6.68
C ALA C 208 3.66 12.03 -5.73
N PHE C 209 4.63 11.82 -4.83
CA PHE C 209 5.07 12.91 -3.95
C PHE C 209 5.48 14.10 -4.83
N ALA C 210 6.26 13.85 -5.87
CA ALA C 210 6.73 14.98 -6.68
C ALA C 210 5.57 15.78 -7.32
N ARG C 211 4.62 15.07 -7.93
CA ARG C 211 3.53 15.76 -8.65
C ARG C 211 2.64 16.53 -7.69
N TYR C 212 2.53 16.05 -6.44
CA TYR C 212 1.68 16.72 -5.45
C TYR C 212 2.45 17.80 -4.69
N GLY C 213 3.64 18.16 -5.21
CA GLY C 213 4.42 19.26 -4.67
C GLY C 213 5.16 18.99 -3.36
N LEU C 214 5.34 17.71 -3.03
CA LEU C 214 5.98 17.29 -1.79
C LEU C 214 7.47 16.99 -1.99
N PRO C 215 8.28 16.98 -0.90
CA PRO C 215 9.67 16.56 -0.96
C PRO C 215 9.79 15.07 -1.33
N GLU C 216 11.01 14.55 -1.46
CA GLU C 216 11.19 13.10 -1.66
C GLU C 216 10.56 12.35 -0.48
N PRO C 217 9.88 11.20 -0.74
CA PRO C 217 9.41 10.38 0.40
C PRO C 217 10.58 9.79 1.16
N LYS C 218 10.39 9.52 2.44
CA LYS C 218 11.47 9.04 3.28
C LYS C 218 11.59 7.55 3.10
N LEU C 219 12.81 7.13 2.81
CA LEU C 219 13.10 5.71 2.57
C LEU C 219 13.26 4.93 3.87
N GLY C 220 12.36 3.98 4.08
CA GLY C 220 12.44 3.06 5.23
C GLY C 220 13.23 1.82 4.85
N LEU C 221 12.81 1.16 3.78
CA LEU C 221 13.59 0.11 3.18
C LEU C 221 13.18 -0.11 1.75
N VAL C 222 13.96 -0.90 1.05
CA VAL C 222 13.62 -1.27 -0.32
C VAL C 222 13.21 -2.76 -0.28
N CYS C 223 11.99 -3.05 -0.73
CA CYS C 223 11.54 -4.45 -0.77
C CYS C 223 11.10 -4.79 -2.19
N GLU C 224 12.00 -5.40 -2.95
CA GLU C 224 11.72 -5.71 -4.35
C GLU C 224 10.83 -6.94 -4.49
N SER C 225 10.73 -7.74 -3.43
CA SER C 225 9.92 -8.94 -3.41
C SER C 225 8.44 -8.64 -3.06
N PHE C 226 7.54 -8.84 -4.01
CA PHE C 226 6.12 -8.69 -3.68
C PHE C 226 5.61 -9.84 -2.82
N LEU C 227 6.29 -10.97 -2.87
CA LEU C 227 5.91 -12.07 -1.97
C LEU C 227 6.10 -11.63 -0.52
N ALA C 228 7.22 -10.97 -0.24
CA ALA C 228 7.62 -10.62 1.13
C ALA C 228 6.89 -9.36 1.59
N LEU C 229 6.51 -8.50 0.64
CA LEU C 229 6.04 -7.15 1.00
C LEU C 229 4.85 -7.07 2.02
N PRO C 230 3.72 -7.80 1.76
CA PRO C 230 2.58 -7.63 2.70
C PRO C 230 2.96 -7.96 4.17
N GLY C 231 3.66 -9.06 4.39
CA GLY C 231 4.13 -9.43 5.74
C GLY C 231 5.10 -8.43 6.39
N VAL C 232 6.06 -7.93 5.59
CA VAL C 232 7.03 -6.92 6.08
C VAL C 232 6.28 -5.68 6.60
N VAL C 233 5.33 -5.21 5.80
CA VAL C 233 4.46 -4.11 6.17
C VAL C 233 3.57 -4.45 7.37
N ALA C 234 3.01 -5.67 7.39
CA ALA C 234 2.09 -6.05 8.47
C ALA C 234 2.80 -5.97 9.83
N HIS C 235 4.10 -6.20 9.82
CA HIS C 235 4.89 -6.24 11.06
C HIS C 235 5.77 -5.02 11.28
N SER C 236 5.42 -3.92 10.64
CA SER C 236 6.13 -2.66 10.81
C SER C 236 5.18 -1.44 10.80
N ASP C 237 5.74 -0.23 10.85
CA ASP C 237 4.96 0.99 10.66
C ASP C 237 5.21 1.59 9.27
N LEU C 238 5.83 0.83 8.38
CA LEU C 238 6.11 1.32 7.05
C LEU C 238 4.83 1.35 6.25
N LEU C 239 4.74 2.34 5.38
CA LEU C 239 3.72 2.34 4.32
C LEU C 239 4.36 1.83 3.03
N THR C 240 3.51 1.31 2.14
CA THR C 240 4.01 0.94 0.83
C THR C 240 2.97 1.22 -0.23
N THR C 241 3.34 1.05 -1.49
CA THR C 241 2.30 0.99 -2.52
C THR C 241 2.36 -0.41 -3.10
N MET C 242 1.20 -0.93 -3.50
CA MET C 242 1.12 -2.25 -4.14
C MET C 242 -0.09 -2.28 -5.04
N PRO C 243 -0.11 -3.19 -6.03
CA PRO C 243 -1.31 -3.40 -6.82
C PRO C 243 -2.47 -3.79 -5.92
N ARG C 244 -3.68 -3.33 -6.27
CA ARG C 244 -4.87 -3.65 -5.47
C ARG C 244 -5.11 -5.15 -5.40
N THR C 245 -4.80 -5.86 -6.48
CA THR C 245 -4.90 -7.31 -6.48
C THR C 245 -4.06 -7.95 -5.37
N LEU C 246 -2.84 -7.45 -5.17
CA LEU C 246 -1.99 -7.98 -4.07
C LEU C 246 -2.58 -7.65 -2.69
N TYR C 247 -3.13 -6.46 -2.57
CA TYR C 247 -3.80 -6.09 -1.32
C TYR C 247 -4.98 -7.04 -1.01
N GLU C 248 -5.73 -7.42 -2.03
CA GLU C 248 -6.85 -8.31 -1.86
C GLU C 248 -6.45 -9.76 -1.65
N ARG C 249 -5.26 -10.13 -2.12
CA ARG C 249 -4.84 -11.53 -2.17
C ARG C 249 -3.43 -11.70 -1.60
N ASN C 250 -3.34 -11.72 -0.27
CA ASN C 250 -2.06 -11.96 0.38
C ASN C 250 -2.32 -12.66 1.71
N ALA C 251 -1.29 -13.18 2.36
CA ALA C 251 -1.49 -13.99 3.57
C ALA C 251 -1.70 -13.17 4.84
N PHE C 252 -1.61 -11.85 4.73
CA PHE C 252 -1.63 -10.98 5.90
C PHE C 252 -2.81 -10.02 5.86
N LYS C 253 -3.90 -10.40 5.19
CA LYS C 253 -5.04 -9.49 4.97
C LYS C 253 -5.63 -8.97 6.28
N ASP C 254 -5.78 -9.85 7.26
CA ASP C 254 -6.31 -9.47 8.57
C ASP C 254 -5.46 -8.42 9.29
N GLN C 255 -4.21 -8.22 8.85
CA GLN C 255 -3.28 -7.34 9.55
C GLN C 255 -2.95 -6.05 8.79
N LEU C 256 -3.66 -5.78 7.70
CA LEU C 256 -3.35 -4.69 6.80
C LEU C 256 -4.60 -3.88 6.50
N CYS C 257 -4.42 -2.59 6.25
CA CYS C 257 -5.51 -1.75 5.81
C CYS C 257 -4.99 -0.83 4.75
N SER C 258 -5.73 -0.74 3.65
CA SER C 258 -5.39 0.29 2.64
C SER C 258 -5.82 1.65 3.20
N ILE C 259 -5.18 2.70 2.72
CA ILE C 259 -5.49 4.07 3.11
C ILE C 259 -6.07 4.75 1.88
N PRO C 260 -7.41 4.86 1.82
CA PRO C 260 -8.11 5.40 0.67
C PRO C 260 -8.07 6.94 0.57
N LEU C 261 -6.95 7.46 0.05
CA LEU C 261 -6.78 8.91 -0.10
C LEU C 261 -7.78 9.49 -1.11
N GLN C 262 -8.21 10.73 -0.87
CA GLN C 262 -8.92 11.47 -1.91
C GLN C 262 -7.98 12.00 -3.02
N ASP C 263 -6.67 11.93 -2.79
CA ASP C 263 -5.69 12.27 -3.83
C ASP C 263 -5.48 11.07 -4.72
N ALA C 264 -5.68 11.24 -6.02
CA ALA C 264 -5.60 10.10 -6.92
C ALA C 264 -4.16 9.61 -7.12
N LEU C 265 -4.00 8.29 -7.22
CA LEU C 265 -2.74 7.66 -7.62
C LEU C 265 -2.90 7.13 -9.05
N PRO C 266 -1.78 6.85 -9.74
CA PRO C 266 -1.86 6.38 -11.12
C PRO C 266 -2.47 4.98 -11.25
N ASN C 267 -2.88 4.66 -12.46
CA ASN C 267 -3.39 3.33 -12.73
C ASN C 267 -2.47 2.74 -13.76
N PRO C 268 -1.44 1.98 -13.33
CA PRO C 268 -0.48 1.48 -14.30
C PRO C 268 -1.13 0.50 -15.27
N THR C 269 -0.81 0.68 -16.55
CA THR C 269 -1.29 -0.25 -17.57
C THR C 269 -0.38 -1.44 -17.68
N ILE C 270 -0.98 -2.61 -17.52
CA ILE C 270 -0.28 -3.87 -17.73
C ILE C 270 -0.35 -4.26 -19.21
N TYR C 271 0.80 -4.53 -19.82
CA TYR C 271 0.89 -4.86 -21.25
C TYR C 271 1.37 -6.28 -21.45
N VAL C 272 0.99 -6.83 -22.61
CA VAL C 272 1.66 -8.00 -23.18
C VAL C 272 2.85 -7.44 -24.01
N LEU C 273 4.07 -7.77 -23.59
CA LEU C 273 5.28 -7.30 -24.28
C LEU C 273 5.98 -8.47 -24.97
N ARG C 274 6.56 -8.21 -26.15
CA ARG C 274 7.34 -9.21 -26.90
C ARG C 274 8.04 -8.58 -28.08
N ARG C 275 8.99 -9.30 -28.66
CA ARG C 275 9.68 -8.81 -29.86
C ARG C 275 8.72 -8.79 -31.03
N HIS C 276 8.63 -7.66 -31.74
CA HIS C 276 7.69 -7.57 -32.88
C HIS C 276 8.08 -8.46 -34.07
N ASP C 277 9.38 -8.63 -34.28
CA ASP C 277 9.88 -9.43 -35.40
C ASP C 277 9.63 -10.95 -35.26
N LEU C 278 9.35 -11.40 -34.04
CA LEU C 278 9.35 -12.81 -33.67
C LEU C 278 7.96 -13.47 -33.78
N PRO C 279 7.82 -14.52 -34.63
CA PRO C 279 6.56 -15.25 -34.79
C PRO C 279 6.03 -15.86 -33.47
N VAL C 280 4.70 -15.91 -33.34
CA VAL C 280 4.05 -16.35 -32.09
C VAL C 280 3.36 -17.69 -32.33
N THR C 281 3.58 -18.66 -31.44
CA THR C 281 2.92 -19.96 -31.58
C THR C 281 1.40 -19.82 -31.39
N PRO C 282 0.60 -20.73 -31.98
CA PRO C 282 -0.84 -20.79 -31.69
C PRO C 282 -1.16 -20.88 -30.19
N ALA C 283 -0.41 -21.71 -29.46
CA ALA C 283 -0.64 -21.91 -28.04
C ALA C 283 -0.38 -20.62 -27.27
N ALA C 284 0.71 -19.92 -27.61
CA ALA C 284 1.01 -18.65 -26.95
C ALA C 284 -0.09 -17.66 -27.24
N ALA C 285 -0.52 -17.60 -28.51
CA ALA C 285 -1.68 -16.78 -28.86
C ALA C 285 -2.92 -17.17 -28.02
N GLY C 286 -3.16 -18.47 -27.88
CA GLY C 286 -4.32 -18.98 -27.12
C GLY C 286 -4.24 -18.63 -25.64
N LEU C 287 -3.05 -18.75 -25.08
CA LEU C 287 -2.86 -18.38 -23.66
C LEU C 287 -3.12 -16.90 -23.41
N ILE C 288 -2.64 -16.07 -24.33
CA ILE C 288 -2.81 -14.63 -24.20
C ILE C 288 -4.30 -14.31 -24.30
N ARG C 289 -5.00 -15.00 -25.20
CA ARG C 289 -6.45 -14.82 -25.30
C ARG C 289 -7.15 -15.17 -23.98
N TRP C 290 -6.79 -16.32 -23.38
CA TRP C 290 -7.34 -16.71 -22.09
C TRP C 290 -7.03 -15.73 -20.95
N ILE C 291 -5.79 -15.24 -20.93
CA ILE C 291 -5.38 -14.23 -19.94
C ILE C 291 -6.21 -12.93 -20.12
N GLN C 292 -6.35 -12.48 -21.37
CA GLN C 292 -7.20 -11.34 -21.70
C GLN C 292 -8.65 -11.57 -21.21
N HIS C 293 -9.20 -12.75 -21.46
CA HIS C 293 -10.57 -13.08 -21.06
C HIS C 293 -10.77 -12.91 -19.56
N HIS C 294 -9.79 -13.37 -18.78
CA HIS C 294 -9.86 -13.30 -17.35
C HIS C 294 -9.30 -12.00 -16.75
N ALA C 295 -8.86 -11.06 -17.59
CA ALA C 295 -8.36 -9.75 -17.09
C ALA C 295 -9.34 -8.59 -17.36
N LEU C 296 -10.60 -8.84 -17.04
CA LEU C 296 -11.67 -7.84 -17.15
C LEU C 296 -12.72 -8.23 -16.12
N MET D 1 -1.07 -29.19 -50.33
CA MET D 1 -0.03 -29.61 -51.31
C MET D 1 0.69 -28.38 -51.87
N LEU D 2 2.01 -28.48 -52.00
CA LEU D 2 2.84 -27.40 -52.55
C LEU D 2 2.49 -27.04 -54.00
N LYS D 3 2.64 -25.75 -54.32
CA LYS D 3 2.45 -25.23 -55.68
C LYS D 3 3.77 -24.65 -56.21
N LEU D 4 4.23 -25.15 -57.38
CA LEU D 4 5.56 -24.82 -57.94
C LEU D 4 5.81 -23.32 -58.12
N GLN D 5 4.80 -22.61 -58.63
CA GLN D 5 4.91 -21.16 -58.81
C GLN D 5 5.19 -20.44 -57.49
N THR D 6 4.58 -20.93 -56.41
CA THR D 6 4.81 -20.31 -55.11
C THR D 6 6.23 -20.55 -54.62
N LEU D 7 6.78 -21.73 -54.89
CA LEU D 7 8.17 -22.00 -54.52
C LEU D 7 9.11 -21.02 -55.21
N GLN D 8 8.88 -20.81 -56.49
CA GLN D 8 9.69 -19.86 -57.25
C GLN D 8 9.55 -18.46 -56.67
N ALA D 9 8.33 -18.11 -56.26
CA ALA D 9 8.09 -16.79 -55.67
C ALA D 9 8.86 -16.61 -54.36
N LEU D 10 8.89 -17.67 -53.56
CA LEU D 10 9.61 -17.64 -52.29
C LEU D 10 11.13 -17.48 -52.49
N ILE D 11 11.67 -18.19 -53.47
CA ILE D 11 13.07 -18.04 -53.84
C ILE D 11 13.37 -16.59 -54.25
N CYS D 12 12.51 -16.01 -55.09
CA CYS D 12 12.66 -14.62 -55.48
C CYS D 12 12.59 -13.69 -54.28
N ILE D 13 11.65 -13.92 -53.36
CA ILE D 13 11.54 -13.11 -52.14
C ILE D 13 12.85 -13.15 -51.34
N GLU D 14 13.39 -14.35 -51.16
CA GLU D 14 14.66 -14.55 -50.46
C GLU D 14 15.82 -13.80 -51.14
N GLU D 15 15.86 -13.84 -52.47
CA GLU D 15 16.90 -13.16 -53.24
C GLU D 15 16.95 -11.66 -53.00
N VAL D 16 15.78 -11.03 -52.90
CA VAL D 16 15.69 -9.56 -52.88
C VAL D 16 15.31 -8.96 -51.51
N GLY D 17 14.79 -9.78 -50.61
CA GLY D 17 14.54 -9.38 -49.22
C GLY D 17 13.30 -8.54 -48.92
N SER D 18 12.44 -8.34 -49.90
CA SER D 18 11.21 -7.59 -49.69
C SER D 18 10.06 -8.21 -50.47
N LEU D 19 8.83 -8.09 -49.94
CA LEU D 19 7.65 -8.50 -50.68
C LEU D 19 7.44 -7.57 -51.89
N ARG D 20 7.48 -6.27 -51.63
CA ARG D 20 7.31 -5.25 -52.67
C ARG D 20 8.32 -5.39 -53.80
N ALA D 21 9.59 -5.62 -53.44
CA ALA D 21 10.67 -5.77 -54.41
C ALA D 21 10.51 -7.03 -55.25
N ALA D 22 10.06 -8.12 -54.60
CA ALA D 22 9.83 -9.39 -55.29
C ALA D 22 8.63 -9.28 -56.24
N ALA D 23 7.52 -8.73 -55.73
CA ALA D 23 6.30 -8.54 -56.53
C ALA D 23 6.59 -7.83 -57.85
N GLN D 24 7.45 -6.81 -57.82
CA GLN D 24 7.85 -6.06 -59.01
C GLN D 24 8.50 -7.00 -60.03
N LEU D 25 9.43 -7.82 -59.56
CA LEU D 25 10.17 -8.75 -60.42
C LEU D 25 9.28 -9.80 -61.06
N LEU D 26 8.31 -10.31 -60.30
CA LEU D 26 7.43 -11.39 -60.76
C LEU D 26 6.20 -10.88 -61.51
N HIS D 27 6.12 -9.57 -61.73
CA HIS D 27 4.99 -8.94 -62.42
C HIS D 27 3.66 -9.29 -61.74
N LEU D 28 3.59 -9.06 -60.43
CA LEU D 28 2.40 -9.41 -59.67
C LEU D 28 2.01 -8.32 -58.68
N SER D 29 0.71 -8.29 -58.35
CA SER D 29 0.19 -7.42 -57.33
C SER D 29 0.86 -7.65 -55.99
N GLN D 30 1.21 -6.54 -55.33
CA GLN D 30 1.84 -6.55 -54.01
C GLN D 30 1.08 -7.36 -52.95
N PRO D 31 -0.27 -7.34 -52.99
CA PRO D 31 -1.03 -8.30 -52.17
C PRO D 31 -1.14 -9.71 -52.78
N ALA D 32 -1.14 -9.83 -54.11
CA ALA D 32 -1.28 -11.14 -54.75
C ALA D 32 -0.15 -12.08 -54.35
N LEU D 33 1.06 -11.54 -54.28
CA LEU D 33 2.21 -12.30 -53.78
C LEU D 33 1.95 -12.81 -52.36
N SER D 34 1.50 -11.92 -51.48
CA SER D 34 1.16 -12.31 -50.10
C SER D 34 0.11 -13.42 -50.03
N ALA D 35 -0.96 -13.30 -50.82
CA ALA D 35 -1.98 -14.36 -50.93
C ALA D 35 -1.35 -15.73 -51.15
N ALA D 36 -0.46 -15.82 -52.15
CA ALA D 36 0.23 -17.06 -52.51
C ALA D 36 1.13 -17.56 -51.38
N ILE D 37 1.93 -16.65 -50.82
CA ILE D 37 2.82 -17.03 -49.71
C ILE D 37 2.00 -17.46 -48.50
N GLN D 38 0.98 -16.67 -48.15
CA GLN D 38 0.11 -16.98 -47.03
C GLN D 38 -0.58 -18.34 -47.23
N GLN D 39 -0.87 -18.68 -48.47
CA GLN D 39 -1.44 -19.97 -48.83
C GLN D 39 -0.49 -21.10 -48.47
N LEU D 40 0.77 -20.93 -48.83
CA LEU D 40 1.78 -21.91 -48.52
C LEU D 40 1.99 -22.04 -46.99
N GLU D 41 2.01 -20.91 -46.30
CA GLU D 41 2.18 -20.90 -44.85
C GLU D 41 0.97 -21.50 -44.14
N ASP D 42 -0.23 -21.08 -44.56
CA ASP D 42 -1.47 -21.52 -43.91
C ASP D 42 -1.52 -23.04 -43.95
N GLU D 43 -1.18 -23.59 -45.10
CA GLU D 43 -1.22 -25.04 -45.25
C GLU D 43 -0.11 -25.79 -44.53
N LEU D 44 1.14 -25.31 -44.63
CA LEU D 44 2.26 -25.88 -43.86
C LEU D 44 2.04 -25.72 -42.36
N LYS D 45 1.08 -24.87 -42.02
CA LYS D 45 0.78 -24.45 -40.65
C LYS D 45 2.06 -23.98 -39.94
N ALA D 46 2.92 -23.29 -40.70
CA ALA D 46 4.15 -22.72 -40.17
C ALA D 46 4.47 -21.44 -40.92
N PRO D 47 4.86 -20.39 -40.18
CA PRO D 47 5.30 -19.14 -40.78
C PRO D 47 6.66 -19.31 -41.49
N LEU D 48 6.76 -18.83 -42.74
CA LEU D 48 8.02 -18.94 -43.50
C LEU D 48 8.81 -17.65 -43.51
N LEU D 49 8.09 -16.55 -43.36
CA LEU D 49 8.68 -15.21 -43.41
C LEU D 49 8.38 -14.41 -42.17
N VAL D 50 9.27 -13.47 -41.86
CA VAL D 50 9.05 -12.49 -40.81
C VAL D 50 9.37 -11.10 -41.34
N ARG D 51 8.47 -10.15 -41.04
CA ARG D 51 8.69 -8.74 -41.34
C ARG D 51 9.87 -8.20 -40.53
N THR D 52 10.87 -7.66 -41.24
CA THR D 52 11.99 -6.97 -40.58
C THR D 52 11.98 -5.49 -40.96
N LYS D 53 12.89 -4.71 -40.39
CA LYS D 53 13.04 -3.31 -40.77
C LYS D 53 13.41 -3.21 -42.25
N ARG D 54 14.24 -4.14 -42.73
CA ARG D 54 14.74 -4.13 -44.10
C ARG D 54 13.83 -4.88 -45.10
N GLY D 55 12.74 -5.46 -44.61
CA GLY D 55 11.76 -6.12 -45.49
C GLY D 55 11.17 -7.37 -44.87
N VAL D 56 11.52 -8.52 -45.45
CA VAL D 56 11.21 -9.81 -44.86
C VAL D 56 12.46 -10.66 -44.76
N SER D 57 12.45 -11.56 -43.77
CA SER D 57 13.50 -12.54 -43.60
C SER D 57 12.84 -13.90 -43.42
N LEU D 58 13.55 -14.98 -43.74
CA LEU D 58 13.01 -16.33 -43.48
C LEU D 58 13.05 -16.64 -42.00
N THR D 59 11.98 -17.26 -41.53
CA THR D 59 11.95 -17.87 -40.20
C THR D 59 12.87 -19.11 -40.23
N SER D 60 13.04 -19.74 -39.08
CA SER D 60 13.73 -21.04 -39.00
C SER D 60 13.07 -22.04 -39.96
N PHE D 61 11.73 -22.05 -39.98
CA PHE D 61 11.00 -22.95 -40.87
C PHE D 61 11.31 -22.62 -42.34
N GLY D 62 11.30 -21.33 -42.68
CA GLY D 62 11.68 -20.85 -44.03
C GLY D 62 13.09 -21.23 -44.48
N GLN D 63 14.06 -21.09 -43.58
CA GLN D 63 15.44 -21.44 -43.92
C GLN D 63 15.55 -22.95 -44.22
N ALA D 64 14.93 -23.77 -43.39
CA ALA D 64 14.90 -25.23 -43.58
C ALA D 64 14.21 -25.61 -44.90
N PHE D 65 13.10 -24.94 -45.19
CA PHE D 65 12.32 -25.20 -46.39
C PHE D 65 13.03 -24.81 -47.70
N MET D 66 13.84 -23.76 -47.66
CA MET D 66 14.52 -23.27 -48.86
C MET D 66 15.36 -24.30 -49.59
N LYS D 67 16.10 -25.14 -48.87
CA LYS D 67 16.96 -26.13 -49.57
C LYS D 67 16.09 -27.06 -50.42
N HIS D 68 14.94 -27.46 -49.85
CA HIS D 68 13.97 -28.28 -50.59
C HIS D 68 13.33 -27.51 -51.75
N ALA D 69 12.90 -26.27 -51.50
CA ALA D 69 12.33 -25.42 -52.56
C ALA D 69 13.25 -25.29 -53.78
N ARG D 70 14.52 -25.01 -53.51
CA ARG D 70 15.52 -24.80 -54.54
C ARG D 70 15.74 -26.08 -55.35
N LEU D 71 15.83 -27.22 -54.68
CA LEU D 71 16.04 -28.49 -55.41
C LEU D 71 14.83 -28.80 -56.29
N ILE D 72 13.64 -28.65 -55.70
CA ILE D 72 12.38 -28.82 -56.48
C ILE D 72 12.32 -27.92 -57.71
N VAL D 73 12.54 -26.63 -57.53
CA VAL D 73 12.49 -25.69 -58.66
C VAL D 73 13.59 -25.98 -59.70
N THR D 74 14.83 -26.18 -59.25
CA THR D 74 15.92 -26.41 -60.21
C THR D 74 15.77 -27.77 -60.94
N GLU D 75 15.33 -28.82 -60.22
CA GLU D 75 15.03 -30.11 -60.86
C GLU D 75 13.89 -30.01 -61.87
N SER D 76 12.85 -29.24 -61.56
CA SER D 76 11.76 -29.03 -62.52
C SER D 76 12.29 -28.35 -63.79
N ARG D 77 13.18 -27.37 -63.63
CA ARG D 77 13.76 -26.68 -64.77
C ARG D 77 14.67 -27.63 -65.56
N ARG D 78 15.53 -28.38 -64.86
CA ARG D 78 16.38 -29.37 -65.57
C ARG D 78 15.57 -30.44 -66.31
N ALA D 79 14.45 -30.88 -65.72
CA ALA D 79 13.55 -31.86 -66.37
C ALA D 79 13.12 -31.30 -67.74
N GLN D 80 12.62 -30.06 -67.76
CA GLN D 80 12.15 -29.41 -68.99
C GLN D 80 13.28 -29.24 -69.98
N GLU D 81 14.45 -28.80 -69.49
CA GLU D 81 15.58 -28.53 -70.38
C GLU D 81 16.07 -29.82 -71.03
N GLU D 82 16.16 -30.87 -70.22
CA GLU D 82 16.57 -32.17 -70.74
C GLU D 82 15.65 -32.65 -71.86
N ILE D 83 14.34 -32.57 -71.62
CA ILE D 83 13.37 -32.99 -72.66
C ILE D 83 13.58 -32.22 -73.98
N GLY D 84 13.79 -30.90 -73.87
CA GLY D 84 14.11 -30.08 -75.03
C GLY D 84 15.37 -30.57 -75.73
N GLN D 85 16.42 -30.84 -74.95
CA GLN D 85 17.66 -31.32 -75.53
C GLN D 85 17.50 -32.68 -76.21
N LEU D 86 16.69 -33.55 -75.61
CA LEU D 86 16.46 -34.87 -76.22
C LEU D 86 15.72 -34.74 -77.56
N ARG D 87 15.03 -33.63 -77.76
CA ARG D 87 14.41 -33.33 -79.08
C ARG D 87 15.31 -32.48 -79.99
N GLY D 88 16.54 -32.24 -79.57
CA GLY D 88 17.50 -31.50 -80.36
C GLY D 88 17.33 -29.98 -80.28
N ARG D 89 16.57 -29.51 -79.29
CA ARG D 89 16.52 -28.10 -78.95
C ARG D 89 17.54 -27.86 -77.83
N TRP D 90 18.75 -27.47 -78.23
CA TRP D 90 19.88 -27.37 -77.31
C TRP D 90 19.88 -25.99 -76.66
N GLU D 91 18.95 -25.84 -75.73
CA GLU D 91 18.84 -24.65 -74.95
C GLU D 91 18.82 -25.10 -73.51
N GLY D 92 19.45 -23.83 -72.31
CA GLY D 92 19.48 -24.20 -70.90
C GLY D 92 20.62 -23.51 -70.21
N HIS D 93 20.89 -23.97 -68.99
CA HIS D 93 21.86 -23.33 -68.11
C HIS D 93 22.69 -24.44 -67.54
N ILE D 94 23.98 -24.14 -67.37
CA ILE D 94 24.85 -25.04 -66.62
C ILE D 94 25.62 -24.14 -65.67
N THR D 95 25.65 -24.51 -64.39
CA THR D 95 26.42 -23.76 -63.40
C THR D 95 27.42 -24.70 -62.76
N PHE D 96 28.70 -24.33 -62.74
CA PHE D 96 29.72 -25.25 -62.22
C PHE D 96 30.90 -24.49 -61.58
N ALA D 97 31.69 -25.19 -60.77
CA ALA D 97 32.83 -24.58 -60.07
C ALA D 97 34.09 -25.25 -60.57
N ALA D 98 35.21 -24.53 -60.57
CA ALA D 98 36.48 -25.12 -60.98
C ALA D 98 37.64 -24.71 -60.09
N SER D 99 38.62 -25.61 -59.98
CA SER D 99 39.88 -25.40 -59.24
C SER D 99 40.93 -24.71 -60.14
N PRO D 100 42.03 -24.19 -59.54
CA PRO D 100 42.99 -23.38 -60.30
C PRO D 100 43.67 -24.06 -61.46
N ALA D 101 44.14 -25.30 -61.30
CA ALA D 101 44.79 -25.98 -62.44
C ALA D 101 43.86 -26.14 -63.65
N ILE D 102 42.61 -26.50 -63.39
CA ILE D 102 41.59 -26.62 -64.43
C ILE D 102 41.26 -25.25 -65.04
N ALA D 103 41.02 -24.25 -64.20
CA ALA D 103 40.58 -22.93 -64.65
C ALA D 103 41.60 -22.27 -65.57
N LEU D 104 42.89 -22.55 -65.33
CA LEU D 104 43.97 -21.87 -66.06
C LEU D 104 44.45 -22.56 -67.32
N ALA D 105 44.10 -23.83 -67.52
CA ALA D 105 44.66 -24.55 -68.63
C ALA D 105 43.54 -25.18 -69.43
N ALA D 106 42.84 -26.14 -68.83
CA ALA D 106 41.77 -26.88 -69.54
C ALA D 106 40.54 -26.04 -69.85
N LEU D 107 40.15 -25.17 -68.90
CA LEU D 107 38.89 -24.49 -69.01
C LEU D 107 38.74 -23.50 -70.19
N PRO D 108 39.75 -22.63 -70.45
CA PRO D 108 39.59 -21.70 -71.58
C PRO D 108 39.39 -22.42 -72.92
N LEU D 109 40.13 -23.50 -73.13
CA LEU D 109 39.99 -24.28 -74.35
C LEU D 109 38.65 -25.05 -74.37
N ALA D 110 38.27 -25.61 -73.23
CA ALA D 110 37.03 -26.41 -73.18
C ALA D 110 35.80 -25.55 -73.37
N LEU D 111 35.78 -24.37 -72.73
CA LEU D 111 34.59 -23.51 -72.87
C LEU D 111 34.45 -23.04 -74.32
N ALA D 112 35.58 -22.70 -74.94
CA ALA D 112 35.59 -22.29 -76.36
C ALA D 112 35.03 -23.41 -77.23
N SER D 113 35.47 -24.65 -76.96
CA SER D 113 34.99 -25.81 -77.76
C SER D 113 33.53 -26.09 -77.54
N PHE D 114 33.13 -26.07 -76.28
CA PHE D 114 31.73 -26.24 -75.92
C PHE D 114 30.83 -25.18 -76.56
N ALA D 115 31.26 -23.92 -76.52
CA ALA D 115 30.47 -22.83 -77.09
C ALA D 115 30.29 -22.95 -78.62
N ARG D 116 31.32 -23.43 -79.32
CA ARG D 116 31.19 -23.73 -80.74
C ARG D 116 30.15 -24.81 -81.02
N GLU D 117 30.10 -25.85 -80.18
CA GLU D 117 29.14 -26.93 -80.40
C GLU D 117 27.73 -26.62 -79.88
N PHE D 118 27.63 -25.91 -78.75
CA PHE D 118 26.33 -25.63 -78.13
C PHE D 118 26.24 -24.11 -77.87
N PRO D 119 26.09 -23.32 -78.94
CA PRO D 119 26.12 -21.85 -78.83
C PRO D 119 25.04 -21.22 -77.98
N ASP D 120 23.90 -21.89 -77.79
CA ASP D 120 22.78 -21.27 -77.09
C ASP D 120 22.61 -21.71 -75.60
N VAL D 121 23.55 -22.48 -75.06
CA VAL D 121 23.50 -22.85 -73.65
C VAL D 121 24.22 -21.79 -72.83
N THR D 122 23.62 -21.40 -71.71
CA THR D 122 24.20 -20.38 -70.84
C THR D 122 25.00 -21.02 -69.74
N VAL D 123 26.30 -20.69 -69.68
CA VAL D 123 27.22 -21.32 -68.75
C VAL D 123 27.63 -20.29 -67.72
N ASN D 124 27.67 -20.72 -66.46
CA ASN D 124 28.07 -19.87 -65.33
C ASN D 124 29.21 -20.59 -64.63
N VAL D 125 30.41 -19.98 -64.63
CA VAL D 125 31.55 -20.60 -63.97
C VAL D 125 32.03 -19.83 -62.76
N ARG D 126 32.33 -20.56 -61.70
CA ARG D 126 32.82 -19.91 -60.50
C ARG D 126 33.99 -20.68 -59.95
N ASP D 127 34.71 -20.08 -58.99
CA ASP D 127 35.69 -20.83 -58.21
C ASP D 127 34.98 -21.74 -57.23
N GLY D 128 35.63 -22.86 -56.90
CA GLY D 128 35.07 -23.70 -55.86
C GLY D 128 35.98 -24.84 -55.51
N MET D 129 35.85 -25.30 -54.27
CA MET D 129 36.65 -26.41 -53.78
C MET D 129 35.80 -27.33 -52.91
N TYR D 130 36.09 -28.63 -52.94
CA TYR D 130 35.50 -29.59 -52.01
C TYR D 130 36.17 -29.41 -50.64
N PRO D 131 35.41 -29.50 -49.55
CA PRO D 131 33.97 -29.79 -49.41
C PRO D 131 33.04 -28.59 -49.42
N ALA D 132 33.58 -27.38 -49.58
CA ALA D 132 32.71 -26.17 -49.57
C ALA D 132 31.57 -26.28 -50.59
N VAL D 133 31.86 -26.93 -51.72
CA VAL D 133 30.85 -27.03 -52.78
C VAL D 133 29.69 -28.00 -52.47
N SER D 134 29.82 -28.84 -51.44
CA SER D 134 28.89 -29.98 -51.26
C SER D 134 27.41 -29.58 -51.11
N PRO D 135 27.12 -28.54 -50.30
CA PRO D 135 25.70 -28.16 -50.14
C PRO D 135 25.02 -27.66 -51.42
N GLN D 136 25.79 -26.99 -52.29
CA GLN D 136 25.33 -26.50 -53.58
C GLN D 136 25.20 -27.61 -54.61
N LEU D 137 26.04 -28.64 -54.53
CA LEU D 137 25.76 -29.85 -55.31
C LEU D 137 24.45 -30.49 -54.80
N ARG D 138 24.22 -30.52 -53.49
CA ARG D 138 23.05 -31.26 -52.95
C ARG D 138 21.72 -30.57 -53.22
N ASP D 139 21.73 -29.24 -53.25
CA ASP D 139 20.47 -28.49 -53.44
C ASP D 139 20.22 -28.15 -54.90
N GLY D 140 21.12 -28.64 -55.78
CA GLY D 140 21.00 -28.47 -57.25
C GLY D 140 21.38 -27.11 -57.83
N THR D 141 21.86 -26.20 -56.99
CA THR D 141 22.29 -24.86 -57.49
C THR D 141 23.64 -24.90 -58.24
N LEU D 142 24.48 -25.91 -57.98
CA LEU D 142 25.74 -26.13 -58.69
C LEU D 142 25.60 -27.48 -59.38
N ASP D 143 25.77 -27.54 -60.70
CA ASP D 143 25.56 -28.81 -61.44
C ASP D 143 26.73 -29.79 -61.31
N PHE D 144 27.93 -29.26 -61.18
CA PHE D 144 29.07 -30.10 -60.87
C PHE D 144 30.22 -29.23 -60.39
N ALA D 145 31.21 -29.85 -59.72
CA ALA D 145 32.45 -29.14 -59.35
C ALA D 145 33.67 -29.90 -59.80
N LEU D 146 34.65 -29.17 -60.34
CA LEU D 146 35.89 -29.76 -60.80
C LEU D 146 36.95 -29.42 -59.75
N THR D 147 37.26 -30.37 -58.90
CA THR D 147 37.98 -30.00 -57.67
C THR D 147 38.82 -31.16 -57.22
N ALA D 148 39.92 -30.87 -56.53
CA ALA D 148 40.64 -31.95 -55.86
C ALA D 148 39.81 -32.52 -54.73
N ALA D 149 40.04 -33.80 -54.44
CA ALA D 149 39.38 -34.49 -53.33
C ALA D 149 40.14 -35.78 -53.09
N HIS D 150 39.97 -36.35 -51.90
CA HIS D 150 40.51 -37.64 -51.59
C HIS D 150 39.38 -38.65 -51.75
N LYS D 151 39.57 -39.54 -52.73
CA LYS D 151 38.70 -40.67 -53.05
C LYS D 151 37.89 -41.17 -51.85
N HIS D 152 38.61 -41.62 -50.82
CA HIS D 152 38.00 -42.30 -49.70
C HIS D 152 37.12 -41.42 -48.81
N ASP D 153 37.36 -40.12 -48.85
CA ASP D 153 36.70 -39.15 -47.96
C ASP D 153 35.29 -38.84 -48.42
N ILE D 154 35.09 -38.76 -49.73
CA ILE D 154 33.92 -38.16 -50.37
C ILE D 154 32.61 -38.77 -49.87
N ASP D 155 31.68 -37.90 -49.50
CA ASP D 155 30.38 -38.32 -49.01
C ASP D 155 29.68 -39.27 -49.97
N THR D 156 28.97 -40.23 -49.40
CA THR D 156 28.40 -41.36 -50.14
C THR D 156 27.33 -40.99 -51.19
N ASP D 157 26.66 -39.87 -51.02
CA ASP D 157 25.63 -39.43 -51.99
C ASP D 157 26.22 -38.66 -53.17
N LEU D 158 27.54 -38.46 -53.15
CA LEU D 158 28.26 -37.80 -54.24
C LEU D 158 28.97 -38.82 -55.14
N GLU D 159 29.10 -38.47 -56.41
CA GLU D 159 29.79 -39.27 -57.40
C GLU D 159 31.05 -38.50 -57.78
N ALA D 160 32.16 -39.20 -57.98
CA ALA D 160 33.45 -38.53 -58.28
C ALA D 160 34.13 -39.19 -59.46
N GLN D 161 34.18 -38.53 -60.61
CA GLN D 161 34.86 -39.10 -61.77
C GLN D 161 36.22 -38.44 -61.99
N PRO D 162 37.31 -39.25 -62.05
CA PRO D 162 38.66 -38.64 -62.14
C PRO D 162 38.82 -37.77 -63.39
N LEU D 163 39.43 -36.60 -63.25
CA LEU D 163 39.59 -35.65 -64.34
C LEU D 163 41.06 -35.39 -64.70
N TYR D 164 41.89 -35.16 -63.68
CA TYR D 164 43.28 -34.75 -63.96
C TYR D 164 44.15 -35.08 -62.75
N VAL D 165 45.36 -35.59 -62.96
CA VAL D 165 46.27 -35.75 -61.82
C VAL D 165 47.23 -34.57 -61.82
N SER D 166 47.11 -33.70 -60.81
CA SER D 166 47.92 -32.47 -60.80
C SER D 166 49.32 -32.70 -60.20
N ASP D 167 50.16 -31.66 -60.24
CA ASP D 167 51.56 -31.68 -59.81
C ASP D 167 51.64 -30.50 -58.84
N VAL D 168 52.23 -30.72 -57.67
CA VAL D 168 52.40 -29.69 -56.65
C VAL D 168 53.88 -29.28 -56.70
N VAL D 169 54.15 -27.98 -56.71
CA VAL D 169 55.54 -27.49 -56.55
C VAL D 169 55.61 -26.52 -55.40
N ILE D 170 56.80 -26.37 -54.85
CA ILE D 170 57.02 -25.40 -53.80
C ILE D 170 57.69 -24.21 -54.47
N VAL D 171 57.17 -23.02 -54.15
CA VAL D 171 57.55 -21.81 -54.87
C VAL D 171 57.97 -20.73 -53.90
N GLY D 172 59.02 -19.97 -54.24
CA GLY D 172 59.38 -18.75 -53.47
C GLY D 172 59.76 -17.61 -54.40
N GLN D 173 60.06 -16.43 -53.85
CA GLN D 173 60.55 -15.34 -54.72
C GLN D 173 61.85 -15.77 -55.40
N ARG D 174 62.18 -15.17 -56.55
CA ARG D 174 63.35 -15.59 -57.35
C ARG D 174 64.70 -15.65 -56.61
N GLN D 175 64.88 -14.76 -55.64
CA GLN D 175 66.16 -14.61 -54.94
C GLN D 175 66.03 -15.08 -53.51
N HIS D 176 65.09 -16.00 -53.29
CA HIS D 176 64.81 -16.55 -51.95
C HIS D 176 66.09 -17.17 -51.36
N PRO D 177 66.32 -17.01 -50.04
CA PRO D 177 67.47 -17.64 -49.35
C PRO D 177 67.62 -19.12 -49.67
N MET D 178 66.48 -19.81 -49.78
CA MET D 178 66.46 -21.24 -50.05
C MET D 178 66.13 -21.60 -51.50
N ALA D 179 66.33 -20.65 -52.43
CA ALA D 179 66.00 -20.87 -53.83
C ALA D 179 66.71 -22.10 -54.43
N ASN D 180 67.91 -22.39 -53.92
CA ASN D 180 68.76 -23.50 -54.41
C ASN D 180 68.67 -24.78 -53.56
N ALA D 181 67.68 -24.86 -52.65
CA ALA D 181 67.53 -26.04 -51.80
C ALA D 181 67.06 -27.25 -52.60
N THR D 182 67.48 -28.44 -52.17
CA THR D 182 67.07 -29.66 -52.87
C THR D 182 66.36 -30.67 -51.95
N ARG D 183 66.27 -30.37 -50.65
CA ARG D 183 65.62 -31.29 -49.69
C ARG D 183 64.61 -30.55 -48.85
N LEU D 184 63.45 -31.18 -48.62
CA LEU D 184 62.41 -30.54 -47.80
C LEU D 184 62.91 -30.13 -46.40
N ALA D 185 63.79 -30.95 -45.82
CA ALA D 185 64.38 -30.62 -44.49
C ALA D 185 65.06 -29.22 -44.47
N GLU D 186 65.61 -28.79 -45.60
CA GLU D 186 66.30 -27.50 -45.65
C GLU D 186 65.35 -26.32 -45.50
N LEU D 187 64.04 -26.59 -45.67
CA LEU D 187 63.00 -25.59 -45.59
C LEU D 187 62.32 -25.54 -44.22
N GLN D 188 62.79 -26.35 -43.26
CA GLN D 188 62.07 -26.48 -41.97
C GLN D 188 61.79 -25.19 -41.22
N GLU D 189 62.70 -24.23 -41.37
CA GLU D 189 62.61 -22.97 -40.62
C GLU D 189 61.97 -21.86 -41.41
N CYS D 190 61.62 -22.13 -42.67
CA CYS D 190 60.99 -21.15 -43.52
C CYS D 190 59.57 -20.90 -43.06
N ARG D 191 59.04 -19.72 -43.42
CA ARG D 191 57.65 -19.38 -43.17
C ARG D 191 56.83 -19.58 -44.44
N TRP D 192 55.59 -20.05 -44.26
CA TRP D 192 54.74 -20.53 -45.36
C TRP D 192 53.48 -19.71 -45.47
N ALA D 193 53.10 -19.44 -46.71
CA ALA D 193 51.74 -19.03 -47.02
C ALA D 193 50.94 -20.31 -47.26
N PHE D 194 50.07 -20.62 -46.32
CA PHE D 194 49.23 -21.81 -46.38
C PHE D 194 48.16 -21.57 -47.42
N SER D 195 48.18 -22.41 -48.44
CA SER D 195 47.25 -22.26 -49.54
C SER D 195 46.09 -23.25 -49.35
N SER D 196 45.00 -23.05 -50.07
CA SER D 196 43.78 -23.86 -49.89
C SER D 196 43.91 -25.31 -50.36
N ALA D 197 43.23 -26.22 -49.66
CA ALA D 197 43.26 -27.66 -49.97
C ALA D 197 42.02 -28.32 -49.39
N PRO D 198 41.57 -29.45 -49.98
CA PRO D 198 40.35 -30.11 -49.48
C PRO D 198 40.38 -30.35 -47.96
N ARG D 199 41.54 -30.72 -47.44
CA ARG D 199 41.68 -30.99 -46.02
C ARG D 199 41.95 -29.75 -45.17
N GLY D 200 41.90 -28.57 -45.79
CA GLY D 200 42.06 -27.28 -45.10
C GLY D 200 43.34 -26.56 -45.50
N PRO D 201 43.47 -25.28 -45.12
CA PRO D 201 44.60 -24.45 -45.54
C PRO D 201 45.92 -25.05 -45.09
N GLY D 202 46.88 -25.12 -46.00
CA GLY D 202 48.20 -25.64 -45.66
C GLY D 202 48.29 -27.16 -45.54
N ALA D 203 47.18 -27.86 -45.82
CA ALA D 203 47.17 -29.34 -45.58
C ALA D 203 48.28 -30.08 -46.35
N ILE D 204 48.57 -29.64 -47.58
CA ILE D 204 49.58 -30.33 -48.37
C ILE D 204 50.97 -30.19 -47.77
N ILE D 205 51.38 -28.96 -47.46
CA ILE D 205 52.70 -28.81 -46.84
C ILE D 205 52.77 -29.43 -45.42
N ARG D 206 51.68 -29.32 -44.63
CA ARG D 206 51.65 -29.96 -43.31
C ARG D 206 51.83 -31.47 -43.41
N ASN D 207 51.12 -32.07 -44.36
CA ASN D 207 51.18 -33.51 -44.52
C ASN D 207 52.50 -33.98 -45.13
N ALA D 208 53.11 -33.14 -45.99
CA ALA D 208 54.44 -33.45 -46.52
C ALA D 208 55.51 -33.35 -45.42
N PHE D 209 55.48 -32.26 -44.65
CA PHE D 209 56.43 -32.15 -43.53
C PHE D 209 56.25 -33.37 -42.64
N ALA D 210 55.00 -33.73 -42.34
CA ALA D 210 54.74 -34.88 -41.43
C ALA D 210 55.41 -36.16 -41.95
N ARG D 211 55.13 -36.51 -43.21
CA ARG D 211 55.61 -37.78 -43.78
C ARG D 211 57.13 -37.86 -43.87
N TYR D 212 57.78 -36.69 -44.05
CA TYR D 212 59.25 -36.60 -44.10
C TYR D 212 59.91 -36.45 -42.74
N GLY D 213 59.12 -36.64 -41.68
CA GLY D 213 59.69 -36.75 -40.33
C GLY D 213 60.03 -35.39 -39.74
N LEU D 214 59.43 -34.34 -40.28
CA LEU D 214 59.75 -32.97 -39.90
C LEU D 214 58.69 -32.48 -38.91
N PRO D 215 59.01 -31.44 -38.14
CA PRO D 215 57.99 -30.81 -37.31
C PRO D 215 56.93 -30.08 -38.15
N GLU D 216 55.91 -29.50 -37.51
CA GLU D 216 54.91 -28.70 -38.23
C GLU D 216 55.60 -27.55 -38.98
N PRO D 217 55.14 -27.24 -40.21
CA PRO D 217 55.70 -26.08 -40.89
C PRO D 217 55.26 -24.79 -40.22
N LYS D 218 56.12 -23.78 -40.31
CA LYS D 218 55.87 -22.51 -39.63
C LYS D 218 54.86 -21.72 -40.45
N LEU D 219 53.74 -21.37 -39.83
CA LEU D 219 52.71 -20.61 -40.52
C LEU D 219 53.12 -19.15 -40.63
N GLY D 220 53.23 -18.65 -41.86
CA GLY D 220 53.47 -17.24 -42.10
C GLY D 220 52.15 -16.50 -42.23
N LEU D 221 51.29 -16.99 -43.12
CA LEU D 221 49.91 -16.52 -43.24
C LEU D 221 49.05 -17.54 -43.97
N VAL D 222 47.74 -17.33 -43.95
CA VAL D 222 46.82 -18.20 -44.68
C VAL D 222 46.30 -17.38 -45.87
N CYS D 223 46.47 -17.91 -47.08
CA CYS D 223 46.00 -17.15 -48.22
C CYS D 223 45.07 -18.06 -48.96
N GLU D 224 43.75 -17.86 -48.80
CA GLU D 224 42.79 -18.77 -49.41
C GLU D 224 42.59 -18.51 -50.92
N SER D 225 43.04 -17.35 -51.34
CA SER D 225 42.86 -16.88 -52.69
C SER D 225 44.03 -17.32 -53.56
N PHE D 226 43.81 -18.23 -54.52
CA PHE D 226 44.90 -18.50 -55.48
C PHE D 226 45.20 -17.35 -56.42
N LEU D 227 44.24 -16.42 -56.57
CA LEU D 227 44.49 -15.23 -57.38
C LEU D 227 45.58 -14.38 -56.73
N ALA D 228 45.48 -14.21 -55.40
CA ALA D 228 46.44 -13.36 -54.67
C ALA D 228 47.78 -14.05 -54.42
N LEU D 229 47.79 -15.38 -54.39
CA LEU D 229 48.91 -16.10 -53.81
C LEU D 229 50.29 -15.80 -54.50
N PRO D 230 50.33 -15.85 -55.84
CA PRO D 230 51.67 -15.69 -56.43
C PRO D 230 52.31 -14.32 -56.14
N GLY D 231 51.53 -13.27 -56.22
CA GLY D 231 52.02 -11.94 -55.90
C GLY D 231 52.45 -11.79 -54.44
N VAL D 232 51.71 -12.44 -53.55
CA VAL D 232 52.06 -12.40 -52.11
C VAL D 232 53.43 -13.03 -51.86
N VAL D 233 53.68 -14.16 -52.50
CA VAL D 233 54.95 -14.86 -52.41
C VAL D 233 56.08 -14.04 -53.08
N ALA D 234 55.76 -13.45 -54.23
CA ALA D 234 56.77 -12.73 -55.02
C ALA D 234 57.35 -11.54 -54.24
N HIS D 235 56.54 -10.96 -53.36
CA HIS D 235 56.95 -9.75 -52.64
C HIS D 235 57.23 -10.02 -51.18
N SER D 236 57.57 -11.25 -50.86
CA SER D 236 57.95 -11.60 -49.50
C SER D 236 58.98 -12.73 -49.53
N ASP D 237 59.32 -13.26 -48.35
CA ASP D 237 60.13 -14.46 -48.28
C ASP D 237 59.29 -15.70 -47.90
N LEU D 238 57.96 -15.59 -48.02
CA LEU D 238 57.09 -16.76 -47.79
C LEU D 238 57.27 -17.80 -48.90
N LEU D 239 57.29 -19.07 -48.52
CA LEU D 239 57.17 -20.19 -49.46
C LEU D 239 55.71 -20.66 -49.50
N THR D 240 55.31 -21.28 -50.61
CA THR D 240 53.99 -21.87 -50.65
C THR D 240 54.01 -23.14 -51.47
N THR D 241 52.91 -23.91 -51.44
CA THR D 241 52.71 -24.93 -52.45
C THR D 241 51.66 -24.43 -53.42
N MET D 242 51.84 -24.75 -54.70
CA MET D 242 50.78 -24.46 -55.62
C MET D 242 50.77 -25.51 -56.74
N PRO D 243 49.63 -25.63 -57.45
CA PRO D 243 49.64 -26.50 -58.62
C PRO D 243 50.70 -26.00 -59.59
N ARG D 244 51.41 -26.90 -60.27
CA ARG D 244 52.42 -26.48 -61.26
C ARG D 244 51.79 -25.56 -62.32
N THR D 245 50.54 -25.86 -62.70
CA THR D 245 49.80 -25.01 -63.64
C THR D 245 49.76 -23.51 -63.21
N LEU D 246 49.49 -23.28 -61.92
CA LEU D 246 49.53 -21.92 -61.39
C LEU D 246 50.95 -21.32 -61.41
N TYR D 247 51.96 -22.13 -61.08
CA TYR D 247 53.35 -21.65 -61.11
C TYR D 247 53.70 -21.18 -62.52
N GLU D 248 53.25 -21.92 -63.53
CA GLU D 248 53.52 -21.59 -64.92
C GLU D 248 52.66 -20.45 -65.46
N ARG D 249 51.48 -20.25 -64.86
CA ARG D 249 50.53 -19.26 -65.36
C ARG D 249 50.07 -18.30 -64.28
N ASN D 250 50.90 -17.30 -64.00
CA ASN D 250 50.51 -16.23 -63.09
C ASN D 250 51.23 -14.95 -63.50
N ALA D 251 50.85 -13.84 -62.91
CA ALA D 251 51.32 -12.51 -63.30
C ALA D 251 52.72 -12.15 -62.79
N PHE D 252 53.30 -13.02 -61.96
CA PHE D 252 54.55 -12.74 -61.24
C PHE D 252 55.66 -13.75 -61.56
N LYS D 253 55.54 -14.41 -62.69
CA LYS D 253 56.51 -15.43 -63.12
C LYS D 253 57.98 -15.02 -63.05
N ASP D 254 58.31 -13.84 -63.55
CA ASP D 254 59.68 -13.34 -63.55
C ASP D 254 60.26 -13.10 -62.17
N GLN D 255 59.40 -13.05 -61.17
CA GLN D 255 59.80 -12.78 -59.79
C GLN D 255 59.74 -14.00 -58.88
N LEU D 256 59.46 -15.16 -59.46
CA LEU D 256 59.22 -16.39 -58.71
C LEU D 256 60.11 -17.53 -59.21
N CYS D 257 60.40 -18.49 -58.36
CA CYS D 257 61.19 -19.66 -58.79
C CYS D 257 60.68 -20.86 -58.03
N SER D 258 60.53 -22.00 -58.70
CA SER D 258 60.22 -23.22 -57.99
C SER D 258 61.50 -23.75 -57.35
N ILE D 259 61.36 -24.34 -56.18
CA ILE D 259 62.53 -24.86 -55.46
C ILE D 259 62.84 -26.22 -56.04
N PRO D 260 64.11 -26.47 -56.44
CA PRO D 260 64.40 -27.70 -57.21
C PRO D 260 64.54 -28.93 -56.27
N LEU D 261 63.51 -29.22 -55.50
CA LEU D 261 63.57 -30.31 -54.51
C LEU D 261 63.68 -31.69 -55.16
N GLN D 262 64.50 -32.55 -54.55
CA GLN D 262 64.59 -33.94 -54.95
C GLN D 262 63.85 -34.87 -53.98
N ASP D 263 63.03 -34.28 -53.11
CA ASP D 263 62.07 -35.01 -52.32
C ASP D 263 60.74 -34.96 -53.07
N ALA D 264 60.11 -36.11 -53.27
CA ALA D 264 58.82 -36.14 -54.00
C ALA D 264 57.67 -35.46 -53.24
N LEU D 265 56.84 -34.71 -53.97
CA LEU D 265 55.65 -34.05 -53.42
C LEU D 265 54.38 -34.76 -53.97
N PRO D 266 53.21 -34.61 -53.29
CA PRO D 266 52.00 -35.33 -53.74
C PRO D 266 51.49 -34.87 -55.11
N ASN D 267 50.61 -35.68 -55.71
CA ASN D 267 49.96 -35.34 -56.98
C ASN D 267 48.44 -35.45 -56.79
N PRO D 268 47.78 -34.35 -56.34
CA PRO D 268 46.34 -34.43 -56.01
C PRO D 268 45.53 -34.74 -57.25
N THR D 269 44.53 -35.62 -57.09
CA THR D 269 43.62 -35.92 -58.18
C THR D 269 42.47 -34.93 -58.20
N ILE D 270 42.22 -34.36 -59.37
CA ILE D 270 41.08 -33.48 -59.57
C ILE D 270 39.93 -34.33 -60.12
N TYR D 271 38.72 -34.16 -59.57
CA TYR D 271 37.55 -34.99 -59.97
C TYR D 271 36.46 -34.09 -60.48
N VAL D 272 35.56 -34.68 -61.29
CA VAL D 272 34.23 -34.09 -61.51
C VAL D 272 33.31 -34.61 -60.42
N LEU D 273 32.84 -33.74 -59.54
CA LEU D 273 31.97 -34.16 -58.45
C LEU D 273 30.54 -33.74 -58.72
N ARG D 274 29.58 -34.64 -58.48
CA ARG D 274 28.13 -34.33 -58.60
C ARG D 274 27.33 -35.02 -57.51
N ARG D 275 26.09 -34.61 -57.33
CA ARG D 275 25.15 -35.38 -56.51
C ARG D 275 24.69 -36.55 -57.38
N HIS D 276 24.97 -37.77 -56.93
CA HIS D 276 24.83 -38.95 -57.78
C HIS D 276 23.40 -39.22 -58.33
N ASP D 277 22.38 -39.03 -57.50
CA ASP D 277 21.02 -39.40 -57.91
C ASP D 277 20.38 -38.37 -58.84
N LEU D 278 21.04 -37.25 -59.10
CA LEU D 278 20.49 -36.28 -60.05
C LEU D 278 20.90 -36.66 -61.47
N PRO D 279 19.92 -36.75 -62.39
CA PRO D 279 20.25 -37.11 -63.78
C PRO D 279 20.96 -35.97 -64.52
N VAL D 280 22.14 -36.24 -65.08
CA VAL D 280 22.92 -35.17 -65.74
C VAL D 280 22.21 -34.73 -67.01
N THR D 281 22.09 -33.41 -67.22
CA THR D 281 21.44 -32.94 -68.42
C THR D 281 22.38 -33.24 -69.60
N PRO D 282 21.79 -33.46 -70.78
CA PRO D 282 22.60 -33.67 -71.99
C PRO D 282 23.64 -32.55 -72.19
N ALA D 283 23.25 -31.29 -71.98
CA ALA D 283 24.15 -30.13 -72.15
C ALA D 283 25.33 -30.19 -71.17
N ALA D 284 25.03 -30.46 -69.90
CA ALA D 284 26.10 -30.59 -68.88
C ALA D 284 27.06 -31.73 -69.21
N ALA D 285 26.52 -32.87 -69.65
CA ALA D 285 27.34 -34.00 -70.05
C ALA D 285 28.31 -33.58 -71.19
N GLY D 286 27.80 -32.77 -72.12
CA GLY D 286 28.62 -32.29 -73.25
C GLY D 286 29.75 -31.39 -72.78
N LEU D 287 29.45 -30.52 -71.83
CA LEU D 287 30.51 -29.64 -71.30
C LEU D 287 31.55 -30.48 -70.56
N ILE D 288 31.10 -31.45 -69.77
CA ILE D 288 32.03 -32.32 -69.03
C ILE D 288 32.96 -33.08 -70.02
N ARG D 289 32.38 -33.57 -71.11
CA ARG D 289 33.18 -34.20 -72.17
C ARG D 289 34.30 -33.30 -72.69
N TRP D 290 33.98 -32.03 -72.95
CA TRP D 290 35.00 -31.09 -73.47
C TRP D 290 36.09 -30.79 -72.44
N ILE D 291 35.68 -30.66 -71.18
CA ILE D 291 36.64 -30.47 -70.10
C ILE D 291 37.61 -31.67 -69.96
N GLN D 292 37.06 -32.88 -69.96
CA GLN D 292 37.89 -34.10 -69.97
C GLN D 292 38.87 -34.11 -71.16
N HIS D 293 38.38 -33.72 -72.33
CA HIS D 293 39.21 -33.71 -73.54
C HIS D 293 40.42 -32.82 -73.36
N HIS D 294 40.22 -31.69 -72.73
CA HIS D 294 41.31 -30.73 -72.64
C HIS D 294 42.17 -30.95 -71.43
N ALA D 295 41.72 -31.78 -70.49
CA ALA D 295 42.48 -32.13 -69.27
C ALA D 295 43.36 -33.40 -69.43
N LEU D 296 43.88 -33.60 -70.63
CA LEU D 296 44.78 -34.72 -70.91
C LEU D 296 45.92 -34.30 -71.84
CA MET E 1 -5.65 7.13 26.81
C MET E 1 -7.04 7.08 26.19
N LEU E 2 -7.14 7.61 24.97
CA LEU E 2 -8.41 7.56 24.22
C LEU E 2 -8.88 6.13 24.09
N LYS E 3 -10.16 5.89 24.39
CA LYS E 3 -10.71 4.52 24.39
C LYS E 3 -10.52 3.83 23.07
N LEU E 4 -10.67 4.55 21.97
CA LEU E 4 -10.44 3.93 20.67
C LEU E 4 -8.99 3.47 20.45
N GLN E 5 -8.02 4.23 20.97
CA GLN E 5 -6.62 3.77 20.93
C GLN E 5 -6.44 2.47 21.73
N THR E 6 -7.05 2.42 22.90
CA THR E 6 -6.97 1.23 23.77
C THR E 6 -7.64 0.02 23.09
N LEU E 7 -8.79 0.26 22.46
CA LEU E 7 -9.50 -0.84 21.78
C LEU E 7 -8.68 -1.35 20.60
N GLN E 8 -8.12 -0.44 19.79
CA GLN E 8 -7.27 -0.82 18.65
C GLN E 8 -6.05 -1.61 19.16
N ALA E 9 -5.51 -1.18 20.28
CA ALA E 9 -4.37 -1.89 20.90
C ALA E 9 -4.78 -3.30 21.35
N LEU E 10 -5.97 -3.42 21.94
CA LEU E 10 -6.47 -4.72 22.38
C LEU E 10 -6.64 -5.66 21.22
N ILE E 11 -7.18 -5.15 20.11
CA ILE E 11 -7.26 -5.96 18.90
C ILE E 11 -5.86 -6.46 18.48
N CYS E 12 -4.88 -5.57 18.53
CA CYS E 12 -3.50 -5.92 18.12
C CYS E 12 -2.90 -6.95 19.08
N ILE E 13 -3.22 -6.83 20.36
CA ILE E 13 -2.72 -7.76 21.39
C ILE E 13 -3.20 -9.17 21.11
N GLU E 14 -4.49 -9.29 20.75
CA GLU E 14 -5.02 -10.59 20.39
C GLU E 14 -4.26 -11.18 19.21
N GLU E 15 -3.83 -10.32 18.29
CA GLU E 15 -3.15 -10.79 17.08
C GLU E 15 -1.68 -11.15 17.35
N VAL E 16 -0.96 -10.31 18.07
CA VAL E 16 0.51 -10.49 18.25
C VAL E 16 0.93 -11.15 19.58
N GLY E 17 0.01 -11.23 20.54
CA GLY E 17 0.24 -11.98 21.80
C GLY E 17 1.07 -11.29 22.89
N SER E 18 1.15 -9.96 22.82
CA SER E 18 2.07 -9.19 23.67
C SER E 18 1.49 -7.78 23.75
N LEU E 19 1.32 -7.25 24.97
CA LEU E 19 0.96 -5.84 25.14
C LEU E 19 2.11 -4.94 24.66
N ARG E 20 3.33 -5.29 25.05
CA ARG E 20 4.51 -4.49 24.68
C ARG E 20 4.74 -4.43 23.18
N ALA E 21 4.62 -5.58 22.50
CA ALA E 21 4.79 -5.57 21.05
C ALA E 21 3.70 -4.75 20.39
N ALA E 22 2.45 -4.87 20.88
CA ALA E 22 1.35 -4.13 20.29
C ALA E 22 1.56 -2.62 20.48
N ALA E 23 2.00 -2.21 21.68
CA ALA E 23 2.36 -0.81 21.91
C ALA E 23 3.44 -0.34 20.93
N GLN E 24 4.48 -1.14 20.73
CA GLN E 24 5.59 -0.71 19.86
C GLN E 24 5.10 -0.51 18.42
N LEU E 25 4.29 -1.46 17.97
CA LEU E 25 3.78 -1.52 16.59
C LEU E 25 2.89 -0.30 16.32
N LEU E 26 2.05 0.02 17.30
CA LEU E 26 1.13 1.16 17.20
C LEU E 26 1.71 2.52 17.59
N HIS E 27 3.00 2.53 17.93
CA HIS E 27 3.67 3.73 18.43
C HIS E 27 2.97 4.33 19.66
N LEU E 28 2.61 3.48 20.61
CA LEU E 28 2.05 3.93 21.88
C LEU E 28 3.06 3.68 22.98
N SER E 29 3.02 4.50 24.03
CA SER E 29 3.82 4.25 25.21
C SER E 29 3.41 2.93 25.89
N GLN E 30 4.37 2.04 26.12
CA GLN E 30 4.10 0.76 26.77
C GLN E 30 3.48 0.94 28.17
N PRO E 31 4.15 1.71 29.06
CA PRO E 31 3.51 1.98 30.36
C PRO E 31 2.15 2.72 30.25
N ALA E 32 2.00 3.65 29.30
CA ALA E 32 0.68 4.29 29.08
C ALA E 32 -0.41 3.26 28.70
N LEU E 33 -0.07 2.38 27.75
CA LEU E 33 -1.05 1.39 27.29
C LEU E 33 -1.35 0.42 28.44
N SER E 34 -0.33 0.02 29.18
CA SER E 34 -0.56 -0.84 30.35
C SER E 34 -1.57 -0.21 31.34
N ALA E 35 -1.35 1.06 31.68
CA ALA E 35 -2.23 1.77 32.62
C ALA E 35 -3.66 1.92 32.09
N ALA E 36 -3.78 2.17 30.79
CA ALA E 36 -5.07 2.33 30.11
C ALA E 36 -5.92 1.03 30.15
N ILE E 37 -5.24 -0.10 29.95
CA ILE E 37 -5.92 -1.39 29.97
C ILE E 37 -6.34 -1.73 31.40
N GLN E 38 -5.45 -1.47 32.35
CA GLN E 38 -5.81 -1.61 33.77
C GLN E 38 -7.05 -0.78 34.11
N GLN E 39 -7.09 0.46 33.64
CA GLN E 39 -8.23 1.33 33.97
C GLN E 39 -9.52 0.78 33.38
N LEU E 40 -9.42 0.26 32.16
CA LEU E 40 -10.59 -0.36 31.53
C LEU E 40 -11.08 -1.60 32.30
N GLU E 41 -10.13 -2.47 32.67
CA GLU E 41 -10.47 -3.64 33.47
C GLU E 41 -11.16 -3.22 34.81
N ASP E 42 -10.66 -2.17 35.45
CA ASP E 42 -11.32 -1.68 36.68
C ASP E 42 -12.76 -1.21 36.44
N GLU E 43 -12.96 -0.50 35.34
CA GLU E 43 -14.30 -0.03 34.97
C GLU E 43 -15.25 -1.17 34.66
N LEU E 44 -14.76 -2.17 33.93
CA LEU E 44 -15.56 -3.36 33.58
C LEU E 44 -15.74 -4.34 34.74
N LYS E 45 -14.93 -4.17 35.78
CA LYS E 45 -14.85 -5.10 36.93
C LYS E 45 -14.51 -6.54 36.50
N ALA E 46 -13.68 -6.68 35.45
CA ALA E 46 -13.11 -8.00 35.07
C ALA E 46 -11.84 -7.81 34.25
N PRO E 47 -10.92 -8.79 34.32
CA PRO E 47 -9.70 -8.71 33.53
C PRO E 47 -9.98 -9.12 32.10
N LEU E 48 -9.32 -8.43 31.18
CA LEU E 48 -9.42 -8.72 29.76
C LEU E 48 -8.28 -9.64 29.28
N LEU E 49 -7.19 -9.65 30.03
CA LEU E 49 -5.96 -10.32 29.64
C LEU E 49 -5.48 -11.26 30.74
N VAL E 50 -4.84 -12.36 30.33
CA VAL E 50 -4.16 -13.23 31.28
C VAL E 50 -2.77 -13.47 30.73
N ARG E 51 -1.79 -13.46 31.64
CA ARG E 51 -0.38 -13.63 31.28
C ARG E 51 -0.12 -15.09 31.00
N THR E 52 0.69 -15.31 29.97
CA THR E 52 1.19 -16.62 29.60
C THR E 52 2.73 -16.54 29.52
N LYS E 53 3.37 -17.69 29.36
CA LYS E 53 4.82 -17.70 29.17
C LYS E 53 5.13 -17.00 27.85
N ARG E 54 4.22 -17.19 26.87
CA ARG E 54 4.30 -16.59 25.54
C ARG E 54 4.25 -15.05 25.56
N GLY E 55 3.24 -14.51 26.26
CA GLY E 55 3.04 -13.08 26.43
C GLY E 55 1.72 -12.88 27.17
N VAL E 56 0.67 -12.53 26.42
CA VAL E 56 -0.71 -12.47 27.00
C VAL E 56 -1.75 -13.10 26.06
N SER E 57 -2.84 -13.59 26.65
CA SER E 57 -4.04 -14.01 25.93
C SER E 57 -5.28 -13.29 26.49
N LEU E 58 -6.36 -13.29 25.72
CA LEU E 58 -7.63 -12.75 26.20
C LEU E 58 -8.22 -13.74 27.20
N THR E 59 -8.84 -13.22 28.25
CA THR E 59 -9.69 -14.03 29.17
C THR E 59 -11.03 -14.33 28.50
N SER E 60 -11.88 -15.14 29.16
CA SER E 60 -13.26 -15.33 28.70
C SER E 60 -13.96 -13.98 28.61
N PHE E 61 -13.73 -13.11 29.58
CA PHE E 61 -14.34 -11.78 29.55
C PHE E 61 -13.82 -10.99 28.35
N GLY E 62 -12.50 -11.09 28.09
CA GLY E 62 -11.86 -10.39 26.99
C GLY E 62 -12.36 -10.86 25.62
N GLN E 63 -12.64 -12.16 25.49
CA GLN E 63 -13.19 -12.68 24.26
C GLN E 63 -14.59 -12.12 23.99
N ALA E 64 -15.45 -12.08 25.02
CA ALA E 64 -16.78 -11.45 24.91
C ALA E 64 -16.65 -9.95 24.56
N PHE E 65 -15.79 -9.26 25.30
CA PHE E 65 -15.60 -7.84 25.13
C PHE E 65 -15.08 -7.53 23.72
N MET E 66 -14.16 -8.36 23.22
CA MET E 66 -13.55 -8.13 21.92
C MET E 66 -14.55 -8.11 20.77
N LYS E 67 -15.63 -8.89 20.89
CA LYS E 67 -16.66 -8.83 19.84
C LYS E 67 -17.21 -7.41 19.71
N HIS E 68 -17.48 -6.77 20.84
CA HIS E 68 -17.92 -5.38 20.89
C HIS E 68 -16.79 -4.44 20.43
N ALA E 69 -15.55 -4.66 20.92
CA ALA E 69 -14.42 -3.78 20.56
C ALA E 69 -14.23 -3.68 19.04
N ARG E 70 -14.33 -4.83 18.38
CA ARG E 70 -14.16 -4.87 16.92
C ARG E 70 -15.27 -4.11 16.23
N LEU E 71 -16.52 -4.26 16.73
CA LEU E 71 -17.64 -3.51 16.15
C LEU E 71 -17.43 -2.00 16.31
N ILE E 72 -16.96 -1.61 17.49
CA ILE E 72 -16.78 -0.19 17.81
C ILE E 72 -15.62 0.40 16.97
N VAL E 73 -14.51 -0.33 16.85
CA VAL E 73 -13.38 0.14 16.04
C VAL E 73 -13.76 0.27 14.55
N THR E 74 -14.44 -0.75 14.04
CA THR E 74 -14.95 -0.72 12.66
C THR E 74 -15.93 0.43 12.43
N GLU E 75 -16.82 0.64 13.41
CA GLU E 75 -17.81 1.70 13.27
C GLU E 75 -17.18 3.08 13.24
N SER E 76 -16.14 3.27 14.06
CA SER E 76 -15.45 4.55 14.08
C SER E 76 -14.78 4.78 12.74
N ARG E 77 -14.18 3.74 12.17
CA ARG E 77 -13.52 3.89 10.86
C ARG E 77 -14.56 4.16 9.77
N ARG E 78 -15.68 3.44 9.82
CA ARG E 78 -16.78 3.70 8.89
C ARG E 78 -17.33 5.13 8.97
N ALA E 79 -17.49 5.63 10.20
CA ALA E 79 -17.92 7.01 10.42
C ALA E 79 -16.94 7.98 9.78
N GLN E 80 -15.64 7.78 10.04
CA GLN E 80 -14.59 8.65 9.49
C GLN E 80 -14.57 8.58 7.95
N GLU E 81 -14.72 7.37 7.41
CA GLU E 81 -14.80 7.20 5.95
C GLU E 81 -15.99 7.93 5.32
N GLU E 82 -17.15 7.79 5.94
CA GLU E 82 -18.37 8.40 5.43
C GLU E 82 -18.25 9.92 5.49
N ILE E 83 -17.81 10.44 6.64
CA ILE E 83 -17.61 11.89 6.78
C ILE E 83 -16.58 12.40 5.77
N GLY E 84 -15.50 11.64 5.59
CA GLY E 84 -14.49 11.98 4.61
C GLY E 84 -15.11 12.07 3.22
N GLN E 85 -15.98 11.11 2.90
CA GLN E 85 -16.61 11.07 1.59
C GLN E 85 -17.54 12.26 1.39
N LEU E 86 -18.35 12.55 2.42
CA LEU E 86 -19.29 13.66 2.36
C LEU E 86 -18.58 15.01 2.37
N ARG E 87 -17.58 15.15 3.25
CA ARG E 87 -16.81 16.37 3.34
C ARG E 87 -16.04 16.63 2.03
N GLY E 88 -15.45 15.56 1.48
CA GLY E 88 -14.70 15.67 0.22
C GLY E 88 -15.52 16.25 -0.92
N ARG E 89 -16.78 15.83 -1.03
CA ARG E 89 -17.66 16.35 -2.07
C ARG E 89 -18.07 17.80 -1.82
N TRP E 90 -18.26 18.14 -0.55
CA TRP E 90 -18.57 19.50 -0.11
C TRP E 90 -17.41 20.46 -0.36
N GLU E 91 -16.24 20.11 0.16
CA GLU E 91 -15.02 20.91 0.01
C GLU E 91 -14.52 20.94 -1.43
N GLY E 92 -16.18 21.31 -2.79
CA GLY E 92 -15.60 21.45 -4.14
C GLY E 92 -16.26 22.45 -5.08
N HIS E 93 -17.35 23.08 -4.61
CA HIS E 93 -18.18 23.96 -5.44
C HIS E 93 -18.70 25.15 -4.65
N ILE E 94 -18.78 26.28 -5.35
CA ILE E 94 -19.38 27.46 -4.78
C ILE E 94 -20.23 28.03 -5.90
N THR E 95 -21.47 28.39 -5.58
CA THR E 95 -22.23 29.23 -6.48
C THR E 95 -22.83 30.45 -5.81
N PHE E 96 -22.57 31.60 -6.40
CA PHE E 96 -22.98 32.84 -5.81
C PHE E 96 -23.34 33.87 -6.88
N ALA E 97 -24.00 34.94 -6.42
CA ALA E 97 -24.36 36.08 -7.26
C ALA E 97 -23.64 37.33 -6.81
N ALA E 98 -23.38 38.26 -7.75
CA ALA E 98 -22.64 39.47 -7.43
C ALA E 98 -23.22 40.68 -8.19
N SER E 99 -23.25 41.83 -7.51
CA SER E 99 -23.68 43.09 -8.14
C SER E 99 -22.53 43.75 -8.94
N PRO E 100 -22.87 44.69 -9.83
CA PRO E 100 -21.86 45.24 -10.77
C PRO E 100 -20.62 45.82 -10.08
N ALA E 101 -20.76 46.56 -8.98
CA ALA E 101 -19.58 47.20 -8.36
C ALA E 101 -18.58 46.16 -7.85
N ILE E 102 -19.12 45.06 -7.31
CA ILE E 102 -18.33 43.91 -6.89
C ILE E 102 -17.75 43.20 -8.11
N ALA E 103 -18.60 42.87 -9.07
CA ALA E 103 -18.16 42.14 -10.29
C ALA E 103 -17.03 42.81 -11.06
N LEU E 104 -17.00 44.14 -11.05
CA LEU E 104 -16.02 44.88 -11.86
C LEU E 104 -14.72 45.27 -11.21
N ALA E 105 -14.69 45.37 -9.89
CA ALA E 105 -13.48 45.84 -9.22
C ALA E 105 -12.96 44.78 -8.26
N ALA E 106 -13.81 44.38 -7.32
CA ALA E 106 -13.37 43.40 -6.31
C ALA E 106 -13.16 41.99 -6.87
N LEU E 107 -14.15 41.49 -7.63
CA LEU E 107 -14.15 40.06 -8.01
C LEU E 107 -12.95 39.58 -8.80
N PRO E 108 -12.53 40.33 -9.84
CA PRO E 108 -11.44 39.75 -10.65
C PRO E 108 -10.14 39.53 -9.87
N LEU E 109 -9.79 40.48 -9.00
CA LEU E 109 -8.60 40.32 -8.18
C LEU E 109 -8.83 39.27 -7.11
N ALA E 110 -10.04 39.26 -6.55
CA ALA E 110 -10.38 38.26 -5.51
C ALA E 110 -10.41 36.82 -6.05
N LEU E 111 -10.98 36.62 -7.24
CA LEU E 111 -11.01 35.28 -7.82
C LEU E 111 -9.62 34.72 -8.10
N ALA E 112 -8.70 35.58 -8.54
CA ALA E 112 -7.34 35.16 -8.85
C ALA E 112 -6.60 34.73 -7.59
N SER E 113 -6.70 35.53 -6.53
CA SER E 113 -6.13 35.19 -5.22
C SER E 113 -6.77 33.93 -4.66
N PHE E 114 -8.10 33.86 -4.72
CA PHE E 114 -8.83 32.70 -4.21
C PHE E 114 -8.34 31.39 -4.86
N ALA E 115 -8.23 31.41 -6.18
CA ALA E 115 -7.87 30.23 -6.98
C ALA E 115 -6.47 29.70 -6.69
N ARG E 116 -5.59 30.60 -6.25
CA ARG E 116 -4.25 30.19 -5.84
C ARG E 116 -4.33 29.41 -4.54
N GLU E 117 -5.18 29.88 -3.64
CA GLU E 117 -5.37 29.22 -2.34
C GLU E 117 -6.24 27.97 -2.41
N PHE E 118 -7.28 27.99 -3.25
CA PHE E 118 -8.23 26.89 -3.36
C PHE E 118 -8.27 26.39 -4.79
N PRO E 119 -7.16 25.77 -5.25
CA PRO E 119 -7.02 25.37 -6.65
C PRO E 119 -8.04 24.35 -7.14
N ASP E 120 -8.66 23.61 -6.24
CA ASP E 120 -9.59 22.54 -6.63
C ASP E 120 -11.08 22.83 -6.43
N VAL E 121 -11.44 24.11 -6.28
CA VAL E 121 -12.84 24.47 -6.09
C VAL E 121 -13.39 25.04 -7.39
N THR E 122 -14.56 24.53 -7.81
CA THR E 122 -15.24 25.08 -8.98
C THR E 122 -16.14 26.23 -8.52
N VAL E 123 -15.93 27.43 -9.07
CA VAL E 123 -16.77 28.56 -8.74
C VAL E 123 -17.74 28.87 -9.89
N ASN E 124 -18.98 29.13 -9.53
CA ASN E 124 -20.02 29.48 -10.48
C ASN E 124 -20.55 30.85 -10.08
N VAL E 125 -20.26 31.85 -10.91
CA VAL E 125 -20.69 33.21 -10.57
C VAL E 125 -21.69 33.77 -11.59
N ARG E 126 -22.71 34.41 -11.06
CA ARG E 126 -23.76 35.00 -11.87
C ARG E 126 -24.07 36.40 -11.37
N ASP E 127 -24.80 37.17 -12.18
CA ASP E 127 -25.35 38.44 -11.77
C ASP E 127 -26.53 38.14 -10.84
N GLY E 128 -26.77 39.06 -9.93
CA GLY E 128 -27.92 38.92 -9.04
C GLY E 128 -28.12 40.17 -8.25
N MET E 129 -29.39 40.42 -7.91
CA MET E 129 -29.76 41.55 -7.10
C MET E 129 -30.82 41.11 -6.09
N TYR E 130 -30.85 41.78 -4.94
CA TYR E 130 -31.88 41.54 -3.93
C TYR E 130 -33.07 42.44 -4.29
N PRO E 131 -34.31 41.97 -4.07
CA PRO E 131 -34.74 40.69 -3.48
C PRO E 131 -34.91 39.51 -4.45
N ALA E 132 -34.57 39.71 -5.74
CA ALA E 132 -34.63 38.64 -6.72
C ALA E 132 -33.89 37.38 -6.26
N VAL E 133 -32.71 37.56 -5.68
CA VAL E 133 -31.91 36.42 -5.21
C VAL E 133 -32.50 35.67 -3.99
N SER E 134 -33.46 36.29 -3.31
CA SER E 134 -33.99 35.74 -2.05
C SER E 134 -34.51 34.30 -2.14
N PRO E 135 -35.46 33.99 -3.08
CA PRO E 135 -35.97 32.61 -3.18
C PRO E 135 -34.89 31.60 -3.53
N GLN E 136 -33.83 32.03 -4.22
CA GLN E 136 -32.72 31.16 -4.59
C GLN E 136 -31.76 30.96 -3.41
N LEU E 137 -31.54 32.01 -2.62
CA LEU E 137 -30.81 31.89 -1.35
C LEU E 137 -31.54 30.94 -0.42
N ARG E 138 -32.86 31.08 -0.34
CA ARG E 138 -33.68 30.29 0.58
C ARG E 138 -33.82 28.81 0.18
N ASP E 139 -33.98 28.52 -1.10
CA ASP E 139 -34.07 27.11 -1.51
C ASP E 139 -32.70 26.40 -1.57
N GLY E 140 -31.62 27.18 -1.50
CA GLY E 140 -30.27 26.63 -1.41
C GLY E 140 -29.53 26.51 -2.73
N THR E 141 -30.17 26.93 -3.82
CA THR E 141 -29.53 26.92 -5.13
C THR E 141 -28.41 27.96 -5.26
N LEU E 142 -28.48 29.03 -4.47
CA LEU E 142 -27.41 30.03 -4.41
C LEU E 142 -26.83 30.00 -3.01
N ASP E 143 -25.52 29.79 -2.89
CA ASP E 143 -24.84 29.76 -1.56
C ASP E 143 -24.83 31.13 -0.87
N PHE E 144 -24.39 32.16 -1.60
CA PHE E 144 -24.46 33.51 -1.07
C PHE E 144 -24.68 34.47 -2.21
N ALA E 145 -25.03 35.71 -1.86
CA ALA E 145 -25.10 36.79 -2.83
C ALA E 145 -24.41 38.04 -2.32
N LEU E 146 -23.76 38.75 -3.24
CA LEU E 146 -23.11 40.01 -2.90
C LEU E 146 -23.88 41.11 -3.59
N THR E 147 -24.69 41.84 -2.83
CA THR E 147 -25.68 42.72 -3.44
C THR E 147 -26.01 43.87 -2.50
N ALA E 148 -26.47 44.99 -3.08
CA ALA E 148 -27.03 46.07 -2.28
C ALA E 148 -28.35 45.61 -1.64
N ALA E 149 -28.58 46.10 -0.43
CA ALA E 149 -29.86 45.89 0.22
C ALA E 149 -30.01 46.95 1.29
N HIS E 150 -31.24 47.10 1.79
CA HIS E 150 -31.52 47.99 2.89
C HIS E 150 -31.68 47.13 4.11
N LYS E 151 -30.83 47.40 5.10
CA LYS E 151 -30.71 46.59 6.31
C LYS E 151 -32.07 46.13 6.87
N HIS E 152 -33.00 47.07 7.02
CA HIS E 152 -34.31 46.81 7.64
C HIS E 152 -35.28 46.02 6.77
N ASP E 153 -34.95 45.86 5.50
CA ASP E 153 -35.82 45.15 4.55
C ASP E 153 -35.45 43.68 4.31
N ILE E 154 -34.31 43.24 4.84
CA ILE E 154 -33.80 41.93 4.53
C ILE E 154 -34.58 40.83 5.28
N ASP E 155 -34.98 39.81 4.54
CA ASP E 155 -35.68 38.63 5.07
C ASP E 155 -35.04 38.14 6.39
N THR E 156 -35.87 37.81 7.37
CA THR E 156 -35.42 37.27 8.65
C THR E 156 -34.63 35.97 8.51
N ASP E 157 -34.92 35.21 7.44
CA ASP E 157 -34.19 33.99 7.07
C ASP E 157 -32.72 34.23 6.72
N LEU E 158 -32.35 35.48 6.43
CA LEU E 158 -31.04 35.76 5.88
C LEU E 158 -30.10 36.46 6.87
N GLU E 159 -28.84 36.04 6.85
CA GLU E 159 -27.74 36.78 7.48
C GLU E 159 -27.24 37.85 6.49
N ALA E 160 -26.90 39.04 6.99
CA ALA E 160 -26.31 40.09 6.16
C ALA E 160 -25.06 40.74 6.78
N GLN E 161 -23.93 40.65 6.09
CA GLN E 161 -22.64 41.15 6.54
C GLN E 161 -22.13 42.25 5.58
N PRO E 162 -21.97 43.50 6.08
CA PRO E 162 -21.54 44.59 5.19
C PRO E 162 -20.21 44.31 4.48
N LEU E 163 -20.14 44.65 3.20
CA LEU E 163 -18.97 44.39 2.38
C LEU E 163 -18.32 45.66 1.83
N TYR E 164 -19.14 46.56 1.31
CA TYR E 164 -18.62 47.76 0.68
C TYR E 164 -19.68 48.84 0.77
N VAL E 165 -19.27 50.08 1.04
CA VAL E 165 -20.17 51.21 0.94
C VAL E 165 -19.95 51.84 -0.43
N SER E 166 -20.94 51.70 -1.30
CA SER E 166 -20.83 52.09 -2.69
C SER E 166 -21.25 53.55 -2.90
N ASP E 167 -20.97 54.09 -4.09
CA ASP E 167 -21.37 55.43 -4.51
C ASP E 167 -22.34 55.25 -5.68
N VAL E 168 -23.34 56.13 -5.77
CA VAL E 168 -24.24 56.24 -6.92
C VAL E 168 -23.85 57.50 -7.66
N VAL E 169 -23.75 57.42 -8.98
CA VAL E 169 -23.45 58.63 -9.76
C VAL E 169 -24.52 58.79 -10.80
N ILE E 170 -24.83 60.04 -11.12
CA ILE E 170 -25.74 60.35 -12.21
C ILE E 170 -24.86 60.53 -13.45
N VAL E 171 -25.26 59.88 -14.55
CA VAL E 171 -24.43 59.87 -15.73
C VAL E 171 -25.27 60.22 -16.95
N GLY E 172 -24.67 60.96 -17.86
CA GLY E 172 -25.28 61.19 -19.20
C GLY E 172 -24.20 61.19 -20.25
N GLN E 173 -24.61 61.35 -21.50
CA GLN E 173 -23.64 61.45 -22.59
C GLN E 173 -22.73 62.67 -22.35
N ARG E 174 -21.53 62.62 -22.92
CA ARG E 174 -20.46 63.58 -22.68
C ARG E 174 -20.90 65.03 -22.87
N GLN E 175 -21.73 65.26 -23.87
CA GLN E 175 -22.20 66.60 -24.20
C GLN E 175 -23.58 66.94 -23.65
N HIS E 176 -24.08 66.21 -22.63
CA HIS E 176 -25.44 66.42 -22.16
C HIS E 176 -25.63 67.87 -21.80
N PRO E 177 -26.80 68.45 -22.15
CA PRO E 177 -27.04 69.86 -21.83
C PRO E 177 -26.95 70.19 -20.34
N MET E 178 -27.21 69.20 -19.49
CA MET E 178 -27.21 69.41 -18.03
C MET E 178 -25.92 68.95 -17.35
N ALA E 179 -24.86 68.74 -18.13
CA ALA E 179 -23.58 68.20 -17.61
C ALA E 179 -22.95 69.02 -16.48
N ASN E 180 -23.25 70.32 -16.46
CA ASN E 180 -22.72 71.24 -15.47
C ASN E 180 -23.67 71.50 -14.32
N ALA E 181 -24.79 70.80 -14.26
CA ALA E 181 -25.78 71.05 -13.18
C ALA E 181 -25.18 70.91 -11.77
N THR E 182 -25.69 71.69 -10.83
CA THR E 182 -25.25 71.63 -9.45
C THR E 182 -26.33 71.05 -8.55
N ARG E 183 -27.60 71.19 -8.93
CA ARG E 183 -28.70 70.75 -8.07
C ARG E 183 -29.62 69.73 -8.76
N LEU E 184 -30.14 68.80 -7.98
CA LEU E 184 -31.06 67.77 -8.52
C LEU E 184 -32.29 68.41 -9.17
N ALA E 185 -32.80 69.50 -8.56
CA ALA E 185 -33.95 70.21 -9.13
C ALA E 185 -33.73 70.62 -10.58
N GLU E 186 -32.47 70.89 -10.95
CA GLU E 186 -32.16 71.26 -12.32
C GLU E 186 -32.38 70.15 -13.34
N LEU E 187 -32.52 68.92 -12.83
CA LEU E 187 -32.68 67.77 -13.70
C LEU E 187 -34.15 67.32 -13.72
N GLN E 188 -35.04 68.06 -13.05
CA GLN E 188 -36.37 67.50 -12.76
C GLN E 188 -37.22 67.21 -13.97
N GLU E 189 -36.85 67.82 -15.10
CA GLU E 189 -37.56 67.62 -16.33
C GLU E 189 -36.84 66.68 -17.30
N CYS E 190 -35.63 66.21 -16.94
CA CYS E 190 -34.88 65.29 -17.81
C CYS E 190 -35.59 63.97 -17.91
N ARG E 191 -35.29 63.19 -18.95
CA ARG E 191 -35.83 61.84 -19.04
C ARG E 191 -34.78 60.85 -18.56
N TRP E 192 -35.25 59.80 -17.88
CA TRP E 192 -34.38 58.86 -17.19
C TRP E 192 -34.45 57.45 -17.74
N ALA E 193 -33.27 56.82 -17.83
CA ALA E 193 -33.16 55.37 -17.96
C ALA E 193 -33.20 54.82 -16.51
N PHE E 194 -34.33 54.23 -16.12
CA PHE E 194 -34.49 53.68 -14.77
C PHE E 194 -33.64 52.43 -14.68
N SER E 195 -32.65 52.45 -13.79
CA SER E 195 -31.76 51.31 -13.63
C SER E 195 -32.17 50.44 -12.43
N SER E 196 -31.58 49.24 -12.33
CA SER E 196 -32.02 48.26 -11.34
C SER E 196 -31.59 48.67 -9.93
N ALA E 197 -32.42 48.36 -8.95
CA ALA E 197 -32.15 48.69 -7.54
C ALA E 197 -33.00 47.78 -6.69
N PRO E 198 -32.56 47.52 -5.42
CA PRO E 198 -33.33 46.66 -4.52
C PRO E 198 -34.84 46.99 -4.45
N ARG E 199 -35.22 48.26 -4.47
CA ARG E 199 -36.65 48.60 -4.34
C ARG E 199 -37.41 48.69 -5.68
N GLY E 200 -36.73 48.32 -6.76
CA GLY E 200 -37.33 48.29 -8.08
C GLY E 200 -36.64 49.23 -9.03
N PRO E 201 -36.93 49.10 -10.35
CA PRO E 201 -36.25 49.93 -11.35
C PRO E 201 -36.47 51.41 -11.07
N GLY E 202 -35.39 52.17 -11.13
CA GLY E 202 -35.44 53.60 -10.88
C GLY E 202 -35.68 53.99 -9.43
N ALA E 203 -35.67 53.05 -8.49
CA ALA E 203 -36.01 53.43 -7.10
C ALA E 203 -35.09 54.50 -6.53
N ILE E 204 -33.81 54.45 -6.89
CA ILE E 204 -32.87 55.44 -6.35
C ILE E 204 -33.18 56.88 -6.76
N ILE E 205 -33.39 57.10 -8.05
CA ILE E 205 -33.65 58.43 -8.51
C ILE E 205 -35.05 58.89 -8.11
N ARG E 206 -36.00 57.93 -8.03
CA ARG E 206 -37.37 58.29 -7.60
C ARG E 206 -37.36 58.71 -6.14
N ASN E 207 -36.64 57.96 -5.33
CA ASN E 207 -36.53 58.31 -3.93
C ASN E 207 -35.72 59.57 -3.65
N ALA E 208 -34.72 59.83 -4.47
CA ALA E 208 -33.96 61.09 -4.37
C ALA E 208 -34.84 62.28 -4.77
N PHE E 209 -35.54 62.16 -5.90
CA PHE E 209 -36.48 63.23 -6.29
C PHE E 209 -37.45 63.46 -5.13
N ALA E 210 -38.00 62.38 -4.56
CA ALA E 210 -39.01 62.59 -3.50
C ALA E 210 -38.42 63.35 -2.28
N ARG E 211 -37.24 62.93 -1.81
CA ARG E 211 -36.68 63.53 -0.60
C ARG E 211 -36.31 64.99 -0.82
N TYR E 212 -35.95 65.34 -2.06
CA TYR E 212 -35.57 66.72 -2.38
C TYR E 212 -36.78 67.57 -2.76
N GLY E 213 -37.98 67.04 -2.50
CA GLY E 213 -39.22 67.78 -2.68
C GLY E 213 -39.70 67.95 -4.12
N LEU E 214 -39.18 67.10 -5.02
CA LEU E 214 -39.51 67.16 -6.45
C LEU E 214 -40.63 66.18 -6.82
N PRO E 215 -41.30 66.40 -7.98
CA PRO E 215 -42.28 65.44 -8.50
C PRO E 215 -41.62 64.11 -8.88
N GLU E 216 -42.39 63.13 -9.33
CA GLU E 216 -41.78 61.88 -9.85
C GLU E 216 -40.85 62.22 -11.02
N PRO E 217 -39.68 61.55 -11.12
CA PRO E 217 -38.84 61.74 -12.32
C PRO E 217 -39.53 61.19 -13.55
N LYS E 218 -39.21 61.75 -14.71
CA LYS E 218 -39.88 61.37 -15.94
C LYS E 218 -39.21 60.13 -16.48
N LEU E 219 -40.05 59.12 -16.75
CA LEU E 219 -39.55 57.85 -17.26
C LEU E 219 -39.29 57.90 -18.76
N GLY E 220 -38.02 57.68 -19.12
CA GLY E 220 -37.60 57.58 -20.52
C GLY E 220 -37.64 56.13 -20.96
N LEU E 221 -36.93 55.28 -20.22
CA LEU E 221 -37.07 53.85 -20.41
C LEU E 221 -36.61 53.13 -19.16
N VAL E 222 -36.88 51.83 -19.13
CA VAL E 222 -36.41 51.00 -18.04
C VAL E 222 -35.28 50.11 -18.61
N CYS E 223 -34.09 50.20 -18.01
CA CYS E 223 -32.98 49.35 -18.47
C CYS E 223 -32.45 48.54 -17.29
N GLU E 224 -32.91 47.31 -17.16
CA GLU E 224 -32.51 46.48 -16.03
C GLU E 224 -31.12 45.90 -16.21
N SER E 225 -30.62 45.90 -17.45
CA SER E 225 -29.29 45.40 -17.76
C SER E 225 -28.19 46.44 -17.51
N PHE E 226 -27.32 46.20 -16.54
CA PHE E 226 -26.18 47.10 -16.38
C PHE E 226 -25.14 46.94 -17.48
N LEU E 227 -25.14 45.78 -18.12
CA LEU E 227 -24.23 45.62 -19.26
C LEU E 227 -24.60 46.62 -20.36
N ALA E 228 -25.90 46.74 -20.62
CA ALA E 228 -26.42 47.55 -21.74
C ALA E 228 -26.45 49.03 -21.37
N LEU E 229 -26.57 49.33 -20.08
CA LEU E 229 -26.87 50.70 -19.66
C LEU E 229 -25.88 51.81 -20.16
N PRO E 230 -24.55 51.64 -19.96
CA PRO E 230 -23.65 52.76 -20.36
C PRO E 230 -23.79 53.12 -21.87
N GLY E 231 -23.82 52.12 -22.74
CA GLY E 231 -24.01 52.36 -24.17
C GLY E 231 -25.35 52.99 -24.55
N VAL E 232 -26.45 52.53 -23.93
CA VAL E 232 -27.79 53.09 -24.16
C VAL E 232 -27.80 54.60 -23.85
N VAL E 233 -27.23 54.94 -22.70
CA VAL E 233 -27.06 56.33 -22.29
C VAL E 233 -26.10 57.09 -23.21
N ALA E 234 -24.99 56.46 -23.62
CA ALA E 234 -23.99 57.15 -24.45
C ALA E 234 -24.63 57.60 -25.77
N HIS E 235 -25.63 56.85 -26.22
CA HIS E 235 -26.27 57.13 -27.51
C HIS E 235 -27.66 57.74 -27.42
N SER E 236 -27.93 58.38 -26.28
CA SER E 236 -29.19 59.09 -26.06
C SER E 236 -29.00 60.38 -25.24
N ASP E 237 -30.12 61.05 -24.91
CA ASP E 237 -30.07 62.19 -23.99
C ASP E 237 -30.61 61.78 -22.62
N LEU E 238 -30.76 60.48 -22.37
CA LEU E 238 -31.27 60.03 -21.08
C LEU E 238 -30.19 60.20 -20.04
N LEU E 239 -30.64 60.51 -18.83
CA LEU E 239 -29.77 60.40 -17.65
C LEU E 239 -30.07 59.08 -16.94
N THR E 240 -29.08 58.60 -16.19
CA THR E 240 -29.33 57.43 -15.38
C THR E 240 -28.59 57.54 -14.05
N THR E 241 -28.82 56.59 -13.16
CA THR E 241 -27.91 56.47 -12.02
C THR E 241 -27.24 55.11 -12.16
N MET E 242 -25.99 55.03 -11.72
CA MET E 242 -25.24 53.76 -11.74
C MET E 242 -24.20 53.81 -10.65
N PRO E 243 -23.73 52.63 -10.21
CA PRO E 243 -22.59 52.60 -9.29
C PRO E 243 -21.39 53.29 -9.90
N ARG E 244 -20.60 53.97 -9.08
CA ARG E 244 -19.40 54.67 -9.57
C ARG E 244 -18.42 53.71 -10.24
N THR E 245 -18.33 52.49 -9.70
CA THR E 245 -17.50 51.48 -10.33
C THR E 245 -17.86 51.23 -11.78
N LEU E 246 -19.18 51.16 -12.07
CA LEU E 246 -19.61 50.98 -13.47
C LEU E 246 -19.26 52.19 -14.34
N TYR E 247 -19.41 53.36 -13.77
CA TYR E 247 -19.03 54.59 -14.48
C TYR E 247 -17.52 54.57 -14.85
N GLU E 248 -16.69 54.09 -13.93
CA GLU E 248 -15.26 54.02 -14.16
C GLU E 248 -14.85 52.89 -15.10
N ARG E 249 -15.69 51.85 -15.19
CA ARG E 249 -15.32 50.62 -15.88
C ARG E 249 -16.43 50.17 -16.83
N ASN E 250 -16.49 50.81 -17.99
CA ASN E 250 -17.46 50.41 -19.01
C ASN E 250 -16.85 50.70 -20.39
N ALA E 251 -17.46 50.22 -21.45
CA ALA E 251 -16.86 50.34 -22.79
C ALA E 251 -17.09 51.70 -23.46
N PHE E 252 -17.86 52.57 -22.81
CA PHE E 252 -18.28 53.83 -23.41
C PHE E 252 -17.77 55.03 -22.63
N LYS E 253 -16.65 54.87 -21.92
CA LYS E 253 -16.15 55.93 -21.03
C LYS E 253 -15.90 57.24 -21.73
N ASP E 254 -15.31 57.19 -22.92
CA ASP E 254 -15.04 58.37 -23.72
C ASP E 254 -16.31 59.15 -24.11
N GLN E 255 -17.48 58.52 -23.99
CA GLN E 255 -18.72 59.13 -24.45
C GLN E 255 -19.68 59.53 -23.33
N LEU E 256 -19.21 59.45 -22.08
CA LEU E 256 -20.06 59.66 -20.92
C LEU E 256 -19.41 60.64 -19.95
N CYS E 257 -20.24 61.37 -19.22
CA CYS E 257 -19.75 62.23 -18.16
C CYS E 257 -20.67 62.12 -17.00
N SER E 258 -20.10 61.94 -15.82
CA SER E 258 -20.93 62.02 -14.60
C SER E 258 -21.26 63.49 -14.36
N ILE E 259 -22.37 63.72 -13.66
CA ILE E 259 -22.81 65.07 -13.31
C ILE E 259 -22.67 65.18 -11.79
N PRO E 260 -21.59 65.82 -11.32
CA PRO E 260 -21.28 65.92 -9.90
C PRO E 260 -22.11 66.97 -9.14
N LEU E 261 -23.34 66.60 -8.79
CA LEU E 261 -24.23 67.50 -8.06
C LEU E 261 -23.70 67.84 -6.68
N GLN E 262 -23.96 69.06 -6.21
CA GLN E 262 -23.76 69.36 -4.79
C GLN E 262 -24.83 68.77 -3.88
N ASP E 263 -25.93 68.26 -4.46
CA ASP E 263 -26.94 67.54 -3.68
C ASP E 263 -26.51 66.10 -3.53
N ALA E 264 -26.44 65.63 -2.28
CA ALA E 264 -25.92 64.30 -2.05
C ALA E 264 -26.90 63.20 -2.48
N LEU E 265 -26.35 62.11 -3.03
CA LEU E 265 -27.11 60.88 -3.33
C LEU E 265 -26.71 59.83 -2.29
N PRO E 266 -27.53 58.77 -2.13
CA PRO E 266 -27.22 57.75 -1.14
C PRO E 266 -25.98 56.91 -1.49
N ASN E 267 -25.48 56.23 -0.48
CA ASN E 267 -24.35 55.35 -0.70
C ASN E 267 -24.85 53.96 -0.33
N PRO E 268 -25.33 53.19 -1.32
CA PRO E 268 -25.89 51.89 -0.98
C PRO E 268 -24.84 50.95 -0.41
N THR E 269 -25.21 50.28 0.66
CA THR E 269 -24.33 49.28 1.27
C THR E 269 -24.50 47.95 0.57
N ILE E 270 -23.38 47.44 0.09
CA ILE E 270 -23.32 46.10 -0.48
C ILE E 270 -23.08 45.07 0.63
N TYR E 271 -23.93 44.05 0.71
CA TYR E 271 -23.84 43.02 1.75
C TYR E 271 -23.52 41.66 1.17
N VAL E 272 -22.92 40.83 2.01
CA VAL E 272 -22.90 39.38 1.81
C VAL E 272 -24.20 38.84 2.42
N LEU E 273 -25.07 38.28 1.58
CA LEU E 273 -26.36 37.73 2.04
C LEU E 273 -26.36 36.22 1.92
N ARG E 274 -27.00 35.53 2.88
CA ARG E 274 -27.14 34.07 2.85
C ARG E 274 -28.09 33.60 3.96
N ARG E 275 -28.54 32.35 3.87
CA ARG E 275 -29.39 31.78 4.92
C ARG E 275 -28.59 31.61 6.20
N HIS E 276 -29.11 32.11 7.32
CA HIS E 276 -28.35 31.99 8.59
C HIS E 276 -28.23 30.55 9.10
N ASP E 277 -29.26 29.74 8.85
CA ASP E 277 -29.29 28.35 9.32
C ASP E 277 -28.29 27.42 8.59
N LEU E 278 -27.80 27.87 7.43
CA LEU E 278 -27.07 27.01 6.49
C LEU E 278 -25.53 27.09 6.68
N PRO E 279 -24.88 25.93 6.96
CA PRO E 279 -23.43 25.88 7.13
C PRO E 279 -22.64 26.34 5.89
N VAL E 280 -21.49 26.96 6.11
CA VAL E 280 -20.69 27.57 5.04
C VAL E 280 -19.40 26.77 4.83
N THR E 281 -19.08 26.44 3.59
CA THR E 281 -17.85 25.69 3.32
C THR E 281 -16.61 26.57 3.63
N PRO E 282 -15.47 25.93 3.95
CA PRO E 282 -14.20 26.68 4.09
C PRO E 282 -13.86 27.53 2.86
N ALA E 283 -14.07 26.98 1.66
CA ALA E 283 -13.76 27.67 0.43
C ALA E 283 -14.64 28.91 0.26
N ALA E 284 -15.94 28.76 0.57
CA ALA E 284 -16.86 29.90 0.49
C ALA E 284 -16.42 30.96 1.47
N ALA E 285 -16.10 30.53 2.69
CA ALA E 285 -15.53 31.45 3.67
C ALA E 285 -14.27 32.15 3.13
N GLY E 286 -13.38 31.38 2.52
CA GLY E 286 -12.12 31.91 1.96
C GLY E 286 -12.35 32.90 0.83
N LEU E 287 -13.30 32.59 -0.04
CA LEU E 287 -13.65 33.51 -1.14
C LEU E 287 -14.19 34.84 -0.62
N ILE E 288 -15.05 34.76 0.40
CA ILE E 288 -15.65 35.95 0.96
C ILE E 288 -14.53 36.79 1.62
N ARG E 289 -13.58 36.12 2.27
CA ARG E 289 -12.43 36.83 2.83
C ARG E 289 -11.64 37.57 1.74
N TRP E 290 -11.36 36.89 0.63
CA TRP E 290 -10.67 37.52 -0.50
C TRP E 290 -11.43 38.69 -1.11
N ILE E 291 -12.75 38.52 -1.26
CA ILE E 291 -13.62 39.60 -1.76
C ILE E 291 -13.58 40.81 -0.81
N GLN E 292 -13.70 40.55 0.49
CA GLN E 292 -13.57 41.59 1.51
C GLN E 292 -12.21 42.33 1.40
N HIS E 293 -11.13 41.55 1.24
CA HIS E 293 -9.79 42.14 1.13
C HIS E 293 -9.69 43.12 -0.02
N HIS E 294 -10.28 42.76 -1.16
CA HIS E 294 -10.24 43.60 -2.33
C HIS E 294 -11.39 44.62 -2.42
N ALA E 295 -12.26 44.67 -1.41
CA ALA E 295 -13.37 45.67 -1.39
C ALA E 295 -13.13 46.81 -0.38
N LEU E 296 -11.93 47.35 -0.41
CA LEU E 296 -11.52 48.48 0.42
C LEU E 296 -10.42 49.20 -0.34
N MET F 1 -9.74 11.68 16.48
CA MET F 1 -10.39 10.45 16.97
C MET F 1 -11.64 10.80 17.78
N LEU F 2 -12.73 10.04 17.57
CA LEU F 2 -13.98 10.20 18.29
C LEU F 2 -13.85 10.01 19.80
N LYS F 3 -14.65 10.78 20.54
CA LYS F 3 -14.75 10.67 22.01
C LYS F 3 -16.18 10.25 22.42
N LEU F 4 -16.30 9.14 23.16
CA LEU F 4 -17.59 8.51 23.49
C LEU F 4 -18.59 9.45 24.17
N GLN F 5 -18.11 10.25 25.13
CA GLN F 5 -18.95 11.22 25.82
C GLN F 5 -19.58 12.21 24.84
N THR F 6 -18.82 12.61 23.83
CA THR F 6 -19.34 13.56 22.84
C THR F 6 -20.44 12.92 21.99
N LEU F 7 -20.28 11.63 21.67
CA LEU F 7 -21.33 10.93 20.91
C LEU F 7 -22.64 10.93 21.70
N GLN F 8 -22.54 10.63 22.97
CA GLN F 8 -23.72 10.63 23.84
C GLN F 8 -24.34 12.02 23.89
N ALA F 9 -23.49 13.05 23.92
CA ALA F 9 -23.98 14.43 23.96
C ALA F 9 -24.74 14.78 22.68
N LEU F 10 -24.23 14.31 21.55
CA LEU F 10 -24.86 14.56 20.26
C LEU F 10 -26.23 13.87 20.16
N ILE F 11 -26.32 12.64 20.64
CA ILE F 11 -27.58 11.93 20.71
C ILE F 11 -28.59 12.71 21.57
N CYS F 12 -28.15 13.19 22.74
CA CYS F 12 -29.02 14.01 23.59
C CYS F 12 -29.46 15.28 22.87
N ILE F 13 -28.54 15.95 22.19
CA ILE F 13 -28.87 17.16 21.42
C ILE F 13 -29.98 16.87 20.40
N GLU F 14 -29.82 15.78 19.65
CA GLU F 14 -30.80 15.33 18.67
C GLU F 14 -32.18 15.04 19.29
N GLU F 15 -32.18 14.41 20.47
CA GLU F 15 -33.41 14.09 21.19
C GLU F 15 -34.25 15.33 21.52
N VAL F 16 -33.57 16.40 21.94
CA VAL F 16 -34.26 17.57 22.50
C VAL F 16 -34.27 18.82 21.60
N GLY F 17 -33.41 18.83 20.59
CA GLY F 17 -33.43 19.87 19.55
C GLY F 17 -32.81 21.24 19.88
N SER F 18 -32.17 21.35 21.03
CA SER F 18 -31.52 22.61 21.40
C SER F 18 -30.20 22.33 22.12
N LEU F 19 -29.24 23.24 21.97
CA LEU F 19 -27.99 23.15 22.75
C LEU F 19 -28.29 23.42 24.22
N ARG F 20 -29.01 24.51 24.49
CA ARG F 20 -29.38 24.92 25.84
C ARG F 20 -30.17 23.84 26.58
N ALA F 21 -31.12 23.22 25.88
CA ALA F 21 -31.97 22.16 26.45
C ALA F 21 -31.15 20.90 26.76
N ALA F 22 -30.21 20.57 25.87
CA ALA F 22 -29.34 19.40 26.05
C ALA F 22 -28.37 19.64 27.21
N ALA F 23 -27.72 20.80 27.21
CA ALA F 23 -26.78 21.18 28.27
C ALA F 23 -27.37 21.00 29.67
N GLN F 24 -28.65 21.38 29.83
CA GLN F 24 -29.37 21.23 31.09
C GLN F 24 -29.41 19.76 31.51
N LEU F 25 -29.79 18.90 30.57
CA LEU F 25 -29.92 17.47 30.82
C LEU F 25 -28.59 16.80 31.18
N LEU F 26 -27.52 17.21 30.53
CA LEU F 26 -26.21 16.61 30.73
C LEU F 26 -25.40 17.25 31.87
N HIS F 27 -26.03 18.18 32.59
CA HIS F 27 -25.39 18.88 33.70
C HIS F 27 -24.07 19.55 33.25
N LEU F 28 -24.15 20.35 32.19
CA LEU F 28 -22.97 20.97 31.63
C LEU F 28 -23.21 22.43 31.25
N SER F 29 -22.12 23.20 31.26
CA SER F 29 -22.14 24.58 30.80
C SER F 29 -22.61 24.68 29.35
N GLN F 30 -23.50 25.64 29.11
CA GLN F 30 -24.04 25.93 27.78
C GLN F 30 -22.98 26.14 26.69
N PRO F 31 -21.84 26.77 27.03
CA PRO F 31 -20.69 26.76 26.11
C PRO F 31 -19.85 25.48 26.13
N ALA F 32 -19.79 24.80 27.28
CA ALA F 32 -18.97 23.59 27.39
C ALA F 32 -19.44 22.51 26.42
N LEU F 33 -20.75 22.37 26.29
CA LEU F 33 -21.35 21.48 25.30
C LEU F 33 -20.87 21.83 23.89
N SER F 34 -20.96 23.11 23.53
CA SER F 34 -20.48 23.59 22.23
C SER F 34 -19.00 23.27 21.97
N ALA F 35 -18.15 23.52 22.97
CA ALA F 35 -16.73 23.15 22.88
C ALA F 35 -16.53 21.70 22.43
N ALA F 36 -17.25 20.78 23.08
CA ALA F 36 -17.17 19.35 22.78
C ALA F 36 -17.68 19.04 21.38
N ILE F 37 -18.85 19.60 21.04
CA ILE F 37 -19.42 19.38 19.71
C ILE F 37 -18.52 19.99 18.64
N GLN F 38 -18.07 21.22 18.86
CA GLN F 38 -17.17 21.89 17.92
C GLN F 38 -15.87 21.09 17.74
N GLN F 39 -15.43 20.42 18.79
CA GLN F 39 -14.26 19.55 18.74
C GLN F 39 -14.48 18.40 17.77
N LEU F 40 -15.65 17.77 17.88
CA LEU F 40 -15.99 16.68 17.00
C LEU F 40 -16.11 17.16 15.54
N GLU F 41 -16.74 18.32 15.35
CA GLU F 41 -16.90 18.88 14.01
C GLU F 41 -15.56 19.32 13.41
N ASP F 42 -14.76 20.02 14.22
CA ASP F 42 -13.47 20.56 13.74
C ASP F 42 -12.63 19.42 13.21
N GLU F 43 -12.63 18.32 13.95
CA GLU F 43 -11.84 17.18 13.55
C GLU F 43 -12.39 16.39 12.37
N LEU F 44 -13.71 16.12 12.36
CA LEU F 44 -14.37 15.50 11.20
C LEU F 44 -14.27 16.38 9.97
N LYS F 45 -13.91 17.65 10.20
CA LYS F 45 -13.90 18.69 9.20
C LYS F 45 -15.23 18.78 8.45
N ALA F 46 -16.31 18.56 9.20
CA ALA F 46 -17.66 18.63 8.68
C ALA F 46 -18.61 19.14 9.76
N PRO F 47 -19.49 20.08 9.41
CA PRO F 47 -20.52 20.55 10.34
C PRO F 47 -21.58 19.46 10.61
N LEU F 48 -21.91 19.23 11.88
CA LEU F 48 -22.92 18.21 12.24
C LEU F 48 -24.27 18.82 12.57
N LEU F 49 -24.23 20.07 13.01
CA LEU F 49 -25.42 20.78 13.43
C LEU F 49 -25.60 22.09 12.69
N VAL F 50 -26.86 22.52 12.57
CA VAL F 50 -27.21 23.83 12.06
C VAL F 50 -28.19 24.51 12.98
N ARG F 51 -27.93 25.78 13.28
CA ARG F 51 -28.85 26.62 14.05
C ARG F 51 -30.14 26.83 13.27
N THR F 52 -31.28 26.45 13.86
CA THR F 52 -32.60 26.74 13.30
C THR F 52 -33.36 27.70 14.21
N LYS F 53 -34.56 28.11 13.78
CA LYS F 53 -35.41 28.94 14.63
C LYS F 53 -35.76 28.19 15.92
N ARG F 54 -35.98 26.88 15.79
CA ARG F 54 -36.39 26.04 16.92
C ARG F 54 -35.22 25.46 17.73
N GLY F 55 -33.98 25.75 17.32
CA GLY F 55 -32.80 25.33 18.07
C GLY F 55 -31.66 24.92 17.17
N VAL F 56 -31.34 23.63 17.19
CA VAL F 56 -30.41 23.06 16.23
C VAL F 56 -31.03 21.86 15.52
N SER F 57 -30.55 21.61 14.30
CA SER F 57 -30.95 20.44 13.54
C SER F 57 -29.66 19.80 13.01
N LEU F 58 -29.69 18.51 12.72
CA LEU F 58 -28.54 17.85 12.10
C LEU F 58 -28.42 18.24 10.64
N THR F 59 -27.19 18.49 10.22
CA THR F 59 -26.86 18.63 8.81
C THR F 59 -26.99 17.25 8.15
N SER F 60 -26.82 17.18 6.83
CA SER F 60 -26.72 15.90 6.12
C SER F 60 -25.62 15.03 6.75
N PHE F 61 -24.48 15.65 7.06
CA PHE F 61 -23.37 14.91 7.69
C PHE F 61 -23.81 14.36 9.06
N GLY F 62 -24.46 15.19 9.85
CA GLY F 62 -25.03 14.79 11.16
C GLY F 62 -26.03 13.63 11.10
N GLN F 63 -26.93 13.67 10.14
CA GLN F 63 -27.91 12.60 9.99
C GLN F 63 -27.22 11.28 9.67
N ALA F 64 -26.27 11.31 8.74
CA ALA F 64 -25.47 10.13 8.37
C ALA F 64 -24.68 9.58 9.55
N PHE F 65 -24.08 10.49 10.32
CA PHE F 65 -23.26 10.13 11.49
C PHE F 65 -24.06 9.51 12.64
N MET F 66 -25.30 9.94 12.82
CA MET F 66 -26.13 9.47 13.93
C MET F 66 -26.30 7.96 14.02
N LYS F 67 -26.49 7.27 12.88
CA LYS F 67 -26.70 5.82 12.94
C LYS F 67 -25.46 5.15 13.53
N HIS F 68 -24.28 5.64 13.14
CA HIS F 68 -23.02 5.15 13.70
C HIS F 68 -22.86 5.52 15.18
N ALA F 69 -23.14 6.78 15.52
CA ALA F 69 -23.09 7.22 16.92
C ALA F 69 -23.94 6.35 17.85
N ARG F 70 -25.18 6.09 17.44
CA ARG F 70 -26.12 5.31 18.22
C ARG F 70 -25.64 3.88 18.41
N LEU F 71 -25.11 3.27 17.34
CA LEU F 71 -24.62 1.87 17.47
C LEU F 71 -23.41 1.83 18.40
N ILE F 72 -22.49 2.76 18.21
CA ILE F 72 -21.32 2.88 19.13
C ILE F 72 -21.73 3.04 20.59
N VAL F 73 -22.59 4.00 20.87
CA VAL F 73 -23.04 4.25 22.25
C VAL F 73 -23.81 3.05 22.83
N THR F 74 -24.76 2.50 22.07
CA THR F 74 -25.55 1.38 22.59
C THR F 74 -24.71 0.10 22.76
N GLU F 75 -23.79 -0.17 21.83
CA GLU F 75 -22.85 -1.30 21.98
C GLU F 75 -21.93 -1.12 23.17
N SER F 76 -21.45 0.10 23.41
CA SER F 76 -20.63 0.35 24.60
C SER F 76 -21.41 0.06 25.88
N ARG F 77 -22.69 0.44 25.91
CA ARG F 77 -23.53 0.18 27.06
C ARG F 77 -23.81 -1.32 27.21
N ARG F 78 -24.15 -1.99 26.11
CA ARG F 78 -24.35 -3.45 26.16
C ARG F 78 -23.09 -4.21 26.60
N ALA F 79 -21.91 -3.76 26.16
CA ALA F 79 -20.64 -4.36 26.58
C ALA F 79 -20.53 -4.35 28.11
N GLN F 80 -20.76 -3.17 28.72
CA GLN F 80 -20.69 -2.99 30.17
C GLN F 80 -21.73 -3.85 30.87
N GLU F 81 -22.97 -3.84 30.33
CA GLU F 81 -24.05 -4.57 30.98
C GLU F 81 -23.80 -6.07 30.96
N GLU F 82 -23.32 -6.56 29.82
CA GLU F 82 -22.99 -7.96 29.70
C GLU F 82 -21.94 -8.39 30.72
N ILE F 83 -20.88 -7.61 30.84
CA ILE F 83 -19.83 -7.93 31.83
C ILE F 83 -20.38 -8.02 33.25
N GLY F 84 -21.26 -7.07 33.61
CA GLY F 84 -21.95 -7.11 34.90
C GLY F 84 -22.77 -8.39 35.05
N GLN F 85 -23.51 -8.74 34.01
CA GLN F 85 -24.32 -9.96 34.07
C GLN F 85 -23.46 -11.22 34.19
N LEU F 86 -22.32 -11.24 33.50
CA LEU F 86 -21.43 -12.39 33.60
C LEU F 86 -20.85 -12.54 35.01
N ARG F 87 -20.85 -11.46 35.79
CA ARG F 87 -20.46 -11.52 37.21
C ARG F 87 -21.66 -11.70 38.15
N GLY F 88 -22.84 -11.91 37.59
CA GLY F 88 -24.06 -12.15 38.37
C GLY F 88 -24.70 -10.88 38.92
N ARG F 89 -24.30 -9.73 38.38
CA ARG F 89 -25.00 -8.46 38.63
C ARG F 89 -26.00 -8.28 37.47
N TRP F 90 -27.23 -8.73 37.71
CA TRP F 90 -28.26 -8.79 36.68
C TRP F 90 -28.99 -7.45 36.62
N GLU F 91 -28.29 -6.48 36.04
CA GLU F 91 -28.83 -5.18 35.83
C GLU F 91 -28.59 -4.86 34.37
N GLY F 92 -29.82 -4.80 33.08
CA GLY F 92 -29.62 -4.37 31.70
C GLY F 92 -30.95 -4.00 31.08
N HIS F 93 -30.93 -3.84 29.76
CA HIS F 93 -32.08 -3.34 29.03
C HIS F 93 -32.23 -4.23 27.83
N ILE F 94 -33.47 -4.48 27.46
CA ILE F 94 -33.74 -5.14 26.21
C ILE F 94 -34.85 -4.32 25.56
N THR F 95 -34.67 -3.98 24.29
CA THR F 95 -35.70 -3.23 23.55
C THR F 95 -36.07 -4.05 22.32
N PHE F 96 -37.36 -4.32 22.12
CA PHE F 96 -37.77 -5.17 21.01
C PHE F 96 -39.16 -4.79 20.46
N ALA F 97 -39.46 -5.24 19.24
CA ALA F 97 -40.74 -4.94 18.59
C ALA F 97 -41.49 -6.22 18.40
N ALA F 98 -42.83 -6.17 18.41
CA ALA F 98 -43.63 -7.36 18.16
C ALA F 98 -44.83 -7.10 17.25
N SER F 99 -45.20 -8.14 16.51
CA SER F 99 -46.39 -8.16 15.63
C SER F 99 -47.66 -8.54 16.41
N PRO F 100 -48.86 -8.34 15.82
CA PRO F 100 -50.12 -8.53 16.56
C PRO F 100 -50.37 -9.92 17.09
N ALA F 101 -50.14 -10.97 16.29
CA ALA F 101 -50.37 -12.33 16.81
C ALA F 101 -49.52 -12.65 18.05
N ILE F 102 -48.25 -12.25 17.98
CA ILE F 102 -47.33 -12.43 19.12
C ILE F 102 -47.75 -11.58 20.32
N ALA F 103 -48.04 -10.31 20.09
CA ALA F 103 -48.33 -9.35 21.15
C ALA F 103 -49.57 -9.77 21.96
N LEU F 104 -50.52 -10.41 21.29
CA LEU F 104 -51.81 -10.74 21.91
C LEU F 104 -51.90 -12.10 22.57
N ALA F 105 -50.96 -12.99 22.29
CA ALA F 105 -51.10 -14.34 22.79
C ALA F 105 -49.82 -14.72 23.52
N ALA F 106 -48.72 -14.83 22.78
CA ALA F 106 -47.44 -15.29 23.36
C ALA F 106 -46.82 -14.28 24.33
N LEU F 107 -46.90 -13.00 23.98
CA LEU F 107 -46.16 -12.00 24.70
C LEU F 107 -46.56 -11.79 26.19
N PRO F 108 -47.87 -11.71 26.52
CA PRO F 108 -48.24 -11.52 27.93
C PRO F 108 -47.72 -12.63 28.83
N LEU F 109 -47.80 -13.87 28.35
CA LEU F 109 -47.31 -15.01 29.10
C LEU F 109 -45.77 -15.02 29.16
N ALA F 110 -45.14 -14.70 28.04
CA ALA F 110 -43.65 -14.74 27.98
C ALA F 110 -43.04 -13.66 28.84
N LEU F 111 -43.62 -12.45 28.81
CA LEU F 111 -43.03 -11.37 29.61
C LEU F 111 -43.17 -11.68 31.10
N ALA F 112 -44.32 -12.23 31.48
CA ALA F 112 -44.57 -12.64 32.88
C ALA F 112 -43.53 -13.68 33.30
N SER F 113 -43.28 -14.67 32.42
CA SER F 113 -42.29 -15.74 32.74
C SER F 113 -40.88 -15.20 32.84
N PHE F 114 -40.52 -14.38 31.86
CA PHE F 114 -39.23 -13.71 31.85
C PHE F 114 -39.01 -12.86 33.10
N ALA F 115 -40.01 -12.08 33.49
CA ALA F 115 -39.90 -11.21 34.67
C ALA F 115 -39.71 -12.00 35.98
N ARG F 116 -40.35 -13.16 36.09
CA ARG F 116 -40.13 -14.05 37.23
C ARG F 116 -38.68 -14.55 37.29
N GLU F 117 -38.10 -14.87 36.14
CA GLU F 117 -36.72 -15.37 36.11
C GLU F 117 -35.67 -14.27 36.18
N PHE F 118 -35.93 -13.13 35.54
CA PHE F 118 -34.93 -12.04 35.48
C PHE F 118 -35.62 -10.74 35.92
N PRO F 119 -35.92 -10.63 37.23
CA PRO F 119 -36.68 -9.49 37.75
C PRO F 119 -36.06 -8.12 37.57
N ASP F 120 -34.74 -8.04 37.44
CA ASP F 120 -34.07 -6.73 37.40
C ASP F 120 -33.67 -6.24 35.98
N VAL F 121 -34.08 -6.95 34.93
CA VAL F 121 -33.82 -6.49 33.56
C VAL F 121 -34.97 -5.59 33.11
N THR F 122 -34.64 -4.47 32.48
CA THR F 122 -35.64 -3.51 32.01
C THR F 122 -35.98 -3.78 30.56
N VAL F 123 -37.26 -4.07 30.31
CA VAL F 123 -37.72 -4.47 29.00
C VAL F 123 -38.58 -3.35 28.43
N ASN F 124 -38.37 -3.05 27.15
CA ASN F 124 -39.13 -2.02 26.44
C ASN F 124 -39.74 -2.69 25.20
N VAL F 125 -41.08 -2.75 25.14
CA VAL F 125 -41.73 -3.38 24.00
C VAL F 125 -42.51 -2.40 23.16
N ARG F 126 -42.38 -2.53 21.85
CA ARG F 126 -43.11 -1.65 20.96
C ARG F 126 -43.73 -2.46 19.84
N ASP F 127 -44.63 -1.83 19.08
CA ASP F 127 -45.08 -2.42 17.82
C ASP F 127 -43.99 -2.30 16.78
N GLY F 128 -43.98 -3.25 15.85
CA GLY F 128 -43.05 -3.10 14.73
C GLY F 128 -43.25 -4.17 13.70
N MET F 129 -42.89 -3.84 12.47
CA MET F 129 -42.99 -4.75 11.35
C MET F 129 -41.77 -4.65 10.43
N TYR F 130 -41.37 -5.76 9.84
CA TYR F 130 -40.36 -5.76 8.77
C TYR F 130 -41.00 -5.22 7.49
N PRO F 131 -40.28 -4.40 6.72
CA PRO F 131 -38.89 -3.94 6.87
C PRO F 131 -38.71 -2.63 7.63
N ALA F 132 -39.78 -2.04 8.15
CA ALA F 132 -39.65 -0.76 8.89
C ALA F 132 -38.63 -0.87 10.03
N VAL F 133 -38.57 -2.04 10.66
CA VAL F 133 -37.67 -2.21 11.79
C VAL F 133 -36.17 -2.29 11.43
N SER F 134 -35.84 -2.46 10.14
CA SER F 134 -34.45 -2.81 9.75
C SER F 134 -33.38 -1.80 10.20
N PRO F 135 -33.64 -0.49 10.02
CA PRO F 135 -32.62 0.49 10.43
C PRO F 135 -32.31 0.51 11.93
N GLN F 136 -33.33 0.24 12.74
CA GLN F 136 -33.20 0.15 14.19
C GLN F 136 -32.54 -1.14 14.65
N LEU F 137 -32.74 -2.23 13.91
CA LEU F 137 -31.90 -3.41 14.14
C LEU F 137 -30.43 -3.07 13.79
N ARG F 138 -30.20 -2.34 12.70
CA ARG F 138 -28.80 -2.12 12.24
C ARG F 138 -28.02 -1.16 13.12
N ASP F 139 -28.70 -0.17 13.70
CA ASP F 139 -28.00 0.84 14.54
C ASP F 139 -27.98 0.44 16.01
N GLY F 140 -28.52 -0.75 16.32
CA GLY F 140 -28.54 -1.31 17.69
C GLY F 140 -29.56 -0.76 18.67
N THR F 141 -30.43 0.14 18.20
CA THR F 141 -31.48 0.70 19.09
C THR F 141 -32.64 -0.29 19.36
N LEU F 142 -32.84 -1.27 18.48
CA LEU F 142 -33.82 -2.34 18.66
C LEU F 142 -33.03 -3.64 18.71
N ASP F 143 -33.17 -4.42 19.78
CA ASP F 143 -32.36 -5.64 19.92
C ASP F 143 -32.85 -6.82 19.08
N PHE F 144 -34.16 -6.89 18.87
CA PHE F 144 -34.73 -7.84 17.94
C PHE F 144 -36.15 -7.44 17.59
N ALA F 145 -36.66 -7.99 16.48
CA ALA F 145 -38.08 -7.81 16.12
C ALA F 145 -38.76 -9.13 15.86
N LEU F 146 -39.98 -9.28 16.37
CA LEU F 146 -40.77 -10.49 16.18
C LEU F 146 -41.83 -10.16 15.13
N THR F 147 -41.59 -10.57 13.90
CA THR F 147 -42.38 -9.99 12.82
C THR F 147 -42.50 -10.99 11.71
N ALA F 148 -43.59 -10.90 10.94
CA ALA F 148 -43.66 -11.68 9.70
C ALA F 148 -42.62 -11.17 8.70
N ALA F 149 -42.17 -12.08 7.83
CA ALA F 149 -41.22 -11.74 6.77
C ALA F 149 -41.22 -12.92 5.80
N HIS F 150 -40.78 -12.66 4.58
CA HIS F 150 -40.57 -13.71 3.62
C HIS F 150 -39.09 -14.07 3.63
N LYS F 151 -38.82 -15.30 4.05
CA LYS F 151 -37.49 -15.94 4.07
C LYS F 151 -36.53 -15.35 3.03
N HIS F 152 -36.91 -15.48 1.76
CA HIS F 152 -36.00 -15.15 0.66
C HIS F 152 -35.69 -13.67 0.51
N ASP F 153 -36.55 -12.82 1.03
CA ASP F 153 -36.46 -11.37 0.87
C ASP F 153 -35.41 -10.75 1.78
N ILE F 154 -35.31 -11.28 3.00
CA ILE F 154 -34.61 -10.64 4.12
C ILE F 154 -33.16 -10.28 3.78
N ASP F 155 -32.80 -9.05 4.09
CA ASP F 155 -31.46 -8.55 3.84
C ASP F 155 -30.39 -9.45 4.44
N THR F 156 -29.28 -9.57 3.73
CA THR F 156 -28.24 -10.54 4.05
C THR F 156 -27.51 -10.34 5.40
N ASP F 157 -27.50 -9.11 5.91
CA ASP F 157 -26.85 -8.84 7.21
C ASP F 157 -27.78 -9.12 8.41
N LEU F 158 -29.02 -9.52 8.11
CA LEU F 158 -29.99 -9.90 9.14
C LEU F 158 -30.09 -11.42 9.29
N GLU F 159 -30.41 -11.86 10.50
CA GLU F 159 -30.61 -13.25 10.82
C GLU F 159 -32.10 -13.41 11.14
N ALA F 160 -32.71 -14.51 10.72
CA ALA F 160 -34.16 -14.71 10.91
C ALA F 160 -34.43 -16.10 11.47
N GLN F 161 -34.82 -16.20 12.73
CA GLN F 161 -35.15 -17.51 13.30
C GLN F 161 -36.65 -17.72 13.40
N PRO F 162 -37.17 -18.82 12.82
CA PRO F 162 -38.65 -18.99 12.79
C PRO F 162 -39.25 -19.05 14.20
N LEU F 163 -40.38 -18.37 14.41
CA LEU F 163 -41.00 -18.28 15.72
C LEU F 163 -42.41 -18.89 15.72
N TYR F 164 -43.24 -18.57 14.73
CA TYR F 164 -44.64 -19.00 14.77
C TYR F 164 -45.19 -19.02 13.35
N VAL F 165 -45.99 -20.02 12.99
CA VAL F 165 -46.67 -19.96 11.69
C VAL F 165 -48.10 -19.49 11.94
N SER F 166 -48.42 -18.28 11.47
CA SER F 166 -49.74 -17.70 11.77
C SER F 166 -50.83 -18.17 10.78
N ASP F 167 -52.07 -17.78 11.03
CA ASP F 167 -53.26 -18.17 10.27
C ASP F 167 -53.91 -16.84 9.91
N VAL F 168 -54.28 -16.66 8.66
CA VAL F 168 -54.94 -15.45 8.16
C VAL F 168 -56.42 -15.82 8.00
N VAL F 169 -57.32 -14.96 8.48
CA VAL F 169 -58.76 -15.11 8.18
C VAL F 169 -59.29 -13.84 7.58
N ILE F 170 -60.39 -13.96 6.86
CA ILE F 170 -61.05 -12.79 6.30
C ILE F 170 -62.24 -12.53 7.21
N VAL F 171 -62.40 -11.27 7.59
CA VAL F 171 -63.35 -10.88 8.62
C VAL F 171 -64.24 -9.76 8.13
N GLY F 172 -65.53 -9.83 8.46
CA GLY F 172 -66.45 -8.67 8.23
C GLY F 172 -67.37 -8.45 9.42
N GLN F 173 -68.22 -7.43 9.36
CA GLN F 173 -69.21 -7.26 10.45
C GLN F 173 -70.13 -8.49 10.49
N ARG F 174 -70.74 -8.76 11.65
CA ARG F 174 -71.55 -9.98 11.85
C ARG F 174 -72.67 -10.24 10.82
N GLN F 175 -73.26 -9.16 10.32
CA GLN F 175 -74.43 -9.24 9.44
C GLN F 175 -74.04 -8.83 8.03
N HIS F 176 -72.76 -8.98 7.71
CA HIS F 176 -72.22 -8.60 6.39
C HIS F 176 -73.00 -9.32 5.27
N PRO F 177 -73.25 -8.63 4.13
CA PRO F 177 -73.92 -9.25 2.97
C PRO F 177 -73.30 -10.58 2.57
N MET F 178 -71.97 -10.66 2.67
CA MET F 178 -71.22 -11.86 2.30
C MET F 178 -70.79 -12.71 3.48
N ALA F 179 -71.45 -12.56 4.64
CA ALA F 179 -71.08 -13.30 5.85
C ALA F 179 -71.08 -14.82 5.64
N ASN F 180 -71.96 -15.30 4.75
CA ASN F 180 -72.13 -16.73 4.47
C ASN F 180 -71.39 -17.23 3.22
N ALA F 181 -70.49 -16.41 2.66
CA ALA F 181 -69.73 -16.78 1.47
C ALA F 181 -68.73 -17.90 1.76
N THR F 182 -68.48 -18.74 0.77
CA THR F 182 -67.52 -19.84 0.96
C THR F 182 -66.39 -19.82 -0.08
N ARG F 183 -66.44 -18.90 -1.04
CA ARG F 183 -65.38 -18.83 -2.08
C ARG F 183 -64.87 -17.41 -2.22
N LEU F 184 -63.56 -17.26 -2.38
CA LEU F 184 -62.96 -15.92 -2.54
C LEU F 184 -63.58 -15.12 -3.69
N ALA F 185 -63.91 -15.82 -4.79
CA ALA F 185 -64.57 -15.16 -5.94
C ALA F 185 -65.85 -14.40 -5.55
N GLU F 186 -66.57 -14.87 -4.55
CA GLU F 186 -67.82 -14.24 -4.13
C GLU F 186 -67.60 -12.87 -3.50
N LEU F 187 -66.35 -12.60 -3.12
CA LEU F 187 -65.96 -11.37 -2.47
C LEU F 187 -65.37 -10.34 -3.45
N GLN F 188 -65.34 -10.65 -4.74
CA GLN F 188 -64.64 -9.80 -5.73
C GLN F 188 -65.04 -8.33 -5.74
N GLU F 189 -66.32 -8.08 -5.45
CA GLU F 189 -66.86 -6.72 -5.53
C GLU F 189 -66.90 -6.02 -4.21
N CYS F 190 -66.47 -6.71 -3.14
CA CYS F 190 -66.45 -6.12 -1.81
C CYS F 190 -65.35 -5.10 -1.73
N ARG F 191 -65.49 -4.17 -0.77
CA ARG F 191 -64.46 -3.18 -0.46
C ARG F 191 -63.68 -3.63 0.77
N TRP F 192 -62.37 -3.36 0.75
CA TRP F 192 -61.42 -3.90 1.71
C TRP F 192 -60.75 -2.80 2.51
N ALA F 193 -60.58 -3.07 3.80
CA ALA F 193 -59.63 -2.34 4.60
C ALA F 193 -58.29 -3.07 4.49
N PHE F 194 -57.36 -2.44 3.77
CA PHE F 194 -56.03 -3.00 3.54
C PHE F 194 -55.26 -2.89 4.83
N SER F 195 -54.87 -4.04 5.35
CA SER F 195 -54.16 -4.08 6.60
C SER F 195 -52.66 -4.23 6.33
N SER F 196 -51.83 -3.98 7.33
CA SER F 196 -50.35 -3.97 7.17
C SER F 196 -49.74 -5.34 6.91
N ALA F 197 -48.68 -5.37 6.10
CA ALA F 197 -47.98 -6.63 5.75
C ALA F 197 -46.58 -6.29 5.30
N PRO F 198 -45.61 -7.22 5.44
CA PRO F 198 -44.23 -6.95 5.06
C PRO F 198 -44.10 -6.37 3.65
N ARG F 199 -44.90 -6.89 2.72
CA ARG F 199 -44.85 -6.43 1.34
C ARG F 199 -45.72 -5.19 1.06
N GLY F 200 -46.28 -4.59 2.12
CA GLY F 200 -47.06 -3.36 2.03
C GLY F 200 -48.53 -3.57 2.34
N PRO F 201 -49.29 -2.48 2.53
CA PRO F 201 -50.69 -2.56 2.94
C PRO F 201 -51.52 -3.34 1.93
N GLY F 202 -52.32 -4.26 2.43
CA GLY F 202 -53.19 -5.05 1.56
C GLY F 202 -52.49 -6.16 0.78
N ALA F 203 -51.19 -6.37 1.02
CA ALA F 203 -50.42 -7.33 0.20
C ALA F 203 -51.01 -8.76 0.24
N ILE F 204 -51.51 -9.18 1.40
CA ILE F 204 -52.05 -10.53 1.52
C ILE F 204 -53.31 -10.72 0.67
N ILE F 205 -54.27 -9.83 0.84
CA ILE F 205 -55.48 -9.96 0.00
C ILE F 205 -55.19 -9.74 -1.50
N ARG F 206 -54.30 -8.79 -1.84
CA ARG F 206 -53.93 -8.58 -3.25
C ARG F 206 -53.31 -9.85 -3.85
N ASN F 207 -52.42 -10.47 -3.09
CA ASN F 207 -51.73 -11.65 -3.59
C ASN F 207 -52.65 -12.88 -3.62
N ALA F 208 -53.60 -12.94 -2.69
CA ALA F 208 -54.61 -14.02 -2.73
C ALA F 208 -55.56 -13.85 -3.92
N PHE F 209 -56.08 -12.63 -4.11
CA PHE F 209 -56.93 -12.38 -5.29
C PHE F 209 -56.13 -12.77 -6.54
N ALA F 210 -54.87 -12.35 -6.61
CA ALA F 210 -54.05 -12.64 -7.81
C ALA F 210 -53.99 -14.16 -8.09
N ARG F 211 -53.60 -14.92 -7.08
CA ARG F 211 -53.38 -16.37 -7.27
C ARG F 211 -54.64 -17.13 -7.63
N TYR F 212 -55.80 -16.63 -7.15
CA TYR F 212 -57.11 -17.21 -7.46
C TYR F 212 -57.73 -16.69 -8.75
N GLY F 213 -56.93 -15.97 -9.53
CA GLY F 213 -57.35 -15.61 -10.90
C GLY F 213 -58.31 -14.44 -10.92
N LEU F 214 -58.35 -13.68 -9.83
CA LEU F 214 -59.30 -12.59 -9.67
C LEU F 214 -58.62 -11.28 -10.02
N PRO F 215 -59.42 -10.24 -10.33
CA PRO F 215 -58.84 -8.91 -10.50
C PRO F 215 -58.31 -8.34 -9.18
N GLU F 216 -57.73 -7.14 -9.21
CA GLU F 216 -57.29 -6.49 -7.97
C GLU F 216 -58.47 -6.29 -7.02
N PRO F 217 -58.26 -6.49 -5.70
CA PRO F 217 -59.34 -6.20 -4.77
C PRO F 217 -59.61 -4.71 -4.68
N LYS F 218 -60.86 -4.37 -4.39
CA LYS F 218 -61.27 -2.98 -4.38
C LYS F 218 -60.83 -2.36 -3.06
N LEU F 219 -60.03 -1.30 -3.13
CA LEU F 219 -59.54 -0.64 -1.94
C LEU F 219 -60.63 0.22 -1.33
N GLY F 220 -61.00 -0.08 -0.09
CA GLY F 220 -61.94 0.75 0.67
C GLY F 220 -61.18 1.81 1.45
N LEU F 221 -60.20 1.36 2.24
CA LEU F 221 -59.26 2.25 2.91
C LEU F 221 -58.01 1.48 3.34
N VAL F 222 -56.98 2.22 3.78
CA VAL F 222 -55.76 1.60 4.27
C VAL F 222 -55.75 1.83 5.78
N CYS F 223 -55.66 0.75 6.56
CA CYS F 223 -55.65 0.94 8.00
C CYS F 223 -54.40 0.28 8.49
N GLU F 224 -53.36 1.08 8.80
CA GLU F 224 -52.08 0.51 9.19
C GLU F 224 -52.07 0.04 10.66
N SER F 225 -53.06 0.49 11.42
CA SER F 225 -53.16 0.23 12.82
C SER F 225 -53.97 -1.04 13.07
N PHE F 226 -53.33 -2.11 13.56
CA PHE F 226 -54.15 -3.26 13.98
C PHE F 226 -55.01 -3.00 15.21
N LEU F 227 -54.65 -1.98 15.99
CA LEU F 227 -55.49 -1.61 17.13
C LEU F 227 -56.85 -1.11 16.63
N ALA F 228 -56.84 -0.27 15.59
CA ALA F 228 -58.08 0.32 15.06
C ALA F 228 -58.87 -0.64 14.18
N LEU F 229 -58.20 -1.62 13.59
CA LEU F 229 -58.80 -2.36 12.48
C LEU F 229 -60.13 -3.07 12.83
N PRO F 230 -60.18 -3.81 13.95
CA PRO F 230 -61.41 -4.57 14.17
C PRO F 230 -62.66 -3.68 14.33
N GLY F 231 -62.52 -2.58 15.06
CA GLY F 231 -63.62 -1.63 15.22
C GLY F 231 -64.04 -0.98 13.92
N VAL F 232 -63.06 -0.69 13.06
CA VAL F 232 -63.34 -0.08 11.75
C VAL F 232 -64.21 -1.02 10.90
N VAL F 233 -63.86 -2.30 10.90
CA VAL F 233 -64.60 -3.32 10.17
C VAL F 233 -66.00 -3.53 10.80
N ALA F 234 -66.04 -3.54 12.13
CA ALA F 234 -67.29 -3.84 12.85
C ALA F 234 -68.39 -2.80 12.53
N HIS F 235 -67.97 -1.58 12.23
CA HIS F 235 -68.92 -0.49 12.03
C HIS F 235 -69.00 -0.06 10.57
N SER F 236 -68.66 -0.97 9.67
CA SER F 236 -68.78 -0.71 8.24
C SER F 236 -69.10 -2.00 7.51
N ASP F 237 -69.10 -1.95 6.18
CA ASP F 237 -69.19 -3.16 5.38
C ASP F 237 -67.83 -3.54 4.75
N LEU F 238 -66.74 -2.94 5.26
CA LEU F 238 -65.40 -3.33 4.80
C LEU F 238 -65.04 -4.75 5.26
N LEU F 239 -64.40 -5.50 4.38
CA LEU F 239 -63.74 -6.77 4.75
C LEU F 239 -62.25 -6.52 4.97
N THR F 240 -61.62 -7.37 5.77
CA THR F 240 -60.17 -7.25 5.92
C THR F 240 -59.56 -8.62 6.08
N THR F 241 -58.23 -8.71 6.02
CA THR F 241 -57.55 -9.91 6.51
C THR F 241 -56.91 -9.57 7.84
N MET F 242 -56.93 -10.53 8.75
CA MET F 242 -56.19 -10.33 9.97
C MET F 242 -55.66 -11.67 10.48
N PRO F 243 -54.63 -11.64 11.34
CA PRO F 243 -54.21 -12.87 11.98
C PRO F 243 -55.40 -13.45 12.76
N ARG F 244 -55.57 -14.77 12.76
CA ARG F 244 -56.67 -15.40 13.51
C ARG F 244 -56.61 -14.96 14.99
N THR F 245 -55.39 -14.84 15.52
CA THR F 245 -55.21 -14.37 16.90
C THR F 245 -55.91 -13.01 17.18
N LEU F 246 -55.79 -12.07 16.25
CA LEU F 246 -56.50 -10.80 16.36
C LEU F 246 -58.03 -10.98 16.26
N TYR F 247 -58.47 -11.85 15.35
CA TYR F 247 -59.92 -12.11 15.20
C TYR F 247 -60.49 -12.62 16.53
N GLU F 248 -59.74 -13.49 17.19
CA GLU F 248 -60.16 -14.06 18.47
C GLU F 248 -60.01 -13.10 19.66
N ARG F 249 -59.09 -12.15 19.54
CA ARG F 249 -58.79 -11.26 20.64
C ARG F 249 -58.85 -9.80 20.26
N ASN F 250 -60.07 -9.26 20.21
CA ASN F 250 -60.26 -7.83 19.98
C ASN F 250 -61.54 -7.41 20.70
N ALA F 251 -61.76 -6.10 20.78
CA ALA F 251 -62.86 -5.51 21.55
C ALA F 251 -64.23 -5.59 20.88
N PHE F 252 -64.27 -6.07 19.64
CA PHE F 252 -65.49 -6.03 18.80
C PHE F 252 -65.93 -7.42 18.34
N LYS F 253 -65.51 -8.44 19.08
CA LYS F 253 -65.84 -9.84 18.75
C LYS F 253 -67.31 -10.13 18.46
N ASP F 254 -68.20 -9.64 19.32
CA ASP F 254 -69.64 -9.86 19.15
C ASP F 254 -70.24 -9.23 17.91
N GLN F 255 -69.50 -8.31 17.29
CA GLN F 255 -69.95 -7.59 16.12
C GLN F 255 -69.27 -8.02 14.83
N LEU F 256 -68.45 -9.06 14.91
CA LEU F 256 -67.60 -9.48 13.80
C LEU F 256 -67.81 -10.98 13.50
N CYS F 257 -67.55 -11.40 12.28
CA CYS F 257 -67.65 -12.82 11.93
C CYS F 257 -66.58 -13.12 10.90
N SER F 258 -65.89 -14.25 11.04
CA SER F 258 -64.97 -14.66 9.98
C SER F 258 -65.81 -15.28 8.86
N ILE F 259 -65.37 -15.07 7.63
CA ILE F 259 -66.10 -15.61 6.48
C ILE F 259 -65.69 -17.05 6.31
N PRO F 260 -66.66 -17.99 6.21
CA PRO F 260 -66.29 -19.43 6.27
C PRO F 260 -65.78 -19.93 4.89
N LEU F 261 -64.73 -19.31 4.38
CA LEU F 261 -64.20 -19.65 3.05
C LEU F 261 -63.61 -21.05 2.99
N GLN F 262 -63.87 -21.74 1.88
CA GLN F 262 -63.25 -23.02 1.60
C GLN F 262 -62.12 -22.91 0.56
N ASP F 263 -61.70 -21.67 0.28
CA ASP F 263 -60.48 -21.40 -0.46
C ASP F 263 -59.37 -21.17 0.58
N ALA F 264 -58.26 -21.86 0.42
CA ALA F 264 -57.15 -21.70 1.39
C ALA F 264 -56.48 -20.32 1.34
N LEU F 265 -56.16 -19.76 2.51
CA LEU F 265 -55.45 -18.48 2.64
C LEU F 265 -54.01 -18.73 3.16
N PRO F 266 -53.08 -17.78 2.95
CA PRO F 266 -51.68 -18.02 3.37
C PRO F 266 -51.49 -18.15 4.87
N ASN F 267 -50.33 -18.68 5.28
CA ASN F 267 -49.97 -18.79 6.68
C ASN F 267 -48.60 -18.12 6.90
N PRO F 268 -48.59 -16.79 7.16
CA PRO F 268 -47.30 -16.07 7.23
C PRO F 268 -46.46 -16.57 8.38
N THR F 269 -45.16 -16.72 8.14
CA THR F 269 -44.24 -17.10 9.20
C THR F 269 -43.74 -15.87 9.95
N ILE F 270 -43.85 -15.93 11.26
CA ILE F 270 -43.33 -14.88 12.13
C ILE F 270 -41.91 -15.29 12.54
N TYR F 271 -40.93 -14.38 12.47
CA TYR F 271 -39.52 -14.70 12.78
C TYR F 271 -39.03 -13.81 13.90
N VAL F 272 -37.98 -14.27 14.57
CA VAL F 272 -37.15 -13.38 15.39
C VAL F 272 -36.06 -12.81 14.47
N LEU F 273 -36.09 -11.51 14.21
CA LEU F 273 -35.11 -10.90 13.33
C LEU F 273 -34.09 -10.10 14.13
N ARG F 274 -32.80 -10.25 13.79
CA ARG F 274 -31.72 -9.45 14.42
C ARG F 274 -30.66 -9.07 13.40
N ARG F 275 -29.79 -8.13 13.76
CA ARG F 275 -28.58 -7.89 12.97
C ARG F 275 -27.61 -9.01 13.34
N HIS F 276 -27.22 -9.82 12.36
CA HIS F 276 -26.51 -11.07 12.62
C HIS F 276 -25.16 -10.94 13.37
N ASP F 277 -24.36 -9.93 13.01
CA ASP F 277 -23.01 -9.83 13.57
C ASP F 277 -22.99 -9.24 14.99
N LEU F 278 -24.14 -8.83 15.52
CA LEU F 278 -24.17 -8.35 16.90
C LEU F 278 -24.36 -9.52 17.85
N PRO F 279 -23.49 -9.64 18.86
CA PRO F 279 -23.61 -10.74 19.83
C PRO F 279 -24.82 -10.57 20.76
N VAL F 280 -25.70 -11.57 20.81
CA VAL F 280 -26.93 -11.44 21.63
C VAL F 280 -26.56 -11.45 23.11
N THR F 281 -27.13 -10.52 23.87
CA THR F 281 -26.84 -10.50 25.29
C THR F 281 -27.51 -11.72 25.93
N PRO F 282 -26.91 -12.23 27.01
CA PRO F 282 -27.52 -13.35 27.74
C PRO F 282 -29.00 -13.06 28.12
N ALA F 283 -29.29 -11.84 28.59
CA ALA F 283 -30.66 -11.45 28.98
C ALA F 283 -31.63 -11.50 27.78
N ALA F 284 -31.21 -10.93 26.66
CA ALA F 284 -32.06 -10.97 25.44
C ALA F 284 -32.30 -12.40 24.98
N ALA F 285 -31.27 -13.25 25.01
CA ALA F 285 -31.40 -14.66 24.65
C ALA F 285 -32.47 -15.34 25.55
N GLY F 286 -32.46 -14.97 26.83
CA GLY F 286 -33.43 -15.54 27.80
C GLY F 286 -34.85 -15.12 27.47
N LEU F 287 -35.03 -13.87 27.12
CA LEU F 287 -36.36 -13.39 26.73
C LEU F 287 -36.83 -14.09 25.46
N ILE F 288 -35.93 -14.22 24.49
CA ILE F 288 -36.28 -14.91 23.22
C ILE F 288 -36.71 -16.37 23.51
N ARG F 289 -35.97 -17.04 24.39
CA ARG F 289 -36.36 -18.39 24.82
C ARG F 289 -37.80 -18.46 25.36
N TRP F 290 -38.18 -17.51 26.19
CA TRP F 290 -39.53 -17.50 26.77
C TRP F 290 -40.61 -17.23 25.73
N ILE F 291 -40.30 -16.33 24.80
CA ILE F 291 -41.21 -16.04 23.69
C ILE F 291 -41.42 -17.29 22.79
N GLN F 292 -40.34 -17.96 22.43
CA GLN F 292 -40.44 -19.22 21.69
C GLN F 292 -41.29 -20.26 22.44
N HIS F 293 -41.09 -20.35 23.76
CA HIS F 293 -41.82 -21.32 24.59
C HIS F 293 -43.32 -21.09 24.48
N HIS F 294 -43.72 -19.84 24.48
CA HIS F 294 -45.14 -19.53 24.51
C HIS F 294 -45.75 -19.46 23.15
N ALA F 295 -44.93 -19.42 22.09
CA ALA F 295 -45.38 -19.40 20.69
C ALA F 295 -45.49 -20.79 20.05
N LEU F 296 -45.85 -21.77 20.86
CA LEU F 296 -46.06 -23.14 20.37
C LEU F 296 -47.28 -23.79 21.05
CA MET G 1 -72.00 42.28 -18.72
C MET G 1 -70.52 41.93 -18.52
N LEU G 2 -70.31 40.78 -17.88
CA LEU G 2 -68.94 40.26 -17.69
C LEU G 2 -68.23 40.16 -19.02
N LYS G 3 -67.00 40.67 -19.08
CA LYS G 3 -66.23 40.71 -20.34
C LYS G 3 -66.08 39.35 -20.96
N LEU G 4 -65.87 38.31 -20.15
CA LEU G 4 -65.77 36.99 -20.71
C LEU G 4 -67.06 36.48 -21.36
N GLN G 5 -68.22 36.85 -20.81
CA GLN G 5 -69.50 36.55 -21.47
C GLN G 5 -69.60 37.23 -22.83
N THR G 6 -69.19 38.50 -22.87
CA THR G 6 -69.22 39.29 -24.12
C THR G 6 -68.26 38.69 -25.16
N LEU G 7 -67.08 38.29 -24.70
CA LEU G 7 -66.09 37.70 -25.62
C LEU G 7 -66.60 36.37 -26.18
N GLN G 8 -67.14 35.51 -25.31
CA GLN G 8 -67.72 34.23 -25.74
C GLN G 8 -68.86 34.47 -26.74
N ALA G 9 -69.66 35.49 -26.48
CA ALA G 9 -70.74 35.86 -27.40
C ALA G 9 -70.20 36.32 -28.75
N LEU G 10 -69.12 37.11 -28.72
CA LEU G 10 -68.50 37.58 -29.96
C LEU G 10 -67.97 36.43 -30.78
N ILE G 11 -67.34 35.46 -30.13
CA ILE G 11 -66.92 34.25 -30.82
C ILE G 11 -68.13 33.57 -31.49
N CYS G 12 -69.24 33.47 -30.78
CA CYS G 12 -70.45 32.81 -31.29
C CYS G 12 -71.03 33.59 -32.49
N ILE G 13 -70.96 34.92 -32.40
CA ILE G 13 -71.47 35.80 -33.47
C ILE G 13 -70.72 35.55 -34.77
N GLU G 14 -69.39 35.43 -34.65
CA GLU G 14 -68.59 35.12 -35.83
C GLU G 14 -69.04 33.79 -36.44
N GLU G 15 -69.44 32.84 -35.60
CA GLU G 15 -69.83 31.51 -36.08
C GLU G 15 -71.23 31.50 -36.69
N VAL G 16 -72.19 32.12 -36.02
CA VAL G 16 -73.62 32.01 -36.43
C VAL G 16 -74.15 33.22 -37.24
N GLY G 17 -73.41 34.32 -37.25
CA GLY G 17 -73.72 35.50 -38.11
C GLY G 17 -74.82 36.44 -37.64
N SER G 18 -75.11 36.41 -36.34
CA SER G 18 -76.27 37.11 -35.77
C SER G 18 -75.96 37.36 -34.31
N LEU G 19 -76.08 38.61 -33.85
CA LEU G 19 -76.00 38.89 -32.41
C LEU G 19 -77.18 38.27 -31.67
N ARG G 20 -78.38 38.41 -32.22
CA ARG G 20 -79.59 37.87 -31.59
C ARG G 20 -79.57 36.36 -31.47
N ALA G 21 -79.15 35.66 -32.53
CA ALA G 21 -79.07 34.20 -32.44
C ALA G 21 -78.02 33.79 -31.42
N ALA G 22 -76.88 34.49 -31.37
CA ALA G 22 -75.83 34.14 -30.44
C ALA G 22 -76.33 34.35 -29.01
N ALA G 23 -77.01 35.47 -28.75
CA ALA G 23 -77.64 35.68 -27.44
C ALA G 23 -78.60 34.56 -27.07
N GLN G 24 -79.44 34.14 -28.01
CA GLN G 24 -80.43 33.09 -27.69
C GLN G 24 -79.75 31.78 -27.32
N LEU G 25 -78.72 31.44 -28.10
CA LEU G 25 -77.99 30.17 -27.98
C LEU G 25 -77.28 30.13 -26.63
N LEU G 26 -76.69 31.25 -26.24
CA LEU G 26 -75.96 31.37 -24.98
C LEU G 26 -76.80 31.71 -23.76
N HIS G 27 -78.12 31.82 -23.96
CA HIS G 27 -79.06 32.23 -22.92
C HIS G 27 -78.69 33.59 -22.31
N LEU G 28 -78.36 34.55 -23.16
CA LEU G 28 -78.10 35.92 -22.71
C LEU G 28 -79.23 36.80 -23.20
N SER G 29 -79.51 37.88 -22.47
CA SER G 29 -80.44 38.90 -22.91
C SER G 29 -79.95 39.57 -24.20
N GLN G 30 -80.78 39.59 -25.23
CA GLN G 30 -80.41 40.23 -26.51
C GLN G 30 -80.08 41.72 -26.33
N PRO G 31 -81.00 42.52 -25.75
CA PRO G 31 -80.66 43.92 -25.46
C PRO G 31 -79.43 44.08 -24.53
N ALA G 32 -79.28 43.22 -23.51
CA ALA G 32 -78.06 43.27 -22.67
C ALA G 32 -76.77 43.04 -23.48
N LEU G 33 -76.79 42.00 -24.33
CA LEU G 33 -75.60 41.70 -25.14
C LEU G 33 -75.34 42.84 -26.12
N SER G 34 -76.40 43.36 -26.72
CA SER G 34 -76.23 44.51 -27.62
C SER G 34 -75.52 45.69 -26.91
N ALA G 35 -76.00 46.04 -25.71
CA ALA G 35 -75.42 47.16 -24.94
C ALA G 35 -73.97 46.90 -24.54
N ALA G 36 -73.69 45.64 -24.19
CA ALA G 36 -72.33 45.23 -23.79
C ALA G 36 -71.31 45.36 -24.93
N ILE G 37 -71.75 45.00 -26.14
CA ILE G 37 -70.88 45.08 -27.31
C ILE G 37 -70.65 46.55 -27.68
N GLN G 38 -71.73 47.33 -27.62
CA GLN G 38 -71.59 48.79 -27.81
C GLN G 38 -70.58 49.37 -26.82
N GLN G 39 -70.66 48.98 -25.55
CA GLN G 39 -69.76 49.55 -24.55
C GLN G 39 -68.31 49.17 -24.86
N LEU G 40 -68.12 47.94 -25.30
CA LEU G 40 -66.77 47.50 -25.68
C LEU G 40 -66.22 48.29 -26.88
N GLU G 41 -67.06 48.45 -27.91
CA GLU G 41 -66.68 49.25 -29.07
C GLU G 41 -66.30 50.70 -28.65
N ASP G 42 -67.07 51.29 -27.74
CA ASP G 42 -66.72 52.63 -27.23
C ASP G 42 -65.37 52.68 -26.54
N GLU G 43 -65.08 51.66 -25.73
CA GLU G 43 -63.81 51.56 -25.02
C GLU G 43 -62.64 51.38 -25.99
N LEU G 44 -62.83 50.53 -26.99
CA LEU G 44 -61.81 50.28 -28.01
C LEU G 44 -61.66 51.40 -29.04
N LYS G 45 -62.65 52.30 -29.06
CA LYS G 45 -62.77 53.36 -30.07
C LYS G 45 -62.79 52.81 -31.52
N ALA G 46 -63.40 51.63 -31.71
CA ALA G 46 -63.66 51.11 -33.07
C ALA G 46 -64.80 50.08 -33.03
N PRO G 47 -65.54 49.94 -34.13
CA PRO G 47 -66.61 48.95 -34.19
C PRO G 47 -66.03 47.58 -34.45
N LEU G 48 -66.61 46.59 -33.80
CA LEU G 48 -66.23 45.18 -33.98
C LEU G 48 -67.10 44.48 -35.02
N LEU G 49 -68.29 45.02 -35.25
CA LEU G 49 -69.31 44.38 -36.08
C LEU G 49 -69.80 45.34 -37.15
N VAL G 50 -70.18 44.78 -38.30
CA VAL G 50 -70.85 45.55 -39.34
C VAL G 50 -72.08 44.74 -39.75
N ARG G 51 -73.19 45.46 -39.95
CA ARG G 51 -74.45 44.85 -40.33
C ARG G 51 -74.43 44.47 -41.78
N THR G 52 -75.00 43.30 -42.05
CA THR G 52 -75.21 42.79 -43.38
C THR G 52 -76.70 42.44 -43.54
N LYS G 53 -77.11 42.11 -44.76
CA LYS G 53 -78.48 41.67 -44.97
C LYS G 53 -78.68 40.35 -44.24
N ARG G 54 -77.60 39.54 -44.21
CA ARG G 54 -77.55 38.23 -43.55
C ARG G 54 -77.75 38.33 -42.03
N GLY G 55 -76.98 39.23 -41.39
CA GLY G 55 -77.05 39.49 -39.95
C GLY G 55 -75.92 40.47 -39.60
N VAL G 56 -74.83 39.94 -39.05
CA VAL G 56 -73.60 40.74 -38.82
C VAL G 56 -72.33 39.99 -39.22
N SER G 57 -71.29 40.75 -39.56
CA SER G 57 -69.92 40.24 -39.74
C SER G 57 -68.95 41.03 -38.88
N LEU G 58 -67.76 40.47 -38.66
CA LEU G 58 -66.68 41.20 -37.97
C LEU G 58 -66.12 42.25 -38.92
N THR G 59 -65.78 43.41 -38.39
CA THR G 59 -65.00 44.43 -39.12
C THR G 59 -63.52 44.00 -39.17
N SER G 60 -62.68 44.77 -39.88
CA SER G 60 -61.23 44.56 -39.82
C SER G 60 -60.76 44.65 -38.37
N PHE G 61 -61.28 45.61 -37.63
CA PHE G 61 -60.92 45.74 -36.22
C PHE G 61 -61.34 44.50 -35.44
N GLY G 62 -62.55 44.00 -35.72
CA GLY G 62 -63.11 42.84 -35.04
C GLY G 62 -62.31 41.56 -35.34
N GLN G 63 -61.81 41.43 -36.57
CA GLN G 63 -60.98 40.29 -36.90
C GLN G 63 -59.66 40.30 -36.12
N ALA G 64 -59.01 41.47 -36.02
CA ALA G 64 -57.80 41.64 -35.18
C ALA G 64 -58.11 41.34 -33.71
N PHE G 65 -59.20 41.93 -33.21
CA PHE G 65 -59.58 41.80 -31.82
C PHE G 65 -59.90 40.32 -31.50
N MET G 66 -60.57 39.63 -32.42
CA MET G 66 -60.98 38.26 -32.19
C MET G 66 -59.81 37.31 -31.94
N LYS G 67 -58.65 37.58 -32.55
CA LYS G 67 -57.49 36.74 -32.26
C LYS G 67 -57.16 36.76 -30.76
N HIS G 68 -57.20 37.95 -30.17
CA HIS G 68 -57.01 38.14 -28.74
C HIS G 68 -58.18 37.53 -27.95
N ALA G 69 -59.42 37.78 -28.40
CA ALA G 69 -60.62 37.26 -27.68
C ALA G 69 -60.55 35.74 -27.51
N ARG G 70 -60.16 35.05 -28.58
CA ARG G 70 -60.06 33.58 -28.53
C ARG G 70 -58.99 33.15 -27.56
N LEU G 71 -57.84 33.85 -27.57
CA LEU G 71 -56.78 33.51 -26.60
C LEU G 71 -57.26 33.71 -25.15
N ILE G 72 -57.97 34.79 -24.92
CA ILE G 72 -58.45 35.13 -23.59
C ILE G 72 -59.52 34.12 -23.12
N VAL G 73 -60.46 33.78 -24.00
CA VAL G 73 -61.50 32.80 -23.65
C VAL G 73 -60.90 31.41 -23.37
N THR G 74 -59.98 30.98 -24.23
CA THR G 74 -59.25 29.72 -24.02
C THR G 74 -58.45 29.73 -22.72
N GLU G 75 -57.79 30.85 -22.44
CA GLU G 75 -56.98 30.94 -21.24
C GLU G 75 -57.81 30.87 -19.98
N SER G 76 -59.00 31.47 -20.00
CA SER G 76 -59.88 31.43 -18.86
C SER G 76 -60.35 30.01 -18.64
N ARG G 77 -60.66 29.29 -19.71
CA ARG G 77 -61.09 27.89 -19.57
C ARG G 77 -59.94 27.03 -19.06
N ARG G 78 -58.75 27.25 -19.61
CA ARG G 78 -57.55 26.52 -19.12
C ARG G 78 -57.27 26.77 -17.63
N ALA G 79 -57.41 28.03 -17.20
CA ALA G 79 -57.26 28.39 -15.78
C ALA G 79 -58.27 27.61 -14.93
N GLN G 80 -59.53 27.64 -15.36
CA GLN G 80 -60.61 26.94 -14.61
C GLN G 80 -60.36 25.42 -14.59
N GLU G 81 -59.92 24.86 -15.71
CA GLU G 81 -59.55 23.43 -15.77
C GLU G 81 -58.42 23.06 -14.82
N GLU G 82 -57.37 23.88 -14.82
CA GLU G 82 -56.19 23.61 -13.99
C GLU G 82 -56.57 23.72 -12.51
N ILE G 83 -57.28 24.80 -12.16
CA ILE G 83 -57.74 24.96 -10.77
C ILE G 83 -58.66 23.80 -10.36
N GLY G 84 -59.55 23.41 -11.25
CA GLY G 84 -60.41 22.26 -11.00
C GLY G 84 -59.58 21.02 -10.73
N GLN G 85 -58.53 20.82 -11.52
CA GLN G 85 -57.70 19.64 -11.36
C GLN G 85 -56.94 19.68 -10.03
N LEU G 86 -56.39 20.84 -9.70
CA LEU G 86 -55.65 20.99 -8.45
C LEU G 86 -56.56 20.93 -7.23
N ARG G 87 -57.70 21.63 -7.31
CA ARG G 87 -58.68 21.62 -6.23
C ARG G 87 -59.23 20.22 -6.01
N GLY G 88 -59.53 19.51 -7.10
CA GLY G 88 -60.06 18.15 -7.03
C GLY G 88 -59.18 17.20 -6.25
N ARG G 89 -57.87 17.31 -6.46
CA ARG G 89 -56.91 16.46 -5.73
C ARG G 89 -56.79 16.84 -4.27
N TRP G 90 -56.88 18.14 -3.99
CA TRP G 90 -56.88 18.68 -2.64
C TRP G 90 -58.13 18.27 -1.84
N GLU G 91 -59.30 18.56 -2.41
CA GLU G 91 -60.58 18.23 -1.80
C GLU G 91 -60.83 16.72 -1.73
N GLY G 92 -59.19 13.87 -2.66
CA GLY G 92 -59.48 12.43 -2.74
C GLY G 92 -58.81 11.54 -1.68
N HIS G 93 -57.99 12.15 -0.82
CA HIS G 93 -57.16 11.41 0.16
C HIS G 93 -57.05 12.16 1.46
N ILE G 94 -57.03 11.39 2.55
CA ILE G 94 -56.78 11.93 3.86
C ILE G 94 -55.83 10.95 4.50
N THR G 95 -54.78 11.47 5.12
CA THR G 95 -54.00 10.65 6.03
C THR G 95 -53.79 11.30 7.39
N PHE G 96 -54.12 10.55 8.42
CA PHE G 96 -54.06 11.08 9.77
C PHE G 96 -53.69 10.00 10.78
N ALA G 97 -53.35 10.47 11.98
CA ALA G 97 -53.02 9.60 13.11
C ALA G 97 -54.03 9.77 14.22
N ALA G 98 -54.25 8.70 15.01
CA ALA G 98 -55.24 8.74 16.08
C ALA G 98 -54.75 8.00 17.32
N SER G 99 -55.06 8.54 18.50
CA SER G 99 -54.74 7.89 19.78
C SER G 99 -55.80 6.81 20.14
N PRO G 100 -55.45 5.90 21.07
CA PRO G 100 -56.31 4.75 21.35
C PRO G 100 -57.75 5.10 21.72
N ALA G 101 -57.99 6.13 22.54
CA ALA G 101 -59.37 6.44 22.97
C ALA G 101 -60.24 6.84 21.79
N ILE G 102 -59.64 7.59 20.86
CA ILE G 102 -60.29 7.96 19.61
C ILE G 102 -60.47 6.73 18.72
N ALA G 103 -59.39 6.00 18.50
CA ALA G 103 -59.41 4.81 17.61
C ALA G 103 -60.46 3.76 18.00
N LEU G 104 -60.73 3.63 19.31
CA LEU G 104 -61.62 2.55 19.78
C LEU G 104 -63.09 2.89 19.94
N ALA G 105 -63.41 4.17 20.12
CA ALA G 105 -64.80 4.54 20.38
C ALA G 105 -65.31 5.48 19.31
N ALA G 106 -64.63 6.61 19.14
CA ALA G 106 -65.09 7.59 18.16
C ALA G 106 -64.91 7.15 16.71
N LEU G 107 -63.72 6.66 16.36
CA LEU G 107 -63.37 6.44 14.94
C LEU G 107 -64.28 5.49 14.19
N PRO G 108 -64.60 4.31 14.76
CA PRO G 108 -65.36 3.37 13.94
C PRO G 108 -66.74 3.90 13.51
N LEU G 109 -67.43 4.57 14.43
CA LEU G 109 -68.72 5.15 14.09
C LEU G 109 -68.54 6.35 13.18
N ALA G 110 -67.49 7.15 13.44
CA ALA G 110 -67.21 8.32 12.60
C ALA G 110 -66.80 7.95 11.16
N LEU G 111 -65.97 6.93 11.00
CA LEU G 111 -65.57 6.50 9.66
C LEU G 111 -66.75 6.02 8.82
N ALA G 112 -67.69 5.31 9.46
CA ALA G 112 -68.86 4.80 8.76
C ALA G 112 -69.77 5.92 8.26
N SER G 113 -70.04 6.88 9.15
CA SER G 113 -70.80 8.09 8.77
C SER G 113 -70.09 8.89 7.71
N PHE G 114 -68.78 9.11 7.89
CA PHE G 114 -67.98 9.86 6.94
C PHE G 114 -68.08 9.27 5.52
N ALA G 115 -67.90 7.96 5.43
CA ALA G 115 -67.86 7.23 4.16
C ALA G 115 -69.18 7.29 3.38
N ARG G 116 -70.28 7.46 4.12
CA ARG G 116 -71.59 7.63 3.48
C ARG G 116 -71.65 8.98 2.81
N GLU G 117 -71.10 10.00 3.49
CA GLU G 117 -71.08 11.36 2.97
C GLU G 117 -70.00 11.60 1.92
N PHE G 118 -68.83 10.98 2.09
CA PHE G 118 -67.69 11.17 1.20
C PHE G 118 -67.26 9.84 0.62
N PRO G 119 -68.11 9.24 -0.24
CA PRO G 119 -67.89 7.90 -0.74
C PRO G 119 -66.61 7.71 -1.58
N ASP G 120 -66.08 8.79 -2.12
CA ASP G 120 -64.92 8.70 -3.01
C ASP G 120 -63.57 9.16 -2.41
N VAL G 121 -63.49 9.25 -1.09
CA VAL G 121 -62.26 9.67 -0.45
C VAL G 121 -61.54 8.45 0.13
N THR G 122 -60.25 8.32 -0.15
CA THR G 122 -59.44 7.26 0.44
C THR G 122 -58.89 7.77 1.77
N VAL G 123 -59.17 7.07 2.86
CA VAL G 123 -58.64 7.44 4.16
C VAL G 123 -57.53 6.47 4.58
N ASN G 124 -56.45 7.04 5.11
CA ASN G 124 -55.31 6.29 5.59
C ASN G 124 -55.14 6.64 7.06
N VAL G 125 -55.42 5.68 7.92
CA VAL G 125 -55.33 5.95 9.36
C VAL G 125 -54.24 5.10 10.03
N ARG G 126 -53.48 5.75 10.90
CA ARG G 126 -52.42 5.11 11.63
C ARG G 126 -52.47 5.51 13.10
N ASP G 127 -51.74 4.78 13.95
CA ASP G 127 -51.52 5.16 15.32
C ASP G 127 -50.54 6.32 15.32
N GLY G 128 -50.68 7.18 16.32
CA GLY G 128 -49.72 8.27 16.47
C GLY G 128 -49.92 8.96 17.79
N MET G 129 -48.83 9.52 18.30
CA MET G 129 -48.85 10.26 19.54
C MET G 129 -47.96 11.50 19.37
N TYR G 130 -48.30 12.55 20.10
CA TYR G 130 -47.49 13.76 20.15
C TYR G 130 -46.44 13.55 21.24
N PRO G 131 -45.20 14.07 21.03
CA PRO G 131 -44.69 14.86 19.90
C PRO G 131 -44.11 14.07 18.72
N ALA G 132 -44.19 12.74 18.76
CA ALA G 132 -43.72 11.89 17.67
C ALA G 132 -44.31 12.32 16.31
N VAL G 133 -45.60 12.65 16.30
CA VAL G 133 -46.26 13.05 15.04
C VAL G 133 -45.83 14.43 14.52
N SER G 134 -45.16 15.23 15.35
CA SER G 134 -44.83 16.62 15.00
C SER G 134 -44.04 16.78 13.68
N PRO G 135 -42.88 16.08 13.52
CA PRO G 135 -42.13 16.22 12.26
C PRO G 135 -42.90 15.79 11.03
N GLN G 136 -43.85 14.86 11.21
CA GLN G 136 -44.68 14.37 10.11
C GLN G 136 -45.82 15.34 9.80
N LEU G 137 -46.39 15.95 10.84
CA LEU G 137 -47.34 17.06 10.65
C LEU G 137 -46.67 18.21 9.93
N ARG G 138 -45.43 18.54 10.33
CA ARG G 138 -44.70 19.68 9.77
C ARG G 138 -44.22 19.48 8.33
N ASP G 139 -43.75 18.28 8.00
CA ASP G 139 -43.32 18.04 6.61
C ASP G 139 -44.49 17.79 5.64
N GLY G 140 -45.68 17.57 6.20
CA GLY G 140 -46.89 17.45 5.40
C GLY G 140 -47.30 16.03 5.04
N THR G 141 -46.53 15.05 5.53
CA THR G 141 -46.86 13.64 5.30
C THR G 141 -48.11 13.19 6.09
N LEU G 142 -48.39 13.86 7.20
CA LEU G 142 -49.61 13.61 7.98
C LEU G 142 -50.47 14.86 7.92
N ASP G 143 -51.72 14.74 7.46
CA ASP G 143 -52.64 15.91 7.38
C ASP G 143 -53.05 16.43 8.77
N PHE G 144 -53.50 15.54 9.63
CA PHE G 144 -53.78 15.92 11.00
C PHE G 144 -53.50 14.76 11.92
N ALA G 145 -53.47 15.04 13.22
CA ALA G 145 -53.38 13.99 14.22
C ALA G 145 -54.38 14.22 15.35
N LEU G 146 -54.93 13.14 15.86
CA LEU G 146 -55.86 13.20 17.00
C LEU G 146 -55.16 12.56 18.17
N THR G 147 -54.67 13.39 19.09
CA THR G 147 -53.76 12.91 20.11
C THR G 147 -53.85 13.77 21.37
N ALA G 148 -53.49 13.17 22.50
CA ALA G 148 -53.31 13.94 23.72
C ALA G 148 -52.10 14.88 23.58
N ALA G 149 -52.21 16.07 24.17
CA ALA G 149 -51.09 16.96 24.26
C ALA G 149 -51.37 17.93 25.39
N HIS G 150 -50.32 18.63 25.81
CA HIS G 150 -50.44 19.67 26.82
C HIS G 150 -50.41 20.99 26.08
N LYS G 151 -51.48 21.76 26.24
CA LYS G 151 -51.70 23.00 25.51
C LYS G 151 -50.42 23.85 25.36
N HIS G 152 -49.74 24.09 26.49
CA HIS G 152 -48.58 24.98 26.52
C HIS G 152 -47.30 24.40 25.87
N ASP G 153 -47.32 23.12 25.56
CA ASP G 153 -46.15 22.44 24.99
C ASP G 153 -46.20 22.29 23.46
N ILE G 154 -47.33 22.62 22.86
CA ILE G 154 -47.51 22.36 21.44
C ILE G 154 -46.73 23.36 20.57
N ASP G 155 -46.00 22.82 19.60
CA ASP G 155 -45.24 23.59 18.61
C ASP G 155 -46.05 24.80 18.10
N THR G 156 -45.39 25.96 18.00
CA THR G 156 -46.01 27.18 17.47
C THR G 156 -46.50 27.01 16.03
N ASP G 157 -45.85 26.10 15.29
CA ASP G 157 -46.26 25.73 13.92
C ASP G 157 -47.64 25.06 13.84
N LEU G 158 -48.15 24.59 14.98
CA LEU G 158 -49.36 23.76 14.95
C LEU G 158 -50.58 24.47 15.50
N GLU G 159 -51.72 24.24 14.86
CA GLU G 159 -53.05 24.57 15.40
C GLU G 159 -53.51 23.39 16.28
N ALA G 160 -54.15 23.70 17.41
CA ALA G 160 -54.73 22.65 18.28
C ALA G 160 -56.18 22.94 18.70
N GLN G 161 -57.10 22.06 18.34
CA GLN G 161 -58.52 22.20 18.62
C GLN G 161 -59.01 21.04 19.53
N PRO G 162 -59.49 21.36 20.75
CA PRO G 162 -59.90 20.30 21.67
C PRO G 162 -60.99 19.38 21.09
N LEU G 163 -60.84 18.08 21.32
CA LEU G 163 -61.75 17.07 20.80
C LEU G 163 -62.48 16.28 21.88
N TYR G 164 -61.74 15.85 22.88
CA TYR G 164 -62.32 15.00 23.91
C TYR G 164 -61.52 15.19 25.18
N VAL G 165 -62.20 15.24 26.33
CA VAL G 165 -61.50 15.21 27.60
C VAL G 165 -61.55 13.76 28.10
N SER G 166 -60.37 13.12 28.10
CA SER G 166 -60.26 11.70 28.37
C SER G 166 -60.06 11.43 29.87
N ASP G 167 -60.18 10.16 30.25
CA ASP G 167 -59.95 9.68 31.63
C ASP G 167 -58.73 8.75 31.57
N VAL G 168 -57.91 8.78 32.62
CA VAL G 168 -56.81 7.82 32.82
C VAL G 168 -57.26 6.89 33.93
N VAL G 169 -57.07 5.59 33.75
CA VAL G 169 -57.40 4.65 34.82
C VAL G 169 -56.19 3.83 35.12
N ILE G 170 -56.05 3.46 36.40
CA ILE G 170 -55.00 2.53 36.81
C ILE G 170 -55.60 1.13 36.72
N VAL G 171 -54.86 0.21 36.11
CA VAL G 171 -55.40 -1.11 35.84
C VAL G 171 -54.41 -2.16 36.27
N GLY G 172 -54.92 -3.25 36.83
CA GLY G 172 -54.08 -4.45 37.09
C GLY G 172 -54.90 -5.70 36.80
N GLN G 173 -54.27 -6.85 36.97
CA GLN G 173 -54.99 -8.11 36.81
C GLN G 173 -56.13 -8.18 37.83
N ARG G 174 -57.16 -8.97 37.50
CA ARG G 174 -58.41 -9.05 38.26
C ARG G 174 -58.21 -9.30 39.75
N GLN G 175 -57.22 -10.13 40.08
CA GLN G 175 -56.95 -10.49 41.45
C GLN G 175 -55.80 -9.72 42.09
N HIS G 176 -55.42 -8.57 41.55
CA HIS G 176 -54.24 -7.85 42.03
C HIS G 176 -54.39 -7.62 43.53
N PRO G 177 -53.30 -7.78 44.31
CA PRO G 177 -53.39 -7.57 45.75
C PRO G 177 -53.87 -6.17 46.15
N MET G 178 -53.61 -5.18 45.29
CA MET G 178 -53.97 -3.79 45.59
C MET G 178 -55.27 -3.33 44.92
N ALA G 179 -56.08 -4.28 44.46
CA ALA G 179 -57.32 -3.96 43.71
C ALA G 179 -58.30 -3.07 44.47
N ASN G 180 -58.26 -3.13 45.79
CA ASN G 180 -59.15 -2.36 46.65
C ASN G 180 -58.52 -1.09 47.18
N ALA G 181 -57.33 -0.73 46.71
CA ALA G 181 -56.66 0.49 47.22
C ALA G 181 -57.51 1.76 47.05
N THR G 182 -57.36 2.70 47.98
CA THR G 182 -58.07 3.96 47.92
C THR G 182 -57.13 5.11 47.62
N ARG G 183 -55.85 4.97 47.99
CA ARG G 183 -54.89 6.07 47.82
C ARG G 183 -53.69 5.70 46.97
N LEU G 184 -53.18 6.65 46.21
CA LEU G 184 -52.01 6.42 45.35
C LEU G 184 -50.79 5.96 46.18
N ALA G 185 -50.63 6.54 47.37
CA ALA G 185 -49.53 6.14 48.26
C ALA G 185 -49.50 4.64 48.52
N GLU G 186 -50.68 4.00 48.53
CA GLU G 186 -50.76 2.56 48.74
C GLU G 186 -50.13 1.74 47.62
N LEU G 187 -49.88 2.38 46.49
CA LEU G 187 -49.32 1.68 45.34
C LEU G 187 -47.84 2.00 45.18
N GLN G 188 -47.27 2.75 46.12
CA GLN G 188 -45.95 3.36 45.86
C GLN G 188 -44.82 2.37 45.67
N GLU G 189 -45.04 1.15 46.11
CA GLU G 189 -44.06 0.11 45.97
C GLU G 189 -44.38 -0.89 44.85
N CYS G 190 -45.53 -0.74 44.18
CA CYS G 190 -45.89 -1.64 43.08
C CYS G 190 -44.95 -1.45 41.93
N ARG G 191 -44.88 -2.44 41.04
CA ARG G 191 -44.10 -2.27 39.81
C ARG G 191 -45.04 -1.92 38.66
N TRP G 192 -44.55 -1.06 37.78
CA TRP G 192 -45.36 -0.45 36.73
C TRP G 192 -44.92 -0.84 35.32
N ALA G 193 -45.92 -1.10 34.47
CA ALA G 193 -45.75 -1.08 33.03
C ALA G 193 -45.92 0.39 32.58
N PHE G 194 -44.82 1.06 32.26
CA PHE G 194 -44.83 2.46 31.83
C PHE G 194 -45.46 2.51 30.45
N SER G 195 -46.60 3.18 30.34
CA SER G 195 -47.28 3.28 29.05
C SER G 195 -47.00 4.62 28.36
N SER G 196 -47.36 4.72 27.08
CA SER G 196 -46.98 5.88 26.27
C SER G 196 -47.77 7.12 26.68
N ALA G 197 -47.12 8.28 26.60
CA ALA G 197 -47.74 9.56 26.96
C ALA G 197 -46.94 10.65 26.29
N PRO G 198 -47.59 11.82 26.03
CA PRO G 198 -46.88 12.95 25.40
C PRO G 198 -45.50 13.28 26.02
N ARG G 199 -45.37 13.20 27.34
CA ARG G 199 -44.09 13.57 27.97
C ARG G 199 -43.09 12.42 28.11
N GLY G 200 -43.44 11.27 27.55
CA GLY G 200 -42.57 10.10 27.55
C GLY G 200 -43.21 8.93 28.28
N PRO G 201 -42.63 7.73 28.11
CA PRO G 201 -43.21 6.53 28.73
C PRO G 201 -43.31 6.68 30.24
N GLY G 202 -44.48 6.35 30.78
CA GLY G 202 -44.75 6.44 32.20
C GLY G 202 -44.90 7.87 32.72
N ALA G 203 -44.94 8.87 31.87
CA ALA G 203 -44.98 10.27 32.38
C ALA G 203 -46.17 10.52 33.28
N ILE G 204 -47.32 9.92 32.96
CA ILE G 204 -48.52 10.17 33.78
C ILE G 204 -48.39 9.67 35.22
N ILE G 205 -47.95 8.43 35.39
CA ILE G 205 -47.84 7.90 36.73
C ILE G 205 -46.66 8.52 37.47
N ARG G 206 -45.60 8.89 36.74
CA ARG G 206 -44.43 9.53 37.37
C ARG G 206 -44.83 10.92 37.88
N ASN G 207 -45.57 11.64 37.05
CA ASN G 207 -46.03 12.96 37.47
C ASN G 207 -47.09 12.93 38.56
N ALA G 208 -47.92 11.90 38.56
CA ALA G 208 -48.90 11.72 39.65
C ALA G 208 -48.19 11.39 40.96
N PHE G 209 -47.25 10.44 40.92
CA PHE G 209 -46.46 10.13 42.11
C PHE G 209 -45.81 11.43 42.60
N ALA G 210 -45.21 12.20 41.69
CA ALA G 210 -44.52 13.41 42.17
C ALA G 210 -45.47 14.41 42.87
N ARG G 211 -46.62 14.67 42.25
CA ARG G 211 -47.54 15.68 42.82
C ARG G 211 -48.10 15.25 44.16
N TYR G 212 -48.24 13.92 44.35
CA TYR G 212 -48.79 13.39 45.59
C TYR G 212 -47.69 13.18 46.65
N GLY G 213 -46.50 13.73 46.38
CA GLY G 213 -45.41 13.72 47.34
C GLY G 213 -44.67 12.38 47.50
N LEU G 214 -44.83 11.49 46.52
CA LEU G 214 -44.21 10.17 46.55
C LEU G 214 -42.89 10.13 45.78
N PRO G 215 -42.04 9.11 46.06
CA PRO G 215 -40.81 8.89 45.28
C PRO G 215 -41.14 8.53 43.81
N GLU G 216 -40.12 8.34 42.98
CA GLU G 216 -40.36 7.84 41.61
C GLU G 216 -41.07 6.49 41.69
N PRO G 217 -42.06 6.23 40.79
CA PRO G 217 -42.64 4.87 40.74
C PRO G 217 -41.61 3.86 40.26
N LYS G 218 -41.77 2.61 40.67
CA LYS G 218 -40.80 1.58 40.35
C LYS G 218 -41.09 1.05 38.96
N LEU G 219 -40.06 1.05 38.13
CA LEU G 219 -40.20 0.61 36.76
C LEU G 219 -40.14 -0.92 36.65
N GLY G 220 -41.24 -1.50 36.17
CA GLY G 220 -41.33 -2.94 35.89
C GLY G 220 -40.94 -3.20 34.46
N LEU G 221 -41.62 -2.54 33.53
CA LEU G 221 -41.20 -2.54 32.16
C LEU G 221 -41.77 -1.35 31.43
N VAL G 222 -41.28 -1.13 30.23
CA VAL G 222 -41.83 -0.07 29.38
C VAL G 222 -42.62 -0.75 28.26
N CYS G 223 -43.91 -0.42 28.15
CA CYS G 223 -44.72 -1.00 27.07
C CYS G 223 -45.35 0.13 26.25
N GLU G 224 -44.72 0.47 25.14
CA GLU G 224 -45.18 1.59 24.32
C GLU G 224 -46.38 1.19 23.47
N SER G 225 -46.60 -0.11 23.30
CA SER G 225 -47.72 -0.62 22.52
C SER G 225 -49.01 -0.71 23.34
N PHE G 226 -50.01 0.09 22.99
CA PHE G 226 -51.31 -0.07 23.66
C PHE G 226 -52.03 -1.33 23.23
N LEU G 227 -51.69 -1.84 22.05
CA LEU G 227 -52.29 -3.11 21.63
C LEU G 227 -51.88 -4.21 22.62
N ALA G 228 -50.60 -4.22 22.98
CA ALA G 228 -50.00 -5.30 23.81
C ALA G 228 -50.33 -5.09 25.28
N LEU G 229 -50.53 -3.83 25.68
CA LEU G 229 -50.59 -3.50 27.11
C LEU G 229 -51.63 -4.31 27.96
N PRO G 230 -52.92 -4.34 27.56
CA PRO G 230 -53.90 -5.04 28.44
C PRO G 230 -53.51 -6.52 28.73
N GLY G 231 -53.11 -7.26 27.70
CA GLY G 231 -52.67 -8.65 27.88
C GLY G 231 -51.41 -8.82 28.74
N VAL G 232 -50.41 -7.94 28.54
CA VAL G 232 -49.16 -7.96 29.34
C VAL G 232 -49.50 -7.81 30.84
N VAL G 233 -50.36 -6.83 31.13
CA VAL G 233 -50.85 -6.61 32.48
C VAL G 233 -51.72 -7.77 32.98
N ALA G 234 -52.58 -8.33 32.12
CA ALA G 234 -53.48 -9.40 32.55
C ALA G 234 -52.68 -10.62 33.03
N HIS G 235 -51.48 -10.79 32.47
CA HIS G 235 -50.64 -11.95 32.77
C HIS G 235 -49.44 -11.64 33.66
N SER G 236 -49.53 -10.55 34.40
CA SER G 236 -48.50 -10.15 35.36
C SER G 236 -49.08 -9.53 36.64
N ASP G 237 -48.20 -9.06 37.53
CA ASP G 237 -48.64 -8.29 38.70
C ASP G 237 -48.35 -6.79 38.51
N LEU G 238 -48.02 -6.39 37.28
CA LEU G 238 -47.73 -4.99 37.02
C LEU G 238 -49.02 -4.20 37.03
N LEU G 239 -48.91 -2.97 37.50
CA LEU G 239 -49.96 -1.98 37.30
C LEU G 239 -49.60 -1.09 36.10
N THR G 240 -50.63 -0.50 35.49
CA THR G 240 -50.35 0.46 34.45
C THR G 240 -51.35 1.59 34.50
N THR G 241 -51.15 2.61 33.68
CA THR G 241 -52.24 3.55 33.45
C THR G 241 -52.62 3.42 31.98
N MET G 242 -53.90 3.61 31.68
CA MET G 242 -54.39 3.58 30.30
C MET G 242 -55.63 4.42 30.20
N PRO G 243 -55.97 4.89 28.98
CA PRO G 243 -57.25 5.57 28.78
C PRO G 243 -58.39 4.66 29.18
N ARG G 244 -59.46 5.24 29.75
CA ARG G 244 -60.62 4.45 30.16
C ARG G 244 -61.25 3.71 29.00
N THR G 245 -61.24 4.33 27.82
CA THR G 245 -61.72 3.67 26.61
C THR G 245 -61.01 2.35 26.35
N LEU G 246 -59.68 2.32 26.53
CA LEU G 246 -58.93 1.07 26.34
C LEU G 246 -59.29 0.03 27.41
N TYR G 247 -59.48 0.49 28.63
CA TYR G 247 -59.92 -0.40 29.70
C TYR G 247 -61.28 -1.06 29.37
N GLU G 248 -62.19 -0.28 28.79
CA GLU G 248 -63.50 -0.77 28.43
C GLU G 248 -63.49 -1.65 27.18
N ARG G 249 -62.48 -1.47 26.32
CA ARG G 249 -62.47 -2.09 25.00
C ARG G 249 -61.12 -2.75 24.73
N ASN G 250 -60.93 -3.94 25.28
CA ASN G 250 -59.71 -4.70 25.02
C ASN G 250 -60.05 -6.19 25.09
N ALA G 251 -59.14 -7.06 24.67
CA ALA G 251 -59.47 -8.50 24.59
C ALA G 251 -59.34 -9.24 25.92
N PHE G 252 -58.90 -8.55 26.95
CA PHE G 252 -58.59 -9.17 28.24
C PHE G 252 -59.46 -8.64 29.37
N LYS G 253 -60.66 -8.15 29.02
CA LYS G 253 -61.53 -7.49 30.03
C LYS G 253 -61.85 -8.36 31.22
N ASP G 254 -62.16 -9.63 30.97
CA ASP G 254 -62.45 -10.59 32.03
C ASP G 254 -61.30 -10.79 33.01
N GLN G 255 -60.09 -10.39 32.63
CA GLN G 255 -58.90 -10.65 33.44
C GLN G 255 -58.30 -9.41 34.10
N LEU G 256 -58.99 -8.28 34.01
CA LEU G 256 -58.46 -7.00 34.45
C LEU G 256 -59.47 -6.29 35.34
N CYS G 257 -58.96 -5.50 36.27
CA CYS G 257 -59.81 -4.65 37.08
C CYS G 257 -59.15 -3.32 37.24
N SER G 258 -59.92 -2.25 37.02
CA SER G 258 -59.39 -0.92 37.33
C SER G 258 -59.39 -0.77 38.86
N ILE G 259 -58.53 0.11 39.34
CA ILE G 259 -58.41 0.40 40.77
C ILE G 259 -58.90 1.84 40.96
N PRO G 260 -60.15 2.01 41.39
CA PRO G 260 -60.76 3.33 41.52
C PRO G 260 -60.31 4.12 42.77
N LEU G 261 -59.14 4.75 42.66
CA LEU G 261 -58.60 5.54 43.77
C LEU G 261 -59.48 6.76 44.10
N GLN G 262 -59.54 7.14 45.37
CA GLN G 262 -60.09 8.44 45.71
C GLN G 262 -59.14 9.61 45.40
N ASP G 263 -57.89 9.32 45.08
CA ASP G 263 -56.95 10.34 44.62
C ASP G 263 -57.13 10.55 43.14
N ALA G 264 -57.39 11.80 42.75
CA ALA G 264 -57.69 12.08 41.35
C ALA G 264 -56.47 11.95 40.44
N LEU G 265 -56.68 11.42 39.24
CA LEU G 265 -55.67 11.41 38.17
C LEU G 265 -56.08 12.45 37.13
N PRO G 266 -55.13 12.88 36.26
CA PRO G 266 -55.46 13.89 35.25
C PRO G 266 -56.43 13.40 34.18
N ASN G 267 -57.01 14.34 33.47
CA ASN G 267 -57.88 14.00 32.37
C ASN G 267 -57.24 14.61 31.15
N PRO G 268 -56.43 13.81 30.41
CA PRO G 268 -55.72 14.38 29.28
C PRO G 268 -56.69 14.83 28.18
N THR G 269 -56.43 16.03 27.67
CA THR G 269 -57.22 16.55 26.56
C THR G 269 -56.68 16.04 25.25
N ILE G 270 -57.57 15.40 24.49
CA ILE G 270 -57.25 14.97 23.14
C ILE G 270 -57.55 16.11 22.16
N TYR G 271 -56.56 16.46 21.32
CA TYR G 271 -56.68 17.57 20.37
C TYR G 271 -56.62 17.08 18.94
N VAL G 272 -57.23 17.87 18.07
CA VAL G 272 -56.94 17.81 16.63
C VAL G 272 -55.73 18.73 16.39
N LEU G 273 -54.61 18.13 15.97
CA LEU G 273 -53.38 18.90 15.71
C LEU G 273 -53.09 18.93 14.22
N ARG G 274 -52.55 20.07 13.74
CA ARG G 274 -52.14 20.22 12.33
C ARG G 274 -51.38 21.54 12.13
N ARG G 275 -50.71 21.66 11.00
CA ARG G 275 -50.01 22.91 10.68
C ARG G 275 -51.02 24.02 10.43
N HIS G 276 -50.87 25.17 11.09
CA HIS G 276 -51.83 26.27 10.90
C HIS G 276 -51.80 26.88 9.50
N ASP G 277 -50.61 26.93 8.89
CA ASP G 277 -50.44 27.53 7.58
C ASP G 277 -51.07 26.72 6.43
N LEU G 278 -51.37 25.45 6.69
CA LEU G 278 -51.73 24.48 5.65
C LEU G 278 -53.25 24.35 5.42
N PRO G 279 -53.74 24.63 4.20
CA PRO G 279 -55.16 24.51 3.86
C PRO G 279 -55.73 23.09 4.08
N VAL G 280 -57.00 23.02 4.47
CA VAL G 280 -57.65 21.75 4.84
C VAL G 280 -58.70 21.38 3.80
N THR G 281 -58.67 20.14 3.32
CA THR G 281 -59.67 19.71 2.33
C THR G 281 -61.07 19.68 2.97
N PRO G 282 -62.13 19.83 2.14
CA PRO G 282 -63.51 19.64 2.63
C PRO G 282 -63.73 18.28 3.32
N ALA G 283 -63.17 17.21 2.75
CA ALA G 283 -63.33 15.87 3.29
C ALA G 283 -62.67 15.76 4.66
N ALA G 284 -61.47 16.32 4.79
CA ALA G 284 -60.78 16.31 6.08
C ALA G 284 -61.59 17.08 7.09
N ALA G 285 -62.08 18.25 6.68
CA ALA G 285 -63.00 19.00 7.54
C ALA G 285 -64.22 18.15 7.94
N GLY G 286 -64.81 17.45 6.96
CA GLY G 286 -65.98 16.61 7.21
C GLY G 286 -65.70 15.45 8.16
N LEU G 287 -64.54 14.83 7.98
CA LEU G 287 -64.16 13.73 8.88
C LEU G 287 -63.99 14.20 10.31
N ILE G 288 -63.36 15.37 10.48
CA ILE G 288 -63.12 15.91 11.80
C ILE G 288 -64.48 16.25 12.43
N ARG G 289 -65.42 16.77 11.63
CA ARG G 289 -66.76 17.02 12.14
C ARG G 289 -67.43 15.72 12.64
N TRP G 290 -67.34 14.65 11.85
CA TRP G 290 -67.87 13.35 12.25
C TRP G 290 -67.21 12.78 13.51
N ILE G 291 -65.89 12.91 13.59
CA ILE G 291 -65.14 12.47 14.79
C ILE G 291 -65.59 13.27 16.03
N GLN G 292 -65.71 14.59 15.88
CA GLN G 292 -66.24 15.45 16.94
C GLN G 292 -67.65 15.00 17.38
N HIS G 293 -68.52 14.71 16.41
CA HIS G 293 -69.89 14.28 16.70
C HIS G 293 -69.92 13.03 17.57
N HIS G 294 -69.04 12.08 17.27
CA HIS G 294 -68.98 10.85 18.00
C HIS G 294 -68.05 10.88 19.22
N ALA G 295 -67.43 12.03 19.51
CA ALA G 295 -66.55 12.16 20.70
C ALA G 295 -67.20 12.98 21.83
N LEU G 296 -68.45 12.67 22.12
CA LEU G 296 -69.21 13.27 23.21
C LEU G 296 -70.24 12.24 23.64
N MET H 1 -67.29 33.48 -12.81
CA MET H 1 -66.50 34.01 -13.94
C MET H 1 -65.42 34.97 -13.43
N LEU H 2 -64.22 34.86 -13.98
CA LEU H 2 -63.09 35.73 -13.64
C LEU H 2 -63.34 37.20 -13.92
N LYS H 3 -62.77 38.06 -13.06
CA LYS H 3 -62.82 39.52 -13.23
C LYS H 3 -61.39 40.08 -13.42
N LEU H 4 -61.17 40.81 -14.54
CA LEU H 4 -59.83 41.26 -14.96
C LEU H 4 -59.08 42.07 -13.89
N GLN H 5 -59.81 43.00 -13.24
CA GLN H 5 -59.21 43.81 -12.16
C GLN H 5 -58.66 42.94 -11.04
N THR H 6 -59.37 41.85 -10.72
CA THR H 6 -58.91 40.97 -9.67
C THR H 6 -57.64 40.23 -10.07
N LEU H 7 -57.53 39.85 -11.35
CA LEU H 7 -56.30 39.20 -11.83
C LEU H 7 -55.11 40.13 -11.64
N GLN H 8 -55.29 41.38 -12.02
CA GLN H 8 -54.23 42.37 -11.86
C GLN H 8 -53.87 42.53 -10.39
N ALA H 9 -54.88 42.51 -9.52
CA ALA H 9 -54.64 42.63 -8.08
C ALA H 9 -53.82 41.47 -7.55
N LEU H 10 -54.12 40.26 -8.04
CA LEU H 10 -53.39 39.08 -7.63
C LEU H 10 -51.93 39.11 -8.07
N ILE H 11 -51.68 39.56 -9.30
CA ILE H 11 -50.33 39.76 -9.78
C ILE H 11 -49.57 40.75 -8.89
N CYS H 12 -50.21 41.87 -8.55
CA CYS H 12 -49.60 42.84 -7.64
C CYS H 12 -49.30 42.21 -6.27
N ILE H 13 -50.24 41.44 -5.73
CA ILE H 13 -50.04 40.75 -4.45
C ILE H 13 -48.79 39.86 -4.50
N GLU H 14 -48.68 39.07 -5.56
CA GLU H 14 -47.54 38.20 -5.79
C GLU H 14 -46.22 38.97 -5.88
N GLU H 15 -46.24 40.11 -6.56
CA GLU H 15 -45.05 40.96 -6.70
C GLU H 15 -44.48 41.44 -5.36
N VAL H 16 -45.36 41.81 -4.43
CA VAL H 16 -44.95 42.46 -3.19
C VAL H 16 -45.06 41.60 -1.92
N GLY H 17 -45.80 40.50 -2.01
CA GLY H 17 -45.85 39.50 -0.93
C GLY H 17 -46.71 39.80 0.29
N SER H 18 -47.49 40.87 0.25
CA SER H 18 -48.38 41.21 1.35
C SER H 18 -49.71 41.75 0.83
N LEU H 19 -50.79 41.51 1.56
CA LEU H 19 -52.07 42.14 1.25
C LEU H 19 -51.99 43.65 1.49
N ARG H 20 -51.50 44.02 2.68
CA ARG H 20 -51.35 45.43 3.07
C ARG H 20 -50.48 46.21 2.10
N ALA H 21 -49.36 45.61 1.68
CA ALA H 21 -48.43 46.25 0.75
C ALA H 21 -49.03 46.43 -0.64
N ALA H 22 -49.80 45.42 -1.08
CA ALA H 22 -50.47 45.47 -2.38
C ALA H 22 -51.60 46.52 -2.37
N ALA H 23 -52.43 46.48 -1.33
CA ALA H 23 -53.54 47.43 -1.17
C ALA H 23 -53.06 48.89 -1.31
N GLN H 24 -51.91 49.20 -0.73
CA GLN H 24 -51.31 50.53 -0.81
C GLN H 24 -51.06 50.91 -2.28
N LEU H 25 -50.45 50.00 -3.02
CA LEU H 25 -50.10 50.22 -4.41
C LEU H 25 -51.31 50.42 -5.31
N LEU H 26 -52.37 49.65 -5.06
CA LEU H 26 -53.58 49.68 -5.89
C LEU H 26 -54.60 50.73 -5.44
N HIS H 27 -54.22 51.55 -4.45
CA HIS H 27 -55.09 52.59 -3.91
C HIS H 27 -56.44 52.01 -3.46
N LEU H 28 -56.39 50.99 -2.62
CA LEU H 28 -57.60 50.32 -2.17
C LEU H 28 -57.56 50.01 -0.68
N SER H 29 -58.76 49.92 -0.09
CA SER H 29 -58.93 49.49 1.29
C SER H 29 -58.33 48.12 1.53
N GLN H 30 -57.60 48.00 2.64
CA GLN H 30 -56.97 46.75 3.07
C GLN H 30 -57.93 45.56 3.15
N PRO H 31 -59.19 45.78 3.57
CA PRO H 31 -60.21 44.74 3.42
C PRO H 31 -60.82 44.63 2.02
N ALA H 32 -60.89 45.74 1.27
CA ALA H 32 -61.49 45.72 -0.06
C ALA H 32 -60.75 44.78 -1.00
N LEU H 33 -59.41 44.79 -0.91
CA LEU H 33 -58.58 43.85 -1.64
C LEU H 33 -58.96 42.41 -1.31
N SER H 34 -59.04 42.10 -0.01
CA SER H 34 -59.45 40.76 0.44
C SER H 34 -60.81 40.33 -0.11
N ALA H 35 -61.81 41.23 -0.05
CA ALA H 35 -63.12 40.98 -0.65
C ALA H 35 -63.01 40.45 -2.09
N ALA H 36 -62.23 41.16 -2.91
CA ALA H 36 -62.03 40.81 -4.32
C ALA H 36 -61.31 39.47 -4.47
N ILE H 37 -60.23 39.29 -3.71
CA ILE H 37 -59.49 38.02 -3.76
C ILE H 37 -60.36 36.87 -3.27
N GLN H 38 -61.04 37.07 -2.14
CA GLN H 38 -61.93 36.06 -1.58
C GLN H 38 -63.04 35.71 -2.58
N GLN H 39 -63.48 36.69 -3.37
CA GLN H 39 -64.47 36.47 -4.42
C GLN H 39 -63.94 35.50 -5.47
N LEU H 40 -62.71 35.73 -5.89
CA LEU H 40 -62.09 34.86 -6.86
C LEU H 40 -61.89 33.44 -6.31
N GLU H 41 -61.47 33.35 -5.05
CA GLU H 41 -61.25 32.06 -4.41
C GLU H 41 -62.56 31.33 -4.17
N ASP H 42 -63.57 32.05 -3.66
CA ASP H 42 -64.87 31.45 -3.31
C ASP H 42 -65.43 30.79 -4.56
N GLU H 43 -65.33 31.50 -5.67
CA GLU H 43 -65.86 30.97 -6.92
C GLU H 43 -65.06 29.84 -7.53
N LEU H 44 -63.72 29.98 -7.58
CA LEU H 44 -62.84 28.88 -8.03
C LEU H 44 -62.95 27.68 -7.11
N LYS H 45 -63.55 27.91 -5.95
CA LYS H 45 -63.63 26.93 -4.86
C LYS H 45 -62.25 26.35 -4.53
N ALA H 46 -61.24 27.22 -4.59
CA ALA H 46 -59.87 26.85 -4.27
C ALA H 46 -59.16 28.05 -3.67
N PRO H 47 -58.41 27.83 -2.58
CA PRO H 47 -57.59 28.88 -1.99
C PRO H 47 -56.40 29.24 -2.88
N LEU H 48 -56.17 30.54 -3.13
CA LEU H 48 -55.05 30.98 -3.98
C LEU H 48 -53.87 31.48 -3.18
N LEU H 49 -54.17 31.95 -1.96
CA LEU H 49 -53.16 32.53 -1.08
C LEU H 49 -53.14 31.85 0.27
N VAL H 50 -51.96 31.89 0.90
CA VAL H 50 -51.80 31.45 2.28
C VAL H 50 -51.05 32.52 3.07
N ARG H 51 -51.56 32.81 4.27
CA ARG H 51 -50.88 33.70 5.21
C ARG H 51 -49.56 33.07 5.67
N THR H 52 -48.46 33.79 5.46
CA THR H 52 -47.15 33.40 5.98
C THR H 52 -46.68 34.42 7.03
N LYS H 53 -45.53 34.15 7.65
CA LYS H 53 -44.92 35.10 8.56
C LYS H 53 -44.59 36.40 7.83
N ARG H 54 -44.14 36.27 6.58
CA ARG H 54 -43.71 37.41 5.78
C ARG H 54 -44.85 38.06 4.96
N GLY H 55 -46.06 37.51 5.06
CA GLY H 55 -47.24 38.11 4.41
C GLY H 55 -48.19 37.07 3.86
N VAL H 56 -48.27 37.02 2.53
CA VAL H 56 -48.98 35.95 1.86
C VAL H 56 -48.10 35.28 0.81
N SER H 57 -48.39 34.01 0.55
CA SER H 57 -47.71 33.27 -0.50
C SER H 57 -48.80 32.57 -1.31
N LEU H 58 -48.52 32.25 -2.58
CA LEU H 58 -49.46 31.48 -3.39
C LEU H 58 -49.50 30.03 -2.96
N THR H 59 -50.70 29.47 -2.89
CA THR H 59 -50.89 28.04 -2.75
C THR H 59 -50.45 27.36 -4.06
N SER H 60 -50.46 26.04 -4.09
CA SER H 60 -50.27 25.28 -5.32
C SER H 60 -51.25 25.75 -6.39
N PHE H 61 -52.51 25.95 -5.99
CA PHE H 61 -53.53 26.43 -6.94
C PHE H 61 -53.17 27.82 -7.47
N GLY H 62 -52.76 28.71 -6.57
CA GLY H 62 -52.28 30.06 -6.94
C GLY H 62 -51.10 30.08 -7.91
N GLN H 63 -50.11 29.23 -7.68
CA GLN H 63 -48.95 29.17 -8.56
C GLN H 63 -49.36 28.73 -9.97
N ALA H 64 -50.20 27.70 -10.05
CA ALA H 64 -50.73 27.21 -11.32
C ALA H 64 -51.55 28.28 -12.05
N PHE H 65 -52.37 28.99 -11.29
CA PHE H 65 -53.24 30.04 -11.84
C PHE H 65 -52.47 31.26 -12.38
N MET H 66 -51.36 31.60 -11.75
CA MET H 66 -50.59 32.79 -12.13
C MET H 66 -50.18 32.85 -13.59
N LYS H 67 -49.75 31.72 -14.17
CA LYS H 67 -49.30 31.76 -15.57
C LYS H 67 -50.46 32.19 -16.48
N HIS H 68 -51.66 31.68 -16.16
CA HIS H 68 -52.87 32.07 -16.89
C HIS H 68 -53.25 33.54 -16.62
N ALA H 69 -53.23 33.94 -15.35
CA ALA H 69 -53.51 35.34 -14.98
C ALA H 69 -52.63 36.35 -15.75
N ARG H 70 -51.33 36.07 -15.78
CA ARG H 70 -50.36 36.93 -16.43
C ARG H 70 -50.60 37.02 -17.93
N LEU H 71 -50.88 35.89 -18.57
CA LEU H 71 -51.15 35.92 -20.03
C LEU H 71 -52.43 36.70 -20.32
N ILE H 72 -53.47 36.42 -19.55
CA ILE H 72 -54.72 37.20 -19.67
C ILE H 72 -54.52 38.71 -19.50
N VAL H 73 -53.87 39.12 -18.43
CA VAL H 73 -53.64 40.54 -18.19
C VAL H 73 -52.73 41.17 -19.26
N THR H 74 -51.62 40.52 -19.60
CA THR H 74 -50.71 41.09 -20.60
C THR H 74 -51.33 41.13 -22.01
N GLU H 75 -52.09 40.08 -22.38
CA GLU H 75 -52.83 40.09 -23.66
C GLU H 75 -53.89 41.18 -23.71
N SER H 76 -54.60 41.40 -22.58
CA SER H 76 -55.58 42.49 -22.54
C SER H 76 -54.89 43.84 -22.76
N ARG H 77 -53.71 44.04 -22.16
CA ARG H 77 -52.97 45.27 -22.33
C ARG H 77 -52.46 45.40 -23.77
N ARG H 78 -51.89 44.33 -24.32
CA ARG H 78 -51.45 44.37 -25.73
C ARG H 78 -52.60 44.64 -26.71
N ALA H 79 -53.79 44.07 -26.44
CA ALA H 79 -54.98 44.32 -27.27
C ALA H 79 -55.25 45.83 -27.34
N GLN H 80 -55.28 46.48 -26.18
CA GLN H 80 -55.55 47.93 -26.08
C GLN H 80 -54.46 48.73 -26.77
N GLU H 81 -53.19 48.34 -26.54
CA GLU H 81 -52.07 49.09 -27.12
C GLU H 81 -52.07 48.99 -28.62
N GLU H 82 -52.32 47.79 -29.14
CA GLU H 82 -52.39 47.60 -30.57
C GLU H 82 -53.46 48.47 -31.21
N ILE H 83 -54.64 48.49 -30.62
CA ILE H 83 -55.73 49.35 -31.16
C ILE H 83 -55.32 50.82 -31.22
N GLY H 84 -54.67 51.30 -30.16
CA GLY H 84 -54.13 52.65 -30.15
C GLY H 84 -53.13 52.87 -31.27
N GLN H 85 -52.21 51.92 -31.45
CA GLN H 85 -51.22 52.02 -32.51
C GLN H 85 -51.87 52.01 -33.90
N LEU H 86 -52.90 51.21 -34.08
CA LEU H 86 -53.59 51.16 -35.38
C LEU H 86 -54.28 52.50 -35.69
N ARG H 87 -54.55 53.29 -34.65
CA ARG H 87 -55.07 54.66 -34.85
C ARG H 87 -53.98 55.73 -34.87
N GLY H 88 -52.73 55.29 -34.85
CA GLY H 88 -51.58 56.20 -34.92
C GLY H 88 -51.23 56.85 -33.60
N ARG H 89 -51.75 56.30 -32.50
CA ARG H 89 -51.31 56.67 -31.15
C ARG H 89 -50.24 55.65 -30.75
N TRP H 90 -48.98 56.01 -30.99
CA TRP H 90 -47.85 55.11 -30.82
C TRP H 90 -47.36 55.17 -29.38
N GLU H 91 -48.15 54.55 -28.53
CA GLU H 91 -47.83 54.43 -27.13
C GLU H 91 -47.95 52.97 -26.80
N GLY H 92 -48.20 52.50 -24.54
CA GLY H 92 -48.17 51.08 -24.22
C GLY H 92 -46.82 50.71 -23.66
N HIS H 93 -46.61 49.41 -23.57
CA HIS H 93 -45.42 48.85 -22.92
C HIS H 93 -44.91 47.78 -23.84
N ILE H 94 -43.58 47.68 -23.89
CA ILE H 94 -42.96 46.56 -24.56
C ILE H 94 -41.89 46.07 -23.59
N THR H 95 -41.87 44.76 -23.34
CA THR H 95 -40.83 44.17 -22.48
C THR H 95 -40.11 43.11 -23.28
N PHE H 96 -38.77 43.18 -23.34
CA PHE H 96 -38.03 42.23 -24.16
C PHE H 96 -36.63 41.92 -23.59
N ALA H 97 -36.03 40.83 -24.04
CA ALA H 97 -34.70 40.41 -23.56
C ALA H 97 -33.74 40.46 -24.72
N ALA H 98 -32.46 40.73 -24.44
CA ALA H 98 -31.46 40.73 -25.50
C ALA H 98 -30.16 40.05 -25.09
N SER H 99 -29.48 39.48 -26.08
CA SER H 99 -28.16 38.84 -25.95
C SER H 99 -27.02 39.87 -26.09
N PRO H 100 -25.77 39.51 -25.72
CA PRO H 100 -24.68 40.49 -25.66
C PRO H 100 -24.33 41.15 -26.96
N ALA H 101 -24.23 40.41 -28.07
CA ALA H 101 -23.91 41.07 -29.35
C ALA H 101 -24.94 42.14 -29.76
N ILE H 102 -26.21 41.82 -29.57
CA ILE H 102 -27.30 42.76 -29.84
C ILE H 102 -27.26 43.94 -28.89
N ALA H 103 -27.13 43.67 -27.59
CA ALA H 103 -27.19 44.71 -26.55
C ALA H 103 -26.10 45.76 -26.73
N LEU H 104 -24.94 45.34 -27.23
CA LEU H 104 -23.77 46.22 -27.32
C LEU H 104 -23.62 46.98 -28.61
N ALA H 105 -24.34 46.60 -29.66
CA ALA H 105 -24.09 47.22 -30.94
C ALA H 105 -25.42 47.71 -31.49
N ALA H 106 -26.33 46.79 -31.83
CA ALA H 106 -27.61 47.15 -32.45
C ALA H 106 -28.56 47.90 -31.52
N LEU H 107 -28.60 47.48 -30.25
CA LEU H 107 -29.61 47.97 -29.35
C LEU H 107 -29.55 49.48 -29.02
N PRO H 108 -28.36 50.04 -28.71
CA PRO H 108 -28.32 51.48 -28.39
C PRO H 108 -28.84 52.35 -29.54
N LEU H 109 -28.47 51.99 -30.77
CA LEU H 109 -28.93 52.73 -31.94
C LEU H 109 -30.41 52.48 -32.19
N ALA H 110 -30.86 51.25 -32.03
CA ALA H 110 -32.27 50.91 -32.31
C ALA H 110 -33.22 51.55 -31.31
N LEU H 111 -32.83 51.53 -30.03
CA LEU H 111 -33.72 52.13 -29.03
C LEU H 111 -33.84 53.64 -29.23
N ALA H 112 -32.71 54.27 -29.57
CA ALA H 112 -32.69 55.72 -29.88
C ALA H 112 -33.62 56.01 -31.06
N SER H 113 -33.55 55.18 -32.11
CA SER H 113 -34.40 55.39 -33.31
C SER H 113 -35.86 55.17 -33.00
N PHE H 114 -36.14 54.08 -32.30
CA PHE H 114 -37.50 53.78 -31.85
C PHE H 114 -38.09 54.89 -30.99
N ALA H 115 -37.31 55.41 -30.03
CA ALA H 115 -37.79 56.47 -29.15
C ALA H 115 -38.12 57.77 -29.89
N ARG H 116 -37.34 58.09 -30.93
CA ARG H 116 -37.65 59.24 -31.79
C ARG H 116 -38.99 59.05 -32.51
N GLU H 117 -39.28 57.85 -32.98
CA GLU H 117 -40.52 57.60 -33.70
C GLU H 117 -41.73 57.38 -32.78
N PHE H 118 -41.52 56.71 -31.65
CA PHE H 118 -42.63 56.38 -30.74
C PHE H 118 -42.26 56.85 -29.33
N PRO H 119 -42.24 58.18 -29.10
CA PRO H 119 -41.78 58.74 -27.84
C PRO H 119 -42.56 58.35 -26.60
N ASP H 120 -43.82 57.96 -26.73
CA ASP H 120 -44.65 57.69 -25.56
C ASP H 120 -44.83 56.18 -25.20
N VAL H 121 -44.12 55.29 -25.88
CA VAL H 121 -44.17 53.86 -25.53
C VAL H 121 -43.10 53.59 -24.48
N THR H 122 -43.46 52.81 -23.46
CA THR H 122 -42.54 52.46 -22.37
C THR H 122 -41.88 51.14 -22.65
N VAL H 123 -40.54 51.16 -22.73
CA VAL H 123 -39.77 49.99 -23.12
C VAL H 123 -39.01 49.51 -21.90
N ASN H 124 -39.00 48.20 -21.70
CA ASN H 124 -38.27 47.56 -20.59
C ASN H 124 -37.33 46.52 -21.20
N VAL H 125 -36.02 46.73 -21.05
CA VAL H 125 -35.06 45.78 -21.62
C VAL H 125 -34.29 45.03 -20.55
N ARG H 126 -34.13 43.74 -20.77
CA ARG H 126 -33.38 42.94 -19.83
C ARG H 126 -32.44 42.02 -20.57
N ASP H 127 -31.51 41.39 -19.84
CA ASP H 127 -30.72 40.30 -20.40
C ASP H 127 -31.59 39.06 -20.51
N GLY H 128 -31.28 38.21 -21.49
CA GLY H 128 -31.98 36.94 -21.54
C GLY H 128 -31.41 36.04 -22.62
N MET H 129 -31.57 34.75 -22.39
CA MET H 129 -31.11 33.75 -23.35
C MET H 129 -32.12 32.61 -23.47
N TYR H 130 -32.22 32.02 -24.66
CA TYR H 130 -32.98 30.80 -24.87
C TYR H 130 -32.18 29.62 -24.29
N PRO H 131 -32.85 28.66 -23.64
CA PRO H 131 -34.30 28.50 -23.40
C PRO H 131 -34.83 29.12 -22.11
N ALA H 132 -33.98 29.79 -21.33
CA ALA H 132 -34.45 30.39 -20.06
C ALA H 132 -35.65 31.32 -20.28
N VAL H 133 -35.66 32.01 -21.41
CA VAL H 133 -36.73 32.97 -21.68
C VAL H 133 -38.10 32.33 -22.01
N SER H 134 -38.13 31.02 -22.30
CA SER H 134 -39.34 30.40 -22.88
C SER H 134 -40.62 30.56 -22.05
N PRO H 135 -40.52 30.34 -20.72
CA PRO H 135 -41.76 30.46 -19.90
C PRO H 135 -42.35 31.87 -19.87
N GLN H 136 -41.49 32.88 -19.93
CA GLN H 136 -41.88 34.29 -19.97
C GLN H 136 -42.43 34.71 -21.34
N LEU H 137 -41.92 34.10 -22.41
CA LEU H 137 -42.61 34.26 -23.70
C LEU H 137 -44.01 33.61 -23.62
N ARG H 138 -44.12 32.44 -22.98
CA ARG H 138 -45.41 31.71 -23.01
C ARG H 138 -46.50 32.35 -22.16
N ASP H 139 -46.10 32.98 -21.04
CA ASP H 139 -47.10 33.58 -20.13
C ASP H 139 -47.36 35.05 -20.46
N GLY H 140 -46.71 35.54 -21.53
CA GLY H 140 -46.89 36.94 -22.01
C GLY H 140 -46.17 38.04 -21.25
N THR H 141 -45.38 37.69 -20.25
CA THR H 141 -44.63 38.71 -19.49
C THR H 141 -43.40 39.27 -20.26
N LEU H 142 -42.88 38.52 -21.23
CA LEU H 142 -41.81 38.96 -22.12
C LEU H 142 -42.39 38.95 -23.53
N ASP H 143 -42.35 40.10 -24.23
CA ASP H 143 -42.98 40.17 -25.56
C ASP H 143 -42.14 39.54 -26.68
N PHE H 144 -40.83 39.59 -26.53
CA PHE H 144 -39.96 38.85 -27.43
C PHE H 144 -38.57 38.75 -26.82
N ALA H 145 -37.77 37.80 -27.33
CA ALA H 145 -36.35 37.71 -26.93
C ALA H 145 -35.44 37.68 -28.14
N LEU H 146 -34.33 38.43 -28.06
CA LEU H 146 -33.35 38.48 -29.13
C LEU H 146 -32.16 37.64 -28.69
N THR H 147 -32.09 36.42 -29.19
CA THR H 147 -31.20 35.47 -28.53
C THR H 147 -30.70 34.47 -29.55
N ALA H 148 -29.51 33.93 -29.32
CA ALA H 148 -29.08 32.78 -30.12
C ALA H 148 -29.95 31.57 -29.84
N ALA H 149 -30.10 30.71 -30.85
CA ALA H 149 -30.84 29.46 -30.73
C ALA H 149 -30.48 28.60 -31.92
N HIS H 150 -30.71 27.30 -31.80
CA HIS H 150 -30.54 26.40 -32.91
C HIS H 150 -31.93 26.15 -33.50
N LYS H 151 -32.08 26.61 -34.74
CA LYS H 151 -33.28 26.43 -35.59
C LYS H 151 -34.09 25.18 -35.21
N HIS H 152 -33.46 24.03 -35.34
CA HIS H 152 -34.16 22.74 -35.21
C HIS H 152 -34.67 22.43 -33.81
N ASP H 153 -34.05 23.04 -32.81
CA ASP H 153 -34.32 22.75 -31.40
C ASP H 153 -35.63 23.39 -30.92
N ILE H 154 -35.88 24.60 -31.41
CA ILE H 154 -36.87 25.52 -30.84
C ILE H 154 -38.26 24.89 -30.73
N ASP H 155 -38.87 25.03 -29.56
CA ASP H 155 -40.19 24.48 -29.30
C ASP H 155 -41.21 24.94 -30.33
N THR H 156 -42.13 24.03 -30.66
CA THR H 156 -43.05 24.23 -31.77
C THR H 156 -44.05 25.40 -31.64
N ASP H 157 -44.36 25.81 -30.40
CA ASP H 157 -45.28 26.93 -30.18
C ASP H 157 -44.58 28.30 -30.25
N LEU H 158 -43.26 28.27 -30.46
CA LEU H 158 -42.47 29.50 -30.63
C LEU H 158 -42.18 29.79 -32.10
N GLU H 159 -42.04 31.06 -32.43
CA GLU H 159 -41.70 31.52 -33.75
C GLU H 159 -40.29 32.12 -33.65
N ALA H 160 -39.46 31.91 -34.66
CA ALA H 160 -38.07 32.40 -34.62
C ALA H 160 -37.70 33.10 -35.91
N GLN H 161 -37.56 34.42 -35.90
CA GLN H 161 -37.16 35.14 -37.10
C GLN H 161 -35.68 35.53 -37.06
N PRO H 162 -34.90 35.14 -38.08
CA PRO H 162 -33.44 35.41 -38.01
C PRO H 162 -33.13 36.91 -37.91
N LEU H 163 -32.19 37.28 -37.04
CA LEU H 163 -31.86 38.68 -36.80
C LEU H 163 -30.40 39.00 -37.17
N TYR H 164 -29.46 38.16 -36.76
CA TYR H 164 -28.04 38.50 -36.95
C TYR H 164 -27.22 37.21 -36.94
N VAL H 165 -26.23 37.09 -37.82
CA VAL H 165 -25.32 35.94 -37.71
C VAL H 165 -24.05 36.42 -37.00
N SER H 166 -23.82 35.93 -35.78
CA SER H 166 -22.71 36.42 -34.97
C SER H 166 -21.38 35.70 -35.31
N ASP H 167 -20.29 36.16 -34.70
CA ASP H 167 -18.91 35.67 -34.93
C ASP H 167 -18.42 35.34 -33.53
N VAL H 168 -17.83 34.16 -33.36
CA VAL H 168 -17.29 33.72 -32.07
C VAL H 168 -15.76 33.86 -32.20
N VAL H 169 -15.11 34.44 -31.19
CA VAL H 169 -13.64 34.44 -31.12
C VAL H 169 -13.20 33.85 -29.80
N ILE H 170 -11.97 33.36 -29.77
CA ILE H 170 -11.40 32.85 -28.55
C ILE H 170 -10.46 33.95 -28.05
N VAL H 171 -10.58 34.25 -26.76
CA VAL H 171 -9.93 35.42 -26.18
C VAL H 171 -9.13 35.02 -24.95
N GLY H 172 -7.94 35.59 -24.79
CA GLY H 172 -7.17 35.45 -23.52
C GLY H 172 -6.56 36.77 -23.09
N GLN H 173 -5.88 36.81 -21.96
CA GLN H 173 -5.16 38.05 -21.57
C GLN H 173 -4.10 38.36 -22.63
N ARG H 174 -3.70 39.62 -22.75
CA ARG H 174 -2.77 40.07 -23.81
C ARG H 174 -1.44 39.30 -23.92
N GLN H 175 -0.93 38.83 -22.79
CA GLN H 175 0.39 38.20 -22.73
C GLN H 175 0.24 36.72 -22.43
N HIS H 176 -0.92 36.17 -22.82
CA HIS H 176 -1.23 34.75 -22.59
C HIS H 176 -0.15 33.86 -23.22
N PRO H 177 0.22 32.73 -22.54
CA PRO H 177 1.19 31.77 -23.11
C PRO H 177 0.87 31.37 -24.54
N MET H 178 -0.42 31.22 -24.83
CA MET H 178 -0.88 30.80 -26.15
C MET H 178 -1.41 31.95 -27.01
N ALA H 179 -1.03 33.19 -26.70
CA ALA H 179 -1.52 34.35 -27.44
C ALA H 179 -1.24 34.26 -28.94
N ASN H 180 -0.15 33.60 -29.31
CA ASN H 180 0.29 33.47 -30.70
C ASN H 180 -0.10 32.15 -31.37
N ALA H 181 -0.99 31.37 -30.73
CA ALA H 181 -1.42 30.08 -31.28
C ALA H 181 -2.29 30.27 -32.53
N THR H 182 -2.20 29.31 -33.45
CA THR H 182 -3.01 29.40 -34.68
C THR H 182 -3.90 28.16 -34.89
N ARG H 183 -3.79 27.16 -34.02
CA ARG H 183 -4.61 25.94 -34.16
C ARG H 183 -5.29 25.60 -32.86
N LEU H 184 -6.56 25.18 -32.94
CA LEU H 184 -7.30 24.81 -31.72
C LEU H 184 -6.60 23.73 -30.88
N ALA H 185 -5.95 22.78 -31.56
CA ALA H 185 -5.18 21.72 -30.85
C ALA H 185 -4.13 22.29 -29.88
N GLU H 186 -3.57 23.45 -30.19
CA GLU H 186 -2.53 24.04 -29.34
C GLU H 186 -3.07 24.51 -28.00
N LEU H 187 -4.41 24.63 -27.93
CA LEU H 187 -5.10 25.09 -26.74
C LEU H 187 -5.63 23.94 -25.86
N GLN H 188 -5.34 22.70 -26.24
CA GLN H 188 -5.96 21.53 -25.56
C GLN H 188 -5.80 21.48 -24.05
N GLU H 189 -4.66 21.99 -23.58
CA GLU H 189 -4.31 21.90 -22.15
C GLU H 189 -4.65 23.16 -21.39
N CYS H 190 -5.18 24.18 -22.09
CA CYS H 190 -5.56 25.43 -21.46
C CYS H 190 -6.80 25.23 -20.62
N ARG H 191 -6.98 26.12 -19.65
CA ARG H 191 -8.19 26.15 -18.82
C ARG H 191 -9.13 27.24 -19.33
N TRP H 192 -10.43 26.95 -19.29
CA TRP H 192 -11.46 27.75 -19.93
C TRP H 192 -12.44 28.32 -18.92
N ALA H 193 -12.82 29.57 -19.14
CA ALA H 193 -14.02 30.12 -18.55
C ALA H 193 -15.17 29.81 -19.49
N PHE H 194 -16.03 28.89 -19.06
CA PHE H 194 -17.18 28.45 -19.84
C PHE H 194 -18.21 29.56 -19.80
N SER H 195 -18.51 30.07 -20.97
CA SER H 195 -19.45 31.17 -21.07
C SER H 195 -20.82 30.63 -21.48
N SER H 196 -21.87 31.44 -21.31
CA SER H 196 -23.25 30.98 -21.55
C SER H 196 -23.59 30.73 -23.01
N ALA H 197 -24.45 29.74 -23.25
CA ALA H 197 -24.87 29.36 -24.62
C ALA H 197 -26.19 28.62 -24.54
N PRO H 198 -27.00 28.65 -25.62
CA PRO H 198 -28.32 27.99 -25.58
C PRO H 198 -28.24 26.54 -25.10
N ARG H 199 -27.21 25.82 -25.52
CA ARG H 199 -27.04 24.42 -25.14
C ARG H 199 -26.35 24.22 -23.79
N GLY H 200 -26.11 25.32 -23.07
CA GLY H 200 -25.51 25.28 -21.72
C GLY H 200 -24.11 25.89 -21.68
N PRO H 201 -23.59 26.13 -20.47
CA PRO H 201 -22.30 26.81 -20.30
C PRO H 201 -21.18 26.04 -20.99
N GLY H 202 -20.36 26.75 -21.74
CA GLY H 202 -19.22 26.12 -22.42
C GLY H 202 -19.59 25.32 -23.66
N ALA H 203 -20.86 25.32 -24.06
CA ALA H 203 -21.29 24.43 -25.18
C ALA H 203 -20.51 24.70 -26.48
N ILE H 204 -20.19 25.97 -26.76
CA ILE H 204 -19.50 26.28 -27.99
C ILE H 204 -18.08 25.72 -28.01
N ILE H 205 -17.32 25.98 -26.97
CA ILE H 205 -15.95 25.41 -26.95
C ILE H 205 -15.98 23.87 -26.84
N ARG H 206 -16.91 23.30 -26.07
CA ARG H 206 -17.02 21.82 -25.98
C ARG H 206 -17.30 21.22 -27.36
N ASN H 207 -18.23 21.84 -28.09
CA ASN H 207 -18.61 21.31 -29.39
C ASN H 207 -17.54 21.55 -30.44
N ALA H 208 -16.78 22.65 -30.32
CA ALA H 208 -15.64 22.89 -31.22
C ALA H 208 -14.50 21.89 -30.94
N PHE H 209 -14.14 21.70 -29.67
CA PHE H 209 -13.13 20.70 -29.34
C PHE H 209 -13.59 19.36 -29.91
N ALA H 210 -14.86 19.01 -29.70
CA ALA H 210 -15.37 17.69 -30.18
C ALA H 210 -15.14 17.53 -31.70
N ARG H 211 -15.62 18.51 -32.48
CA ARG H 211 -15.57 18.39 -33.94
C ARG H 211 -14.15 18.33 -34.50
N TYR H 212 -13.20 18.99 -33.80
CA TYR H 212 -11.79 18.98 -34.18
C TYR H 212 -11.01 17.78 -33.62
N GLY H 213 -11.74 16.82 -33.06
CA GLY H 213 -11.12 15.53 -32.70
C GLY H 213 -10.35 15.61 -31.40
N LEU H 214 -10.65 16.62 -30.59
CA LEU H 214 -9.92 16.88 -29.36
C LEU H 214 -10.71 16.30 -28.19
N PRO H 215 -10.02 16.07 -27.05
CA PRO H 215 -10.75 15.69 -25.84
C PRO H 215 -11.62 16.84 -25.30
N GLU H 216 -12.36 16.62 -24.22
CA GLU H 216 -13.13 17.69 -23.58
C GLU H 216 -12.21 18.82 -23.17
N PRO H 217 -12.65 20.09 -23.33
CA PRO H 217 -11.84 21.20 -22.83
C PRO H 217 -11.81 21.21 -21.31
N LYS H 218 -10.72 21.70 -20.76
CA LYS H 218 -10.53 21.70 -19.32
C LYS H 218 -11.31 22.85 -18.73
N LEU H 219 -12.23 22.55 -17.82
CA LEU H 219 -13.05 23.56 -17.19
C LEU H 219 -12.23 24.31 -16.14
N GLY H 220 -12.09 25.62 -16.31
CA GLY H 220 -11.46 26.47 -15.31
C GLY H 220 -12.51 27.01 -14.35
N LEU H 221 -13.55 27.63 -14.91
CA LEU H 221 -14.72 28.05 -14.17
C LEU H 221 -15.90 28.28 -15.10
N VAL H 222 -17.10 28.46 -14.53
CA VAL H 222 -18.29 28.76 -15.33
C VAL H 222 -18.63 30.22 -15.02
N CYS H 223 -18.72 31.04 -16.07
CA CYS H 223 -19.03 32.44 -15.81
C CYS H 223 -20.25 32.73 -16.64
N GLU H 224 -21.43 32.78 -16.01
CA GLU H 224 -22.67 32.97 -16.76
C GLU H 224 -22.89 34.43 -17.17
N SER H 225 -22.16 35.31 -16.52
CA SER H 225 -22.29 36.73 -16.70
C SER H 225 -21.38 37.22 -17.81
N PHE H 226 -21.93 37.67 -18.94
CA PHE H 226 -21.06 38.32 -19.93
C PHE H 226 -20.50 39.67 -19.47
N LEU H 227 -21.16 40.29 -18.49
CA LEU H 227 -20.63 41.53 -17.94
C LEU H 227 -19.29 41.26 -17.25
N ALA H 228 -19.23 40.18 -16.47
CA ALA H 228 -18.01 39.86 -15.70
C ALA H 228 -16.92 39.21 -16.57
N LEU H 229 -17.31 38.59 -17.67
CA LEU H 229 -16.39 37.68 -18.35
C LEU H 229 -15.06 38.32 -18.82
N PRO H 230 -15.12 39.49 -19.49
CA PRO H 230 -13.86 40.00 -20.02
C PRO H 230 -12.83 40.32 -18.93
N GLY H 231 -13.27 40.93 -17.84
CA GLY H 231 -12.38 41.22 -16.72
C GLY H 231 -11.81 39.97 -16.07
N VAL H 232 -12.64 38.93 -15.98
CA VAL H 232 -12.18 37.65 -15.39
C VAL H 232 -11.03 37.06 -16.21
N VAL H 233 -11.18 37.08 -17.53
CA VAL H 233 -10.17 36.59 -18.45
C VAL H 233 -8.91 37.49 -18.41
N ALA H 234 -9.13 38.80 -18.34
CA ALA H 234 -8.01 39.76 -18.40
C ALA H 234 -7.05 39.58 -17.22
N HIS H 235 -7.58 39.12 -16.10
CA HIS H 235 -6.79 39.01 -14.87
C HIS H 235 -6.47 37.57 -14.50
N SER H 236 -6.49 36.70 -15.51
CA SER H 236 -6.12 35.30 -15.28
C SER H 236 -5.48 34.74 -16.54
N ASP H 237 -5.21 33.43 -16.55
CA ASP H 237 -4.78 32.76 -17.77
C ASP H 237 -5.92 31.92 -18.38
N LEU H 238 -7.16 32.16 -17.96
CA LEU H 238 -8.32 31.49 -18.58
C LEU H 238 -8.55 31.99 -20.01
N LEU H 239 -8.86 31.06 -20.90
CA LEU H 239 -9.39 31.39 -22.24
C LEU H 239 -10.91 31.30 -22.22
N THR H 240 -11.56 32.03 -23.13
CA THR H 240 -13.01 31.89 -23.24
C THR H 240 -13.42 32.03 -24.69
N THR H 241 -14.69 31.73 -25.00
CA THR H 241 -15.26 32.17 -26.27
C THR H 241 -16.19 33.33 -25.98
N MET H 242 -16.21 34.29 -26.87
CA MET H 242 -17.21 35.33 -26.74
C MET H 242 -17.62 35.84 -28.12
N PRO H 243 -18.80 36.48 -28.22
CA PRO H 243 -19.14 37.11 -29.48
C PRO H 243 -18.06 38.14 -29.82
N ARG H 244 -17.69 38.27 -31.10
CA ARG H 244 -16.69 39.28 -31.50
C ARG H 244 -17.11 40.68 -31.01
N THR H 245 -18.41 40.97 -31.07
CA THR H 245 -18.94 42.24 -30.58
C THR H 245 -18.51 42.55 -29.11
N LEU H 246 -18.58 41.54 -28.24
CA LEU H 246 -18.11 41.69 -26.87
C LEU H 246 -16.59 41.88 -26.80
N TYR H 247 -15.85 41.15 -27.62
CA TYR H 247 -14.37 41.30 -27.65
C TYR H 247 -14.01 42.75 -28.00
N GLU H 248 -14.74 43.32 -28.95
CA GLU H 248 -14.50 44.69 -29.39
C GLU H 248 -15.03 45.75 -28.42
N ARG H 249 -16.04 45.38 -27.63
CA ARG H 249 -16.69 46.35 -26.74
C ARG H 249 -16.77 45.86 -25.32
N ASN H 250 -15.67 46.02 -24.59
CA ASN H 250 -15.64 45.73 -23.16
C ASN H 250 -14.62 46.64 -22.50
N ALA H 251 -14.62 46.64 -21.17
CA ALA H 251 -13.80 47.56 -20.38
C ALA H 251 -12.32 47.18 -20.27
N PHE H 252 -11.97 46.00 -20.78
CA PHE H 252 -10.63 45.42 -20.59
C PHE H 252 -9.89 45.16 -21.91
N LYS H 253 -10.29 45.88 -22.95
CA LYS H 253 -9.70 45.71 -24.29
C LYS H 253 -8.17 45.74 -24.36
N ASP H 254 -7.55 46.70 -23.68
CA ASP H 254 -6.10 46.84 -23.66
C ASP H 254 -5.37 45.69 -23.00
N GLN H 255 -6.09 44.87 -22.25
CA GLN H 255 -5.52 43.76 -21.51
C GLN H 255 -5.87 42.41 -22.10
N LEU H 256 -6.52 42.40 -23.27
CA LEU H 256 -7.05 41.18 -23.88
C LEU H 256 -6.58 41.05 -25.34
N CYS H 257 -6.51 39.83 -25.84
CA CYS H 257 -6.14 39.62 -27.24
C CYS H 257 -6.92 38.44 -27.75
N SER H 258 -7.45 38.52 -28.98
CA SER H 258 -8.05 37.34 -29.58
C SER H 258 -6.93 36.45 -30.11
N ILE H 259 -7.14 35.15 -30.02
CA ILE H 259 -6.12 34.21 -30.49
C ILE H 259 -6.27 34.07 -31.99
N PRO H 260 -5.16 34.23 -32.75
CA PRO H 260 -5.32 34.32 -34.23
C PRO H 260 -5.46 32.92 -34.87
N LEU H 261 -6.48 32.17 -34.45
CA LEU H 261 -6.66 30.79 -34.93
C LEU H 261 -7.01 30.73 -36.42
N GLN H 262 -6.43 29.74 -37.11
CA GLN H 262 -6.78 29.46 -38.48
C GLN H 262 -7.69 28.22 -38.60
N ASP H 263 -8.22 27.78 -37.46
CA ASP H 263 -9.29 26.79 -37.43
C ASP H 263 -10.61 27.57 -37.34
N ALA H 264 -11.56 27.26 -38.20
CA ALA H 264 -12.85 27.98 -38.18
C ALA H 264 -13.70 27.70 -36.93
N LEU H 265 -14.32 28.75 -36.38
CA LEU H 265 -15.22 28.64 -35.22
C LEU H 265 -16.68 28.89 -35.69
N PRO H 266 -17.69 28.44 -34.91
CA PRO H 266 -19.10 28.60 -35.36
C PRO H 266 -19.56 30.05 -35.45
N ASN H 267 -20.68 30.26 -36.14
CA ASN H 267 -21.30 31.58 -36.25
C ASN H 267 -22.77 31.48 -35.80
N PRO H 268 -23.03 31.63 -34.48
CA PRO H 268 -24.40 31.40 -33.97
C PRO H 268 -25.36 32.40 -34.55
N THR H 269 -26.56 31.93 -34.92
CA THR H 269 -27.60 32.82 -35.40
C THR H 269 -28.42 33.37 -34.24
N ILE H 270 -28.57 34.68 -34.22
CA ILE H 270 -29.41 35.34 -33.23
C ILE H 270 -30.80 35.51 -33.84
N TYR H 271 -31.86 35.19 -33.11
CA TYR H 271 -33.24 35.24 -33.64
C TYR H 271 -34.08 36.18 -32.79
N VAL H 272 -35.16 36.68 -33.39
CA VAL H 272 -36.28 37.25 -32.60
C VAL H 272 -37.22 36.08 -32.27
N LEU H 273 -37.34 35.74 -30.99
CA LEU H 273 -38.21 34.65 -30.59
C LEU H 273 -39.46 35.18 -29.94
N ARG H 274 -40.62 34.61 -30.30
CA ARG H 274 -41.92 34.96 -29.67
C ARG H 274 -42.80 33.73 -29.50
N ARG H 275 -43.85 33.85 -28.72
CA ARG H 275 -44.91 32.83 -28.71
C ARG H 275 -45.76 33.09 -29.96
N HIS H 276 -45.81 32.12 -30.85
CA HIS H 276 -46.36 32.33 -32.18
C HIS H 276 -47.84 32.80 -32.25
N ASP H 277 -48.69 32.21 -31.40
CA ASP H 277 -50.13 32.50 -31.49
C ASP H 277 -50.52 33.85 -30.86
N LEU H 278 -49.58 34.54 -30.24
CA LEU H 278 -49.89 35.87 -29.69
C LEU H 278 -49.72 36.92 -30.79
N PRO H 279 -50.75 37.76 -30.99
CA PRO H 279 -50.65 38.82 -32.02
C PRO H 279 -49.70 39.94 -31.61
N VAL H 280 -48.70 40.23 -32.44
CA VAL H 280 -47.69 41.26 -32.08
C VAL H 280 -48.35 42.64 -32.08
N THR H 281 -48.09 43.43 -31.03
CA THR H 281 -48.67 44.76 -31.00
C THR H 281 -47.95 45.60 -32.06
N PRO H 282 -48.67 46.59 -32.61
CA PRO H 282 -48.06 47.50 -33.59
C PRO H 282 -46.76 48.13 -33.04
N ALA H 283 -46.75 48.54 -31.77
CA ALA H 283 -45.56 49.16 -31.14
C ALA H 283 -44.37 48.18 -31.09
N ALA H 284 -44.64 46.96 -30.65
CA ALA H 284 -43.57 45.92 -30.61
C ALA H 284 -43.03 45.63 -32.01
N ALA H 285 -43.91 45.53 -33.00
CA ALA H 285 -43.48 45.31 -34.38
C ALA H 285 -42.54 46.45 -34.83
N GLY H 286 -42.86 47.68 -34.42
CA GLY H 286 -42.02 48.85 -34.78
C GLY H 286 -40.64 48.76 -34.15
N LEU H 287 -40.60 48.36 -32.90
CA LEU H 287 -39.29 48.21 -32.23
C LEU H 287 -38.47 47.09 -32.91
N ILE H 288 -39.13 45.98 -33.22
CA ILE H 288 -38.44 44.87 -33.90
C ILE H 288 -37.86 45.33 -35.26
N ARG H 289 -38.65 46.11 -36.00
CA ARG H 289 -38.15 46.70 -37.25
C ARG H 289 -36.86 47.51 -37.06
N TRP H 290 -36.81 48.33 -36.02
CA TRP H 290 -35.61 49.16 -35.78
C TRP H 290 -34.40 48.32 -35.37
N ILE H 291 -34.66 47.29 -34.57
CA ILE H 291 -33.59 46.35 -34.19
C ILE H 291 -33.01 45.61 -35.43
N GLN H 292 -33.89 45.09 -36.29
CA GLN H 292 -33.46 44.48 -37.55
C GLN H 292 -32.62 45.46 -38.40
N HIS H 293 -33.07 46.71 -38.46
CA HIS H 293 -32.38 47.74 -39.25
C HIS H 293 -30.95 47.91 -38.79
N HIS H 294 -30.75 47.89 -37.48
CA HIS H 294 -29.43 48.16 -36.95
C HIS H 294 -28.57 46.94 -36.84
N ALA H 295 -29.17 45.75 -36.98
CA ALA H 295 -28.46 44.46 -36.95
C ALA H 295 -28.00 43.96 -38.33
N LEU H 296 -27.66 44.90 -39.22
CA LEU H 296 -27.16 44.57 -40.55
C LEU H 296 -26.02 45.51 -40.96
CA MET I 1 34.19 -11.63 30.37
C MET I 1 33.41 -11.68 31.68
N LEU I 2 34.09 -11.33 32.76
CA LEU I 2 33.45 -11.24 34.07
C LEU I 2 32.26 -10.31 34.00
N LYS I 3 31.11 -10.75 34.55
CA LYS I 3 29.86 -9.98 34.46
C LYS I 3 30.02 -8.60 35.04
N LEU I 4 30.75 -8.46 36.15
CA LEU I 4 30.96 -7.14 36.70
C LEU I 4 31.75 -6.19 35.77
N GLN I 5 32.72 -6.72 35.03
CA GLN I 5 33.41 -5.91 34.02
C GLN I 5 32.45 -5.44 32.94
N THR I 6 31.57 -6.34 32.49
CA THR I 6 30.58 -6.02 31.45
C THR I 6 29.58 -4.97 31.98
N LEU I 7 29.16 -5.12 33.22
CA LEU I 7 28.20 -4.17 33.80
C LEU I 7 28.85 -2.79 33.94
N GLN I 8 30.08 -2.73 34.45
CA GLN I 8 30.84 -1.47 34.57
C GLN I 8 31.00 -0.82 33.19
N ALA I 9 31.26 -1.64 32.18
CA ALA I 9 31.39 -1.16 30.81
C ALA I 9 30.06 -0.59 30.30
N LEU I 10 28.95 -1.27 30.61
CA LEU I 10 27.63 -0.80 30.21
C LEU I 10 27.31 0.54 30.83
N ILE I 11 27.64 0.70 32.11
CA ILE I 11 27.49 2.00 32.76
C ILE I 11 28.29 3.08 31.99
N CYS I 12 29.51 2.75 31.62
CA CYS I 12 30.38 3.70 30.91
C CYS I 12 29.82 4.04 29.53
N ILE I 13 29.23 3.04 28.87
CA ILE I 13 28.63 3.22 27.54
C ILE I 13 27.49 4.23 27.60
N GLU I 14 26.65 4.10 28.63
CA GLU I 14 25.59 5.07 28.81
C GLU I 14 26.14 6.48 28.96
N GLU I 15 27.31 6.60 29.59
CA GLU I 15 27.90 7.91 29.86
C GLU I 15 28.59 8.49 28.62
N VAL I 16 29.37 7.68 27.91
CA VAL I 16 30.21 8.19 26.79
C VAL I 16 29.63 7.96 25.38
N GLY I 17 28.60 7.12 25.27
CA GLY I 17 27.85 6.92 24.01
C GLY I 17 28.48 6.03 22.94
N SER I 18 29.42 5.17 23.34
CA SER I 18 30.25 4.39 22.43
C SER I 18 30.72 3.16 23.18
N LEU I 19 30.51 1.97 22.60
CA LEU I 19 31.10 0.75 23.17
C LEU I 19 32.63 0.80 23.05
N ARG I 20 33.13 1.21 21.88
CA ARG I 20 34.57 1.26 21.65
C ARG I 20 35.28 2.25 22.57
N ALA I 21 34.71 3.44 22.74
CA ALA I 21 35.34 4.40 23.66
C ALA I 21 35.31 3.87 25.08
N ALA I 22 34.21 3.23 25.49
CA ALA I 22 34.13 2.72 26.85
C ALA I 22 35.17 1.61 27.06
N ALA I 23 35.31 0.71 26.08
CA ALA I 23 36.38 -0.30 26.13
C ALA I 23 37.77 0.33 26.27
N GLN I 24 38.03 1.38 25.49
CA GLN I 24 39.38 1.99 25.52
C GLN I 24 39.66 2.58 26.90
N LEU I 25 38.65 3.26 27.44
CA LEU I 25 38.75 4.01 28.71
C LEU I 25 38.99 3.02 29.85
N LEU I 26 38.28 1.90 29.81
CA LEU I 26 38.40 0.86 30.84
C LEU I 26 39.52 -0.17 30.62
N HIS I 27 40.31 0.05 29.56
CA HIS I 27 41.36 -0.88 29.16
C HIS I 27 40.84 -2.31 28.95
N LEU I 28 39.72 -2.42 28.24
CA LEU I 28 39.18 -3.73 27.85
C LEU I 28 39.34 -3.89 26.35
N SER I 29 39.46 -5.15 25.92
CA SER I 29 39.45 -5.46 24.49
C SER I 29 38.10 -5.08 23.87
N GLN I 30 38.13 -4.28 22.81
CA GLN I 30 36.89 -3.88 22.12
C GLN I 30 36.09 -5.10 21.59
N PRO I 31 36.74 -5.97 20.78
CA PRO I 31 36.03 -7.18 20.38
C PRO I 31 35.59 -8.08 21.55
N ALA I 32 36.40 -8.20 22.61
CA ALA I 32 35.97 -8.95 23.81
C ALA I 32 34.70 -8.35 24.45
N LEU I 33 34.70 -7.02 24.62
CA LEU I 33 33.56 -6.36 25.25
C LEU I 33 32.33 -6.50 24.33
N SER I 34 32.53 -6.34 23.03
CA SER I 34 31.42 -6.54 22.10
C SER I 34 30.79 -7.95 22.25
N ALA I 35 31.63 -8.98 22.28
CA ALA I 35 31.15 -10.37 22.41
C ALA I 35 30.43 -10.61 23.74
N ALA I 36 30.96 -10.01 24.81
CA ALA I 36 30.40 -10.14 26.15
C ALA I 36 28.99 -9.53 26.25
N ILE I 37 28.80 -8.38 25.59
CA ILE I 37 27.50 -7.71 25.61
C ILE I 37 26.50 -8.52 24.78
N GLN I 38 26.96 -8.99 23.62
CA GLN I 38 26.13 -9.90 22.82
C GLN I 38 25.68 -11.12 23.65
N GLN I 39 26.60 -11.71 24.39
CA GLN I 39 26.25 -12.91 25.16
C GLN I 39 25.21 -12.58 26.23
N LEU I 40 25.37 -11.41 26.85
CA LEU I 40 24.39 -10.97 27.84
C LEU I 40 22.99 -10.74 27.23
N GLU I 41 22.97 -10.05 26.09
CA GLU I 41 21.71 -9.84 25.37
C GLU I 41 21.03 -11.20 25.01
N ASP I 42 21.83 -12.18 24.57
CA ASP I 42 21.27 -13.52 24.30
C ASP I 42 20.65 -14.18 25.53
N GLU I 43 21.33 -14.05 26.66
CA GLU I 43 20.85 -14.60 27.93
C GLU I 43 19.57 -13.91 28.38
N LEU I 44 19.52 -12.60 28.26
CA LEU I 44 18.34 -11.81 28.65
C LEU I 44 17.19 -11.90 27.64
N LYS I 45 17.50 -12.41 26.45
CA LYS I 45 16.58 -12.44 25.30
C LYS I 45 16.04 -11.04 24.93
N ALA I 46 16.89 -10.01 25.08
CA ALA I 46 16.57 -8.66 24.56
C ALA I 46 17.84 -7.84 24.38
N PRO I 47 17.85 -6.90 23.43
CA PRO I 47 19.01 -6.04 23.21
C PRO I 47 19.05 -4.96 24.26
N LEU I 48 20.27 -4.65 24.72
CA LEU I 48 20.50 -3.58 25.68
C LEU I 48 20.88 -2.26 24.98
N LEU I 49 21.36 -2.36 23.76
CA LEU I 49 21.91 -1.23 23.04
C LEU I 49 21.27 -1.09 21.66
N VAL I 50 21.16 0.14 21.19
CA VAL I 50 20.75 0.39 19.81
C VAL I 50 21.75 1.37 19.22
N ARG I 51 22.12 1.12 17.97
CA ARG I 51 23.09 1.94 17.26
C ARG I 51 22.46 3.23 16.82
N THR I 52 23.23 4.30 16.95
CA THR I 52 22.87 5.62 16.48
C THR I 52 24.01 6.12 15.58
N LYS I 53 23.78 7.25 14.90
CA LYS I 53 24.85 7.85 14.11
C LYS I 53 25.96 8.29 15.06
N ARG I 54 25.56 8.74 16.25
CA ARG I 54 26.45 9.18 17.33
C ARG I 54 27.38 8.07 17.84
N GLY I 55 26.78 6.91 18.17
CA GLY I 55 27.50 5.73 18.63
C GLY I 55 26.45 4.68 19.03
N VAL I 56 26.20 4.56 20.33
CA VAL I 56 25.09 3.70 20.83
C VAL I 56 24.30 4.37 21.95
N SER I 57 23.02 3.98 22.08
CA SER I 57 22.18 4.33 23.22
C SER I 57 21.60 3.06 23.86
N LEU I 58 21.11 3.18 25.09
CA LEU I 58 20.40 2.08 25.74
C LEU I 58 19.02 1.95 25.10
N THR I 59 18.56 0.72 24.94
CA THR I 59 17.16 0.44 24.57
C THR I 59 16.26 0.62 25.81
N SER I 60 14.93 0.49 25.63
CA SER I 60 14.01 0.44 26.77
C SER I 60 14.42 -0.67 27.72
N PHE I 61 14.79 -1.82 27.16
CA PHE I 61 15.23 -2.94 27.99
C PHE I 61 16.51 -2.57 28.76
N GLY I 62 17.43 -1.90 28.06
CA GLY I 62 18.71 -1.48 28.64
C GLY I 62 18.53 -0.46 29.77
N GLN I 63 17.56 0.44 29.63
CA GLN I 63 17.28 1.40 30.67
C GLN I 63 16.75 0.70 31.95
N ALA I 64 15.83 -0.26 31.78
CA ALA I 64 15.35 -1.09 32.92
C ALA I 64 16.50 -1.88 33.54
N PHE I 65 17.29 -2.53 32.69
CA PHE I 65 18.38 -3.37 33.15
C PHE I 65 19.43 -2.53 33.89
N MET I 66 19.71 -1.33 33.39
CA MET I 66 20.72 -0.47 33.99
C MET I 66 20.44 -0.10 35.44
N LYS I 67 19.16 0.03 35.80
CA LYS I 67 18.85 0.29 37.21
C LYS I 67 19.41 -0.81 38.11
N HIS I 68 19.25 -2.07 37.69
CA HIS I 68 19.81 -3.21 38.38
C HIS I 68 21.35 -3.22 38.27
N ALA I 69 21.88 -2.95 37.08
CA ALA I 69 23.36 -2.97 36.88
C ALA I 69 24.07 -2.02 37.85
N ARG I 70 23.50 -0.82 38.01
CA ARG I 70 24.10 0.16 38.91
C ARG I 70 24.05 -0.31 40.35
N LEU I 71 22.92 -0.92 40.75
CA LEU I 71 22.82 -1.48 42.11
C LEU I 71 23.87 -2.57 42.35
N ILE I 72 24.04 -3.42 41.34
CA ILE I 72 24.96 -4.56 41.45
C ILE I 72 26.42 -4.06 41.49
N VAL I 73 26.77 -3.11 40.62
CA VAL I 73 28.13 -2.55 40.62
C VAL I 73 28.45 -1.83 41.94
N THR I 74 27.52 -1.03 42.41
CA THR I 74 27.66 -0.35 43.72
C THR I 74 27.78 -1.34 44.86
N GLU I 75 26.97 -2.40 44.83
CA GLU I 75 27.00 -3.39 45.88
C GLU I 75 28.32 -4.14 45.94
N SER I 76 28.89 -4.42 44.76
CA SER I 76 30.16 -5.11 44.71
C SER I 76 31.24 -4.22 45.28
N ARG I 77 31.20 -2.93 44.97
CA ARG I 77 32.20 -2.00 45.51
C ARG I 77 32.02 -1.85 47.03
N ARG I 78 30.77 -1.76 47.48
CA ARG I 78 30.50 -1.70 48.93
C ARG I 78 31.00 -2.95 49.67
N ALA I 79 30.78 -4.13 49.08
CA ALA I 79 31.28 -5.39 49.64
C ALA I 79 32.80 -5.34 49.76
N GLN I 80 33.47 -4.92 48.68
CA GLN I 80 34.96 -4.84 48.68
C GLN I 80 35.45 -3.81 49.70
N GLU I 81 34.77 -2.67 49.79
CA GLU I 81 35.11 -1.67 50.83
C GLU I 81 34.96 -2.19 52.25
N GLU I 82 33.85 -2.87 52.52
CA GLU I 82 33.58 -3.39 53.85
C GLU I 82 34.61 -4.46 54.22
N ILE I 83 34.84 -5.39 53.30
CA ILE I 83 35.85 -6.43 53.54
C ILE I 83 37.24 -5.82 53.74
N GLY I 84 37.57 -4.82 52.92
CA GLY I 84 38.82 -4.09 53.09
C GLY I 84 38.92 -3.50 54.48
N GLN I 85 37.82 -2.90 54.95
CA GLN I 85 37.82 -2.27 56.26
C GLN I 85 38.00 -3.30 57.37
N LEU I 86 37.26 -4.42 57.26
CA LEU I 86 37.35 -5.48 58.26
C LEU I 86 38.69 -6.20 58.22
N ARG I 87 39.16 -6.51 57.01
CA ARG I 87 40.44 -7.16 56.85
C ARG I 87 41.58 -6.26 57.35
N GLY I 88 41.51 -4.98 57.02
CA GLY I 88 42.52 -4.01 57.45
C GLY I 88 42.72 -3.98 58.95
N ARG I 89 41.62 -4.04 59.70
CA ARG I 89 41.70 -4.05 61.17
C ARG I 89 42.25 -5.36 61.72
N TRP I 90 41.90 -6.47 61.06
CA TRP I 90 42.40 -7.80 61.38
C TRP I 90 43.90 -7.93 61.13
N GLU I 91 44.30 -7.61 59.89
CA GLU I 91 45.71 -7.68 59.47
C GLU I 91 46.57 -6.63 60.17
N GLY I 92 45.82 -5.27 61.98
CA GLY I 92 46.48 -4.14 62.64
C GLY I 92 46.93 -4.37 64.09
N HIS I 93 46.63 -5.55 64.64
CA HIS I 93 46.87 -5.85 66.06
C HIS I 93 47.30 -7.29 66.25
N ILE I 94 48.21 -7.46 67.23
CA ILE I 94 48.62 -8.77 67.64
C ILE I 94 48.65 -8.71 69.14
N THR I 95 48.07 -9.73 69.78
CA THR I 95 48.33 -9.92 71.20
C THR I 95 48.76 -11.34 71.53
N PHE I 96 49.87 -11.42 72.24
CA PHE I 96 50.46 -12.71 72.56
C PHE I 96 51.15 -12.71 73.91
N ALA I 97 51.45 -13.92 74.38
CA ALA I 97 52.20 -14.13 75.63
C ALA I 97 53.53 -14.77 75.35
N ALA I 98 54.52 -14.49 76.22
CA ALA I 98 55.86 -15.02 76.02
C ALA I 98 56.50 -15.44 77.36
N SER I 99 57.25 -16.54 77.33
CA SER I 99 58.00 -16.99 78.51
C SER I 99 59.34 -16.25 78.66
N PRO I 100 59.96 -16.31 79.85
CA PRO I 100 61.14 -15.48 80.12
C PRO I 100 62.30 -15.67 79.13
N ALA I 101 62.60 -16.90 78.71
CA ALA I 101 63.76 -17.12 77.81
C ALA I 101 63.56 -16.42 76.46
N ILE I 102 62.31 -16.46 75.98
CA ILE I 102 61.91 -15.75 74.78
C ILE I 102 61.92 -14.24 75.02
N ALA I 103 61.25 -13.80 76.09
CA ALA I 103 61.16 -12.35 76.41
C ALA I 103 62.50 -11.65 76.54
N LEU I 104 63.52 -12.36 77.03
CA LEU I 104 64.81 -11.74 77.31
C LEU I 104 65.87 -11.76 76.22
N ALA I 105 65.78 -12.73 75.30
CA ALA I 105 66.81 -12.86 74.29
C ALA I 105 66.23 -12.70 72.90
N ALA I 106 65.24 -13.53 72.58
CA ALA I 106 64.66 -13.49 71.24
C ALA I 106 63.82 -12.23 70.97
N LEU I 107 62.90 -11.91 71.91
CA LEU I 107 61.90 -10.87 71.63
C LEU I 107 62.42 -9.51 71.30
N PRO I 108 63.40 -8.98 72.06
CA PRO I 108 63.78 -7.59 71.78
C PRO I 108 64.34 -7.39 70.37
N LEU I 109 65.17 -8.33 69.92
CA LEU I 109 65.71 -8.23 68.57
C LEU I 109 64.62 -8.51 67.54
N ALA I 110 63.76 -9.48 67.85
CA ALA I 110 62.65 -9.81 66.94
C ALA I 110 61.62 -8.68 66.78
N LEU I 111 61.26 -8.02 67.89
CA LEU I 111 60.32 -6.91 67.82
C LEU I 111 60.84 -5.76 66.99
N ALA I 112 62.15 -5.47 67.07
CA ALA I 112 62.75 -4.38 66.32
C ALA I 112 62.74 -4.66 64.82
N SER I 113 63.13 -5.87 64.45
CA SER I 113 63.05 -6.31 63.05
C SER I 113 61.63 -6.33 62.55
N PHE I 114 60.73 -6.89 63.35
CA PHE I 114 59.31 -6.96 62.98
C PHE I 114 58.73 -5.57 62.64
N ALA I 115 59.00 -4.61 63.52
CA ALA I 115 58.46 -3.25 63.43
C ALA I 115 58.93 -2.49 62.20
N ARG I 116 60.11 -2.86 61.71
CA ARG I 116 60.63 -2.28 60.47
C ARG I 116 59.81 -2.78 59.29
N GLU I 117 59.47 -4.07 59.33
CA GLU I 117 58.68 -4.70 58.27
C GLU I 117 57.19 -4.39 58.36
N PHE I 118 56.66 -4.33 59.57
CA PHE I 118 55.23 -4.11 59.80
C PHE I 118 55.02 -2.87 60.66
N PRO I 119 55.34 -1.68 60.09
CA PRO I 119 55.33 -0.43 60.84
C PRO I 119 53.98 -0.02 61.41
N ASP I 120 52.89 -0.54 60.86
CA ASP I 120 51.54 -0.13 61.26
C ASP I 120 50.77 -1.15 62.13
N VAL I 121 51.47 -2.11 62.72
CA VAL I 121 50.81 -3.11 63.55
C VAL I 121 51.04 -2.79 65.02
N THR I 122 49.97 -2.79 65.82
CA THR I 122 50.11 -2.60 67.26
C THR I 122 50.32 -3.98 67.89
N VAL I 123 51.42 -4.15 68.62
CA VAL I 123 51.69 -5.39 69.32
C VAL I 123 51.46 -5.23 70.83
N ASN I 124 50.78 -6.21 71.41
CA ASN I 124 50.50 -6.25 72.83
C ASN I 124 51.13 -7.51 73.38
N VAL I 125 52.18 -7.35 74.17
CA VAL I 125 52.88 -8.52 74.71
C VAL I 125 52.79 -8.61 76.23
N ARG I 126 52.52 -9.81 76.70
CA ARG I 126 52.40 -10.07 78.13
C ARG I 126 53.19 -11.33 78.49
N ASP I 127 53.40 -11.53 79.79
CA ASP I 127 53.93 -12.77 80.31
C ASP I 127 52.82 -13.81 80.23
N GLY I 128 53.22 -15.06 80.07
CA GLY I 128 52.25 -16.14 80.08
C GLY I 128 52.95 -17.47 80.11
N MET I 129 52.26 -18.44 80.71
CA MET I 129 52.76 -19.79 80.79
C MET I 129 51.60 -20.76 80.52
N TYR I 130 51.92 -21.93 79.98
CA TYR I 130 50.94 -22.99 79.79
C TYR I 130 50.90 -23.80 81.08
N PRO I 131 49.70 -24.29 81.49
CA PRO I 131 48.38 -24.20 80.84
C PRO I 131 47.52 -22.98 81.18
N ALA I 132 48.07 -22.04 81.96
CA ALA I 132 47.36 -20.80 82.30
C ALA I 132 46.84 -20.09 81.05
N VAL I 133 47.66 -20.02 80.00
CA VAL I 133 47.26 -19.33 78.76
C VAL I 133 46.16 -20.06 77.96
N SER I 134 45.89 -21.32 78.28
CA SER I 134 44.97 -22.14 77.49
C SER I 134 43.56 -21.55 77.31
N PRO I 135 42.86 -21.19 78.43
CA PRO I 135 41.50 -20.62 78.27
C PRO I 135 41.49 -19.31 77.49
N GLN I 136 42.59 -18.57 77.52
CA GLN I 136 42.72 -17.31 76.79
C GLN I 136 43.02 -17.54 75.31
N LEU I 137 43.85 -18.55 75.02
CA LEU I 137 44.05 -19.01 73.65
C LEU I 137 42.74 -19.49 73.05
N ARG I 138 41.97 -20.26 73.83
CA ARG I 138 40.72 -20.86 73.36
C ARG I 138 39.59 -19.85 73.16
N ASP I 139 39.44 -18.87 74.05
CA ASP I 139 38.39 -17.87 73.86
C ASP I 139 38.75 -16.80 72.83
N GLY I 140 40.01 -16.75 72.44
CA GLY I 140 40.47 -15.86 71.37
C GLY I 140 41.04 -14.53 71.82
N THR I 141 41.10 -14.32 73.12
CA THR I 141 41.68 -13.10 73.68
C THR I 141 43.22 -13.04 73.51
N LEU I 142 43.85 -14.20 73.39
CA LEU I 142 45.29 -14.27 73.10
C LEU I 142 45.45 -14.95 71.75
N ASP I 143 46.13 -14.28 70.81
CA ASP I 143 46.35 -14.86 69.45
C ASP I 143 47.29 -16.07 69.48
N PHE I 144 48.45 -15.92 70.11
CA PHE I 144 49.33 -17.05 70.30
C PHE I 144 50.08 -16.89 71.61
N ALA I 145 50.73 -17.97 72.04
CA ALA I 145 51.62 -17.92 73.19
C ALA I 145 52.94 -18.62 72.89
N LEU I 146 54.02 -18.07 73.42
CA LEU I 146 55.35 -18.67 73.28
C LEU I 146 55.76 -19.16 74.65
N THR I 147 55.67 -20.47 74.86
CA THR I 147 55.77 -21.00 76.21
C THR I 147 56.29 -22.43 76.19
N ALA I 148 56.91 -22.86 77.29
CA ALA I 148 57.24 -24.25 77.47
C ALA I 148 55.96 -25.09 77.62
N ALA I 149 56.00 -26.29 77.08
CA ALA I 149 54.92 -27.25 77.30
C ALA I 149 55.47 -28.63 77.03
N HIS I 150 54.72 -29.64 77.46
CA HIS I 150 55.05 -31.01 77.19
C HIS I 150 54.14 -31.47 76.08
N LYS I 151 54.75 -31.89 74.98
CA LYS I 151 54.05 -32.24 73.75
C LYS I 151 52.75 -33.02 73.99
N HIS I 152 52.84 -34.09 74.77
CA HIS I 152 51.71 -35.00 75.01
C HIS I 152 50.60 -34.43 75.90
N ASP I 153 50.86 -33.30 76.55
CA ASP I 153 49.91 -32.69 77.47
C ASP I 153 49.08 -31.54 76.86
N ILE I 154 49.43 -31.13 75.65
CA ILE I 154 48.81 -29.95 75.06
C ILE I 154 47.38 -30.26 74.58
N ASP I 155 46.45 -29.38 74.94
CA ASP I 155 45.05 -29.44 74.53
C ASP I 155 44.92 -29.77 73.03
N THR I 156 43.99 -30.68 72.70
CA THR I 156 43.70 -31.05 71.31
C THR I 156 43.26 -29.86 70.45
N ASP I 157 42.65 -28.87 71.10
CA ASP I 157 42.26 -27.59 70.46
C ASP I 157 43.45 -26.77 69.93
N LEU I 158 44.66 -27.08 70.40
CA LEU I 158 45.80 -26.22 70.11
C LEU I 158 46.79 -26.82 69.12
N GLU I 159 47.31 -25.99 68.23
CA GLU I 159 48.48 -26.29 67.42
C GLU I 159 49.73 -25.95 68.23
N ALA I 160 50.78 -26.78 68.13
CA ALA I 160 52.07 -26.50 68.77
C ALA I 160 53.28 -26.68 67.84
N GLN I 161 54.03 -25.61 67.63
CA GLN I 161 55.20 -25.58 66.73
C GLN I 161 56.48 -25.26 67.53
N PRO I 162 57.44 -26.21 67.56
CA PRO I 162 58.66 -25.99 68.35
C PRO I 162 59.41 -24.69 67.96
N LEU I 163 59.89 -23.97 68.96
CA LEU I 163 60.57 -22.70 68.75
C LEU I 163 62.02 -22.70 69.24
N TYR I 164 62.23 -23.23 70.44
CA TYR I 164 63.55 -23.19 71.04
C TYR I 164 63.66 -24.35 72.01
N VAL I 165 64.81 -25.01 72.04
CA VAL I 165 65.09 -25.98 73.08
C VAL I 165 65.91 -25.27 74.17
N SER I 166 65.27 -25.08 75.32
CA SER I 166 65.83 -24.28 76.39
C SER I 166 66.67 -25.12 77.34
N ASP I 167 67.43 -24.45 78.22
CA ASP I 167 68.23 -25.09 79.28
C ASP I 167 67.63 -24.65 80.61
N VAL I 168 67.65 -25.55 81.60
CA VAL I 168 67.30 -25.24 82.99
C VAL I 168 68.61 -25.23 83.76
N VAL I 169 68.79 -24.22 84.61
CA VAL I 169 70.01 -24.20 85.45
C VAL I 169 69.57 -24.07 86.88
N ILE I 170 70.35 -24.69 87.76
CA ILE I 170 70.15 -24.53 89.20
C ILE I 170 71.02 -23.36 89.63
N VAL I 171 70.44 -22.44 90.40
CA VAL I 171 71.11 -21.22 90.75
C VAL I 171 71.01 -20.97 92.24
N GLY I 172 72.08 -20.45 92.82
CA GLY I 172 72.04 -19.95 94.21
C GLY I 172 72.88 -18.70 94.33
N GLN I 173 72.91 -18.14 95.52
CA GLN I 173 73.77 -16.97 95.75
C GLN I 173 75.24 -17.36 95.51
N ARG I 174 76.05 -16.36 95.18
CA ARG I 174 77.44 -16.53 94.74
C ARG I 174 78.27 -17.41 95.69
N GLN I 175 78.03 -17.24 96.99
CA GLN I 175 78.78 -17.97 98.00
C GLN I 175 78.06 -19.18 98.56
N HIS I 176 77.06 -19.73 97.86
CA HIS I 176 76.26 -20.82 98.41
C HIS I 176 77.18 -21.96 98.82
N PRO I 177 76.90 -22.59 99.98
CA PRO I 177 77.76 -23.69 100.43
C PRO I 177 77.86 -24.85 99.44
N MET I 178 76.83 -25.03 98.61
CA MET I 178 76.78 -26.14 97.66
C MET I 178 77.19 -25.74 96.23
N ALA I 179 77.82 -24.59 96.08
CA ALA I 179 78.17 -24.05 94.75
C ALA I 179 79.03 -24.96 93.89
N ASN I 180 79.81 -25.83 94.55
CA ASN I 180 80.70 -26.76 93.88
C ASN I 180 80.14 -28.15 93.72
N ALA I 181 78.86 -28.34 94.08
CA ALA I 181 78.27 -29.69 93.99
C ALA I 181 78.35 -30.30 92.58
N THR I 182 78.47 -31.62 92.52
CA THR I 182 78.53 -32.34 91.25
C THR I 182 77.27 -33.15 91.03
N ARG I 183 76.61 -33.57 92.11
CA ARG I 183 75.43 -34.45 91.98
C ARG I 183 74.19 -33.87 92.61
N LEU I 184 73.03 -34.14 92.02
CA LEU I 184 71.74 -33.66 92.55
C LEU I 184 71.51 -34.15 93.99
N ALA I 185 71.91 -35.40 94.27
CA ALA I 185 71.77 -35.95 95.63
C ALA I 185 72.42 -35.06 96.68
N GLU I 186 73.50 -34.35 96.31
CA GLU I 186 74.17 -33.46 97.24
C GLU I 186 73.33 -32.26 97.66
N LEU I 187 72.26 -32.01 96.92
CA LEU I 187 71.40 -30.86 97.20
C LEU I 187 70.12 -31.30 97.90
N GLN I 188 70.01 -32.60 98.23
CA GLN I 188 68.68 -33.13 98.60
C GLN I 188 68.08 -32.55 99.86
N GLU I 189 68.93 -31.92 100.67
CA GLU I 189 68.49 -31.31 101.89
C GLU I 189 68.39 -29.78 101.79
N CYS I 190 68.77 -29.19 100.66
CA CYS I 190 68.69 -27.73 100.48
C CYS I 190 67.26 -27.30 100.47
N ARG I 191 67.02 -26.01 100.73
CA ARG I 191 65.67 -25.48 100.59
C ARG I 191 65.54 -24.77 99.25
N TRP I 192 64.35 -24.89 98.64
CA TRP I 192 64.11 -24.44 97.29
C TRP I 192 63.09 -23.31 97.18
N ALA I 193 63.40 -22.35 96.31
CA ALA I 193 62.40 -21.43 95.78
C ALA I 193 61.77 -22.14 94.57
N PHE I 194 60.54 -22.64 94.73
CA PHE I 194 59.83 -23.35 93.66
C PHE I 194 59.44 -22.32 92.61
N SER I 195 59.97 -22.47 91.40
CA SER I 195 59.67 -21.54 90.33
C SER I 195 58.59 -22.09 89.38
N SER I 196 58.06 -21.22 88.52
CA SER I 196 56.90 -21.59 87.69
C SER I 196 57.30 -22.58 86.59
N ALA I 197 56.39 -23.49 86.26
CA ALA I 197 56.62 -24.50 85.23
C ALA I 197 55.27 -25.01 84.79
N PRO I 198 55.18 -25.53 83.53
CA PRO I 198 53.90 -26.06 83.02
C PRO I 198 53.17 -27.00 83.99
N ARG I 199 53.88 -27.86 84.71
CA ARG I 199 53.20 -28.82 85.59
C ARG I 199 52.95 -28.31 87.03
N GLY I 200 53.26 -27.03 87.25
CA GLY I 200 53.02 -26.40 88.53
C GLY I 200 54.31 -25.91 89.16
N PRO I 201 54.21 -25.08 90.20
CA PRO I 201 55.41 -24.52 90.84
C PRO I 201 56.34 -25.62 91.34
N GLY I 202 57.62 -25.48 91.02
CA GLY I 202 58.63 -26.45 91.43
C GLY I 202 58.57 -27.77 90.69
N ALA I 203 57.73 -27.91 89.66
CA ALA I 203 57.60 -29.24 89.01
C ALA I 203 58.92 -29.76 88.47
N ILE I 204 59.76 -28.88 87.95
CA ILE I 204 61.03 -29.34 87.38
C ILE I 204 61.98 -29.98 88.41
N ILE I 205 62.18 -29.30 89.53
CA ILE I 205 63.08 -29.84 90.52
C ILE I 205 62.45 -31.03 91.24
N ARG I 206 61.12 -31.03 91.39
CA ARG I 206 60.42 -32.17 92.03
C ARG I 206 60.54 -33.41 91.14
N ASN I 207 60.34 -33.21 89.84
CA ASN I 207 60.48 -34.32 88.93
C ASN I 207 61.91 -34.81 88.73
N ALA I 208 62.87 -33.90 88.82
CA ALA I 208 64.28 -34.28 88.78
C ALA I 208 64.66 -35.08 90.03
N PHE I 209 64.27 -34.58 91.21
CA PHE I 209 64.52 -35.33 92.44
C PHE I 209 63.90 -36.72 92.29
N ALA I 210 62.66 -36.79 91.81
CA ALA I 210 62.02 -38.12 91.72
C ALA I 210 62.79 -39.09 90.80
N ARG I 211 63.18 -38.63 89.60
CA ARG I 211 63.83 -39.52 88.63
C ARG I 211 65.20 -39.98 89.13
N TYR I 212 65.86 -39.15 89.94
CA TYR I 212 67.18 -39.48 90.46
C TYR I 212 67.09 -40.27 91.77
N GLY I 213 65.87 -40.74 92.10
CA GLY I 213 65.65 -41.61 93.24
C GLY I 213 65.65 -40.93 94.61
N LEU I 214 65.49 -39.60 94.63
CA LEU I 214 65.51 -38.80 95.86
C LEU I 214 64.11 -38.55 96.41
N PRO I 215 64.00 -38.19 97.70
CA PRO I 215 62.72 -37.79 98.29
C PRO I 215 62.21 -36.49 97.65
N GLU I 216 61.03 -36.00 98.06
CA GLU I 216 60.56 -34.68 97.60
C GLU I 216 61.59 -33.62 98.01
N PRO I 217 61.85 -32.63 97.13
CA PRO I 217 62.71 -31.50 97.56
C PRO I 217 62.02 -30.68 98.63
N LYS I 218 62.81 -30.03 99.48
CA LYS I 218 62.26 -29.28 100.61
C LYS I 218 61.84 -27.93 100.13
N LEU I 219 60.58 -27.59 100.43
CA LEU I 219 60.02 -26.32 100.00
C LEU I 219 60.44 -25.18 100.93
N GLY I 220 61.15 -24.21 100.37
CA GLY I 220 61.53 -22.98 101.07
C GLY I 220 60.49 -21.92 100.85
N LEU I 221 60.20 -21.62 99.58
CA LEU I 221 59.07 -20.79 99.24
C LEU I 221 58.65 -21.03 97.83
N VAL I 222 57.50 -20.48 97.46
CA VAL I 222 57.03 -20.55 96.09
C VAL I 222 57.18 -19.15 95.49
N CYS I 223 57.93 -19.03 94.41
CA CYS I 223 58.09 -17.72 93.74
C CYS I 223 57.67 -17.84 92.28
N GLU I 224 56.42 -17.48 91.99
CA GLU I 224 55.90 -17.62 90.64
C GLU I 224 56.39 -16.51 89.72
N SER I 225 56.90 -15.43 90.30
CA SER I 225 57.42 -14.30 89.54
C SER I 225 58.89 -14.51 89.12
N PHE I 226 59.13 -14.62 87.82
CA PHE I 226 60.52 -14.69 87.37
C PHE I 226 61.23 -13.34 87.48
N LEU I 227 60.45 -12.27 87.50
CA LEU I 227 61.06 -10.96 87.70
C LEU I 227 61.73 -10.92 89.09
N ALA I 228 61.02 -11.43 90.08
CA ALA I 228 61.44 -11.34 91.50
C ALA I 228 62.49 -12.41 91.82
N LEU I 229 62.44 -13.52 91.08
CA LEU I 229 63.22 -14.71 91.48
C LEU I 229 64.76 -14.49 91.68
N PRO I 230 65.48 -13.90 90.69
CA PRO I 230 66.95 -13.79 90.87
C PRO I 230 67.34 -13.01 92.16
N GLY I 231 66.69 -11.89 92.41
CA GLY I 231 66.94 -11.12 93.64
C GLY I 231 66.60 -11.84 94.94
N VAL I 232 65.46 -12.55 94.96
CA VAL I 232 65.04 -13.35 96.14
C VAL I 232 66.12 -14.37 96.50
N VAL I 233 66.58 -15.08 95.47
CA VAL I 233 67.68 -16.03 95.60
C VAL I 233 69.00 -15.36 95.98
N ALA I 234 69.30 -14.20 95.38
CA ALA I 234 70.58 -13.53 95.64
C ALA I 234 70.69 -13.16 97.13
N HIS I 235 69.54 -12.92 97.75
CA HIS I 235 69.52 -12.48 99.15
C HIS I 235 69.06 -13.55 100.14
N SER I 236 69.21 -14.81 99.74
CA SER I 236 68.88 -15.95 100.59
C SER I 236 69.86 -17.13 100.40
N ASP I 237 69.59 -18.24 101.08
CA ASP I 237 70.34 -19.48 100.84
C ASP I 237 69.51 -20.48 100.02
N LEU I 238 68.40 -20.01 99.44
CA LEU I 238 67.56 -20.89 98.65
C LEU I 238 68.23 -21.19 97.34
N LEU I 239 68.01 -22.41 96.86
CA LEU I 239 68.32 -22.75 95.47
C LEU I 239 67.04 -22.66 94.63
N THR I 240 67.22 -22.45 93.33
CA THR I 240 66.08 -22.49 92.46
C THR I 240 66.45 -23.11 91.13
N THR I 241 65.47 -23.33 90.27
CA THR I 241 65.81 -23.60 88.88
C THR I 241 65.25 -22.46 88.06
N MET I 242 65.93 -22.11 86.99
CA MET I 242 65.47 -21.05 86.07
C MET I 242 66.03 -21.32 84.69
N PRO I 243 65.40 -20.76 83.65
CA PRO I 243 65.98 -20.84 82.31
C PRO I 243 67.36 -20.21 82.30
N ARG I 244 68.27 -20.78 81.51
CA ARG I 244 69.64 -20.25 81.41
C ARG I 244 69.65 -18.80 80.95
N THR I 245 68.73 -18.45 80.03
CA THR I 245 68.59 -17.08 79.60
C THR I 245 68.36 -16.11 80.75
N LEU I 246 67.51 -16.51 81.71
CA LEU I 246 67.28 -15.65 82.90
C LEU I 246 68.53 -15.55 83.78
N TYR I 247 69.23 -16.64 83.90
CA TYR I 247 70.51 -16.63 84.65
C TYR I 247 71.52 -15.65 84.01
N GLU I 248 71.56 -15.61 82.68
CA GLU I 248 72.47 -14.74 81.98
C GLU I 248 72.01 -13.29 81.97
N ARG I 249 70.71 -13.06 82.14
CA ARG I 249 70.12 -11.74 81.93
C ARG I 249 69.20 -11.37 83.10
N ASN I 250 69.81 -10.94 84.19
CA ASN I 250 69.02 -10.49 85.35
C ASN I 250 69.82 -9.41 86.08
N ALA I 251 69.21 -8.70 87.01
CA ALA I 251 69.88 -7.56 87.66
C ALA I 251 70.84 -7.94 88.78
N PHE I 252 70.90 -9.23 89.10
CA PHE I 252 71.65 -9.70 90.26
C PHE I 252 72.77 -10.65 89.86
N LYS I 253 73.28 -10.52 88.63
CA LYS I 253 74.28 -11.47 88.10
C LYS I 253 75.52 -11.57 88.95
N ASP I 254 76.03 -10.44 89.43
CA ASP I 254 77.19 -10.40 90.30
C ASP I 254 77.01 -11.16 91.60
N GLN I 255 75.76 -11.46 91.97
CA GLN I 255 75.47 -12.07 93.27
C GLN I 255 74.99 -13.52 93.20
N LEU I 256 75.08 -14.12 92.01
CA LEU I 256 74.51 -15.43 91.76
C LEU I 256 75.55 -16.32 91.07
N CYS I 257 75.45 -17.62 91.32
CA CYS I 257 76.26 -18.58 90.61
C CYS I 257 75.42 -19.76 90.28
N SER I 258 75.49 -20.21 89.03
CA SER I 258 74.84 -21.49 88.69
C SER I 258 75.70 -22.62 89.28
N ILE I 259 75.06 -23.76 89.52
CA ILE I 259 75.73 -24.94 90.04
C ILE I 259 75.70 -25.98 88.93
N PRO I 260 76.81 -26.12 88.20
CA PRO I 260 76.89 -27.02 87.04
C PRO I 260 77.03 -28.50 87.40
N LEU I 261 75.91 -29.14 87.73
CA LEU I 261 75.91 -30.56 88.09
C LEU I 261 76.32 -31.44 86.91
N GLN I 262 76.99 -32.56 87.20
CA GLN I 262 77.15 -33.59 86.20
C GLN I 262 75.88 -34.42 85.95
N ASP I 263 74.87 -34.27 86.81
CA ASP I 263 73.58 -34.90 86.60
C ASP I 263 72.75 -34.02 85.69
N ALA I 264 72.27 -34.59 84.58
CA ALA I 264 71.57 -33.78 83.60
C ALA I 264 70.19 -33.35 84.06
N LEU I 265 69.80 -32.12 83.71
CA LEU I 265 68.43 -31.62 83.90
C LEU I 265 67.75 -31.57 82.54
N PRO I 266 66.41 -31.49 82.50
CA PRO I 266 65.69 -31.47 81.22
C PRO I 266 65.93 -30.20 80.42
N ASN I 267 65.61 -30.27 79.14
CA ASN I 267 65.70 -29.10 78.29
C ASN I 267 64.30 -28.85 77.81
N PRO I 268 63.54 -27.97 78.49
CA PRO I 268 62.16 -27.77 78.09
C PRO I 268 62.06 -27.15 76.71
N THR I 269 61.17 -27.71 75.90
CA THR I 269 60.90 -27.16 74.57
C THR I 269 59.89 -26.04 74.66
N ILE I 270 60.30 -24.89 74.14
CA ILE I 270 59.42 -23.74 74.01
C ILE I 270 58.65 -23.83 72.68
N TYR I 271 57.33 -23.74 72.74
CA TYR I 271 56.47 -23.85 71.55
C TYR I 271 55.74 -22.58 71.26
N VAL I 272 55.39 -22.41 69.99
CA VAL I 272 54.35 -21.47 69.57
C VAL I 272 53.01 -22.23 69.69
N LEU I 273 52.14 -21.77 70.61
CA LEU I 273 50.83 -22.40 70.82
C LEU I 273 49.72 -21.49 70.33
N ARG I 274 48.66 -22.09 69.77
CA ARG I 274 47.47 -21.36 69.32
C ARG I 274 46.36 -22.31 68.91
N ARG I 275 45.15 -21.79 68.76
CA ARG I 275 44.03 -22.61 68.31
C ARG I 275 44.24 -23.02 66.86
N HIS I 276 44.12 -24.31 66.55
CA HIS I 276 44.33 -24.76 65.16
C HIS I 276 43.27 -24.27 64.19
N ASP I 277 42.03 -24.15 64.66
CA ASP I 277 40.91 -23.73 63.82
C ASP I 277 40.97 -22.25 63.39
N LEU I 278 41.76 -21.45 64.09
CA LEU I 278 41.74 -19.99 64.00
C LEU I 278 42.76 -19.42 62.98
N PRO I 279 42.28 -18.68 61.96
CA PRO I 279 43.15 -18.07 60.95
C PRO I 279 44.19 -17.09 61.55
N VAL I 280 45.36 -17.03 60.94
CA VAL I 280 46.49 -16.24 61.47
C VAL I 280 46.75 -15.05 60.54
N THR I 281 46.89 -13.85 61.11
CA THR I 281 47.17 -12.67 60.29
C THR I 281 48.58 -12.77 59.67
N PRO I 282 48.80 -12.10 58.52
CA PRO I 282 50.15 -11.99 57.96
C PRO I 282 51.20 -11.44 58.97
N ALA I 283 50.81 -10.42 59.72
CA ALA I 283 51.70 -9.79 60.69
C ALA I 283 52.08 -10.77 61.79
N ALA I 284 51.09 -11.52 62.30
CA ALA I 284 51.35 -12.52 63.32
C ALA I 284 52.29 -13.57 62.76
N ALA I 285 52.01 -14.02 61.55
CA ALA I 285 52.93 -14.93 60.87
C ALA I 285 54.34 -14.33 60.77
N GLY I 286 54.43 -13.05 60.38
CA GLY I 286 55.72 -12.37 60.24
C GLY I 286 56.48 -12.23 61.55
N LEU I 287 55.74 -11.93 62.62
CA LEU I 287 56.36 -11.83 63.95
C LEU I 287 56.92 -13.16 64.41
N ILE I 288 56.18 -14.24 64.17
CA ILE I 288 56.61 -15.56 64.58
C ILE I 288 57.86 -15.93 63.77
N ARG I 289 57.89 -15.56 62.49
CA ARG I 289 59.09 -15.79 61.68
C ARG I 289 60.30 -15.06 62.27
N TRP I 290 60.13 -13.79 62.63
CA TRP I 290 61.21 -13.02 63.26
C TRP I 290 61.67 -13.59 64.60
N ILE I 291 60.71 -14.03 65.42
CA ILE I 291 61.03 -14.69 66.70
C ILE I 291 61.82 -15.98 66.46
N GLN I 292 61.37 -16.80 65.51
CA GLN I 292 62.09 -18.00 65.11
C GLN I 292 63.53 -17.67 64.66
N HIS I 293 63.69 -16.63 63.84
CA HIS I 293 65.00 -16.22 63.34
C HIS I 293 65.97 -15.91 64.48
N HIS I 294 65.48 -15.22 65.50
CA HIS I 294 66.29 -14.85 66.63
C HIS I 294 66.32 -15.89 67.75
N ALA I 295 65.65 -17.03 67.58
CA ALA I 295 65.68 -18.11 68.60
C ALA I 295 66.54 -19.32 68.18
N LEU I 296 67.73 -19.00 67.69
CA LEU I 296 68.73 -20.00 67.30
C LEU I 296 70.09 -19.34 67.45
N MET J 1 38.02 -9.33 40.97
CA MET J 1 36.60 -9.04 40.67
C MET J 1 35.73 -10.25 41.01
N LEU J 2 34.57 -10.00 41.62
CA LEU J 2 33.61 -11.04 41.98
C LEU J 2 33.06 -11.82 40.78
N LYS J 3 32.81 -13.12 41.00
CA LYS J 3 32.18 -13.99 40.00
C LYS J 3 30.81 -14.49 40.51
N LEU J 4 29.75 -14.26 39.72
CA LEU J 4 28.35 -14.51 40.14
C LEU J 4 28.10 -15.95 40.58
N GLN J 5 28.64 -16.93 39.84
CA GLN J 5 28.51 -18.33 40.19
C GLN J 5 29.06 -18.63 41.59
N THR J 6 30.17 -17.97 41.93
CA THR J 6 30.76 -18.20 43.24
C THR J 6 29.89 -17.61 44.35
N LEU J 7 29.24 -16.48 44.08
CA LEU J 7 28.31 -15.93 45.08
C LEU J 7 27.18 -16.90 45.38
N GLN J 8 26.63 -17.47 44.32
CA GLN J 8 25.56 -18.46 44.47
C GLN J 8 26.05 -19.65 45.27
N ALA J 9 27.30 -20.07 45.00
CA ALA J 9 27.88 -21.20 45.70
C ALA J 9 28.03 -20.92 47.20
N LEU J 10 28.43 -19.70 47.52
CA LEU J 10 28.58 -19.29 48.91
C LEU J 10 27.25 -19.26 49.66
N ILE J 11 26.21 -18.77 49.00
CA ILE J 11 24.86 -18.80 49.56
C ILE J 11 24.43 -20.24 49.84
N CYS J 12 24.66 -21.14 48.88
CA CYS J 12 24.35 -22.56 49.08
C CYS J 12 25.13 -23.13 50.25
N ILE J 13 26.43 -22.81 50.34
CA ILE J 13 27.26 -23.28 51.47
C ILE J 13 26.66 -22.85 52.82
N GLU J 14 26.28 -21.58 52.91
CA GLU J 14 25.64 -21.01 54.09
C GLU J 14 24.33 -21.72 54.45
N GLU J 15 23.52 -22.03 53.43
CA GLU J 15 22.25 -22.73 53.62
C GLU J 15 22.40 -24.09 54.30
N VAL J 16 23.44 -24.84 53.89
CA VAL J 16 23.57 -26.24 54.30
C VAL J 16 24.69 -26.52 55.32
N GLY J 17 25.62 -25.57 55.48
CA GLY J 17 26.63 -25.63 56.53
C GLY J 17 27.84 -26.54 56.32
N SER J 18 27.98 -27.11 55.12
CA SER J 18 29.13 -27.96 54.83
C SER J 18 29.60 -27.73 53.39
N LEU J 19 30.89 -27.89 53.14
CA LEU J 19 31.42 -27.87 51.78
C LEU J 19 30.92 -29.09 51.01
N ARG J 20 31.08 -30.28 51.62
CA ARG J 20 30.65 -31.54 51.03
C ARG J 20 29.16 -31.56 50.70
N ALA J 21 28.34 -31.06 51.61
CA ALA J 21 26.89 -31.00 51.43
C ALA J 21 26.48 -30.04 50.31
N ALA J 22 27.19 -28.90 50.23
CA ALA J 22 26.94 -27.90 49.19
C ALA J 22 27.36 -28.43 47.82
N ALA J 23 28.58 -28.99 47.75
CA ALA J 23 29.11 -29.56 46.51
C ALA J 23 28.13 -30.55 45.86
N GLN J 24 27.50 -31.39 46.68
CA GLN J 24 26.49 -32.35 46.21
C GLN J 24 25.35 -31.63 45.50
N LEU J 25 24.82 -30.58 46.14
CA LEU J 25 23.70 -29.82 45.62
C LEU J 25 24.02 -29.11 44.31
N LEU J 26 25.23 -28.57 44.20
CA LEU J 26 25.64 -27.79 43.03
C LEU J 26 26.23 -28.66 41.91
N HIS J 27 26.20 -29.98 42.09
CA HIS J 27 26.75 -30.92 41.11
C HIS J 27 28.21 -30.60 40.78
N LEU J 28 29.03 -30.49 41.82
CA LEU J 28 30.43 -30.14 41.64
C LEU J 28 31.35 -30.98 42.50
N SER J 29 32.60 -31.10 42.04
CA SER J 29 33.66 -31.76 42.78
C SER J 29 33.89 -31.08 44.14
N GLN J 30 34.01 -31.91 45.16
CA GLN J 30 34.27 -31.47 46.53
C GLN J 30 35.47 -30.53 46.68
N PRO J 31 36.55 -30.76 45.90
CA PRO J 31 37.61 -29.74 45.81
C PRO J 31 37.31 -28.57 44.86
N ALA J 32 36.53 -28.81 43.81
CA ALA J 32 36.22 -27.75 42.83
C ALA J 32 35.51 -26.58 43.49
N LEU J 33 34.58 -26.88 44.40
CA LEU J 33 33.91 -25.87 45.20
C LEU J 33 34.94 -25.04 45.99
N SER J 34 35.84 -25.73 46.69
CA SER J 34 36.91 -25.05 47.44
C SER J 34 37.76 -24.13 46.58
N ALA J 35 38.17 -24.60 45.40
CA ALA J 35 38.90 -23.78 44.43
C ALA J 35 38.22 -22.43 44.19
N ALA J 36 36.92 -22.48 43.90
CA ALA J 36 36.11 -21.29 43.64
C ALA J 36 36.02 -20.38 44.87
N ILE J 37 35.72 -20.98 46.02
CA ILE J 37 35.62 -20.20 47.26
C ILE J 37 36.98 -19.59 47.61
N GLN J 38 38.03 -20.41 47.54
CA GLN J 38 39.39 -19.95 47.82
C GLN J 38 39.78 -18.80 46.88
N GLN J 39 39.29 -18.85 45.64
CA GLN J 39 39.51 -17.79 44.67
C GLN J 39 38.91 -16.48 45.14
N LEU J 40 37.67 -16.56 45.62
CA LEU J 40 37.01 -15.38 46.14
C LEU J 40 37.72 -14.83 47.39
N GLU J 41 38.14 -15.73 48.28
CA GLU J 41 38.84 -15.33 49.49
C GLU J 41 40.22 -14.75 49.19
N ASP J 42 40.96 -15.44 48.31
CA ASP J 42 42.34 -15.03 47.98
C ASP J 42 42.31 -13.61 47.45
N GLU J 43 41.33 -13.32 46.61
CA GLU J 43 41.23 -11.99 46.03
C GLU J 43 40.73 -10.92 46.99
N LEU J 44 39.66 -11.22 47.75
CA LEU J 44 39.19 -10.31 48.81
C LEU J 44 40.24 -10.09 49.88
N LYS J 45 41.25 -10.97 49.87
CA LYS J 45 42.29 -11.04 50.88
C LYS J 45 41.69 -11.13 52.28
N ALA J 46 40.57 -11.85 52.39
CA ALA J 46 39.90 -12.07 53.66
C ALA J 46 39.24 -13.45 53.65
N PRO J 47 39.39 -14.19 54.76
CA PRO J 47 38.73 -15.48 54.91
C PRO J 47 37.20 -15.31 55.07
N LEU J 48 36.41 -16.07 54.31
CA LEU J 48 34.95 -15.98 54.41
C LEU J 48 34.34 -17.10 55.23
N LEU J 49 35.04 -18.22 55.27
CA LEU J 49 34.58 -19.41 55.97
C LEU J 49 35.58 -19.90 56.99
N VAL J 50 35.06 -20.58 58.01
CA VAL J 50 35.88 -21.28 58.99
C VAL J 50 35.37 -22.70 59.17
N ARG J 51 36.31 -23.65 59.18
CA ARG J 51 35.98 -25.05 59.49
C ARG J 51 35.52 -25.18 60.94
N THR J 52 34.31 -25.72 61.13
CA THR J 52 33.80 -26.05 62.46
C THR J 52 33.65 -27.56 62.61
N LYS J 53 33.26 -28.02 63.80
CA LYS J 53 32.96 -29.43 64.00
C LYS J 53 31.80 -29.86 63.10
N ARG J 54 30.83 -28.97 62.93
CA ARG J 54 29.63 -29.27 62.15
C ARG J 54 29.75 -28.95 60.65
N GLY J 55 30.91 -28.43 60.24
CA GLY J 55 31.18 -28.18 58.81
C GLY J 55 31.96 -26.90 58.59
N VAL J 56 31.31 -25.92 57.99
CA VAL J 56 31.86 -24.58 57.89
C VAL J 56 30.88 -23.55 58.42
N SER J 57 31.43 -22.44 58.90
CA SER J 57 30.64 -21.30 59.33
C SER J 57 31.24 -20.06 58.68
N LEU J 58 30.45 -18.99 58.52
CA LEU J 58 30.98 -17.73 58.01
C LEU J 58 31.79 -17.03 59.08
N THR J 59 32.93 -16.48 58.65
CA THR J 59 33.70 -15.55 59.48
C THR J 59 32.90 -14.25 59.61
N SER J 60 33.40 -13.31 60.41
CA SER J 60 32.85 -11.95 60.46
C SER J 60 32.79 -11.36 59.05
N PHE J 61 33.87 -11.54 58.28
CA PHE J 61 33.90 -11.03 56.90
C PHE J 61 32.81 -11.68 56.05
N GLY J 62 32.67 -13.01 56.17
CA GLY J 62 31.60 -13.75 55.49
C GLY J 62 30.17 -13.30 55.82
N GLN J 63 29.91 -13.06 57.10
CA GLN J 63 28.59 -12.60 57.51
C GLN J 63 28.27 -11.24 56.90
N ALA J 64 29.23 -10.32 56.94
CA ALA J 64 29.10 -8.99 56.33
C ALA J 64 28.88 -9.07 54.82
N PHE J 65 29.63 -9.94 54.17
CA PHE J 65 29.56 -10.12 52.72
C PHE J 65 28.23 -10.74 52.24
N MET J 66 27.64 -11.60 53.04
CA MET J 66 26.40 -12.29 52.65
C MET J 66 25.25 -11.38 52.24
N LYS J 67 25.04 -10.27 52.96
CA LYS J 67 23.91 -9.40 52.61
C LYS J 67 24.09 -8.85 51.19
N HIS J 68 25.34 -8.50 50.86
CA HIS J 68 25.68 -8.05 49.50
C HIS J 68 25.55 -9.18 48.48
N ALA J 69 26.08 -10.36 48.79
CA ALA J 69 25.96 -11.53 47.91
C ALA J 69 24.51 -11.84 47.53
N ARG J 70 23.64 -11.86 48.55
CA ARG J 70 22.23 -12.17 48.36
C ARG J 70 21.53 -11.14 47.49
N LEU J 71 21.82 -9.86 47.72
CA LEU J 71 21.19 -8.80 46.89
C LEU J 71 21.65 -8.91 45.44
N ILE J 72 22.96 -9.09 45.26
CA ILE J 72 23.52 -9.31 43.91
C ILE J 72 22.89 -10.50 43.19
N VAL J 73 22.85 -11.65 43.83
CA VAL J 73 22.27 -12.85 43.23
C VAL J 73 20.76 -12.69 42.95
N THR J 74 20.02 -12.20 43.93
CA THR J 74 18.57 -12.05 43.74
C THR J 74 18.21 -10.97 42.69
N GLU J 75 18.96 -9.86 42.68
CA GLU J 75 18.79 -8.83 41.62
C GLU J 75 19.12 -9.36 40.25
N SER J 76 20.18 -10.18 40.13
CA SER J 76 20.52 -10.78 38.84
C SER J 76 19.37 -11.69 38.36
N ARG J 77 18.77 -12.45 39.28
CA ARG J 77 17.65 -13.32 38.93
C ARG J 77 16.43 -12.48 38.56
N ARG J 78 16.12 -11.46 39.34
CA ARG J 78 14.97 -10.57 38.99
C ARG J 78 15.17 -9.86 37.65
N ALA J 79 16.41 -9.46 37.34
CA ALA J 79 16.72 -8.84 36.03
C ALA J 79 16.30 -9.78 34.90
N GLN J 80 16.73 -11.04 34.98
CA GLN J 80 16.42 -12.05 33.96
C GLN J 80 14.94 -12.31 33.88
N GLU J 81 14.29 -12.43 35.06
CA GLU J 81 12.85 -12.74 35.07
C GLU J 81 12.04 -11.62 34.48
N GLU J 82 12.39 -10.39 34.83
CA GLU J 82 11.72 -9.23 34.27
C GLU J 82 11.80 -9.20 32.75
N ILE J 83 13.01 -9.41 32.22
CA ILE J 83 13.17 -9.43 30.75
C ILE J 83 12.27 -10.47 30.08
N GLY J 84 12.21 -11.67 30.68
CA GLY J 84 11.29 -12.71 30.21
C GLY J 84 9.85 -12.24 30.23
N GLN J 85 9.44 -11.62 31.34
CA GLN J 85 8.08 -11.13 31.46
C GLN J 85 7.76 -10.03 30.43
N LEU J 86 8.74 -9.16 30.18
CA LEU J 86 8.54 -8.11 29.18
C LEU J 86 8.36 -8.69 27.78
N ARG J 87 8.83 -9.91 27.56
CA ARG J 87 8.58 -10.63 26.29
C ARG J 87 7.36 -11.54 26.33
N GLY J 88 6.62 -11.47 27.44
CA GLY J 88 5.39 -12.26 27.59
C GLY J 88 5.62 -13.70 28.00
N ARG J 89 6.84 -14.00 28.48
CA ARG J 89 7.12 -15.27 29.14
C ARG J 89 6.96 -15.04 30.65
N TRP J 90 5.76 -15.35 31.14
CA TRP J 90 5.37 -15.04 32.51
C TRP J 90 5.79 -16.18 33.42
N GLU J 91 7.09 -16.22 33.67
CA GLU J 91 7.68 -17.17 34.56
C GLU J 91 8.52 -16.37 35.53
N GLY J 92 8.62 -16.14 36.66
CA GLY J 92 9.41 -15.53 37.71
C GLY J 92 8.93 -15.99 39.07
N HIS J 93 9.43 -15.31 40.10
CA HIS J 93 9.18 -15.69 41.47
C HIS J 93 8.83 -14.43 42.21
N ILE J 94 7.91 -14.56 43.15
CA ILE J 94 7.64 -13.48 44.07
C ILE J 94 7.61 -14.13 45.45
N THR J 95 8.34 -13.54 46.39
CA THR J 95 8.33 -14.05 47.78
C THR J 95 7.89 -12.92 48.68
N PHE J 96 6.87 -13.15 49.51
CA PHE J 96 6.35 -12.07 50.36
C PHE J 96 5.80 -12.59 51.70
N ALA J 97 5.64 -11.69 52.67
CA ALA J 97 5.15 -12.05 54.00
C ALA J 97 3.83 -11.35 54.22
N ALA J 98 2.94 -11.96 55.01
CA ALA J 98 1.66 -11.32 55.33
C ALA J 98 1.28 -11.47 56.80
N SER J 99 0.53 -10.47 57.28
CA SER J 99 -0.03 -10.43 58.63
C SER J 99 -1.40 -11.15 58.69
N PRO J 100 -1.92 -11.45 59.91
CA PRO J 100 -3.12 -12.28 60.03
C PRO J 100 -4.37 -11.73 59.39
N ALA J 101 -4.67 -10.45 59.55
CA ALA J 101 -5.89 -9.91 58.91
C ALA J 101 -5.87 -10.05 57.38
N ILE J 102 -4.72 -9.77 56.78
CA ILE J 102 -4.52 -9.92 55.33
C ILE J 102 -4.60 -11.40 54.92
N ALA J 103 -3.88 -12.26 55.64
CA ALA J 103 -3.77 -13.68 55.28
C ALA J 103 -5.12 -14.38 55.28
N LEU J 104 -6.02 -13.94 56.17
CA LEU J 104 -7.30 -14.62 56.36
C LEU J 104 -8.46 -14.10 55.54
N ALA J 105 -8.32 -12.93 54.93
CA ALA J 105 -9.45 -12.36 54.24
C ALA J 105 -9.03 -11.98 52.84
N ALA J 106 -8.14 -11.00 52.71
CA ALA J 106 -7.72 -10.51 51.38
C ALA J 106 -6.89 -11.51 50.58
N LEU J 107 -6.01 -12.23 51.26
CA LEU J 107 -5.04 -13.04 50.56
C LEU J 107 -5.60 -14.22 49.75
N PRO J 108 -6.55 -15.02 50.29
CA PRO J 108 -7.08 -16.14 49.49
C PRO J 108 -7.73 -15.68 48.19
N LEU J 109 -8.47 -14.57 48.24
CA LEU J 109 -9.11 -14.03 47.05
C LEU J 109 -8.07 -13.41 46.11
N ALA J 110 -7.08 -12.71 46.67
CA ALA J 110 -6.08 -12.03 45.82
C ALA J 110 -5.18 -13.03 45.13
N LEU J 111 -4.76 -14.08 45.83
CA LEU J 111 -3.88 -15.06 45.19
C LEU J 111 -4.60 -15.78 44.07
N ALA J 112 -5.89 -16.11 44.30
CA ALA J 112 -6.72 -16.74 43.26
C ALA J 112 -6.82 -15.84 42.04
N SER J 113 -7.05 -14.54 42.28
CA SER J 113 -7.17 -13.59 41.14
C SER J 113 -5.85 -13.42 40.40
N PHE J 114 -4.78 -13.26 41.15
CA PHE J 114 -3.45 -13.18 40.58
C PHE J 114 -3.09 -14.41 39.76
N ALA J 115 -3.38 -15.61 40.28
CA ALA J 115 -3.07 -16.85 39.58
C ALA J 115 -3.83 -16.99 38.25
N ARG J 116 -5.08 -16.53 38.21
CA ARG J 116 -5.84 -16.49 36.96
C ARG J 116 -5.19 -15.57 35.92
N GLU J 117 -4.67 -14.43 36.35
CA GLU J 117 -4.05 -13.50 35.41
C GLU J 117 -2.60 -13.86 35.06
N PHE J 118 -1.84 -14.37 36.02
CA PHE J 118 -0.42 -14.68 35.79
C PHE J 118 -0.16 -16.12 36.24
N PRO J 119 -0.67 -17.10 35.45
CA PRO J 119 -0.60 -18.51 35.84
C PRO J 119 0.80 -19.10 36.00
N ASP J 120 1.80 -18.52 35.34
CA ASP J 120 3.14 -19.11 35.36
C ASP J 120 4.15 -18.46 36.34
N VAL J 121 3.70 -17.52 37.16
CA VAL J 121 4.58 -16.92 38.18
C VAL J 121 4.51 -17.76 39.45
N THR J 122 5.67 -18.02 40.05
CA THR J 122 5.75 -18.82 41.28
C THR J 122 5.74 -17.92 42.49
N VAL J 123 4.75 -18.11 43.35
CA VAL J 123 4.54 -17.25 44.51
C VAL J 123 4.86 -18.05 45.76
N ASN J 124 5.57 -17.41 46.68
CA ASN J 124 5.93 -18.02 47.97
C ASN J 124 5.42 -17.08 49.07
N VAL J 125 4.48 -17.57 49.88
CA VAL J 125 3.93 -16.73 50.95
C VAL J 125 4.29 -17.24 52.33
N ARG J 126 4.66 -16.33 53.20
CA ARG J 126 5.00 -16.71 54.56
C ARG J 126 4.37 -15.75 55.53
N ASP J 127 4.39 -16.11 56.82
CA ASP J 127 4.04 -15.14 57.87
C ASP J 127 5.16 -14.15 58.04
N GLY J 128 4.83 -12.95 58.47
CA GLY J 128 5.88 -12.01 58.80
C GLY J 128 5.33 -10.74 59.39
N MET J 129 6.16 -10.10 60.21
CA MET J 129 5.80 -8.83 60.84
C MET J 129 6.98 -7.87 60.84
N TYR J 130 6.69 -6.57 60.74
CA TYR J 130 7.70 -5.53 60.94
C TYR J 130 7.98 -5.42 62.45
N PRO J 131 9.25 -5.22 62.85
CA PRO J 131 10.48 -5.05 62.04
C PRO J 131 11.24 -6.33 61.72
N ALA J 132 10.74 -7.49 62.14
CA ALA J 132 11.47 -8.76 61.87
C ALA J 132 11.77 -8.93 60.39
N VAL J 133 10.86 -8.46 59.54
CA VAL J 133 11.04 -8.64 58.09
C VAL J 133 12.14 -7.75 57.47
N SER J 134 12.61 -6.73 58.19
CA SER J 134 13.45 -5.68 57.57
C SER J 134 14.73 -6.19 56.89
N PRO J 135 15.47 -7.11 57.55
CA PRO J 135 16.72 -7.59 56.92
C PRO J 135 16.51 -8.36 55.61
N GLN J 136 15.39 -9.09 55.52
CA GLN J 136 14.99 -9.83 54.32
C GLN J 136 14.47 -8.92 53.22
N LEU J 137 13.82 -7.82 53.58
CA LEU J 137 13.55 -6.78 52.58
C LEU J 137 14.90 -6.20 52.07
N ARG J 138 15.85 -5.98 52.97
CA ARG J 138 17.10 -5.28 52.56
C ARG J 138 18.01 -6.12 51.70
N ASP J 139 18.03 -7.44 51.94
CA ASP J 139 18.95 -8.33 51.19
C ASP J 139 18.27 -8.92 49.96
N GLY J 140 17.02 -8.50 49.70
CA GLY J 140 16.24 -8.94 48.52
C GLY J 140 15.62 -10.32 48.54
N THR J 141 15.76 -11.03 49.67
CA THR J 141 15.14 -12.37 49.77
C THR J 141 13.60 -12.34 49.97
N LEU J 142 13.07 -11.23 50.47
CA LEU J 142 11.64 -11.00 50.61
C LEU J 142 11.30 -9.80 49.73
N ASP J 143 10.38 -9.95 48.78
CA ASP J 143 10.09 -8.84 47.84
C ASP J 143 9.21 -7.74 48.44
N PHE J 144 8.32 -8.12 49.35
CA PHE J 144 7.57 -7.15 50.11
C PHE J 144 6.95 -7.81 51.33
N ALA J 145 6.55 -6.99 52.31
CA ALA J 145 5.80 -7.50 53.47
C ALA J 145 4.52 -6.72 53.69
N LEU J 146 3.43 -7.42 53.99
CA LEU J 146 2.15 -6.79 54.24
C LEU J 146 1.93 -6.86 55.75
N THR J 147 2.17 -5.75 56.43
CA THR J 147 2.33 -5.83 57.87
C THR J 147 1.90 -4.54 58.49
N ALA J 148 1.43 -4.60 59.74
CA ALA J 148 1.22 -3.36 60.49
C ALA J 148 2.56 -2.70 60.78
N ALA J 149 2.53 -1.36 60.91
CA ALA J 149 3.71 -0.57 61.26
C ALA J 149 3.21 0.81 61.64
N HIS J 150 4.04 1.54 62.37
CA HIS J 150 3.76 2.93 62.67
C HIS J 150 4.55 3.78 61.69
N LYS J 151 3.79 4.49 60.86
CA LYS J 151 4.28 5.47 59.88
C LYS J 151 5.64 6.08 60.26
N HIS J 152 5.66 6.77 61.39
CA HIS J 152 6.82 7.57 61.80
C HIS J 152 8.06 6.76 62.13
N ASP J 153 7.88 5.50 62.50
CA ASP J 153 8.94 4.64 62.99
C ASP J 153 9.83 4.11 61.86
N ILE J 154 9.18 3.80 60.73
CA ILE J 154 9.77 2.99 59.65
C ILE J 154 11.10 3.55 59.17
N ASP J 155 12.09 2.66 59.07
CA ASP J 155 13.42 3.02 58.62
C ASP J 155 13.38 3.74 57.27
N THR J 156 14.28 4.71 57.11
CA THR J 156 14.27 5.61 55.98
C THR J 156 14.50 4.98 54.59
N ASP J 157 15.18 3.84 54.54
CA ASP J 157 15.44 3.15 53.27
C ASP J 157 14.27 2.26 52.83
N LEU J 158 13.23 2.19 53.67
CA LEU J 158 12.01 1.44 53.36
C LEU J 158 10.89 2.36 52.86
N GLU J 159 10.03 1.81 52.01
CA GLU J 159 8.87 2.51 51.49
C GLU J 159 7.64 1.81 52.08
N ALA J 160 6.63 2.57 52.45
CA ALA J 160 5.42 1.99 53.10
C ALA J 160 4.16 2.50 52.44
N GLN J 161 3.45 1.66 51.69
CA GLN J 161 2.19 2.10 51.08
C GLN J 161 0.99 1.56 51.84
N PRO J 162 0.07 2.45 52.27
CA PRO J 162 -1.05 1.95 53.10
C PRO J 162 -1.92 0.92 52.38
N LEU J 163 -2.30 -0.15 53.08
CA LEU J 163 -3.05 -1.24 52.49
C LEU J 163 -4.44 -1.41 53.13
N TYR J 164 -4.50 -1.40 54.47
CA TYR J 164 -5.78 -1.71 55.14
C TYR J 164 -5.75 -1.09 56.53
N VAL J 165 -6.86 -0.51 56.99
CA VAL J 165 -6.92 -0.07 58.39
C VAL J 165 -7.67 -1.14 59.18
N SER J 166 -6.95 -1.83 60.08
CA SER J 166 -7.56 -2.95 60.79
C SER J 166 -8.34 -2.49 62.05
N ASP J 167 -9.01 -3.44 62.70
CA ASP J 167 -9.88 -3.22 63.87
C ASP J 167 -9.34 -4.19 64.90
N VAL J 168 -9.12 -3.73 66.12
CA VAL J 168 -8.63 -4.56 67.23
C VAL J 168 -9.84 -4.82 68.13
N VAL J 169 -10.03 -6.07 68.54
CA VAL J 169 -11.04 -6.39 69.57
C VAL J 169 -10.39 -7.14 70.70
N ILE J 170 -11.02 -7.09 71.86
CA ILE J 170 -10.54 -7.84 73.01
C ILE J 170 -11.45 -9.05 73.10
N VAL J 171 -10.84 -10.22 73.27
CA VAL J 171 -11.53 -11.49 73.15
C VAL J 171 -11.27 -12.35 74.38
N GLY J 172 -12.30 -13.04 74.87
CA GLY J 172 -12.10 -14.08 75.92
C GLY J 172 -12.94 -15.32 75.63
N GLN J 173 -12.84 -16.35 76.47
CA GLN J 173 -13.72 -17.53 76.28
C GLN J 173 -15.18 -17.08 76.44
N ARG J 174 -16.11 -17.83 75.85
CA ARG J 174 -17.54 -17.43 75.82
C ARG J 174 -18.18 -17.13 77.19
N GLN J 175 -17.73 -17.82 78.23
CA GLN J 175 -18.35 -17.73 79.56
C GLN J 175 -17.39 -17.03 80.51
N HIS J 176 -16.52 -16.19 79.96
CA HIS J 176 -15.52 -15.45 80.74
C HIS J 176 -16.21 -14.62 81.83
N PRO J 177 -15.59 -14.54 83.05
CA PRO J 177 -16.13 -13.70 84.14
C PRO J 177 -16.46 -12.28 83.68
N MET J 178 -15.63 -11.73 82.80
CA MET J 178 -15.81 -10.36 82.31
C MET J 178 -16.41 -10.30 80.90
N ALA J 179 -17.10 -11.36 80.47
CA ALA J 179 -17.68 -11.41 79.14
C ALA J 179 -18.63 -10.23 78.85
N ASN J 180 -19.30 -9.75 79.90
CA ASN J 180 -20.28 -8.66 79.80
C ASN J 180 -19.74 -7.27 80.16
N ALA J 181 -18.42 -7.14 80.28
CA ALA J 181 -17.80 -5.86 80.64
C ALA J 181 -17.93 -4.84 79.50
N THR J 182 -18.03 -3.57 79.85
CA THR J 182 -18.15 -2.52 78.83
C THR J 182 -17.05 -1.45 78.95
N ARG J 183 -16.20 -1.54 79.97
CA ARG J 183 -15.12 -0.54 80.15
C ARG J 183 -13.79 -1.22 80.36
N LEU J 184 -12.74 -0.68 79.75
CA LEU J 184 -11.41 -1.27 79.90
C LEU J 184 -10.96 -1.39 81.37
N ALA J 185 -11.33 -0.41 82.19
CA ALA J 185 -11.02 -0.45 83.65
C ALA J 185 -11.51 -1.75 84.32
N GLU J 186 -12.62 -2.30 83.85
CA GLU J 186 -13.18 -3.51 84.45
C GLU J 186 -12.30 -4.74 84.25
N LEU J 187 -11.37 -4.63 83.30
CA LEU J 187 -10.47 -5.70 82.93
C LEU J 187 -9.09 -5.59 83.61
N GLN J 188 -8.92 -4.60 84.49
CA GLN J 188 -7.58 -4.30 85.06
C GLN J 188 -6.88 -5.48 85.73
N GLU J 189 -7.67 -6.36 86.33
CA GLU J 189 -7.13 -7.48 87.12
C GLU J 189 -7.06 -8.77 86.33
N CYS J 190 -7.54 -8.74 85.08
CA CYS J 190 -7.51 -9.92 84.23
C CYS J 190 -6.10 -10.22 83.81
N ARG J 191 -5.87 -11.48 83.43
CA ARG J 191 -4.59 -11.92 82.87
C ARG J 191 -4.70 -12.02 81.37
N TRP J 192 -3.61 -11.64 80.68
CA TRP J 192 -3.58 -11.44 79.24
C TRP J 192 -2.62 -12.38 78.55
N ALA J 193 -3.05 -12.89 77.41
CA ALA J 193 -2.14 -13.48 76.45
C ALA J 193 -1.67 -12.35 75.54
N PHE J 194 -0.41 -11.96 75.71
CA PHE J 194 0.21 -10.89 74.93
C PHE J 194 0.45 -11.40 73.53
N SER J 195 -0.20 -10.75 72.59
CA SER J 195 -0.09 -11.17 71.21
C SER J 195 0.92 -10.28 70.49
N SER J 196 1.37 -10.70 69.31
CA SER J 196 2.44 -9.99 68.57
C SER J 196 2.03 -8.64 68.01
N ALA J 197 2.97 -7.70 67.98
CA ALA J 197 2.72 -6.33 67.47
C ALA J 197 4.05 -5.71 67.09
N PRO J 198 4.05 -4.74 66.13
CA PRO J 198 5.31 -4.14 65.68
C PRO J 198 6.18 -3.64 66.84
N ARG J 199 5.56 -3.08 67.87
CA ARG J 199 6.29 -2.55 69.01
C ARG J 199 6.59 -3.62 70.09
N GLY J 200 6.30 -4.87 69.79
CA GLY J 200 6.61 -6.01 70.67
C GLY J 200 5.36 -6.65 71.25
N PRO J 201 5.51 -7.84 71.86
CA PRO J 201 4.36 -8.61 72.36
C PRO J 201 3.56 -7.81 73.38
N GLY J 202 2.26 -7.81 73.22
CA GLY J 202 1.38 -7.11 74.17
C GLY J 202 1.36 -5.60 74.01
N ALA J 203 2.05 -5.05 73.01
CA ALA J 203 2.17 -3.58 72.90
C ALA J 203 0.81 -2.86 72.81
N ILE J 204 -0.15 -3.47 72.11
CA ILE J 204 -1.44 -2.83 71.95
C ILE J 204 -2.20 -2.73 73.27
N ILE J 205 -2.32 -3.84 73.98
CA ILE J 205 -3.01 -3.77 75.28
C ILE J 205 -2.22 -2.90 76.30
N ARG J 206 -0.89 -2.98 76.31
CA ARG J 206 -0.08 -2.15 77.22
C ARG J 206 -0.32 -0.66 76.94
N ASN J 207 -0.33 -0.31 75.66
CA ASN J 207 -0.51 1.09 75.30
C ASN J 207 -1.93 1.58 75.50
N ALA J 208 -2.91 0.67 75.35
CA ALA J 208 -4.31 1.02 75.65
C ALA J 208 -4.51 1.21 77.17
N PHE J 209 -4.00 0.27 77.98
CA PHE J 209 -4.09 0.43 79.43
C PHE J 209 -3.44 1.77 79.79
N ALA J 210 -2.26 2.05 79.23
CA ALA J 210 -1.54 3.30 79.56
C ALA J 210 -2.43 4.54 79.30
N ARG J 211 -2.96 4.63 78.08
CA ARG J 211 -3.71 5.84 77.67
C ARG J 211 -4.98 6.05 78.48
N TYR J 212 -5.59 4.94 78.94
CA TYR J 212 -6.79 4.97 79.78
C TYR J 212 -6.50 5.13 81.27
N GLY J 213 -5.25 5.41 81.60
CA GLY J 213 -4.90 5.79 82.98
C GLY J 213 -4.79 4.59 83.90
N LEU J 214 -4.62 3.41 83.32
CA LEU J 214 -4.60 2.17 84.07
C LEU J 214 -3.17 1.75 84.31
N PRO J 215 -2.93 0.89 85.32
CA PRO J 215 -1.60 0.31 85.49
C PRO J 215 -1.24 -0.66 84.34
N GLU J 216 -0.05 -1.22 84.37
CA GLU J 216 0.35 -2.22 83.36
C GLU J 216 -0.61 -3.39 83.40
N PRO J 217 -0.98 -3.95 82.22
CA PRO J 217 -1.81 -5.16 82.23
C PRO J 217 -1.02 -6.35 82.76
N LYS J 218 -1.74 -7.28 83.38
CA LYS J 218 -1.11 -8.43 84.01
C LYS J 218 -0.78 -9.44 82.93
N LEU J 219 0.50 -9.79 82.81
CA LEU J 219 0.93 -10.75 81.82
C LEU J 219 0.56 -12.16 82.25
N GLY J 220 -0.24 -12.85 81.45
CA GLY J 220 -0.55 -14.25 81.67
C GLY J 220 0.45 -15.13 80.93
N LEU J 221 0.59 -14.87 79.63
CA LEU J 221 1.64 -15.49 78.83
C LEU J 221 1.87 -14.69 77.54
N VAL J 222 2.94 -15.02 76.82
CA VAL J 222 3.24 -14.38 75.54
C VAL J 222 2.95 -15.43 74.47
N CYS J 223 2.08 -15.10 73.52
CA CYS J 223 1.80 -16.08 72.48
C CYS J 223 2.09 -15.41 71.18
N GLU J 224 3.24 -15.70 70.57
CA GLU J 224 3.64 -15.01 69.34
C GLU J 224 2.90 -15.54 68.10
N SER J 225 2.31 -16.71 68.25
CA SER J 225 1.66 -17.41 67.18
C SER J 225 0.18 -17.00 67.10
N PHE J 226 -0.23 -16.29 66.05
CA PHE J 226 -1.68 -16.08 65.88
C PHE J 226 -2.46 -17.34 65.54
N LEU J 227 -1.75 -18.36 65.03
CA LEU J 227 -2.41 -19.64 64.78
C LEU J 227 -2.88 -20.26 66.09
N ALA J 228 -2.01 -20.22 67.10
CA ALA J 228 -2.33 -20.84 68.41
C ALA J 228 -3.26 -19.98 69.27
N LEU J 229 -3.27 -18.67 69.03
CA LEU J 229 -3.86 -17.76 70.01
C LEU J 229 -5.35 -18.03 70.33
N PRO J 230 -6.19 -18.21 69.30
CA PRO J 230 -7.62 -18.33 69.65
C PRO J 230 -7.93 -19.56 70.52
N GLY J 231 -7.32 -20.68 70.20
CA GLY J 231 -7.50 -21.89 71.01
C GLY J 231 -6.98 -21.74 72.42
N VAL J 232 -5.86 -21.03 72.56
CA VAL J 232 -5.28 -20.80 73.90
C VAL J 232 -6.25 -20.01 74.78
N VAL J 233 -6.86 -18.98 74.22
CA VAL J 233 -7.84 -18.15 74.90
C VAL J 233 -9.12 -18.96 75.19
N ALA J 234 -9.54 -19.76 74.22
CA ALA J 234 -10.81 -20.50 74.33
C ALA J 234 -10.78 -21.48 75.51
N HIS J 235 -9.60 -21.99 75.84
CA HIS J 235 -9.47 -23.01 76.87
C HIS J 235 -8.83 -22.48 78.14
N SER J 236 -8.94 -21.18 78.35
CA SER J 236 -8.44 -20.57 79.57
C SER J 236 -9.30 -19.37 79.94
N ASP J 237 -8.88 -18.62 80.97
CA ASP J 237 -9.52 -17.35 81.28
C ASP J 237 -8.65 -16.16 80.84
N LEU J 238 -7.65 -16.41 79.98
CA LEU J 238 -6.84 -15.31 79.42
C LEU J 238 -7.67 -14.46 78.45
N LEU J 239 -7.48 -13.15 78.53
CA LEU J 239 -7.97 -12.22 77.50
C LEU J 239 -6.83 -11.89 76.52
N THR J 240 -7.18 -11.52 75.30
CA THR J 240 -6.15 -11.08 74.36
C THR J 240 -6.69 -9.97 73.50
N THR J 241 -5.82 -9.32 72.72
CA THR J 241 -6.28 -8.50 71.61
C THR J 241 -5.99 -9.25 70.33
N MET J 242 -6.90 -9.13 69.38
CA MET J 242 -6.61 -9.68 68.08
C MET J 242 -7.28 -8.85 66.99
N PRO J 243 -6.80 -8.94 65.74
CA PRO J 243 -7.51 -8.28 64.66
C PRO J 243 -8.94 -8.83 64.61
N ARG J 244 -9.94 -8.00 64.34
CA ARG J 244 -11.32 -8.47 64.23
C ARG J 244 -11.43 -9.62 63.20
N THR J 245 -10.65 -9.50 62.12
CA THR J 245 -10.61 -10.56 61.10
C THR J 245 -10.28 -11.97 61.70
N LEU J 246 -9.31 -12.01 62.60
CA LEU J 246 -8.99 -13.26 63.30
C LEU J 246 -10.13 -13.70 64.24
N TYR J 247 -10.75 -12.75 64.93
CA TYR J 247 -11.88 -13.09 65.83
C TYR J 247 -13.00 -13.76 65.01
N GLU J 248 -13.24 -13.24 63.81
CA GLU J 248 -14.29 -13.78 62.94
C GLU J 248 -13.88 -15.07 62.23
N ARG J 249 -12.58 -15.28 62.05
CA ARG J 249 -12.10 -16.43 61.29
C ARG J 249 -11.07 -17.23 62.05
N ASN J 250 -11.54 -18.09 62.94
CA ASN J 250 -10.67 -19.02 63.65
C ASN J 250 -11.47 -20.27 63.98
N ALA J 251 -10.78 -21.30 64.44
CA ALA J 251 -11.36 -22.62 64.66
C ALA J 251 -12.18 -22.75 65.95
N PHE J 252 -12.16 -21.70 66.78
CA PHE J 252 -12.74 -21.74 68.13
C PHE J 252 -13.83 -20.70 68.35
N LYS J 253 -14.43 -20.25 67.25
CA LYS J 253 -15.48 -19.22 67.29
C LYS J 253 -16.61 -19.46 68.30
N ASP J 254 -17.15 -20.67 68.32
CA ASP J 254 -18.24 -21.04 69.23
C ASP J 254 -17.88 -20.98 70.70
N GLN J 255 -16.58 -20.95 70.99
CA GLN J 255 -16.08 -20.96 72.35
C GLN J 255 -15.52 -19.61 72.80
N LEU J 256 -15.66 -18.59 71.95
CA LEU J 256 -15.04 -17.28 72.17
C LEU J 256 -16.08 -16.16 72.08
N CYS J 257 -15.84 -15.05 72.74
CA CYS J 257 -16.74 -13.90 72.64
C CYS J 257 -15.91 -12.65 72.70
N SER J 258 -16.22 -11.65 71.87
CA SER J 258 -15.56 -10.36 72.02
C SER J 258 -16.23 -9.61 73.17
N ILE J 259 -15.42 -8.85 73.90
CA ILE J 259 -15.96 -8.11 75.04
C ILE J 259 -16.57 -6.84 74.51
N PRO J 260 -17.85 -6.54 74.90
CA PRO J 260 -18.56 -5.42 74.22
C PRO J 260 -18.14 -4.05 74.81
N LEU J 261 -16.85 -3.74 74.76
CA LEU J 261 -16.33 -2.50 75.35
C LEU J 261 -16.84 -1.25 74.64
N GLN J 262 -17.15 -0.22 75.44
CA GLN J 262 -17.49 1.08 74.91
C GLN J 262 -16.34 2.09 75.06
N ASP J 263 -15.15 1.56 75.38
CA ASP J 263 -13.92 2.33 75.30
C ASP J 263 -13.30 2.02 73.92
N ALA J 264 -12.93 3.05 73.18
CA ALA J 264 -12.34 2.84 71.85
C ALA J 264 -10.94 2.20 71.89
N LEU J 265 -10.70 1.25 70.98
CA LEU J 265 -9.39 0.58 70.83
C LEU J 265 -8.72 1.06 69.52
N PRO J 266 -7.38 0.91 69.39
CA PRO J 266 -6.69 1.41 68.18
C PRO J 266 -7.09 0.69 66.90
N ASN J 267 -6.75 1.30 65.76
CA ASN J 267 -6.98 0.70 64.45
C ASN J 267 -5.65 0.69 63.67
N PRO J 268 -4.84 -0.38 63.85
CA PRO J 268 -3.49 -0.39 63.24
C PRO J 268 -3.58 -0.37 61.74
N THR J 269 -2.71 0.41 61.10
CA THR J 269 -2.63 0.43 59.65
C THR J 269 -1.69 -0.64 59.15
N ILE J 270 -2.18 -1.42 58.22
CA ILE J 270 -1.37 -2.44 57.54
C ILE J 270 -0.79 -1.81 56.27
N TYR J 271 0.52 -2.00 56.02
CA TYR J 271 1.19 -1.37 54.87
C TYR J 271 1.80 -2.44 53.98
N VAL J 272 2.03 -2.09 52.72
CA VAL J 272 2.96 -2.83 51.86
C VAL J 272 4.35 -2.22 52.09
N LEU J 273 5.27 -2.98 52.67
CA LEU J 273 6.60 -2.48 52.93
C LEU J 273 7.59 -3.07 51.96
N ARG J 274 8.50 -2.23 51.41
CA ARG J 274 9.59 -2.71 50.52
C ARG J 274 10.87 -1.92 50.78
N ARG J 275 11.98 -2.42 50.26
CA ARG J 275 13.21 -1.61 50.20
C ARG J 275 13.03 -0.66 49.03
N HIS J 276 13.05 0.64 49.31
CA HIS J 276 12.64 1.64 48.34
C HIS J 276 13.44 1.68 47.02
N ASP J 277 14.76 1.52 47.10
CA ASP J 277 15.60 1.68 45.91
C ASP J 277 15.59 0.46 45.00
N LEU J 278 14.92 -0.61 45.40
CA LEU J 278 14.83 -1.78 44.50
C LEU J 278 13.64 -1.60 43.56
N PRO J 279 13.87 -1.76 42.25
CA PRO J 279 12.77 -1.62 41.28
C PRO J 279 11.79 -2.79 41.34
N VAL J 280 10.50 -2.50 41.55
CA VAL J 280 9.49 -3.58 41.69
C VAL J 280 9.32 -4.30 40.35
N THR J 281 9.32 -5.63 40.37
CA THR J 281 9.13 -6.36 39.14
C THR J 281 7.67 -6.18 38.70
N PRO J 282 7.44 -6.21 37.39
CA PRO J 282 6.07 -6.12 36.88
C PRO J 282 5.13 -7.15 37.55
N ALA J 283 5.60 -8.39 37.71
CA ALA J 283 4.80 -9.47 38.34
C ALA J 283 4.44 -9.14 39.80
N ALA J 284 5.43 -8.69 40.56
CA ALA J 284 5.17 -8.29 41.97
C ALA J 284 4.19 -7.13 42.06
N ALA J 285 4.33 -6.15 41.18
CA ALA J 285 3.40 -5.01 41.12
C ALA J 285 1.96 -5.52 40.88
N GLY J 286 1.84 -6.52 40.00
CA GLY J 286 0.51 -7.11 39.69
C GLY J 286 -0.10 -7.79 40.89
N LEU J 287 0.72 -8.52 41.63
CA LEU J 287 0.21 -9.19 42.85
C LEU J 287 -0.20 -8.14 43.88
N ILE J 288 0.61 -7.10 44.04
CA ILE J 288 0.29 -6.04 45.01
C ILE J 288 -1.07 -5.37 44.63
N ARG J 289 -1.25 -5.12 43.34
CA ARG J 289 -2.55 -4.60 42.85
C ARG J 289 -3.74 -5.47 43.27
N TRP J 290 -3.60 -6.78 43.14
CA TRP J 290 -4.71 -7.68 43.51
C TRP J 290 -4.97 -7.71 45.01
N ILE J 291 -3.89 -7.65 45.78
CA ILE J 291 -4.00 -7.57 47.24
C ILE J 291 -4.73 -6.27 47.69
N GLN J 292 -4.32 -5.14 47.13
CA GLN J 292 -5.00 -3.87 47.38
C GLN J 292 -6.51 -3.96 47.02
N HIS J 293 -6.81 -4.58 45.88
CA HIS J 293 -8.18 -4.72 45.41
C HIS J 293 -9.04 -5.44 46.44
N HIS J 294 -8.49 -6.47 47.03
CA HIS J 294 -9.28 -7.29 47.94
C HIS J 294 -9.25 -6.78 49.35
N ALA J 295 -8.35 -5.86 49.67
CA ALA J 295 -8.24 -5.24 51.00
C ALA J 295 -9.07 -3.94 51.15
N LEU J 296 -10.20 -3.88 50.47
CA LEU J 296 -11.11 -2.74 50.57
C LEU J 296 -12.58 -3.19 50.59
#